data_7XBK
#
_entry.id   7XBK
#
_cell.length_a   1.00
_cell.length_b   1.00
_cell.length_c   1.00
_cell.angle_alpha   90.00
_cell.angle_beta   90.00
_cell.angle_gamma   90.00
#
_symmetry.space_group_name_H-M   'P 1'
#
loop_
_entity.id
_entity.type
_entity.pdbx_description
1 polymer 'Isoform 2 of Caseinolytic peptidase B protein homolog'
2 polymer 'Unknown peptide'
3 non-polymer "ADENOSINE-5'-TRIPHOSPHATE"
4 non-polymer 'MAGNESIUM ION'
#
loop_
_entity_poly.entity_id
_entity_poly.type
_entity_poly.pdbx_seq_one_letter_code
_entity_poly.pdbx_strand_id
1 'polypeptide(L)'
;MLGSLVLRRKALAPRLLLRLLRSPTLRGHGGASGRNVTTGSLGEPQWLRVATGGRPGTSPALFSGRGAATGGRQGGRFDT
KCLAAATWGRLPGPEETLPGQDSWNGVPSRAGLGMCALAAALVVHCYSKSPSNKDAALLEAARANNMQEVSRLLSEGADV
NAKHRLGWTALMVAAINRNNSVVQVLLAAGADPNLGDDFSSVYKTAKEQGIHSLEVLITREDDFNNRLNNRASFKGCTAL
HYAVLADDYRTVKELLDGGANPLQRNEMGHTPLDYAREGEVMKLLRTSEAKYQEKQRKREAEERRRFPLEQRLKEHIIGQ
ESAIATVGAAIRRKENGWYDEEHPLVFLFLGSSGIGKTELAKQTAKYMHKDAKKGFIRLDMSEFQERHEVAKFIGSPPGY
VGHEEGGQLTKKLKQCPNAVVLFDQVDKAHPDVLTIMLQLFDEGRLTDGKGKTIDCKDAIFIMTSNVASDEIAQHALQLR
QEALEMSRNRIAENLGDVQISDKITISKNFKENVIRPILKAHFRRDEFLGRINEIVYFLPFCHSELIQLVNKELNFWAKR
AKQRHNITLLWDREVADVLVDGYNVHYGARSIKHEVERRVVNQLAAAYEQDLLPGGCTLRITVEDSDKQLLKSPELPSPQ
AEKRLPKLRLEIIDKDSKTRRLDIRAPLHPEKVCNTI
;
A,B,C,D,E,F,G,H,I
2 'polypeptide(L)'
;(UNK)(UNK)(UNK)(UNK)(UNK)(UNK)(UNK)(UNK)(UNK)(UNK)(UNK)(UNK)(UNK)(UNK)(UNK)(UNK)
(UNK)
;
L
#
# COMPACT_ATOMS: atom_id res chain seq x y z
N LYS A 298 -0.44 -44.07 16.79
CA LYS A 298 -0.21 -45.47 16.44
C LYS A 298 -1.51 -46.26 16.39
N ARG A 299 -2.56 -45.70 17.00
CA ARG A 299 -3.85 -46.37 17.03
C ARG A 299 -4.77 -45.96 15.88
N GLU A 300 -4.35 -45.02 15.04
CA GLU A 300 -5.21 -44.54 13.98
C GLU A 300 -5.41 -45.58 12.87
N ALA A 301 -4.34 -46.33 12.55
CA ALA A 301 -4.47 -47.39 11.54
C ALA A 301 -5.33 -48.54 12.06
N GLU A 302 -5.25 -48.83 13.35
CA GLU A 302 -6.11 -49.85 13.95
C GLU A 302 -7.57 -49.39 13.99
N GLU A 303 -7.81 -48.10 14.24
CA GLU A 303 -9.17 -47.58 14.20
C GLU A 303 -9.76 -47.64 12.80
N ARG A 304 -8.95 -47.33 11.79
CA ARG A 304 -9.43 -47.40 10.42
C ARG A 304 -9.57 -48.85 9.96
N ARG A 305 -8.80 -49.77 10.55
CA ARG A 305 -9.00 -51.18 10.31
C ARG A 305 -10.31 -51.65 10.94
N ARG A 306 -10.69 -51.05 12.07
CA ARG A 306 -11.97 -51.36 12.67
C ARG A 306 -13.13 -50.80 11.85
N PHE A 307 -13.10 -49.49 11.58
CA PHE A 307 -14.17 -48.80 10.87
C PHE A 307 -13.57 -48.03 9.71
N PRO A 308 -13.50 -48.63 8.52
CA PRO A 308 -12.98 -47.90 7.36
C PRO A 308 -13.96 -46.83 6.90
N LEU A 309 -13.44 -45.87 6.13
CA LEU A 309 -14.28 -44.78 5.65
C LEU A 309 -15.22 -45.22 4.54
N GLU A 310 -14.97 -46.37 3.90
CA GLU A 310 -15.92 -46.88 2.92
C GLU A 310 -17.23 -47.30 3.60
N GLN A 311 -17.14 -47.86 4.81
CA GLN A 311 -18.34 -48.21 5.55
C GLN A 311 -19.02 -46.97 6.12
N ARG A 312 -18.24 -45.98 6.55
CA ARG A 312 -18.80 -44.73 7.06
C ARG A 312 -19.55 -43.98 5.96
N LEU A 313 -18.95 -43.93 4.76
CA LEU A 313 -19.60 -43.25 3.65
C LEU A 313 -20.79 -44.05 3.13
N LYS A 314 -20.73 -45.39 3.20
CA LYS A 314 -21.87 -46.21 2.83
C LYS A 314 -23.02 -46.04 3.81
N GLU A 315 -22.72 -45.84 5.09
CA GLU A 315 -23.75 -45.50 6.06
C GLU A 315 -24.34 -44.13 5.79
N HIS A 316 -23.49 -43.14 5.48
CA HIS A 316 -23.99 -41.79 5.24
C HIS A 316 -24.69 -41.67 3.90
N ILE A 317 -24.09 -42.22 2.84
CA ILE A 317 -24.60 -42.08 1.47
C ILE A 317 -24.68 -43.46 0.83
N ILE A 318 -25.87 -43.85 0.42
CA ILE A 318 -26.05 -45.11 -0.29
C ILE A 318 -25.93 -44.85 -1.79
N GLY A 319 -25.54 -45.88 -2.53
CA GLY A 319 -25.35 -45.77 -3.96
C GLY A 319 -23.98 -45.21 -4.32
N GLN A 320 -23.63 -45.46 -5.60
CA GLN A 320 -22.34 -45.05 -6.19
C GLN A 320 -21.16 -45.58 -5.39
N GLU A 321 -21.04 -46.90 -5.32
CA GLU A 321 -20.00 -47.51 -4.49
C GLU A 321 -18.64 -47.44 -5.18
N SER A 322 -18.62 -47.24 -6.50
CA SER A 322 -17.36 -47.03 -7.20
C SER A 322 -16.71 -45.73 -6.79
N ALA A 323 -17.52 -44.67 -6.64
CA ALA A 323 -17.03 -43.38 -6.15
C ALA A 323 -16.50 -43.49 -4.73
N ILE A 324 -17.23 -44.23 -3.89
CA ILE A 324 -16.82 -44.44 -2.49
C ILE A 324 -15.50 -45.20 -2.44
N ALA A 325 -15.36 -46.23 -3.26
CA ALA A 325 -14.15 -47.04 -3.29
C ALA A 325 -12.95 -46.21 -3.79
N THR A 326 -13.17 -45.39 -4.81
CA THR A 326 -12.09 -44.57 -5.35
C THR A 326 -11.62 -43.51 -4.35
N VAL A 327 -12.57 -42.78 -3.74
CA VAL A 327 -12.20 -41.74 -2.78
C VAL A 327 -11.60 -42.37 -1.52
N GLY A 328 -12.08 -43.56 -1.12
CA GLY A 328 -11.52 -44.24 0.03
C GLY A 328 -10.11 -44.73 -0.22
N ALA A 329 -9.85 -45.27 -1.41
CA ALA A 329 -8.51 -45.74 -1.74
C ALA A 329 -7.51 -44.59 -1.81
N ALA A 330 -7.90 -43.48 -2.46
CA ALA A 330 -6.99 -42.33 -2.55
C ALA A 330 -6.75 -41.68 -1.19
N ILE A 331 -7.80 -41.55 -0.38
CA ILE A 331 -7.65 -41.03 0.98
C ILE A 331 -6.78 -41.95 1.82
N ARG A 332 -6.93 -43.28 1.64
CA ARG A 332 -6.13 -44.24 2.38
C ARG A 332 -4.65 -44.15 2.02
N ARG A 333 -4.35 -43.91 0.73
CA ARG A 333 -2.98 -43.65 0.31
C ARG A 333 -2.43 -42.38 0.96
N LYS A 334 -3.28 -41.34 1.07
CA LYS A 334 -2.85 -40.10 1.70
C LYS A 334 -2.55 -40.29 3.20
N GLU A 335 -3.49 -40.90 3.92
CA GLU A 335 -3.42 -40.94 5.38
C GLU A 335 -2.53 -42.07 5.88
N ASN A 336 -2.22 -43.05 5.01
CA ASN A 336 -1.23 -44.06 5.37
C ASN A 336 0.17 -43.46 5.37
N GLY A 337 0.40 -42.45 4.53
CA GLY A 337 1.71 -41.87 4.34
C GLY A 337 2.39 -42.31 3.07
N TRP A 338 1.84 -43.29 2.36
CA TRP A 338 2.42 -43.78 1.11
C TRP A 338 1.90 -42.94 -0.06
N TYR A 339 2.35 -41.69 -0.09
CA TYR A 339 1.81 -40.68 -0.97
C TYR A 339 2.84 -39.58 -1.19
N ASP A 340 2.94 -39.11 -2.43
CA ASP A 340 3.88 -38.04 -2.78
C ASP A 340 3.36 -36.72 -2.21
N GLU A 341 4.07 -36.18 -1.23
CA GLU A 341 3.60 -34.99 -0.53
C GLU A 341 3.77 -33.71 -1.34
N GLU A 342 4.52 -33.76 -2.44
CA GLU A 342 4.82 -32.53 -3.17
C GLU A 342 3.62 -32.03 -3.98
N HIS A 343 2.59 -32.85 -4.15
CA HIS A 343 1.40 -32.40 -4.84
C HIS A 343 0.15 -32.69 -4.02
N PRO A 344 -0.84 -31.83 -4.06
CA PRO A 344 -2.07 -32.08 -3.31
C PRO A 344 -2.95 -33.13 -3.99
N LEU A 345 -3.92 -33.62 -3.23
CA LEU A 345 -4.86 -34.61 -3.72
C LEU A 345 -6.04 -33.92 -4.39
N VAL A 346 -6.18 -34.12 -5.70
CA VAL A 346 -7.08 -33.33 -6.53
C VAL A 346 -8.19 -34.23 -7.06
N PHE A 347 -9.39 -34.07 -6.52
CA PHE A 347 -10.55 -34.82 -6.95
C PHE A 347 -11.42 -33.98 -7.86
N LEU A 348 -11.99 -34.61 -8.87
CA LEU A 348 -13.03 -34.02 -9.70
C LEU A 348 -14.22 -34.97 -9.68
N PHE A 349 -15.40 -34.44 -9.36
CA PHE A 349 -16.64 -35.21 -9.37
C PHE A 349 -17.55 -34.62 -10.44
N LEU A 350 -17.95 -35.43 -11.41
CA LEU A 350 -18.98 -35.04 -12.37
C LEU A 350 -20.26 -35.78 -12.00
N GLY A 351 -21.33 -35.02 -11.75
CA GLY A 351 -22.56 -35.67 -11.35
C GLY A 351 -23.78 -34.90 -11.81
N SER A 352 -24.94 -35.48 -11.52
CA SER A 352 -26.21 -34.82 -11.77
C SER A 352 -26.56 -33.89 -10.61
N SER A 353 -27.62 -33.11 -10.79
CA SER A 353 -27.96 -32.08 -9.83
C SER A 353 -28.55 -32.70 -8.56
N GLY A 354 -27.94 -32.38 -7.42
CA GLY A 354 -28.42 -32.84 -6.14
C GLY A 354 -28.33 -34.33 -5.92
N ILE A 355 -27.19 -34.94 -6.28
CA ILE A 355 -27.01 -36.38 -6.16
C ILE A 355 -26.28 -36.76 -4.88
N GLY A 356 -25.74 -35.79 -4.15
CA GLY A 356 -25.05 -36.06 -2.91
C GLY A 356 -23.56 -35.80 -2.94
N LYS A 357 -23.07 -35.02 -3.91
CA LYS A 357 -21.64 -34.76 -4.01
C LYS A 357 -21.14 -33.83 -2.90
N THR A 358 -21.94 -32.79 -2.59
CA THR A 358 -21.62 -31.91 -1.48
C THR A 358 -21.72 -32.64 -0.15
N GLU A 359 -22.71 -33.53 -0.03
CA GLU A 359 -22.83 -34.38 1.16
C GLU A 359 -21.64 -35.33 1.28
N LEU A 360 -21.15 -35.84 0.14
CA LEU A 360 -19.98 -36.72 0.16
C LEU A 360 -18.74 -35.98 0.62
N ALA A 361 -18.50 -34.78 0.08
CA ALA A 361 -17.34 -33.99 0.49
C ALA A 361 -17.45 -33.54 1.94
N LYS A 362 -18.66 -33.21 2.39
CA LYS A 362 -18.88 -32.80 3.78
C LYS A 362 -18.63 -33.96 4.74
N GLN A 363 -19.07 -35.16 4.38
CA GLN A 363 -18.83 -36.32 5.24
C GLN A 363 -17.36 -36.73 5.20
N THR A 364 -16.70 -36.54 4.06
CA THR A 364 -15.25 -36.75 3.98
C THR A 364 -14.50 -35.80 4.90
N ALA A 365 -14.91 -34.53 4.91
CA ALA A 365 -14.27 -33.55 5.79
C ALA A 365 -14.60 -33.79 7.25
N LYS A 366 -15.82 -34.29 7.53
CA LYS A 366 -16.19 -34.63 8.90
C LYS A 366 -15.41 -35.83 9.41
N TYR A 367 -15.14 -36.79 8.53
CA TYR A 367 -14.30 -37.92 8.89
C TYR A 367 -12.85 -37.48 9.07
N MET A 368 -12.38 -36.56 8.23
CA MET A 368 -11.00 -36.09 8.33
C MET A 368 -10.81 -35.16 9.52
N HIS A 369 -11.76 -34.25 9.73
CA HIS A 369 -11.61 -33.22 10.75
C HIS A 369 -12.83 -33.20 11.66
N LYS A 370 -12.58 -33.05 12.97
CA LYS A 370 -13.66 -32.93 13.94
C LYS A 370 -14.45 -31.65 13.73
N ASP A 371 -13.76 -30.55 13.44
CA ASP A 371 -14.38 -29.25 13.21
C ASP A 371 -14.50 -29.06 11.70
N ALA A 372 -15.73 -29.11 11.19
CA ALA A 372 -15.96 -28.86 9.77
C ALA A 372 -16.15 -27.38 9.47
N LYS A 373 -16.25 -26.54 10.49
CA LYS A 373 -16.31 -25.10 10.26
C LYS A 373 -14.94 -24.55 9.87
N LYS A 374 -13.89 -25.04 10.52
CA LYS A 374 -12.52 -24.64 10.21
C LYS A 374 -11.80 -25.59 9.28
N GLY A 375 -12.00 -26.89 9.43
CA GLY A 375 -11.32 -27.89 8.63
C GLY A 375 -11.96 -28.21 7.30
N PHE A 376 -12.97 -27.44 6.89
CA PHE A 376 -13.63 -27.65 5.60
C PHE A 376 -13.98 -26.29 5.01
N ILE A 377 -13.73 -26.12 3.72
CA ILE A 377 -14.03 -24.89 3.01
C ILE A 377 -14.99 -25.21 1.88
N ARG A 378 -16.06 -24.41 1.75
CA ARG A 378 -17.03 -24.52 0.67
C ARG A 378 -17.07 -23.22 -0.11
N LEU A 379 -16.96 -23.32 -1.44
CA LEU A 379 -16.99 -22.16 -2.31
C LEU A 379 -17.93 -22.41 -3.48
N ASP A 380 -18.84 -21.47 -3.72
CA ASP A 380 -19.78 -21.55 -4.84
C ASP A 380 -19.25 -20.82 -6.08
N MET A 381 -18.95 -21.60 -7.11
CA MET A 381 -18.34 -21.06 -8.32
C MET A 381 -19.33 -20.31 -9.19
N SER A 382 -20.63 -20.45 -8.92
CA SER A 382 -21.64 -19.75 -9.70
C SER A 382 -21.60 -18.24 -9.46
N GLU A 383 -21.16 -17.82 -8.27
CA GLU A 383 -21.05 -16.39 -7.98
C GLU A 383 -19.88 -15.77 -8.71
N PHE A 384 -18.84 -16.55 -9.00
CA PHE A 384 -17.57 -15.99 -9.46
C PHE A 384 -17.50 -16.03 -10.98
N GLN A 385 -18.37 -15.25 -11.61
CA GLN A 385 -18.44 -15.24 -13.06
C GLN A 385 -17.33 -14.39 -13.67
N GLU A 386 -17.15 -13.18 -13.17
CA GLU A 386 -16.22 -12.22 -13.74
C GLU A 386 -14.85 -12.36 -13.08
N ARG A 387 -13.83 -11.75 -13.73
CA ARG A 387 -12.47 -11.81 -13.24
C ARG A 387 -12.28 -11.03 -11.94
N HIS A 388 -13.19 -10.09 -11.65
CA HIS A 388 -13.16 -9.31 -10.41
C HIS A 388 -13.23 -10.21 -9.18
N GLU A 389 -14.08 -11.23 -9.23
CA GLU A 389 -14.18 -12.21 -8.16
C GLU A 389 -12.91 -13.04 -8.01
N VAL A 390 -12.10 -13.12 -9.08
CA VAL A 390 -10.76 -13.73 -9.01
C VAL A 390 -9.93 -13.05 -7.93
N ALA A 391 -10.08 -11.73 -7.81
CA ALA A 391 -9.39 -10.94 -6.80
C ALA A 391 -9.70 -11.41 -5.38
N LYS A 392 -10.91 -11.93 -5.13
CA LYS A 392 -11.17 -12.29 -3.75
C LYS A 392 -10.62 -13.67 -3.39
N PHE A 393 -10.02 -14.40 -4.34
CA PHE A 393 -9.12 -15.47 -3.94
C PHE A 393 -7.88 -14.92 -3.24
N ILE A 394 -7.34 -13.80 -3.73
CA ILE A 394 -6.02 -13.35 -3.34
C ILE A 394 -6.03 -11.99 -2.65
N GLY A 395 -7.07 -11.19 -2.82
CA GLY A 395 -7.04 -9.83 -2.32
C GLY A 395 -6.51 -8.86 -3.37
N SER A 396 -6.73 -7.59 -3.11
CA SER A 396 -6.37 -6.55 -4.05
C SER A 396 -4.85 -6.30 -4.02
N PRO A 397 -4.31 -5.70 -5.08
CA PRO A 397 -2.91 -5.24 -5.07
C PRO A 397 -2.67 -4.14 -4.05
N PRO A 398 -1.40 -3.85 -3.74
CA PRO A 398 -1.12 -2.67 -2.89
C PRO A 398 -1.60 -1.37 -3.51
N GLY A 399 -2.13 -0.49 -2.66
CA GLY A 399 -2.72 0.75 -3.10
C GLY A 399 -4.20 0.68 -3.41
N TYR A 400 -4.85 -0.45 -3.19
CA TYR A 400 -6.24 -0.62 -3.57
C TYR A 400 -7.09 -0.95 -2.35
N VAL A 401 -8.40 -0.90 -2.57
CA VAL A 401 -9.34 -1.11 -1.47
C VAL A 401 -9.33 -2.58 -1.07
N GLY A 402 -9.31 -2.81 0.24
CA GLY A 402 -9.20 -4.17 0.74
C GLY A 402 -7.83 -4.78 0.62
N HIS A 403 -6.78 -3.96 0.56
CA HIS A 403 -5.42 -4.50 0.54
C HIS A 403 -5.06 -5.12 1.88
N GLU A 404 -5.55 -4.53 2.97
CA GLU A 404 -5.30 -5.12 4.29
C GLU A 404 -6.25 -6.28 4.55
N GLU A 405 -7.35 -6.34 3.81
CA GLU A 405 -8.27 -7.47 3.92
C GLU A 405 -7.62 -8.76 3.42
N GLY A 406 -6.85 -8.68 2.35
CA GLY A 406 -6.29 -9.89 1.77
C GLY A 406 -7.37 -10.68 1.04
N GLY A 407 -7.07 -11.95 0.79
CA GLY A 407 -8.02 -12.85 0.19
C GLY A 407 -8.72 -13.67 1.27
N GLN A 408 -9.98 -14.01 1.03
CA GLN A 408 -10.67 -14.89 1.96
C GLN A 408 -10.11 -16.32 1.88
N LEU A 409 -9.75 -16.75 0.66
CA LEU A 409 -9.22 -18.10 0.49
C LEU A 409 -7.81 -18.23 1.08
N THR A 410 -7.01 -17.18 0.95
CA THR A 410 -5.65 -17.20 1.51
C THR A 410 -5.68 -17.27 3.03
N LYS A 411 -6.55 -16.48 3.66
CA LYS A 411 -6.71 -16.54 5.10
C LYS A 411 -7.32 -17.87 5.55
N LYS A 412 -8.22 -18.43 4.72
CA LYS A 412 -8.86 -19.70 5.08
C LYS A 412 -7.87 -20.87 5.01
N LEU A 413 -7.00 -20.88 3.99
CA LEU A 413 -5.94 -21.90 3.97
C LEU A 413 -4.86 -21.62 5.01
N LYS A 414 -4.72 -20.36 5.43
CA LYS A 414 -3.82 -20.06 6.53
C LYS A 414 -4.36 -20.61 7.85
N GLN A 415 -5.68 -20.57 8.03
CA GLN A 415 -6.28 -21.04 9.27
C GLN A 415 -6.42 -22.57 9.32
N CYS A 416 -6.29 -23.27 8.20
CA CYS A 416 -6.28 -24.74 8.20
C CYS A 416 -5.59 -25.25 6.93
N PRO A 417 -4.29 -25.55 7.00
CA PRO A 417 -3.54 -25.85 5.76
C PRO A 417 -3.89 -27.17 5.10
N ASN A 418 -4.40 -28.15 5.84
CA ASN A 418 -4.77 -29.44 5.26
C ASN A 418 -6.28 -29.66 5.22
N ALA A 419 -7.06 -28.60 4.99
CA ALA A 419 -8.51 -28.71 4.99
C ALA A 419 -9.02 -29.34 3.70
N VAL A 420 -10.18 -29.98 3.80
CA VAL A 420 -10.89 -30.40 2.60
C VAL A 420 -11.57 -29.18 1.99
N VAL A 421 -11.21 -28.88 0.75
CA VAL A 421 -11.65 -27.67 0.07
C VAL A 421 -12.52 -28.08 -1.10
N LEU A 422 -13.73 -27.52 -1.16
CA LEU A 422 -14.73 -27.94 -2.12
C LEU A 422 -15.25 -26.72 -2.87
N PHE A 423 -15.24 -26.80 -4.19
CA PHE A 423 -15.88 -25.82 -5.07
C PHE A 423 -17.05 -26.52 -5.74
N ASP A 424 -18.25 -25.96 -5.63
CA ASP A 424 -19.40 -26.58 -6.28
C ASP A 424 -19.76 -25.87 -7.57
N GLN A 425 -20.06 -26.69 -8.59
CA GLN A 425 -20.45 -26.26 -9.95
C GLN A 425 -19.37 -25.37 -10.58
N VAL A 426 -18.20 -25.97 -10.81
CA VAL A 426 -17.07 -25.23 -11.34
C VAL A 426 -17.25 -24.89 -12.81
N ASP A 427 -18.20 -25.54 -13.49
CA ASP A 427 -18.45 -25.24 -14.89
C ASP A 427 -19.12 -23.87 -15.06
N LYS A 428 -19.77 -23.36 -14.01
CA LYS A 428 -20.40 -22.05 -14.09
C LYS A 428 -19.36 -20.95 -14.20
N ALA A 429 -18.24 -21.09 -13.50
CA ALA A 429 -17.18 -20.10 -13.58
C ALA A 429 -16.43 -20.21 -14.91
N HIS A 430 -16.19 -19.05 -15.51
CA HIS A 430 -15.34 -18.93 -16.67
C HIS A 430 -13.93 -19.40 -16.30
N PRO A 431 -13.24 -20.16 -17.17
CA PRO A 431 -11.91 -20.70 -16.80
C PRO A 431 -10.81 -19.67 -16.52
N ASP A 432 -11.06 -18.39 -16.75
CA ASP A 432 -10.18 -17.35 -16.23
C ASP A 432 -10.11 -17.36 -14.70
N VAL A 433 -11.21 -17.75 -14.05
CA VAL A 433 -11.16 -18.02 -12.62
C VAL A 433 -10.35 -19.28 -12.33
N LEU A 434 -10.48 -20.30 -13.20
CA LEU A 434 -9.80 -21.58 -13.00
C LEU A 434 -8.29 -21.47 -13.20
N THR A 435 -7.81 -20.38 -13.79
CA THR A 435 -6.38 -20.19 -14.03
C THR A 435 -5.61 -20.01 -12.72
N ILE A 436 -6.24 -19.48 -11.67
CA ILE A 436 -5.60 -19.44 -10.35
C ILE A 436 -5.39 -20.85 -9.83
N MET A 437 -6.45 -21.65 -9.89
CA MET A 437 -6.47 -23.00 -9.38
C MET A 437 -5.60 -23.94 -10.19
N LEU A 438 -5.25 -23.57 -11.43
CA LEU A 438 -4.19 -24.24 -12.19
C LEU A 438 -2.91 -24.40 -11.39
N GLN A 439 -2.26 -23.28 -11.07
CA GLN A 439 -1.02 -23.35 -10.30
C GLN A 439 -1.26 -23.78 -8.85
N LEU A 440 -2.45 -23.47 -8.31
CA LEU A 440 -2.74 -23.87 -6.93
C LEU A 440 -2.83 -25.39 -6.79
N PHE A 441 -3.42 -26.08 -7.77
CA PHE A 441 -3.42 -27.54 -7.75
C PHE A 441 -2.09 -28.09 -8.23
N ASP A 442 -1.33 -27.29 -8.99
CA ASP A 442 -0.04 -27.75 -9.51
C ASP A 442 0.99 -27.90 -8.38
N GLU A 443 1.12 -26.89 -7.53
CA GLU A 443 2.17 -26.95 -6.52
C GLU A 443 1.72 -26.66 -5.10
N GLY A 444 0.43 -26.41 -4.86
CA GLY A 444 -0.04 -26.21 -3.50
C GLY A 444 0.31 -24.88 -2.88
N ARG A 445 0.87 -23.94 -3.65
CA ARG A 445 1.28 -22.65 -3.13
C ARG A 445 0.52 -21.54 -3.82
N LEU A 446 -0.02 -20.62 -3.03
CA LEU A 446 -0.81 -19.50 -3.51
C LEU A 446 -0.17 -18.20 -3.05
N THR A 447 -0.09 -17.22 -3.96
CA THR A 447 0.43 -15.90 -3.65
C THR A 447 -0.73 -14.91 -3.61
N ASP A 448 -0.82 -14.15 -2.52
CA ASP A 448 -1.91 -13.20 -2.34
C ASP A 448 -1.52 -11.84 -2.90
N GLY A 449 -2.30 -10.81 -2.54
CA GLY A 449 -1.95 -9.46 -2.96
C GLY A 449 -0.81 -8.87 -2.14
N LYS A 450 -0.71 -9.28 -0.87
CA LYS A 450 0.37 -8.79 -0.02
C LYS A 450 1.70 -9.45 -0.34
N GLY A 451 1.71 -10.52 -1.13
CA GLY A 451 2.92 -11.20 -1.51
C GLY A 451 3.30 -12.35 -0.60
N LYS A 452 2.54 -12.58 0.47
CA LYS A 452 2.75 -13.76 1.29
C LYS A 452 2.34 -14.99 0.51
N THR A 453 3.21 -16.00 0.49
CA THR A 453 2.94 -17.24 -0.21
C THR A 453 2.56 -18.31 0.80
N ILE A 454 1.35 -18.83 0.67
CA ILE A 454 0.87 -19.91 1.53
C ILE A 454 1.13 -21.23 0.82
N ASP A 455 1.51 -22.25 1.59
CA ASP A 455 1.90 -23.55 1.07
C ASP A 455 0.99 -24.61 1.68
N CYS A 456 0.06 -25.14 0.88
CA CYS A 456 -0.84 -26.22 1.29
C CYS A 456 -0.62 -27.41 0.35
N LYS A 457 0.42 -28.20 0.64
CA LYS A 457 0.76 -29.31 -0.23
C LYS A 457 -0.06 -30.55 0.07
N ASP A 458 -0.77 -30.57 1.20
CA ASP A 458 -1.52 -31.75 1.59
C ASP A 458 -3.02 -31.52 1.66
N ALA A 459 -3.51 -30.35 1.25
CA ALA A 459 -4.94 -30.11 1.29
C ALA A 459 -5.65 -30.87 0.18
N ILE A 460 -6.72 -31.56 0.53
CA ILE A 460 -7.54 -32.26 -0.45
C ILE A 460 -8.42 -31.22 -1.14
N PHE A 461 -8.22 -31.04 -2.43
CA PHE A 461 -8.99 -30.08 -3.21
C PHE A 461 -10.00 -30.86 -4.05
N ILE A 462 -11.27 -30.56 -3.87
CA ILE A 462 -12.36 -31.29 -4.52
C ILE A 462 -13.14 -30.33 -5.40
N MET A 463 -13.30 -30.69 -6.66
CA MET A 463 -14.19 -30.00 -7.57
C MET A 463 -15.44 -30.84 -7.72
N THR A 464 -16.60 -30.19 -7.76
CA THR A 464 -17.85 -30.85 -8.10
C THR A 464 -18.52 -30.07 -9.20
N SER A 465 -19.09 -30.78 -10.18
CA SER A 465 -19.65 -30.12 -11.35
C SER A 465 -20.84 -30.89 -11.89
N ASN A 466 -21.67 -30.17 -12.63
CA ASN A 466 -22.84 -30.71 -13.31
C ASN A 466 -22.63 -30.83 -14.81
N VAL A 467 -21.40 -30.60 -15.30
CA VAL A 467 -21.16 -30.68 -16.74
C VAL A 467 -21.15 -32.15 -17.15
N ALA A 468 -21.61 -32.41 -18.38
CA ALA A 468 -21.70 -33.73 -19.00
C ALA A 468 -22.59 -34.69 -18.20
N SER A 469 -23.54 -34.16 -17.44
CA SER A 469 -24.43 -35.01 -16.65
C SER A 469 -25.40 -35.78 -17.54
N ASP A 470 -25.82 -35.15 -18.64
CA ASP A 470 -26.77 -35.77 -19.55
C ASP A 470 -26.16 -36.97 -20.26
N GLU A 471 -24.91 -36.84 -20.71
CA GLU A 471 -24.25 -37.94 -21.42
C GLU A 471 -23.98 -39.13 -20.50
N ILE A 472 -23.56 -38.85 -19.26
CA ILE A 472 -23.38 -39.91 -18.27
C ILE A 472 -24.71 -40.57 -17.94
N ALA A 473 -25.79 -39.77 -17.87
CA ALA A 473 -27.11 -40.35 -17.60
C ALA A 473 -27.58 -41.25 -18.73
N GLN A 474 -27.38 -40.83 -19.98
CA GLN A 474 -27.76 -41.64 -21.14
C GLN A 474 -26.94 -42.93 -21.22
N HIS A 475 -25.63 -42.82 -21.01
CA HIS A 475 -24.76 -43.99 -21.09
C HIS A 475 -25.00 -44.95 -19.94
N ALA A 476 -25.30 -44.43 -18.75
CA ALA A 476 -25.57 -45.29 -17.61
C ALA A 476 -26.95 -45.92 -17.71
N LEU A 477 -27.90 -45.24 -18.36
CA LEU A 477 -29.19 -45.87 -18.66
C LEU A 477 -29.01 -47.01 -19.67
N GLN A 478 -28.12 -46.81 -20.66
CA GLN A 478 -27.77 -47.89 -21.58
C GLN A 478 -27.13 -49.06 -20.85
N LEU A 479 -26.22 -48.78 -19.91
CA LEU A 479 -25.57 -49.85 -19.17
C LEU A 479 -26.52 -50.56 -18.22
N ARG A 480 -27.48 -49.83 -17.65
CA ARG A 480 -28.49 -50.45 -16.80
C ARG A 480 -29.40 -51.36 -17.60
N GLN A 481 -29.81 -50.92 -18.81
CA GLN A 481 -30.61 -51.77 -19.68
C GLN A 481 -29.83 -53.01 -20.13
N GLU A 482 -28.55 -52.84 -20.46
CA GLU A 482 -27.74 -53.99 -20.87
C GLU A 482 -27.51 -54.96 -19.71
N ALA A 483 -27.29 -54.45 -18.50
CA ALA A 483 -27.08 -55.31 -17.34
C ALA A 483 -28.35 -56.04 -16.96
N LEU A 484 -29.51 -55.38 -17.09
CA LEU A 484 -30.78 -56.07 -16.88
C LEU A 484 -31.02 -57.11 -17.96
N GLU A 485 -30.56 -56.85 -19.20
CA GLU A 485 -30.66 -57.83 -20.27
C GLU A 485 -29.81 -59.06 -20.00
N MET A 486 -28.56 -58.89 -19.55
CA MET A 486 -27.75 -60.08 -19.26
C MET A 486 -28.22 -60.77 -17.98
N SER A 487 -28.80 -60.04 -17.04
CA SER A 487 -29.38 -60.68 -15.85
C SER A 487 -30.58 -61.54 -16.23
N ARG A 488 -31.46 -61.03 -17.10
CA ARG A 488 -32.60 -61.83 -17.55
C ARG A 488 -32.15 -62.96 -18.47
N ASN A 489 -31.01 -62.81 -19.16
CA ASN A 489 -30.48 -63.92 -19.94
C ASN A 489 -29.95 -65.02 -19.04
N ARG A 490 -29.27 -64.66 -17.95
CA ARG A 490 -28.81 -65.65 -16.98
C ARG A 490 -29.98 -66.31 -16.26
N ILE A 491 -31.06 -65.56 -16.06
CA ILE A 491 -32.27 -66.14 -15.46
C ILE A 491 -32.93 -67.12 -16.43
N ALA A 492 -33.06 -66.73 -17.70
CA ALA A 492 -33.73 -67.57 -18.69
C ALA A 492 -32.90 -68.79 -19.07
N GLU A 493 -31.58 -68.72 -18.89
CA GLU A 493 -30.73 -69.89 -19.12
C GLU A 493 -30.61 -70.78 -17.89
N ASN A 494 -31.29 -70.42 -16.79
CA ASN A 494 -31.34 -71.16 -15.53
C ASN A 494 -29.95 -71.39 -14.93
N LEU A 495 -29.10 -70.35 -15.00
CA LEU A 495 -27.76 -70.38 -14.44
C LEU A 495 -27.74 -69.47 -13.22
N GLY A 496 -27.71 -70.07 -12.03
CA GLY A 496 -27.69 -69.33 -10.80
C GLY A 496 -26.41 -69.49 -10.01
N ASP A 497 -25.46 -70.23 -10.57
CA ASP A 497 -24.19 -70.45 -9.88
C ASP A 497 -23.33 -69.18 -9.89
N VAL A 498 -23.37 -68.43 -10.97
CA VAL A 498 -22.57 -67.20 -11.08
C VAL A 498 -23.27 -66.08 -10.33
N GLN A 499 -22.57 -65.46 -9.39
CA GLN A 499 -23.10 -64.36 -8.60
C GLN A 499 -22.38 -63.08 -9.00
N ILE A 500 -23.14 -62.11 -9.51
CA ILE A 500 -22.61 -60.81 -9.94
C ILE A 500 -23.27 -59.73 -9.11
N SER A 501 -22.45 -58.89 -8.50
CA SER A 501 -22.95 -57.77 -7.71
C SER A 501 -23.44 -56.64 -8.61
N ASP A 502 -24.19 -55.72 -8.01
CA ASP A 502 -24.75 -54.57 -8.74
C ASP A 502 -23.74 -53.43 -8.75
N LYS A 503 -22.64 -53.67 -9.46
CA LYS A 503 -21.57 -52.68 -9.64
C LYS A 503 -21.40 -52.44 -11.13
N ILE A 504 -21.93 -51.32 -11.61
CA ILE A 504 -21.82 -50.93 -13.02
C ILE A 504 -20.83 -49.78 -13.11
N THR A 505 -19.76 -49.99 -13.87
CA THR A 505 -18.65 -49.05 -13.93
C THR A 505 -18.48 -48.57 -15.36
N ILE A 506 -18.16 -47.29 -15.51
CA ILE A 506 -17.97 -46.70 -16.83
C ILE A 506 -16.68 -47.22 -17.45
N SER A 507 -16.76 -47.67 -18.70
CA SER A 507 -15.61 -48.21 -19.39
C SER A 507 -14.70 -47.09 -19.88
N LYS A 508 -13.46 -47.46 -20.22
CA LYS A 508 -12.42 -46.49 -20.53
C LYS A 508 -12.68 -45.80 -21.88
N ASN A 509 -13.19 -46.57 -22.85
CA ASN A 509 -13.33 -46.08 -24.22
C ASN A 509 -14.38 -44.97 -24.32
N PHE A 510 -15.45 -45.08 -23.52
CA PHE A 510 -16.46 -44.02 -23.48
C PHE A 510 -15.88 -42.72 -22.94
N LYS A 511 -15.08 -42.82 -21.86
CA LYS A 511 -14.43 -41.65 -21.28
C LYS A 511 -13.51 -40.99 -22.28
N GLU A 512 -12.62 -41.79 -22.89
CA GLU A 512 -11.66 -41.27 -23.86
C GLU A 512 -12.35 -40.74 -25.12
N ASN A 513 -13.52 -41.27 -25.45
CA ASN A 513 -14.23 -40.80 -26.64
C ASN A 513 -14.92 -39.46 -26.40
N VAL A 514 -15.67 -39.29 -25.31
CA VAL A 514 -16.55 -38.13 -25.18
C VAL A 514 -16.18 -37.23 -24.00
N ILE A 515 -15.76 -37.81 -22.87
CA ILE A 515 -15.69 -37.03 -21.62
C ILE A 515 -14.49 -36.11 -21.64
N ARG A 516 -13.32 -36.62 -22.03
CA ARG A 516 -12.15 -35.77 -22.20
C ARG A 516 -12.33 -34.71 -23.29
N PRO A 517 -12.91 -34.99 -24.48
CA PRO A 517 -13.22 -33.87 -25.40
C PRO A 517 -14.21 -32.83 -24.88
N ILE A 518 -15.27 -33.23 -24.17
CA ILE A 518 -16.24 -32.23 -23.70
C ILE A 518 -15.64 -31.40 -22.56
N LEU A 519 -14.78 -32.01 -21.74
CA LEU A 519 -14.13 -31.26 -20.68
C LEU A 519 -13.07 -30.33 -21.23
N LYS A 520 -12.36 -30.77 -22.28
CA LYS A 520 -11.40 -29.89 -22.95
C LYS A 520 -12.12 -28.73 -23.65
N ALA A 521 -13.29 -29.00 -24.22
CA ALA A 521 -14.02 -27.94 -24.91
C ALA A 521 -14.63 -26.94 -23.94
N HIS A 522 -15.15 -27.42 -22.81
CA HIS A 522 -15.75 -26.50 -21.84
C HIS A 522 -14.68 -25.73 -21.08
N PHE A 523 -13.64 -26.42 -20.62
CA PHE A 523 -12.60 -25.75 -19.84
C PHE A 523 -11.69 -24.90 -20.70
N ARG A 524 -11.57 -25.19 -21.99
CA ARG A 524 -10.77 -24.50 -23.00
C ARG A 524 -9.27 -24.47 -22.67
N ARG A 525 -8.81 -25.29 -21.71
CA ARG A 525 -7.42 -25.31 -21.28
C ARG A 525 -7.09 -26.73 -20.86
N ASP A 526 -6.25 -27.41 -21.64
CA ASP A 526 -5.87 -28.78 -21.34
C ASP A 526 -4.99 -28.86 -20.10
N GLU A 527 -4.32 -27.77 -19.78
CA GLU A 527 -3.39 -27.72 -18.66
C GLU A 527 -4.11 -27.79 -17.33
N PHE A 528 -5.32 -27.23 -17.24
CA PHE A 528 -6.12 -27.32 -16.02
C PHE A 528 -6.60 -28.75 -15.78
N LEU A 529 -6.89 -29.48 -16.85
CA LEU A 529 -7.32 -30.87 -16.72
C LEU A 529 -6.16 -31.79 -16.36
N GLY A 530 -4.92 -31.32 -16.57
CA GLY A 530 -3.77 -32.18 -16.33
C GLY A 530 -3.42 -32.36 -14.88
N ARG A 531 -3.70 -31.37 -14.03
CA ARG A 531 -3.28 -31.50 -12.64
C ARG A 531 -4.30 -32.28 -11.81
N ILE A 532 -5.41 -32.68 -12.41
CA ILE A 532 -6.47 -33.37 -11.68
C ILE A 532 -6.01 -34.79 -11.36
N ASN A 533 -5.93 -35.10 -10.06
CA ASN A 533 -5.38 -36.38 -9.63
C ASN A 533 -6.33 -37.53 -9.93
N GLU A 534 -7.64 -37.29 -9.85
CA GLU A 534 -8.61 -38.34 -10.15
C GLU A 534 -9.91 -37.73 -10.65
N ILE A 535 -10.49 -38.38 -11.66
CA ILE A 535 -11.84 -38.07 -12.15
C ILE A 535 -12.79 -39.15 -11.62
N VAL A 536 -13.97 -38.72 -11.18
CA VAL A 536 -14.97 -39.58 -10.57
C VAL A 536 -16.32 -39.28 -11.21
N TYR A 537 -17.05 -40.33 -11.56
CA TYR A 537 -18.32 -40.24 -12.28
C TYR A 537 -19.43 -40.64 -11.34
N PHE A 538 -20.43 -39.78 -11.16
CA PHE A 538 -21.61 -40.10 -10.37
C PHE A 538 -22.68 -40.65 -11.30
N LEU A 539 -22.99 -41.93 -11.14
CA LEU A 539 -24.02 -42.55 -11.95
C LEU A 539 -25.41 -42.10 -11.48
N PRO A 540 -26.36 -41.95 -12.41
CA PRO A 540 -27.71 -41.53 -12.04
C PRO A 540 -28.44 -42.57 -11.21
N PHE A 541 -29.53 -42.14 -10.56
CA PHE A 541 -30.14 -42.89 -9.48
C PHE A 541 -30.80 -44.17 -9.98
N CYS A 542 -30.63 -45.25 -9.21
CA CYS A 542 -31.20 -46.55 -9.53
C CYS A 542 -32.42 -46.83 -8.65
N HIS A 543 -33.15 -47.88 -9.00
CA HIS A 543 -34.47 -48.11 -8.39
C HIS A 543 -34.36 -48.58 -6.94
N SER A 544 -33.55 -49.62 -6.70
CA SER A 544 -33.50 -50.25 -5.38
C SER A 544 -32.85 -49.33 -4.34
N GLU A 545 -31.83 -48.59 -4.77
CA GLU A 545 -31.23 -47.60 -3.89
C GLU A 545 -32.15 -46.41 -3.64
N LEU A 546 -33.05 -46.08 -4.59
CA LEU A 546 -34.11 -45.11 -4.29
C LEU A 546 -35.11 -45.66 -3.27
N ILE A 547 -35.42 -46.96 -3.34
CA ILE A 547 -36.27 -47.59 -2.33
C ILE A 547 -35.61 -47.52 -0.95
N GLN A 548 -34.32 -47.80 -0.90
CA GLN A 548 -33.58 -47.71 0.35
C GLN A 548 -33.49 -46.27 0.84
N LEU A 549 -33.41 -45.31 -0.08
CA LEU A 549 -33.46 -43.89 0.27
C LEU A 549 -34.80 -43.51 0.91
N VAL A 550 -35.90 -44.02 0.35
CA VAL A 550 -37.23 -43.78 0.93
C VAL A 550 -37.32 -44.40 2.32
N ASN A 551 -36.79 -45.61 2.48
CA ASN A 551 -36.78 -46.28 3.78
C ASN A 551 -35.98 -45.50 4.81
N LYS A 552 -34.82 -44.96 4.42
CA LYS A 552 -34.01 -44.20 5.37
C LYS A 552 -34.62 -42.83 5.68
N GLU A 553 -35.26 -42.18 4.70
CA GLU A 553 -35.83 -40.87 4.99
C GLU A 553 -37.16 -40.98 5.72
N LEU A 554 -37.77 -42.17 5.76
CA LEU A 554 -38.87 -42.39 6.69
C LEU A 554 -38.35 -42.84 8.05
N ASN A 555 -37.23 -43.59 8.04
CA ASN A 555 -36.66 -44.13 9.27
C ASN A 555 -36.10 -43.00 10.13
N PHE A 556 -35.54 -41.96 9.49
CA PHE A 556 -35.03 -40.81 10.24
C PHE A 556 -36.15 -40.07 10.96
N TRP A 557 -37.30 -39.91 10.30
CA TRP A 557 -38.44 -39.25 10.94
C TRP A 557 -39.00 -40.10 12.07
N ALA A 558 -39.00 -41.43 11.89
CA ALA A 558 -39.42 -42.32 12.97
C ALA A 558 -38.46 -42.25 14.17
N LYS A 559 -37.15 -42.19 13.91
CA LYS A 559 -36.16 -42.12 14.98
C LYS A 559 -36.22 -40.78 15.71
N ARG A 560 -36.44 -39.68 14.99
CA ARG A 560 -36.55 -38.39 15.66
C ARG A 560 -37.87 -38.28 16.42
N ALA A 561 -38.93 -38.95 15.94
CA ALA A 561 -40.18 -38.99 16.69
C ALA A 561 -40.04 -39.80 17.97
N LYS A 562 -39.31 -40.92 17.91
CA LYS A 562 -39.05 -41.70 19.12
C LYS A 562 -38.13 -40.96 20.08
N GLN A 563 -37.18 -40.18 19.54
CA GLN A 563 -36.28 -39.40 20.38
C GLN A 563 -37.02 -38.28 21.10
N ARG A 564 -37.91 -37.59 20.40
CA ARG A 564 -38.55 -36.41 20.98
C ARG A 564 -39.79 -36.76 21.80
N HIS A 565 -40.70 -37.57 21.25
CA HIS A 565 -41.99 -37.78 21.91
C HIS A 565 -42.39 -39.24 22.00
N ASN A 566 -41.45 -40.17 21.81
CA ASN A 566 -41.65 -41.62 21.91
C ASN A 566 -42.75 -42.13 20.98
N ILE A 567 -42.67 -41.68 19.73
CA ILE A 567 -43.67 -41.98 18.71
C ILE A 567 -43.07 -42.96 17.73
N THR A 568 -43.59 -44.19 17.70
CA THR A 568 -43.07 -45.25 16.85
C THR A 568 -43.82 -45.24 15.53
N LEU A 569 -43.16 -44.76 14.48
CA LEU A 569 -43.74 -44.70 13.14
C LEU A 569 -43.34 -45.95 12.35
N LEU A 570 -44.30 -46.53 11.65
CA LEU A 570 -44.07 -47.68 10.79
C LEU A 570 -44.75 -47.45 9.45
N TRP A 571 -44.30 -48.19 8.44
CA TRP A 571 -44.62 -47.90 7.05
C TRP A 571 -45.12 -49.16 6.35
N ASP A 572 -45.53 -48.99 5.09
CA ASP A 572 -45.97 -50.06 4.22
C ASP A 572 -45.16 -50.05 2.94
N ARG A 573 -45.26 -51.15 2.18
CA ARG A 573 -44.53 -51.24 0.90
C ARG A 573 -45.15 -50.32 -0.14
N GLU A 574 -46.48 -50.22 -0.16
CA GLU A 574 -47.16 -49.34 -1.11
C GLU A 574 -46.89 -47.88 -0.78
N VAL A 575 -46.67 -47.56 0.50
CA VAL A 575 -46.24 -46.21 0.89
C VAL A 575 -44.89 -45.88 0.27
N ALA A 576 -43.95 -46.84 0.33
CA ALA A 576 -42.65 -46.66 -0.30
C ALA A 576 -42.77 -46.53 -1.81
N ASP A 577 -43.71 -47.27 -2.42
CA ASP A 577 -43.93 -47.16 -3.86
C ASP A 577 -44.48 -45.80 -4.26
N VAL A 578 -45.44 -45.28 -3.48
CA VAL A 578 -46.01 -43.97 -3.77
C VAL A 578 -44.95 -42.87 -3.58
N LEU A 579 -44.10 -43.03 -2.57
CA LEU A 579 -43.03 -42.04 -2.34
C LEU A 579 -41.93 -42.11 -3.40
N VAL A 580 -41.65 -43.30 -3.95
CA VAL A 580 -40.59 -43.37 -4.95
C VAL A 580 -41.15 -43.03 -6.33
N ASP A 581 -42.48 -43.00 -6.48
CA ASP A 581 -43.09 -42.64 -7.75
C ASP A 581 -42.75 -41.21 -8.17
N GLY A 582 -42.63 -40.29 -7.22
CA GLY A 582 -42.23 -38.93 -7.52
C GLY A 582 -40.72 -38.76 -7.70
N TYR A 583 -40.15 -39.47 -8.67
CA TYR A 583 -38.71 -39.42 -8.92
C TYR A 583 -38.45 -38.54 -10.14
N ASN A 584 -37.83 -37.39 -9.93
CA ASN A 584 -37.47 -36.47 -10.99
C ASN A 584 -35.95 -36.41 -11.08
N VAL A 585 -35.40 -36.72 -12.25
CA VAL A 585 -33.96 -36.71 -12.46
C VAL A 585 -33.44 -35.27 -12.45
N HIS A 586 -34.26 -34.32 -12.91
CA HIS A 586 -33.83 -32.93 -13.07
C HIS A 586 -33.52 -32.28 -11.72
N TYR A 587 -34.31 -32.57 -10.70
CA TYR A 587 -33.98 -32.12 -9.35
C TYR A 587 -33.13 -33.11 -8.59
N GLY A 588 -32.97 -34.33 -9.09
CA GLY A 588 -32.21 -35.34 -8.36
C GLY A 588 -33.01 -35.84 -7.16
N ALA A 589 -32.31 -36.05 -6.04
CA ALA A 589 -32.97 -36.50 -4.82
C ALA A 589 -33.75 -35.40 -4.13
N ARG A 590 -33.58 -34.15 -4.57
CA ARG A 590 -34.31 -33.02 -4.00
C ARG A 590 -35.81 -33.13 -4.25
N SER A 591 -36.20 -33.62 -5.42
CA SER A 591 -37.61 -33.80 -5.74
C SER A 591 -38.25 -34.87 -4.87
N ILE A 592 -37.54 -35.99 -4.66
CA ILE A 592 -38.04 -37.05 -3.79
C ILE A 592 -38.15 -36.57 -2.35
N LYS A 593 -37.14 -35.83 -1.87
CA LYS A 593 -37.18 -35.32 -0.50
C LYS A 593 -38.30 -34.31 -0.30
N HIS A 594 -38.51 -33.41 -1.27
CA HIS A 594 -39.61 -32.45 -1.17
C HIS A 594 -40.97 -33.12 -1.33
N GLU A 595 -41.05 -34.20 -2.12
CA GLU A 595 -42.29 -34.96 -2.22
C GLU A 595 -42.61 -35.66 -0.90
N VAL A 596 -41.58 -36.19 -0.24
CA VAL A 596 -41.74 -36.77 1.10
C VAL A 596 -42.22 -35.71 2.08
N GLU A 597 -41.63 -34.51 2.02
CA GLU A 597 -42.03 -33.42 2.89
C GLU A 597 -43.49 -33.02 2.68
N ARG A 598 -43.83 -32.72 1.41
CA ARG A 598 -45.18 -32.29 1.04
C ARG A 598 -46.23 -33.37 1.31
N ARG A 599 -45.83 -34.65 1.27
CA ARG A 599 -46.80 -35.69 1.55
C ARG A 599 -46.98 -35.91 3.05
N VAL A 600 -45.93 -36.28 3.77
CA VAL A 600 -46.11 -36.80 5.12
C VAL A 600 -45.68 -35.79 6.20
N VAL A 601 -44.76 -34.86 5.91
CA VAL A 601 -44.26 -33.99 6.96
C VAL A 601 -45.31 -32.97 7.37
N ASN A 602 -46.05 -32.44 6.40
CA ASN A 602 -47.13 -31.50 6.70
C ASN A 602 -48.27 -32.19 7.46
N GLN A 603 -48.60 -33.43 7.07
CA GLN A 603 -49.63 -34.18 7.78
C GLN A 603 -49.22 -34.53 9.20
N LEU A 604 -47.97 -34.95 9.40
CA LEU A 604 -47.49 -35.26 10.74
C LEU A 604 -47.38 -34.00 11.59
N ALA A 605 -47.04 -32.87 10.97
CA ALA A 605 -47.01 -31.60 11.71
C ALA A 605 -48.40 -31.16 12.12
N ALA A 606 -49.38 -31.34 11.22
CA ALA A 606 -50.76 -30.99 11.54
C ALA A 606 -51.32 -31.88 12.65
N ALA A 607 -50.96 -33.17 12.62
CA ALA A 607 -51.33 -34.07 13.70
C ALA A 607 -50.63 -33.71 15.00
N TYR A 608 -49.41 -33.19 14.92
CA TYR A 608 -48.68 -32.83 16.13
C TYR A 608 -49.23 -31.56 16.75
N GLU A 609 -49.51 -30.53 15.94
CA GLU A 609 -50.08 -29.30 16.49
C GLU A 609 -51.54 -29.48 16.88
N GLN A 610 -52.23 -30.47 16.30
CA GLN A 610 -53.60 -30.77 16.72
C GLN A 610 -53.64 -31.63 17.98
N ASP A 611 -52.47 -32.08 18.46
CA ASP A 611 -52.32 -32.93 19.66
C ASP A 611 -53.11 -34.23 19.53
N LEU A 612 -53.10 -34.81 18.33
CA LEU A 612 -53.81 -36.05 18.06
C LEU A 612 -52.88 -37.26 18.05
N LEU A 613 -51.63 -37.08 18.46
CA LEU A 613 -50.65 -38.18 18.58
C LEU A 613 -50.28 -38.31 20.04
N PRO A 614 -50.88 -39.24 20.77
CA PRO A 614 -50.58 -39.37 22.20
C PRO A 614 -49.21 -39.98 22.45
N GLY A 615 -48.64 -39.65 23.61
CA GLY A 615 -47.34 -40.17 23.99
C GLY A 615 -47.35 -41.66 24.26
N GLY A 616 -46.36 -42.38 23.72
CA GLY A 616 -46.29 -43.81 23.87
C GLY A 616 -47.11 -44.62 22.89
N CYS A 617 -47.65 -43.99 21.84
CA CYS A 617 -48.50 -44.67 20.87
C CYS A 617 -47.67 -45.19 19.71
N THR A 618 -48.32 -45.98 18.85
CA THR A 618 -47.71 -46.53 17.64
C THR A 618 -48.54 -46.11 16.45
N LEU A 619 -47.86 -45.63 15.40
CA LEU A 619 -48.53 -45.08 14.23
C LEU A 619 -48.08 -45.82 12.98
N ARG A 620 -49.00 -45.94 12.03
CA ARG A 620 -48.76 -46.59 10.74
C ARG A 620 -49.15 -45.64 9.62
N ILE A 621 -48.23 -45.41 8.68
CA ILE A 621 -48.54 -44.63 7.49
C ILE A 621 -49.14 -45.57 6.45
N THR A 622 -50.32 -45.21 5.94
CA THR A 622 -51.09 -46.07 5.05
C THR A 622 -51.49 -45.29 3.79
N VAL A 623 -51.75 -46.04 2.73
CA VAL A 623 -52.27 -45.49 1.48
C VAL A 623 -53.79 -45.49 1.60
N GLU A 624 -54.43 -44.52 0.92
CA GLU A 624 -55.88 -44.47 0.86
C GLU A 624 -56.45 -45.71 0.16
N ASP A 625 -57.56 -46.22 0.68
CA ASP A 625 -58.13 -47.48 0.21
C ASP A 625 -58.65 -47.37 -1.22
N SER A 626 -59.28 -46.25 -1.57
CA SER A 626 -59.79 -46.06 -2.91
C SER A 626 -58.71 -45.74 -3.93
N ASP A 627 -57.48 -45.47 -3.49
CA ASP A 627 -56.38 -45.20 -4.41
C ASP A 627 -55.49 -46.41 -4.66
N LYS A 628 -55.59 -47.46 -3.82
CA LYS A 628 -54.84 -48.68 -4.09
C LYS A 628 -55.37 -49.40 -5.32
N GLN A 629 -56.68 -49.29 -5.57
CA GLN A 629 -57.26 -49.86 -6.80
C GLN A 629 -56.78 -49.10 -8.02
N LEU A 630 -56.54 -47.79 -7.90
CA LEU A 630 -55.95 -47.02 -8.99
C LEU A 630 -54.49 -47.37 -9.16
N LEU A 631 -53.80 -47.71 -8.05
CA LEU A 631 -52.42 -48.16 -8.14
C LEU A 631 -52.30 -49.53 -8.79
N LYS A 632 -53.31 -50.38 -8.63
CA LYS A 632 -53.27 -51.74 -9.15
C LYS A 632 -53.59 -51.82 -10.64
N SER A 633 -53.98 -50.73 -11.28
CA SER A 633 -54.31 -50.73 -12.71
C SER A 633 -53.21 -50.03 -13.49
N PRO A 634 -52.38 -50.77 -14.25
CA PRO A 634 -51.31 -50.16 -15.04
C PRO A 634 -51.76 -49.74 -16.44
N GLU A 635 -52.80 -48.93 -16.52
CA GLU A 635 -53.35 -48.46 -17.78
C GLU A 635 -52.81 -47.07 -18.11
N LEU A 636 -52.65 -46.81 -19.40
CA LEU A 636 -52.14 -45.52 -19.85
C LEU A 636 -53.22 -44.46 -19.72
N PRO A 637 -53.00 -43.39 -18.96
CA PRO A 637 -54.02 -42.36 -18.81
C PRO A 637 -54.09 -41.43 -20.02
N SER A 638 -55.29 -40.89 -20.24
CA SER A 638 -55.47 -39.92 -21.30
C SER A 638 -54.81 -38.60 -20.94
N PRO A 639 -54.29 -37.86 -21.92
CA PRO A 639 -53.65 -36.56 -21.62
C PRO A 639 -54.63 -35.48 -21.18
N GLN A 640 -55.92 -35.63 -21.43
CA GLN A 640 -56.91 -34.64 -21.04
C GLN A 640 -57.48 -34.88 -19.64
N ALA A 641 -56.99 -35.89 -18.92
CA ALA A 641 -57.45 -36.19 -17.58
C ALA A 641 -56.37 -35.80 -16.58
N GLU A 642 -56.79 -35.11 -15.51
CA GLU A 642 -55.84 -34.69 -14.48
C GLU A 642 -55.39 -35.88 -13.64
N LYS A 643 -54.13 -35.84 -13.21
CA LYS A 643 -53.55 -36.90 -12.39
C LYS A 643 -53.68 -36.52 -10.92
N ARG A 644 -54.17 -37.46 -10.12
CA ARG A 644 -54.40 -37.24 -8.70
C ARG A 644 -53.33 -37.99 -7.89
N LEU A 645 -52.70 -37.27 -6.97
CA LEU A 645 -51.73 -37.89 -6.07
C LEU A 645 -52.47 -38.74 -5.05
N PRO A 646 -52.13 -40.03 -4.91
CA PRO A 646 -52.77 -40.84 -3.86
C PRO A 646 -52.34 -40.40 -2.47
N LYS A 647 -53.34 -40.14 -1.63
CA LYS A 647 -53.11 -39.54 -0.32
C LYS A 647 -52.54 -40.57 0.66
N LEU A 648 -51.94 -40.05 1.72
CA LEU A 648 -51.35 -40.85 2.78
C LEU A 648 -52.03 -40.50 4.09
N ARG A 649 -52.35 -41.52 4.88
CA ARG A 649 -53.09 -41.36 6.12
C ARG A 649 -52.27 -41.92 7.27
N LEU A 650 -52.58 -41.45 8.48
CA LEU A 650 -51.97 -41.94 9.70
C LEU A 650 -52.99 -42.77 10.47
N GLU A 651 -52.60 -43.97 10.87
CA GLU A 651 -53.41 -44.87 11.65
C GLU A 651 -52.76 -45.08 13.02
N ILE A 652 -53.59 -45.19 14.05
CA ILE A 652 -53.14 -45.43 15.41
C ILE A 652 -53.37 -46.92 15.72
N ILE A 653 -52.31 -47.61 16.13
CA ILE A 653 -52.42 -49.00 16.59
C ILE A 653 -52.43 -48.95 18.11
N ASP A 654 -53.53 -49.42 18.69
CA ASP A 654 -53.70 -49.37 20.13
C ASP A 654 -53.19 -50.67 20.76
N LYS A 655 -53.38 -50.79 22.08
CA LYS A 655 -52.95 -51.99 22.79
C LYS A 655 -53.85 -53.18 22.51
N ASP A 656 -55.08 -52.95 22.06
CA ASP A 656 -56.02 -54.02 21.73
C ASP A 656 -56.04 -54.34 20.24
N SER A 657 -54.99 -53.93 19.51
CA SER A 657 -54.84 -54.14 18.06
C SER A 657 -56.02 -53.56 17.27
N LYS A 658 -56.45 -52.36 17.64
CA LYS A 658 -57.55 -51.67 16.99
C LYS A 658 -57.01 -50.46 16.24
N THR A 659 -57.36 -50.35 14.96
CA THR A 659 -56.87 -49.28 14.11
C THR A 659 -57.79 -48.07 14.24
N ARG A 660 -57.22 -46.93 14.62
CA ARG A 660 -57.95 -45.68 14.75
C ARG A 660 -57.53 -44.73 13.64
N ARG A 661 -58.52 -44.13 12.97
CA ARG A 661 -58.25 -43.22 11.85
C ARG A 661 -58.18 -41.78 12.33
N LEU A 662 -57.39 -40.98 11.64
CA LEU A 662 -57.19 -39.56 11.97
C LEU A 662 -57.38 -38.72 10.72
N ASP A 663 -58.41 -37.90 10.70
CA ASP A 663 -58.66 -36.98 9.60
C ASP A 663 -58.76 -35.56 10.15
N ILE A 664 -57.96 -34.65 9.59
CA ILE A 664 -57.94 -33.27 10.06
C ILE A 664 -58.35 -32.33 8.92
N LYS B 298 38.52 -21.00 -10.97
CA LYS B 298 39.38 -22.05 -11.48
C LYS B 298 38.87 -23.43 -11.09
N ARG B 299 38.59 -23.60 -9.79
CA ARG B 299 38.01 -24.85 -9.33
C ARG B 299 36.58 -25.00 -9.81
N GLU B 300 35.84 -23.89 -9.87
CA GLU B 300 34.50 -23.92 -10.45
C GLU B 300 34.55 -24.21 -11.94
N ALA B 301 35.59 -23.72 -12.62
CA ALA B 301 35.79 -24.04 -14.03
C ALA B 301 36.06 -25.52 -14.24
N GLU B 302 36.85 -26.14 -13.36
CA GLU B 302 37.12 -27.56 -13.47
C GLU B 302 35.88 -28.40 -13.12
N GLU B 303 35.07 -27.92 -12.17
CA GLU B 303 33.78 -28.57 -11.89
C GLU B 303 32.85 -28.49 -13.09
N ARG B 304 32.85 -27.35 -13.79
CA ARG B 304 31.99 -27.20 -14.96
C ARG B 304 32.47 -28.04 -16.12
N ARG B 305 33.79 -28.14 -16.31
CA ARG B 305 34.33 -28.99 -17.38
C ARG B 305 34.10 -30.47 -17.07
N ARG B 306 34.20 -30.86 -15.80
CA ARG B 306 33.91 -32.25 -15.43
C ARG B 306 32.43 -32.55 -15.54
N PHE B 307 31.63 -31.90 -14.70
CA PHE B 307 30.18 -32.14 -14.62
C PHE B 307 29.46 -30.85 -14.98
N PRO B 308 28.99 -30.70 -16.21
CA PRO B 308 28.20 -29.52 -16.56
C PRO B 308 26.80 -29.62 -15.96
N LEU B 309 26.00 -28.57 -16.18
CA LEU B 309 24.63 -28.62 -15.69
C LEU B 309 23.77 -29.55 -16.53
N GLU B 310 24.20 -29.86 -17.76
CA GLU B 310 23.39 -30.67 -18.66
C GLU B 310 23.25 -32.10 -18.15
N GLN B 311 24.31 -32.64 -17.53
CA GLN B 311 24.20 -33.96 -16.93
C GLN B 311 23.33 -33.93 -15.67
N ARG B 312 23.33 -32.80 -14.94
CA ARG B 312 22.47 -32.68 -13.77
C ARG B 312 21.00 -32.62 -14.18
N LEU B 313 20.70 -31.87 -15.24
CA LEU B 313 19.35 -31.83 -15.78
C LEU B 313 18.93 -33.19 -16.30
N LYS B 314 19.84 -33.89 -17.00
CA LYS B 314 19.50 -35.18 -17.60
C LYS B 314 19.30 -36.26 -16.54
N GLU B 315 20.08 -36.22 -15.46
CA GLU B 315 19.88 -37.17 -14.39
C GLU B 315 18.68 -36.80 -13.51
N HIS B 316 18.25 -35.54 -13.57
CA HIS B 316 17.07 -35.15 -12.81
C HIS B 316 15.80 -35.31 -13.62
N ILE B 317 15.75 -34.76 -14.84
CA ILE B 317 14.60 -34.91 -15.71
C ILE B 317 15.04 -35.58 -17.01
N ILE B 318 14.13 -36.30 -17.63
CA ILE B 318 14.46 -37.13 -18.75
C ILE B 318 13.94 -36.49 -20.04
N GLY B 319 14.44 -36.97 -21.17
CA GLY B 319 14.08 -36.43 -22.46
C GLY B 319 14.64 -35.02 -22.64
N GLN B 320 13.99 -34.30 -23.55
CA GLN B 320 14.15 -32.86 -23.78
C GLN B 320 15.60 -32.49 -24.10
N GLU B 321 16.20 -33.29 -24.99
CA GLU B 321 17.64 -33.18 -25.24
C GLU B 321 17.99 -31.89 -25.96
N SER B 322 17.15 -31.46 -26.90
CA SER B 322 17.34 -30.16 -27.54
C SER B 322 17.12 -29.02 -26.55
N ALA B 323 16.12 -29.14 -25.69
CA ALA B 323 15.84 -28.12 -24.69
C ALA B 323 16.96 -28.01 -23.66
N ILE B 324 17.44 -29.16 -23.19
CA ILE B 324 18.56 -29.20 -22.25
C ILE B 324 19.82 -28.65 -22.91
N ALA B 325 20.01 -28.96 -24.20
CA ALA B 325 21.16 -28.44 -24.94
C ALA B 325 21.11 -26.93 -25.07
N THR B 326 19.93 -26.37 -25.36
CA THR B 326 19.80 -24.92 -25.54
C THR B 326 20.00 -24.17 -24.22
N VAL B 327 19.34 -24.64 -23.15
CA VAL B 327 19.47 -23.98 -21.85
C VAL B 327 20.89 -24.11 -21.31
N GLY B 328 21.48 -25.31 -21.42
CA GLY B 328 22.84 -25.50 -20.96
C GLY B 328 23.86 -24.74 -21.77
N ALA B 329 23.59 -24.54 -23.06
CA ALA B 329 24.46 -23.71 -23.89
C ALA B 329 24.41 -22.25 -23.45
N ALA B 330 23.22 -21.75 -23.13
CA ALA B 330 23.12 -20.36 -22.65
C ALA B 330 23.78 -20.17 -21.30
N ILE B 331 23.62 -21.14 -20.40
CA ILE B 331 24.32 -21.10 -19.12
C ILE B 331 25.84 -21.22 -19.32
N ARG B 332 26.25 -21.99 -20.33
CA ARG B 332 27.67 -22.12 -20.66
C ARG B 332 28.26 -20.80 -21.14
N ARG B 333 27.49 -20.05 -21.95
CA ARG B 333 27.95 -18.72 -22.36
C ARG B 333 28.00 -17.76 -21.18
N LYS B 334 27.03 -17.85 -20.27
CA LYS B 334 27.01 -16.89 -19.17
C LYS B 334 28.08 -17.16 -18.12
N GLU B 335 28.33 -18.43 -17.80
CA GLU B 335 29.21 -18.80 -16.71
C GLU B 335 30.69 -18.78 -17.11
N ASN B 336 31.00 -18.63 -18.39
CA ASN B 336 32.37 -18.63 -18.86
C ASN B 336 33.09 -17.30 -18.65
N GLY B 337 32.50 -16.36 -17.92
CA GLY B 337 33.23 -15.19 -17.47
C GLY B 337 33.38 -14.07 -18.47
N TRP B 338 32.64 -14.10 -19.57
CA TRP B 338 32.69 -13.01 -20.53
C TRP B 338 31.35 -12.56 -21.07
N TYR B 339 30.24 -12.96 -20.46
CA TYR B 339 28.92 -12.68 -21.02
C TYR B 339 28.59 -11.19 -20.90
N ASP B 340 27.83 -10.70 -21.88
CA ASP B 340 27.46 -9.29 -21.95
C ASP B 340 26.56 -8.90 -20.79
N GLU B 341 27.10 -8.10 -19.86
CA GLU B 341 26.34 -7.69 -18.68
C GLU B 341 25.28 -6.65 -19.01
N GLU B 342 25.33 -6.07 -20.22
CA GLU B 342 24.39 -5.01 -20.57
C GLU B 342 22.97 -5.52 -20.74
N HIS B 343 22.79 -6.82 -20.96
CA HIS B 343 21.48 -7.41 -21.18
C HIS B 343 21.40 -8.74 -20.44
N PRO B 344 20.29 -9.03 -19.76
CA PRO B 344 20.16 -10.30 -19.05
C PRO B 344 19.66 -11.41 -19.96
N LEU B 345 19.98 -12.66 -19.58
CA LEU B 345 19.48 -13.82 -20.29
C LEU B 345 18.00 -14.03 -20.00
N VAL B 346 17.20 -14.15 -21.06
CA VAL B 346 15.76 -14.39 -20.93
C VAL B 346 15.33 -15.52 -21.86
N PHE B 347 14.46 -16.38 -21.34
CA PHE B 347 14.02 -17.60 -22.02
C PHE B 347 12.51 -17.64 -22.02
N LEU B 348 11.92 -18.13 -23.10
CA LEU B 348 10.50 -18.46 -23.16
C LEU B 348 10.37 -19.92 -23.52
N PHE B 349 9.60 -20.67 -22.73
CA PHE B 349 9.43 -22.10 -22.90
C PHE B 349 8.07 -22.38 -23.52
N LEU B 350 8.05 -23.14 -24.62
CA LEU B 350 6.82 -23.53 -25.28
C LEU B 350 6.72 -25.04 -25.30
N GLY B 351 5.61 -25.58 -24.81
CA GLY B 351 5.42 -27.02 -24.78
C GLY B 351 4.05 -27.36 -24.26
N SER B 352 3.77 -28.66 -24.20
CA SER B 352 2.45 -29.12 -23.80
C SER B 352 2.29 -29.05 -22.27
N SER B 353 1.21 -29.66 -21.78
CA SER B 353 0.84 -29.51 -20.38
C SER B 353 1.74 -30.34 -19.47
N GLY B 354 2.07 -31.57 -19.88
CA GLY B 354 2.72 -32.49 -18.96
C GLY B 354 4.24 -32.36 -18.94
N ILE B 355 4.81 -31.77 -19.98
CA ILE B 355 6.27 -31.72 -20.09
C ILE B 355 6.82 -30.68 -19.12
N GLY B 356 7.82 -31.08 -18.34
CA GLY B 356 8.28 -30.27 -17.22
C GLY B 356 9.11 -29.06 -17.57
N LYS B 357 8.49 -28.04 -18.18
CA LYS B 357 9.17 -26.77 -18.38
C LYS B 357 9.45 -26.09 -17.05
N THR B 358 8.46 -26.08 -16.16
CA THR B 358 8.66 -25.55 -14.82
C THR B 358 9.63 -26.43 -14.04
N GLU B 359 9.59 -27.75 -14.27
CA GLU B 359 10.55 -28.65 -13.65
C GLU B 359 11.96 -28.39 -14.15
N LEU B 360 12.12 -28.13 -15.45
CA LEU B 360 13.43 -27.78 -16.00
C LEU B 360 13.93 -26.46 -15.43
N ALA B 361 13.04 -25.49 -15.25
CA ALA B 361 13.42 -24.21 -14.65
C ALA B 361 13.83 -24.40 -13.19
N LYS B 362 13.12 -25.26 -12.46
CA LYS B 362 13.45 -25.53 -11.07
C LYS B 362 14.81 -26.21 -10.94
N GLN B 363 15.12 -27.15 -11.83
CA GLN B 363 16.43 -27.80 -11.76
C GLN B 363 17.55 -26.87 -12.23
N THR B 364 17.25 -25.98 -13.18
CA THR B 364 18.21 -24.95 -13.58
C THR B 364 18.54 -24.02 -12.41
N ALA B 365 17.53 -23.64 -11.64
CA ALA B 365 17.76 -22.78 -10.49
C ALA B 365 18.40 -23.53 -9.34
N LYS B 366 18.18 -24.85 -9.26
CA LYS B 366 18.92 -25.67 -8.31
C LYS B 366 20.40 -25.72 -8.66
N TYR B 367 20.70 -25.75 -9.97
CA TYR B 367 22.09 -25.68 -10.40
C TYR B 367 22.71 -24.32 -10.12
N MET B 368 21.99 -23.24 -10.41
CA MET B 368 22.59 -21.90 -10.38
C MET B 368 22.84 -21.42 -8.96
N HIS B 369 21.97 -21.78 -8.02
CA HIS B 369 22.13 -21.39 -6.63
C HIS B 369 21.87 -22.57 -5.72
N LYS B 370 22.60 -22.64 -4.61
CA LYS B 370 22.36 -23.71 -3.65
C LYS B 370 21.09 -23.46 -2.83
N ASP B 371 20.72 -22.19 -2.64
CA ASP B 371 19.49 -21.84 -1.94
C ASP B 371 18.36 -21.73 -2.95
N ALA B 372 17.49 -22.74 -2.98
CA ALA B 372 16.31 -22.68 -3.85
C ALA B 372 15.29 -21.69 -3.31
N LYS B 373 15.29 -21.46 -2.00
CA LYS B 373 14.31 -20.56 -1.40
C LYS B 373 14.73 -19.10 -1.55
N LYS B 374 16.02 -18.83 -1.67
CA LYS B 374 16.53 -17.46 -1.74
C LYS B 374 16.98 -17.05 -3.14
N GLY B 375 17.81 -17.86 -3.78
CA GLY B 375 18.35 -17.50 -5.08
C GLY B 375 17.40 -17.70 -6.24
N PHE B 376 16.27 -18.36 -6.01
CA PHE B 376 15.32 -18.70 -7.06
C PHE B 376 13.98 -18.08 -6.69
N ILE B 377 13.48 -17.19 -7.55
CA ILE B 377 12.23 -16.50 -7.31
C ILE B 377 11.17 -17.07 -8.24
N ARG B 378 10.29 -17.91 -7.69
CA ARG B 378 9.15 -18.42 -8.42
C ARG B 378 8.05 -17.38 -8.37
N LEU B 379 7.36 -17.18 -9.48
CA LEU B 379 6.32 -16.17 -9.53
C LEU B 379 5.28 -16.65 -10.53
N ASP B 380 4.06 -16.86 -10.05
CA ASP B 380 2.97 -17.31 -10.90
C ASP B 380 2.36 -16.11 -11.62
N MET B 381 2.17 -16.23 -12.92
CA MET B 381 1.52 -15.15 -13.66
C MET B 381 0.01 -15.30 -13.70
N SER B 382 -0.53 -16.33 -13.04
CA SER B 382 -1.95 -16.61 -13.08
C SER B 382 -2.75 -15.53 -12.35
N GLU B 383 -2.22 -15.03 -11.23
CA GLU B 383 -2.96 -14.04 -10.46
C GLU B 383 -2.69 -12.63 -10.95
N PHE B 384 -1.89 -12.46 -11.99
CA PHE B 384 -1.70 -11.17 -12.64
C PHE B 384 -2.59 -11.08 -13.87
N GLN B 385 -3.89 -11.26 -13.64
CA GLN B 385 -4.87 -11.32 -14.72
C GLN B 385 -5.46 -9.97 -15.08
N GLU B 386 -5.11 -8.90 -14.38
CA GLU B 386 -5.59 -7.57 -14.69
C GLU B 386 -4.42 -6.60 -14.77
N ARG B 387 -4.73 -5.36 -15.15
CA ARG B 387 -3.69 -4.34 -15.25
C ARG B 387 -3.26 -3.84 -13.88
N HIS B 388 -4.20 -3.71 -12.95
CA HIS B 388 -3.83 -3.19 -11.64
C HIS B 388 -3.02 -4.19 -10.82
N GLU B 389 -3.00 -5.47 -11.22
CA GLU B 389 -2.09 -6.46 -10.64
C GLU B 389 -0.63 -6.15 -10.89
N VAL B 390 -0.32 -5.29 -11.88
CA VAL B 390 1.04 -4.78 -12.08
C VAL B 390 1.55 -4.04 -10.84
N ALA B 391 0.64 -3.51 -10.00
CA ALA B 391 1.02 -2.92 -8.72
C ALA B 391 1.76 -3.92 -7.84
N LYS B 392 1.27 -5.18 -7.79
CA LYS B 392 1.96 -6.23 -7.03
C LYS B 392 3.35 -6.54 -7.59
N PHE B 393 3.58 -6.17 -8.84
CA PHE B 393 4.87 -6.40 -9.45
C PHE B 393 5.89 -5.39 -8.92
N ILE B 394 5.48 -4.13 -8.72
CA ILE B 394 6.40 -3.04 -8.43
C ILE B 394 6.13 -2.38 -7.09
N GLY B 395 4.88 -2.25 -6.70
CA GLY B 395 4.58 -1.61 -5.44
C GLY B 395 3.43 -0.64 -5.60
N SER B 396 3.49 0.44 -4.82
CA SER B 396 2.40 1.39 -4.78
C SER B 396 2.94 2.81 -4.88
N PRO B 397 2.20 3.72 -5.53
CA PRO B 397 2.62 5.12 -5.62
C PRO B 397 2.52 5.80 -4.27
N PRO B 398 3.19 6.95 -4.09
CA PRO B 398 3.13 7.64 -2.79
C PRO B 398 1.73 8.14 -2.49
N GLY B 399 1.33 8.00 -1.23
CA GLY B 399 -0.01 8.37 -0.81
C GLY B 399 -1.00 7.24 -0.77
N TYR B 400 -0.54 5.99 -0.88
CA TYR B 400 -1.44 4.86 -0.97
C TYR B 400 -0.98 3.78 0.01
N VAL B 401 -1.86 2.81 0.26
CA VAL B 401 -1.53 1.75 1.20
C VAL B 401 -0.54 0.78 0.56
N GLY B 402 0.29 0.18 1.40
CA GLY B 402 1.33 -0.71 0.92
C GLY B 402 2.49 -0.02 0.25
N HIS B 403 2.55 1.31 0.29
CA HIS B 403 3.64 2.06 -0.33
C HIS B 403 4.94 1.87 0.43
N GLU B 404 4.84 1.72 1.76
CA GLU B 404 6.04 1.52 2.57
C GLU B 404 6.61 0.12 2.40
N GLU B 405 5.76 -0.85 2.08
CA GLU B 405 6.22 -2.23 1.95
C GLU B 405 7.02 -2.42 0.67
N GLY B 406 6.66 -1.72 -0.39
CA GLY B 406 7.31 -1.90 -1.68
C GLY B 406 6.70 -3.04 -2.47
N GLY B 407 7.40 -3.41 -3.54
CA GLY B 407 6.90 -4.46 -4.41
C GLY B 407 7.67 -5.76 -4.25
N GLN B 408 7.02 -6.86 -4.63
CA GLN B 408 7.55 -8.18 -4.30
C GLN B 408 8.76 -8.54 -5.16
N LEU B 409 8.64 -8.47 -6.49
CA LEU B 409 9.77 -8.83 -7.33
C LEU B 409 10.88 -7.80 -7.23
N THR B 410 10.54 -6.55 -6.90
CA THR B 410 11.55 -5.51 -6.73
C THR B 410 12.44 -5.81 -5.53
N LYS B 411 11.86 -6.08 -4.36
CA LYS B 411 12.71 -6.35 -3.21
C LYS B 411 13.35 -7.73 -3.28
N LYS B 412 12.70 -8.68 -3.97
CA LYS B 412 13.29 -10.00 -4.11
C LYS B 412 14.46 -9.99 -5.09
N LEU B 413 14.45 -9.06 -6.06
CA LEU B 413 15.61 -8.85 -6.90
C LEU B 413 16.63 -7.94 -6.22
N LYS B 414 16.19 -7.16 -5.24
CA LYS B 414 17.12 -6.34 -4.46
C LYS B 414 17.96 -7.20 -3.53
N GLN B 415 17.36 -8.26 -2.97
CA GLN B 415 18.09 -9.15 -2.07
C GLN B 415 19.20 -9.88 -2.80
N CYS B 416 18.92 -10.42 -3.98
CA CYS B 416 19.97 -11.00 -4.79
C CYS B 416 19.77 -10.63 -6.26
N PRO B 417 20.76 -9.97 -6.88
CA PRO B 417 20.54 -9.52 -8.27
C PRO B 417 20.71 -10.62 -9.29
N ASN B 418 21.46 -11.67 -8.98
CA ASN B 418 21.74 -12.74 -9.92
C ASN B 418 20.71 -13.86 -9.89
N ALA B 419 19.51 -13.56 -9.41
CA ALA B 419 18.51 -14.58 -9.14
C ALA B 419 17.94 -15.17 -10.43
N VAL B 420 17.60 -16.46 -10.37
CA VAL B 420 16.81 -17.08 -11.43
C VAL B 420 15.35 -16.78 -11.13
N VAL B 421 14.74 -15.95 -11.96
CA VAL B 421 13.37 -15.51 -11.77
C VAL B 421 12.49 -16.26 -12.76
N LEU B 422 11.56 -17.04 -12.25
CA LEU B 422 10.69 -17.88 -13.05
C LEU B 422 9.29 -17.30 -13.05
N PHE B 423 8.70 -17.17 -14.24
CA PHE B 423 7.34 -16.72 -14.44
C PHE B 423 6.52 -17.89 -14.98
N ASP B 424 5.75 -18.54 -14.12
CA ASP B 424 4.90 -19.65 -14.53
C ASP B 424 3.61 -19.14 -15.16
N GLN B 425 3.18 -19.81 -16.23
CA GLN B 425 1.96 -19.52 -16.99
C GLN B 425 1.93 -18.07 -17.47
N VAL B 426 2.99 -17.68 -18.16
CA VAL B 426 3.17 -16.27 -18.53
C VAL B 426 2.22 -15.87 -19.64
N ASP B 427 1.67 -16.86 -20.36
CA ASP B 427 0.68 -16.57 -21.39
C ASP B 427 -0.68 -16.25 -20.80
N LYS B 428 -0.91 -16.64 -19.55
CA LYS B 428 -2.23 -16.52 -18.95
C LYS B 428 -2.39 -15.23 -18.16
N ALA B 429 -1.35 -14.40 -18.12
CA ALA B 429 -1.47 -13.08 -17.52
C ALA B 429 -2.01 -12.08 -18.54
N HIS B 430 -2.38 -10.91 -18.04
CA HIS B 430 -2.81 -9.83 -18.90
C HIS B 430 -1.61 -9.28 -19.67
N PRO B 431 -1.79 -8.85 -20.92
CA PRO B 431 -0.65 -8.33 -21.70
C PRO B 431 -0.04 -7.05 -21.15
N ASP B 432 -0.80 -6.29 -20.36
CA ASP B 432 -0.25 -5.10 -19.72
C ASP B 432 0.64 -5.46 -18.54
N VAL B 433 0.68 -6.74 -18.16
CA VAL B 433 1.65 -7.16 -17.17
C VAL B 433 2.95 -7.58 -17.84
N LEU B 434 2.86 -8.11 -19.07
CA LEU B 434 4.04 -8.35 -19.89
C LEU B 434 4.68 -7.04 -20.33
N THR B 435 3.85 -6.01 -20.43
CA THR B 435 4.29 -4.67 -20.77
C THR B 435 5.34 -4.14 -19.79
N ILE B 436 5.21 -4.45 -18.51
CA ILE B 436 6.24 -4.01 -17.56
C ILE B 436 7.39 -5.00 -17.54
N MET B 437 7.20 -6.19 -18.12
CA MET B 437 8.27 -7.15 -18.21
C MET B 437 9.21 -6.82 -19.36
N LEU B 438 8.72 -5.96 -20.28
CA LEU B 438 9.53 -5.44 -21.38
C LEU B 438 10.85 -4.81 -20.92
N GLN B 439 10.77 -3.72 -20.16
CA GLN B 439 11.98 -3.00 -19.77
C GLN B 439 12.73 -3.72 -18.66
N LEU B 440 12.09 -4.70 -18.03
CA LEU B 440 12.81 -5.61 -17.14
C LEU B 440 13.75 -6.49 -17.94
N PHE B 441 13.27 -7.02 -19.07
CA PHE B 441 14.09 -7.93 -19.87
C PHE B 441 15.12 -7.19 -20.69
N ASP B 442 14.80 -5.97 -21.14
CA ASP B 442 15.64 -5.31 -22.14
C ASP B 442 16.96 -4.84 -21.55
N GLU B 443 16.91 -4.12 -20.42
CA GLU B 443 18.10 -3.53 -19.85
C GLU B 443 18.38 -3.93 -18.41
N GLY B 444 17.50 -4.70 -17.79
CA GLY B 444 17.75 -5.17 -16.44
C GLY B 444 17.49 -4.16 -15.34
N ARG B 445 16.78 -3.07 -15.63
CA ARG B 445 16.47 -2.06 -14.64
C ARG B 445 14.98 -2.08 -14.35
N LEU B 446 14.62 -2.09 -13.07
CA LEU B 446 13.23 -2.03 -12.64
C LEU B 446 13.06 -0.86 -11.67
N THR B 447 11.96 -0.13 -11.83
CA THR B 447 11.71 1.05 -11.01
C THR B 447 10.71 0.71 -9.90
N ASP B 448 11.12 0.92 -8.65
CA ASP B 448 10.26 0.69 -7.51
C ASP B 448 9.19 1.79 -7.42
N GLY B 449 8.22 1.57 -6.54
CA GLY B 449 7.22 2.60 -6.27
C GLY B 449 7.73 3.76 -5.45
N LYS B 450 8.91 3.62 -4.86
CA LYS B 450 9.51 4.67 -4.03
C LYS B 450 10.62 5.42 -4.75
N GLY B 451 10.77 5.22 -6.07
CA GLY B 451 11.82 5.86 -6.83
C GLY B 451 13.12 5.08 -6.92
N LYS B 452 13.23 3.99 -6.18
CA LYS B 452 14.42 3.15 -6.24
C LYS B 452 14.48 2.41 -7.58
N THR B 453 15.68 2.33 -8.15
CA THR B 453 15.91 1.54 -9.35
C THR B 453 16.80 0.36 -8.99
N ILE B 454 16.34 -0.84 -9.33
CA ILE B 454 17.04 -2.08 -9.03
C ILE B 454 17.63 -2.61 -10.33
N ASP B 455 18.93 -2.88 -10.30
CA ASP B 455 19.62 -3.51 -11.41
C ASP B 455 19.55 -5.02 -11.24
N CYS B 456 18.87 -5.67 -12.17
CA CYS B 456 18.85 -7.12 -12.31
C CYS B 456 19.62 -7.49 -13.58
N LYS B 457 20.77 -6.83 -13.72
CA LYS B 457 21.50 -6.77 -14.97
C LYS B 457 22.08 -8.12 -15.35
N ASP B 458 22.52 -8.88 -14.36
CA ASP B 458 23.02 -10.24 -14.57
C ASP B 458 22.02 -11.32 -14.15
N ALA B 459 20.75 -10.99 -14.02
CA ALA B 459 19.76 -12.00 -13.64
C ALA B 459 19.43 -12.90 -14.83
N ILE B 460 18.76 -14.00 -14.54
CA ILE B 460 18.30 -14.95 -15.55
C ILE B 460 16.79 -15.06 -15.41
N PHE B 461 16.07 -14.76 -16.47
CA PHE B 461 14.61 -14.81 -16.46
C PHE B 461 14.13 -15.99 -17.30
N ILE B 462 13.26 -16.80 -16.72
CA ILE B 462 12.65 -17.93 -17.38
C ILE B 462 11.15 -17.69 -17.39
N MET B 463 10.52 -17.86 -18.55
CA MET B 463 9.07 -17.78 -18.66
C MET B 463 8.57 -19.12 -19.14
N THR B 464 7.53 -19.65 -18.49
CA THR B 464 6.89 -20.88 -18.91
C THR B 464 5.52 -20.55 -19.45
N SER B 465 5.29 -20.86 -20.73
CA SER B 465 4.00 -20.62 -21.36
C SER B 465 3.55 -21.88 -22.06
N ASN B 466 2.26 -21.96 -22.32
CA ASN B 466 1.67 -23.16 -22.90
C ASN B 466 0.83 -22.88 -24.12
N VAL B 467 0.95 -21.69 -24.73
CA VAL B 467 0.24 -21.42 -25.97
C VAL B 467 0.93 -22.15 -27.12
N ALA B 468 0.16 -22.40 -28.18
CA ALA B 468 0.55 -23.18 -29.36
C ALA B 468 1.04 -24.59 -29.02
N SER B 469 0.60 -25.13 -27.89
CA SER B 469 1.06 -26.45 -27.47
C SER B 469 0.46 -27.55 -28.32
N ASP B 470 -0.80 -27.39 -28.72
CA ASP B 470 -1.45 -28.37 -29.56
C ASP B 470 -0.82 -28.42 -30.95
N GLU B 471 -0.46 -27.25 -31.49
CA GLU B 471 0.18 -27.21 -32.81
C GLU B 471 1.59 -27.78 -32.77
N ILE B 472 2.33 -27.50 -31.70
CA ILE B 472 3.67 -28.06 -31.52
C ILE B 472 3.60 -29.58 -31.42
N ALA B 473 2.66 -30.08 -30.61
CA ALA B 473 2.50 -31.52 -30.44
C ALA B 473 2.03 -32.19 -31.73
N GLN B 474 1.13 -31.53 -32.48
CA GLN B 474 0.63 -32.10 -33.73
C GLN B 474 1.72 -32.17 -34.79
N HIS B 475 2.51 -31.10 -34.93
CA HIS B 475 3.58 -31.12 -35.92
C HIS B 475 4.71 -32.06 -35.52
N ALA B 476 4.97 -32.19 -34.22
CA ALA B 476 5.97 -33.15 -33.76
C ALA B 476 5.51 -34.59 -34.03
N LEU B 477 4.22 -34.86 -33.82
CA LEU B 477 3.66 -36.18 -34.13
C LEU B 477 3.73 -36.47 -35.62
N GLN B 478 3.46 -35.46 -36.46
CA GLN B 478 3.54 -35.63 -37.90
C GLN B 478 4.98 -35.87 -38.36
N LEU B 479 5.94 -35.13 -37.78
CA LEU B 479 7.35 -35.35 -38.10
C LEU B 479 7.81 -36.74 -37.66
N ARG B 480 7.35 -37.20 -36.49
CA ARG B 480 7.77 -38.51 -36.01
C ARG B 480 7.16 -39.63 -36.83
N GLN B 481 5.90 -39.48 -37.28
CA GLN B 481 5.33 -40.54 -38.09
C GLN B 481 5.92 -40.55 -39.50
N GLU B 482 6.27 -39.38 -40.04
CA GLU B 482 6.94 -39.34 -41.33
C GLU B 482 8.35 -39.93 -41.25
N ALA B 483 9.07 -39.62 -40.16
CA ALA B 483 10.41 -40.16 -39.98
C ALA B 483 10.36 -41.66 -39.70
N LEU B 484 9.30 -42.12 -39.02
CA LEU B 484 9.14 -43.56 -38.78
C LEU B 484 8.82 -44.29 -40.08
N GLU B 485 8.00 -43.69 -40.94
CA GLU B 485 7.72 -44.29 -42.25
C GLU B 485 8.98 -44.35 -43.10
N MET B 486 9.76 -43.26 -43.10
CA MET B 486 11.01 -43.23 -43.87
C MET B 486 12.02 -44.23 -43.33
N SER B 487 12.13 -44.35 -42.01
CA SER B 487 13.08 -45.28 -41.40
C SER B 487 12.65 -46.73 -41.61
N ARG B 488 11.33 -46.99 -41.58
CA ARG B 488 10.86 -48.36 -41.82
C ARG B 488 11.04 -48.74 -43.28
N ASN B 489 10.88 -47.78 -44.20
CA ASN B 489 11.18 -48.04 -45.61
C ASN B 489 12.67 -48.27 -45.81
N ARG B 490 13.52 -47.55 -45.08
CA ARG B 490 14.96 -47.76 -45.17
C ARG B 490 15.37 -49.11 -44.58
N ILE B 491 14.67 -49.54 -43.52
CA ILE B 491 14.92 -50.86 -42.94
C ILE B 491 14.50 -51.96 -43.91
N ALA B 492 13.32 -51.80 -44.53
CA ALA B 492 12.83 -52.79 -45.49
C ALA B 492 13.66 -52.82 -46.77
N GLU B 493 14.29 -51.70 -47.12
CA GLU B 493 15.21 -51.64 -48.25
C GLU B 493 16.65 -51.94 -47.85
N ASN B 494 16.86 -52.45 -46.64
CA ASN B 494 18.15 -52.91 -46.11
C ASN B 494 19.18 -51.77 -46.08
N LEU B 495 18.87 -50.74 -45.30
CA LEU B 495 19.79 -49.65 -44.98
C LEU B 495 19.97 -49.61 -43.47
N GLY B 496 21.01 -50.27 -42.99
CA GLY B 496 21.31 -50.30 -41.57
C GLY B 496 22.75 -49.98 -41.26
N ASP B 497 23.49 -49.51 -42.26
CA ASP B 497 24.88 -49.12 -42.09
C ASP B 497 25.03 -47.65 -41.69
N VAL B 498 23.94 -46.92 -41.55
CA VAL B 498 23.95 -45.52 -41.15
C VAL B 498 23.30 -45.42 -39.78
N GLN B 499 23.97 -44.76 -38.85
CA GLN B 499 23.48 -44.59 -37.48
C GLN B 499 22.32 -43.60 -37.51
N ILE B 500 21.09 -44.12 -37.46
CA ILE B 500 19.89 -43.30 -37.48
C ILE B 500 19.71 -42.70 -36.08
N SER B 501 20.16 -41.46 -35.92
CA SER B 501 20.10 -40.81 -34.61
C SER B 501 18.69 -40.31 -34.33
N ASP B 502 18.25 -40.50 -33.08
CA ASP B 502 16.88 -40.17 -32.68
C ASP B 502 16.82 -38.72 -32.19
N LYS B 503 16.85 -37.80 -33.15
CA LYS B 503 16.69 -36.37 -32.88
C LYS B 503 15.99 -35.73 -34.07
N ILE B 504 14.73 -35.34 -33.88
CA ILE B 504 13.94 -34.67 -34.90
C ILE B 504 13.69 -33.24 -34.44
N THR B 505 14.03 -32.28 -35.30
CA THR B 505 14.11 -30.88 -34.92
C THR B 505 13.09 -30.04 -35.68
N ILE B 506 12.62 -28.97 -35.02
CA ILE B 506 11.72 -28.03 -35.66
C ILE B 506 12.53 -27.08 -36.53
N SER B 507 12.07 -26.88 -37.76
CA SER B 507 12.74 -25.97 -38.67
C SER B 507 12.52 -24.52 -38.26
N LYS B 508 13.34 -23.63 -38.85
CA LYS B 508 13.15 -22.20 -38.65
C LYS B 508 11.92 -21.69 -39.36
N ASN B 509 11.55 -22.34 -40.48
CA ASN B 509 10.39 -21.93 -41.25
C ASN B 509 9.09 -22.16 -40.48
N PHE B 510 9.01 -23.26 -39.73
CA PHE B 510 7.87 -23.47 -38.84
C PHE B 510 7.86 -22.43 -37.71
N LYS B 511 9.03 -22.13 -37.17
CA LYS B 511 9.17 -21.18 -36.08
C LYS B 511 8.77 -19.76 -36.47
N GLU B 512 8.95 -19.40 -37.74
CA GLU B 512 8.49 -18.11 -38.25
C GLU B 512 7.06 -18.14 -38.78
N ASN B 513 6.59 -19.27 -39.30
CA ASN B 513 5.39 -19.29 -40.12
C ASN B 513 4.10 -19.48 -39.32
N VAL B 514 4.11 -20.32 -38.28
CA VAL B 514 2.88 -20.66 -37.59
C VAL B 514 2.98 -20.32 -36.10
N ILE B 515 4.10 -20.70 -35.48
CA ILE B 515 4.29 -20.45 -34.05
C ILE B 515 4.43 -18.95 -33.78
N ARG B 516 5.16 -18.25 -34.66
CA ARG B 516 5.34 -16.80 -34.50
C ARG B 516 4.04 -16.00 -34.63
N PRO B 517 3.15 -16.22 -35.63
CA PRO B 517 1.88 -15.46 -35.58
C PRO B 517 0.95 -15.86 -34.44
N ILE B 518 1.02 -17.09 -33.93
CA ILE B 518 0.23 -17.46 -32.76
C ILE B 518 0.71 -16.72 -31.53
N LEU B 519 2.04 -16.67 -31.35
CA LEU B 519 2.62 -15.90 -30.25
C LEU B 519 2.36 -14.41 -30.40
N LYS B 520 2.38 -13.91 -31.63
CA LYS B 520 2.12 -12.50 -31.88
C LYS B 520 0.64 -12.17 -31.67
N ALA B 521 -0.26 -13.12 -31.93
CA ALA B 521 -1.67 -12.89 -31.68
C ALA B 521 -1.98 -12.96 -30.19
N HIS B 522 -1.29 -13.83 -29.46
CA HIS B 522 -1.59 -13.97 -28.04
C HIS B 522 -0.96 -12.86 -27.22
N PHE B 523 0.35 -12.64 -27.36
CA PHE B 523 1.04 -11.64 -26.56
C PHE B 523 0.85 -10.22 -27.06
N ARG B 524 0.37 -10.06 -28.30
CA ARG B 524 -0.05 -8.81 -28.98
C ARG B 524 0.96 -7.66 -28.88
N ARG B 525 2.24 -7.95 -28.68
CA ARG B 525 3.32 -6.96 -28.75
C ARG B 525 4.54 -7.64 -29.34
N ASP B 526 5.01 -7.16 -30.49
CA ASP B 526 6.16 -7.79 -31.14
C ASP B 526 7.46 -7.47 -30.41
N GLU B 527 7.49 -6.37 -29.65
CA GLU B 527 8.68 -6.04 -28.87
C GLU B 527 8.87 -7.02 -27.71
N PHE B 528 7.77 -7.58 -27.18
CA PHE B 528 7.89 -8.54 -26.10
C PHE B 528 8.50 -9.85 -26.58
N LEU B 529 8.14 -10.28 -27.79
CA LEU B 529 8.81 -11.44 -28.36
C LEU B 529 10.20 -11.10 -28.83
N GLY B 530 10.45 -9.83 -29.16
CA GLY B 530 11.76 -9.42 -29.60
C GLY B 530 12.78 -9.37 -28.47
N ARG B 531 12.33 -9.08 -27.25
CA ARG B 531 13.27 -9.02 -26.14
C ARG B 531 13.72 -10.40 -25.67
N ILE B 532 12.97 -11.46 -26.01
CA ILE B 532 13.28 -12.79 -25.51
C ILE B 532 14.49 -13.36 -26.26
N ASN B 533 15.51 -13.76 -25.50
CA ASN B 533 16.77 -14.18 -26.10
C ASN B 533 16.66 -15.60 -26.67
N GLU B 534 16.22 -16.56 -25.86
CA GLU B 534 15.99 -17.90 -26.39
C GLU B 534 14.52 -18.29 -26.30
N ILE B 535 14.01 -18.82 -27.40
CA ILE B 535 12.73 -19.53 -27.44
C ILE B 535 13.06 -21.02 -27.45
N VAL B 536 12.62 -21.72 -26.42
CA VAL B 536 12.97 -23.13 -26.23
C VAL B 536 11.71 -23.97 -26.33
N TYR B 537 11.74 -24.98 -27.18
CA TYR B 537 10.61 -25.85 -27.41
C TYR B 537 10.78 -27.15 -26.62
N PHE B 538 9.65 -27.72 -26.22
CA PHE B 538 9.62 -28.95 -25.44
C PHE B 538 8.79 -29.97 -26.20
N LEU B 539 9.47 -30.91 -26.84
CA LEU B 539 8.83 -31.93 -27.68
C LEU B 539 8.07 -32.94 -26.84
N PRO B 540 6.98 -33.50 -27.37
CA PRO B 540 6.25 -34.55 -26.64
C PRO B 540 7.07 -35.82 -26.50
N PHE B 541 6.70 -36.63 -25.52
CA PHE B 541 7.53 -37.76 -25.12
C PHE B 541 7.48 -38.88 -26.16
N CYS B 542 8.63 -39.53 -26.34
CA CYS B 542 8.71 -40.73 -27.16
C CYS B 542 8.24 -41.94 -26.36
N HIS B 543 8.19 -43.09 -27.03
CA HIS B 543 7.79 -44.33 -26.35
C HIS B 543 8.88 -44.78 -25.37
N SER B 544 10.15 -44.71 -25.79
CA SER B 544 11.24 -45.04 -24.89
C SER B 544 11.36 -44.00 -23.79
N GLU B 545 11.02 -42.74 -24.09
CA GLU B 545 10.96 -41.72 -23.06
C GLU B 545 9.82 -42.00 -22.08
N LEU B 546 8.70 -42.53 -22.57
CA LEU B 546 7.61 -42.92 -21.68
C LEU B 546 8.04 -44.07 -20.77
N ILE B 547 8.78 -45.04 -21.31
CA ILE B 547 9.31 -46.14 -20.49
C ILE B 547 10.30 -45.62 -19.45
N GLN B 548 11.17 -44.70 -19.85
CA GLN B 548 12.14 -44.10 -18.93
C GLN B 548 11.43 -43.32 -17.83
N LEU B 549 10.32 -42.66 -18.17
CA LEU B 549 9.54 -41.93 -17.17
C LEU B 549 8.87 -42.86 -16.18
N VAL B 550 8.27 -43.97 -16.65
CA VAL B 550 7.58 -44.86 -15.72
C VAL B 550 8.58 -45.62 -14.84
N ASN B 551 9.76 -45.96 -15.38
CA ASN B 551 10.78 -46.56 -14.53
C ASN B 551 11.35 -45.55 -13.53
N LYS B 552 11.46 -44.27 -13.92
CA LYS B 552 11.92 -43.25 -12.98
C LYS B 552 10.93 -43.07 -11.84
N GLU B 553 9.63 -43.08 -12.15
CA GLU B 553 8.63 -42.91 -11.11
C GLU B 553 8.54 -44.14 -10.20
N LEU B 554 8.64 -45.34 -10.79
CA LEU B 554 8.64 -46.56 -9.98
C LEU B 554 9.93 -46.68 -9.16
N ASN B 555 11.03 -46.15 -9.67
CA ASN B 555 12.26 -46.11 -8.88
C ASN B 555 12.16 -45.12 -7.75
N PHE B 556 11.44 -44.02 -7.95
CA PHE B 556 11.15 -43.11 -6.84
C PHE B 556 10.30 -43.80 -5.77
N TRP B 557 9.29 -44.57 -6.19
CA TRP B 557 8.46 -45.29 -5.23
C TRP B 557 9.25 -46.35 -4.48
N ALA B 558 10.10 -47.09 -5.20
CA ALA B 558 10.92 -48.14 -4.59
C ALA B 558 11.97 -47.56 -3.67
N LYS B 559 12.56 -46.41 -4.04
CA LYS B 559 13.54 -45.76 -3.19
C LYS B 559 12.88 -45.21 -1.93
N ARG B 560 11.66 -44.68 -2.06
CA ARG B 560 10.92 -44.22 -0.89
C ARG B 560 10.58 -45.37 0.05
N ALA B 561 10.17 -46.52 -0.53
CA ALA B 561 9.87 -47.68 0.30
C ALA B 561 11.12 -48.25 0.97
N LYS B 562 12.26 -48.23 0.26
CA LYS B 562 13.48 -48.78 0.82
C LYS B 562 14.07 -47.86 1.89
N GLN B 563 13.94 -46.54 1.71
CA GLN B 563 14.48 -45.62 2.70
C GLN B 563 13.48 -45.24 3.78
N ARG B 564 12.24 -45.73 3.70
CA ARG B 564 11.26 -45.47 4.75
C ARG B 564 10.80 -46.72 5.49
N HIS B 565 10.65 -47.85 4.79
CA HIS B 565 10.24 -49.08 5.45
C HIS B 565 11.05 -50.29 5.02
N ASN B 566 12.10 -50.10 4.20
CA ASN B 566 13.05 -51.13 3.80
C ASN B 566 12.39 -52.30 3.06
N ILE B 567 11.62 -51.97 2.03
CA ILE B 567 10.92 -52.95 1.21
C ILE B 567 11.40 -52.80 -0.23
N THR B 568 11.79 -53.91 -0.84
CA THR B 568 12.28 -53.94 -2.21
C THR B 568 11.18 -54.43 -3.14
N LEU B 569 11.05 -53.77 -4.30
CA LEU B 569 9.99 -54.05 -5.26
C LEU B 569 10.56 -54.14 -6.66
N LEU B 570 9.98 -55.01 -7.48
CA LEU B 570 10.47 -55.31 -8.82
C LEU B 570 9.32 -55.22 -9.82
N TRP B 571 9.65 -54.84 -11.06
CA TRP B 571 8.68 -54.75 -12.14
C TRP B 571 9.17 -55.56 -13.33
N ASP B 572 8.23 -55.96 -14.19
CA ASP B 572 8.52 -56.70 -15.41
C ASP B 572 8.25 -55.82 -16.64
N ARG B 573 8.55 -56.39 -17.81
CA ARG B 573 8.47 -55.60 -19.04
C ARG B 573 7.02 -55.40 -19.49
N GLU B 574 6.15 -56.38 -19.24
CA GLU B 574 4.75 -56.22 -19.58
C GLU B 574 4.06 -55.26 -18.63
N VAL B 575 4.52 -55.20 -17.38
CA VAL B 575 4.02 -54.23 -16.40
C VAL B 575 4.36 -52.81 -16.86
N ALA B 576 5.60 -52.62 -17.31
CA ALA B 576 6.02 -51.31 -17.81
C ALA B 576 5.27 -50.93 -19.08
N ASP B 577 5.03 -51.91 -19.97
CA ASP B 577 4.25 -51.65 -21.19
C ASP B 577 2.82 -51.28 -20.86
N VAL B 578 2.22 -51.93 -19.86
CA VAL B 578 0.86 -51.59 -19.42
C VAL B 578 0.83 -50.18 -18.83
N LEU B 579 1.87 -49.81 -18.07
CA LEU B 579 1.91 -48.49 -17.47
C LEU B 579 2.13 -47.39 -18.52
N VAL B 580 2.88 -47.71 -19.58
CA VAL B 580 2.97 -46.79 -20.71
C VAL B 580 1.63 -46.68 -21.44
N ASP B 581 0.88 -47.79 -21.50
CA ASP B 581 -0.40 -47.80 -22.19
C ASP B 581 -1.47 -46.92 -21.54
N GLY B 582 -1.28 -46.53 -20.29
CA GLY B 582 -2.22 -45.64 -19.62
C GLY B 582 -1.87 -44.17 -19.73
N TYR B 583 -1.42 -43.75 -20.91
CA TYR B 583 -0.98 -42.39 -21.17
C TYR B 583 -1.99 -41.66 -22.03
N ASN B 584 -2.22 -40.39 -21.72
CA ASN B 584 -3.09 -39.52 -22.51
C ASN B 584 -2.24 -38.55 -23.30
N VAL B 585 -2.51 -38.44 -24.60
CA VAL B 585 -1.68 -37.63 -25.48
C VAL B 585 -1.86 -36.14 -25.20
N HIS B 586 -3.10 -35.74 -24.84
CA HIS B 586 -3.39 -34.33 -24.56
C HIS B 586 -2.71 -33.84 -23.28
N TYR B 587 -2.27 -34.74 -22.42
CA TYR B 587 -1.44 -34.42 -21.27
C TYR B 587 -0.08 -35.09 -21.48
N GLY B 588 0.73 -35.09 -20.42
CA GLY B 588 2.04 -35.71 -20.51
C GLY B 588 2.38 -36.57 -19.31
N ALA B 589 3.47 -36.21 -18.64
CA ALA B 589 3.96 -37.00 -17.52
C ALA B 589 3.04 -36.92 -16.30
N ARG B 590 2.18 -35.90 -16.23
CA ARG B 590 1.24 -35.82 -15.13
C ARG B 590 0.18 -36.90 -15.22
N SER B 591 -0.14 -37.34 -16.44
CA SER B 591 -1.10 -38.42 -16.62
C SER B 591 -0.57 -39.71 -16.00
N ILE B 592 0.70 -40.03 -16.26
CA ILE B 592 1.36 -41.16 -15.59
C ILE B 592 1.46 -40.90 -14.09
N LYS B 593 1.75 -39.65 -13.71
CA LYS B 593 1.95 -39.31 -12.30
C LYS B 593 0.65 -39.40 -11.51
N HIS B 594 -0.50 -39.42 -12.17
CA HIS B 594 -1.74 -39.69 -11.46
C HIS B 594 -2.46 -40.96 -11.91
N GLU B 595 -1.88 -41.78 -12.81
CA GLU B 595 -2.47 -43.10 -13.01
C GLU B 595 -1.68 -44.23 -12.37
N VAL B 596 -0.40 -44.01 -12.01
CA VAL B 596 0.36 -45.05 -11.32
C VAL B 596 -0.27 -45.39 -9.97
N GLU B 597 -0.72 -44.37 -9.23
CA GLU B 597 -1.31 -44.65 -7.92
C GLU B 597 -2.68 -45.30 -8.05
N ARG B 598 -3.44 -44.99 -9.11
CA ARG B 598 -4.70 -45.72 -9.29
C ARG B 598 -4.47 -47.08 -9.91
N ARG B 599 -3.28 -47.36 -10.43
CA ARG B 599 -2.97 -48.66 -11.00
C ARG B 599 -2.11 -49.52 -10.07
N VAL B 600 -1.18 -48.90 -9.34
CA VAL B 600 -0.16 -49.65 -8.60
C VAL B 600 -0.22 -49.33 -7.11
N VAL B 601 -0.12 -48.04 -6.77
CA VAL B 601 0.18 -47.66 -5.39
C VAL B 601 -1.06 -47.81 -4.50
N ASN B 602 -2.25 -47.83 -5.09
CA ASN B 602 -3.44 -48.17 -4.30
C ASN B 602 -3.43 -49.64 -3.88
N GLN B 603 -2.87 -50.51 -4.71
CA GLN B 603 -2.73 -51.91 -4.33
C GLN B 603 -1.59 -52.11 -3.33
N LEU B 604 -0.58 -51.25 -3.36
CA LEU B 604 0.46 -51.30 -2.33
C LEU B 604 -0.04 -50.77 -1.00
N ALA B 605 -0.79 -49.67 -1.02
CA ALA B 605 -1.28 -49.06 0.21
C ALA B 605 -2.39 -49.88 0.83
N ALA B 606 -3.27 -50.48 0.01
CA ALA B 606 -4.37 -51.26 0.52
C ALA B 606 -3.88 -52.58 1.11
N ALA B 607 -2.71 -53.05 0.67
CA ALA B 607 -2.11 -54.21 1.30
C ALA B 607 -1.46 -53.85 2.62
N TYR B 608 -1.18 -52.56 2.84
CA TYR B 608 -0.31 -52.17 3.95
C TYR B 608 -1.05 -52.13 5.28
N GLU B 609 -2.37 -51.95 5.29
CA GLU B 609 -3.07 -52.02 6.57
C GLU B 609 -3.40 -53.44 6.98
N GLN B 610 -3.21 -54.41 6.08
CA GLN B 610 -3.45 -55.81 6.39
C GLN B 610 -2.20 -56.50 6.93
N ASP B 611 -1.14 -55.72 7.18
CA ASP B 611 0.12 -56.17 7.78
C ASP B 611 0.79 -57.28 6.98
N LEU B 612 0.62 -57.25 5.66
CA LEU B 612 1.11 -58.30 4.77
C LEU B 612 2.50 -58.01 4.25
N LEU B 613 3.12 -56.91 4.67
CA LEU B 613 4.42 -56.48 4.16
C LEU B 613 5.39 -56.38 5.33
N PRO B 614 6.11 -57.46 5.64
CA PRO B 614 7.08 -57.41 6.74
C PRO B 614 8.34 -56.66 6.35
N GLY B 615 9.27 -56.59 7.31
CA GLY B 615 10.53 -55.92 7.04
C GLY B 615 11.43 -56.76 6.15
N GLY B 616 12.00 -56.11 5.14
CA GLY B 616 12.92 -56.76 4.23
C GLY B 616 12.30 -57.68 3.21
N CYS B 617 10.98 -57.69 3.09
CA CYS B 617 10.32 -58.55 2.12
C CYS B 617 10.51 -58.02 0.70
N THR B 618 10.35 -58.91 -0.28
CA THR B 618 10.56 -58.59 -1.69
C THR B 618 9.27 -58.81 -2.45
N LEU B 619 8.81 -57.76 -3.13
CA LEU B 619 7.59 -57.76 -3.92
C LEU B 619 7.92 -57.70 -5.40
N ARG B 620 7.09 -58.35 -6.21
CA ARG B 620 7.17 -58.21 -7.66
C ARG B 620 5.77 -57.93 -8.18
N ILE B 621 5.65 -56.91 -9.02
CA ILE B 621 4.37 -56.59 -9.65
C ILE B 621 4.30 -57.32 -10.98
N THR B 622 3.19 -58.02 -11.23
CA THR B 622 2.99 -58.75 -12.47
C THR B 622 1.65 -58.40 -13.09
N VAL B 623 1.60 -58.44 -14.42
CA VAL B 623 0.34 -58.33 -15.14
C VAL B 623 -0.53 -59.53 -14.81
N GLU B 624 -1.83 -59.30 -14.70
CA GLU B 624 -2.75 -60.34 -14.26
C GLU B 624 -2.92 -61.38 -15.36
N ASP B 625 -2.83 -62.66 -14.99
CA ASP B 625 -2.88 -63.74 -15.98
C ASP B 625 -4.26 -63.88 -16.58
N SER B 626 -5.30 -63.55 -15.82
CA SER B 626 -6.64 -63.49 -16.39
C SER B 626 -6.82 -62.23 -17.23
N ASP B 627 -6.09 -61.16 -16.92
CA ASP B 627 -6.19 -59.91 -17.65
C ASP B 627 -5.03 -59.69 -18.61
N LYS B 628 -4.22 -60.72 -18.88
CA LYS B 628 -3.21 -60.63 -19.93
C LYS B 628 -3.85 -60.56 -21.31
N GLN B 629 -5.06 -61.11 -21.47
CA GLN B 629 -5.74 -61.10 -22.75
C GLN B 629 -6.18 -59.69 -23.14
N LEU B 630 -6.68 -58.92 -22.18
CA LEU B 630 -7.21 -57.60 -22.45
C LEU B 630 -6.11 -56.54 -22.39
N PRO B 646 -7.32 -55.34 -17.89
CA PRO B 646 -5.87 -55.16 -17.75
C PRO B 646 -5.51 -54.64 -16.36
N LYS B 647 -5.17 -55.54 -15.44
CA LYS B 647 -4.88 -55.17 -14.06
C LYS B 647 -3.52 -55.72 -13.65
N LEU B 648 -3.02 -55.20 -12.54
CA LEU B 648 -1.72 -55.57 -12.00
C LEU B 648 -1.91 -56.19 -10.63
N ARG B 649 -1.03 -57.12 -10.27
CA ARG B 649 -1.11 -57.81 -8.98
C ARG B 649 0.27 -57.86 -8.32
N LEU B 650 0.26 -57.70 -7.00
CA LEU B 650 1.46 -57.87 -6.20
C LEU B 650 1.73 -59.34 -5.95
N GLU B 651 3.01 -59.67 -5.78
CA GLU B 651 3.39 -61.08 -5.64
C GLU B 651 4.67 -61.13 -4.82
N ILE B 652 4.56 -61.51 -3.56
CA ILE B 652 5.70 -61.53 -2.65
C ILE B 652 6.50 -62.80 -2.88
N ILE B 653 7.81 -62.65 -3.11
CA ILE B 653 8.67 -63.78 -3.40
C ILE B 653 9.44 -64.14 -2.14
N ASP B 654 9.36 -65.40 -1.73
CA ASP B 654 10.03 -65.88 -0.53
C ASP B 654 11.48 -66.22 -0.86
N LYS B 655 12.21 -66.71 0.16
CA LYS B 655 13.62 -67.05 -0.01
C LYS B 655 13.81 -68.31 -0.84
N ASP B 656 12.83 -69.21 -0.82
CA ASP B 656 12.87 -70.45 -1.61
C ASP B 656 12.20 -70.28 -2.97
N SER B 657 12.18 -69.05 -3.51
CA SER B 657 11.64 -68.67 -4.81
C SER B 657 10.15 -68.96 -4.96
N LYS B 658 9.43 -69.17 -3.86
CA LYS B 658 8.00 -69.35 -3.93
C LYS B 658 7.29 -68.01 -3.88
N THR B 659 6.09 -67.98 -4.45
CA THR B 659 5.37 -66.74 -4.68
C THR B 659 4.03 -66.76 -3.95
N ARG B 660 3.68 -65.63 -3.34
CA ARG B 660 2.45 -65.49 -2.58
C ARG B 660 1.68 -64.30 -3.11
N ARG B 661 0.40 -64.51 -3.44
CA ARG B 661 -0.45 -63.45 -3.95
C ARG B 661 -1.13 -62.74 -2.80
N LEU B 662 -1.27 -61.43 -2.92
CA LEU B 662 -1.84 -60.59 -1.88
C LEU B 662 -3.28 -60.28 -2.24
N ASP B 663 -4.21 -60.69 -1.39
CA ASP B 663 -5.63 -60.45 -1.63
C ASP B 663 -6.06 -59.10 -1.08
N LYS C 298 34.87 29.23 -26.21
CA LYS C 298 34.89 29.58 -27.62
C LYS C 298 35.54 28.50 -28.46
N GLU C 300 32.90 26.72 -27.63
CA GLU C 300 32.77 25.30 -27.93
C GLU C 300 32.24 25.12 -29.35
N ALA C 301 31.84 26.23 -29.97
CA ALA C 301 31.21 26.20 -31.29
C ALA C 301 32.17 25.70 -32.36
N GLU C 302 33.48 25.89 -32.16
CA GLU C 302 34.49 25.33 -33.04
C GLU C 302 34.41 23.81 -33.09
N GLU C 303 34.14 23.18 -31.93
CA GLU C 303 33.87 21.75 -31.89
C GLU C 303 32.65 21.40 -32.73
N ARG C 304 31.61 22.24 -32.67
CA ARG C 304 30.43 22.06 -33.50
C ARG C 304 30.75 22.25 -34.98
N ARG C 305 31.80 23.02 -35.29
CA ARG C 305 32.24 23.08 -36.67
C ARG C 305 33.02 21.84 -37.08
N ARG C 306 33.71 21.18 -36.14
CA ARG C 306 34.64 20.13 -36.54
C ARG C 306 34.07 18.72 -36.40
N PHE C 307 33.05 18.53 -35.55
CA PHE C 307 32.52 17.19 -35.32
C PHE C 307 31.10 17.31 -34.78
N PRO C 308 30.09 17.38 -35.66
CA PRO C 308 28.73 17.70 -35.23
C PRO C 308 28.04 16.50 -34.58
N LEU C 309 26.75 16.69 -34.27
CA LEU C 309 25.96 15.62 -33.69
C LEU C 309 25.73 14.48 -34.68
N GLU C 310 25.60 14.79 -35.97
CA GLU C 310 25.30 13.78 -36.99
C GLU C 310 26.39 12.72 -37.09
N GLN C 311 27.65 13.13 -36.93
CA GLN C 311 28.75 12.17 -36.93
C GLN C 311 28.73 11.29 -35.69
N ARG C 312 28.44 11.88 -34.52
CA ARG C 312 28.40 11.11 -33.28
C ARG C 312 27.24 10.13 -33.27
N LEU C 313 26.11 10.52 -33.84
CA LEU C 313 24.97 9.60 -33.92
C LEU C 313 25.20 8.53 -34.96
N LYS C 314 25.80 8.88 -36.10
CA LYS C 314 26.10 7.89 -37.13
C LYS C 314 27.28 6.99 -36.76
N GLU C 315 28.02 7.32 -35.70
CA GLU C 315 28.98 6.37 -35.14
C GLU C 315 28.33 5.36 -34.19
N HIS C 316 27.03 5.50 -33.91
CA HIS C 316 26.35 4.55 -33.04
C HIS C 316 25.04 4.06 -33.63
N ILE C 317 24.42 4.88 -34.48
CA ILE C 317 23.10 4.59 -35.05
C ILE C 317 23.22 4.59 -36.57
N ILE C 318 22.86 3.47 -37.20
CA ILE C 318 23.01 3.28 -38.64
C ILE C 318 21.64 3.05 -39.25
N GLY C 319 21.47 3.53 -40.48
CA GLY C 319 20.22 3.34 -41.20
C GLY C 319 19.09 4.26 -40.81
N GLN C 320 19.34 5.23 -39.93
CA GLN C 320 18.30 6.15 -39.50
C GLN C 320 18.71 7.59 -39.79
N GLU C 321 19.21 7.84 -41.01
CA GLU C 321 19.83 9.12 -41.33
C GLU C 321 18.82 10.25 -41.38
N SER C 322 17.55 9.95 -41.71
CA SER C 322 16.51 10.97 -41.67
C SER C 322 16.21 11.40 -40.24
N ALA C 323 16.10 10.43 -39.33
CA ALA C 323 15.84 10.72 -37.92
C ALA C 323 17.03 11.46 -37.29
N ILE C 324 18.24 11.01 -37.60
CA ILE C 324 19.46 11.66 -37.11
C ILE C 324 19.54 13.09 -37.62
N ALA C 325 19.21 13.31 -38.90
CA ALA C 325 19.22 14.65 -39.47
C ALA C 325 18.20 15.56 -38.80
N THR C 326 17.01 15.04 -38.51
CA THR C 326 15.96 15.83 -37.86
C THR C 326 16.37 16.24 -36.44
N VAL C 327 16.83 15.27 -35.63
CA VAL C 327 17.19 15.59 -34.26
C VAL C 327 18.46 16.44 -34.20
N GLY C 328 19.37 16.25 -35.15
CA GLY C 328 20.57 17.07 -35.20
C GLY C 328 20.26 18.50 -35.59
N ALA C 329 19.32 18.70 -36.50
CA ALA C 329 18.88 20.05 -36.87
C ALA C 329 18.22 20.74 -35.68
N ALA C 330 17.41 20.01 -34.92
CA ALA C 330 16.74 20.62 -33.77
C ALA C 330 17.74 20.97 -32.66
N ILE C 331 18.72 20.11 -32.40
CA ILE C 331 19.70 20.40 -31.36
C ILE C 331 20.65 21.52 -31.80
N ARG C 332 21.00 21.57 -33.09
CA ARG C 332 21.77 22.68 -33.64
C ARG C 332 21.02 24.00 -33.49
N ARG C 333 19.70 23.97 -33.75
CA ARG C 333 18.87 25.16 -33.57
C ARG C 333 18.79 25.58 -32.11
N LYS C 334 18.79 24.61 -31.20
CA LYS C 334 18.74 24.93 -29.77
C LYS C 334 20.04 25.53 -29.28
N GLU C 335 21.19 24.94 -29.64
CA GLU C 335 22.45 25.35 -29.04
C GLU C 335 22.97 26.67 -29.61
N ASN C 336 22.52 27.05 -30.80
CA ASN C 336 22.99 28.32 -31.35
C ASN C 336 22.24 29.53 -30.83
N GLY C 337 21.34 29.39 -29.86
CA GLY C 337 20.53 30.51 -29.45
C GLY C 337 19.44 30.85 -30.42
N TRP C 338 19.06 29.90 -31.28
CA TRP C 338 18.05 30.13 -32.31
C TRP C 338 16.71 29.48 -31.97
N TYR C 339 16.50 29.10 -30.71
CA TYR C 339 15.27 28.45 -30.29
C TYR C 339 14.69 29.24 -29.12
N ASP C 340 13.37 29.36 -29.10
CA ASP C 340 12.68 30.05 -28.02
C ASP C 340 12.84 29.27 -26.71
N GLU C 341 13.20 30.00 -25.66
CA GLU C 341 13.37 29.40 -24.33
C GLU C 341 12.08 29.39 -23.53
N GLU C 342 10.97 29.80 -24.12
CA GLU C 342 9.69 29.74 -23.42
C GLU C 342 9.21 28.31 -23.25
N HIS C 343 9.44 27.46 -24.26
CA HIS C 343 8.90 26.11 -24.26
C HIS C 343 10.03 25.10 -24.49
N PRO C 344 9.99 23.93 -23.85
CA PRO C 344 11.04 22.94 -24.05
C PRO C 344 10.84 22.16 -25.34
N LEU C 345 11.92 21.53 -25.79
CA LEU C 345 11.91 20.81 -27.06
C LEU C 345 11.48 19.37 -26.86
N VAL C 346 10.46 18.94 -27.58
CA VAL C 346 9.79 17.66 -27.37
C VAL C 346 9.89 16.82 -28.64
N PHE C 347 10.39 15.59 -28.48
CA PHE C 347 10.54 14.64 -29.57
C PHE C 347 9.68 13.42 -29.29
N LEU C 348 9.12 12.83 -30.34
CA LEU C 348 8.42 11.56 -30.22
C LEU C 348 8.90 10.62 -31.33
N PHE C 349 9.62 9.57 -30.94
CA PHE C 349 10.21 8.62 -31.89
C PHE C 349 9.21 7.50 -32.14
N LEU C 350 8.83 7.32 -33.40
CA LEU C 350 7.92 6.27 -33.82
C LEU C 350 8.65 5.31 -34.73
N GLY C 351 8.60 4.01 -34.40
CA GLY C 351 9.22 3.02 -35.26
C GLY C 351 8.93 1.62 -34.79
N SER C 352 9.52 0.66 -35.49
CA SER C 352 9.46 -0.72 -35.07
C SER C 352 10.41 -0.97 -33.90
N SER C 353 10.28 -2.13 -33.27
CA SER C 353 11.09 -2.44 -32.12
C SER C 353 12.51 -2.77 -32.55
N GLY C 354 13.48 -2.45 -31.68
CA GLY C 354 14.88 -2.69 -31.95
C GLY C 354 15.44 -1.91 -33.11
N ILE C 355 15.06 -0.66 -33.27
CA ILE C 355 15.45 0.13 -34.43
C ILE C 355 16.37 1.24 -33.97
N GLY C 356 16.51 1.41 -32.66
CA GLY C 356 17.47 2.31 -32.09
C GLY C 356 16.92 3.59 -31.50
N LYS C 357 15.65 3.62 -31.12
CA LYS C 357 15.07 4.86 -30.58
C LYS C 357 15.59 5.16 -29.18
N THR C 358 15.61 4.14 -28.31
CA THR C 358 16.09 4.31 -26.95
C THR C 358 17.58 4.63 -26.94
N GLU C 359 18.36 3.99 -27.80
CA GLU C 359 19.79 4.28 -27.86
C GLU C 359 20.07 5.62 -28.51
N LEU C 360 19.19 6.07 -29.42
CA LEU C 360 19.33 7.44 -29.93
C LEU C 360 19.11 8.46 -28.83
N ALA C 361 18.11 8.21 -27.97
CA ALA C 361 17.90 9.10 -26.82
C ALA C 361 19.07 9.06 -25.84
N LYS C 362 19.63 7.87 -25.60
CA LYS C 362 20.76 7.74 -24.69
C LYS C 362 22.01 8.43 -25.24
N GLN C 363 22.27 8.28 -26.54
CA GLN C 363 23.42 8.93 -27.15
C GLN C 363 23.22 10.44 -27.24
N THR C 364 21.98 10.89 -27.39
CA THR C 364 21.68 12.32 -27.34
C THR C 364 22.00 12.88 -25.94
N ALA C 365 21.62 12.15 -24.91
CA ALA C 365 21.94 12.57 -23.54
C ALA C 365 23.45 12.55 -23.27
N LYS C 366 24.16 11.58 -23.87
CA LYS C 366 25.62 11.56 -23.76
C LYS C 366 26.24 12.74 -24.48
N TYR C 367 25.63 13.18 -25.58
CA TYR C 367 26.12 14.36 -26.28
C TYR C 367 25.94 15.62 -25.46
N MET C 368 24.81 15.74 -24.76
CA MET C 368 24.62 16.94 -23.94
C MET C 368 25.50 16.91 -22.71
N HIS C 369 25.28 15.96 -21.81
CA HIS C 369 25.77 16.10 -20.45
C HIS C 369 27.07 15.35 -20.20
N LYS C 370 27.64 14.71 -21.24
CA LYS C 370 29.00 14.15 -21.22
C LYS C 370 29.17 13.08 -20.14
N ASP C 371 28.44 11.96 -20.31
CA ASP C 371 28.56 10.75 -19.49
C ASP C 371 28.15 10.99 -18.04
N ALA C 372 27.31 12.00 -17.79
CA ALA C 372 26.90 12.36 -16.44
C ALA C 372 25.57 11.71 -16.11
N LYS C 373 25.45 11.19 -14.89
CA LYS C 373 24.29 10.41 -14.50
C LYS C 373 23.05 11.28 -14.30
N LYS C 374 23.26 12.57 -13.99
CA LYS C 374 22.13 13.41 -13.59
C LYS C 374 21.44 14.02 -14.81
N GLY C 375 22.19 14.25 -15.89
CA GLY C 375 21.62 14.95 -17.03
C GLY C 375 20.73 14.07 -17.88
N PHE C 376 20.64 12.79 -17.56
CA PHE C 376 19.80 11.86 -18.29
C PHE C 376 18.77 11.28 -17.32
N ILE C 377 17.58 11.86 -17.31
CA ILE C 377 16.47 11.41 -16.46
C ILE C 377 15.65 10.44 -17.27
N ARG C 378 15.81 9.15 -17.00
CA ARG C 378 15.08 8.13 -17.73
C ARG C 378 13.91 7.65 -16.87
N LEU C 379 12.70 7.79 -17.40
CA LEU C 379 11.52 7.21 -16.80
C LEU C 379 10.90 6.24 -17.78
N ASP C 380 10.77 4.99 -17.36
CA ASP C 380 9.97 4.02 -18.09
C ASP C 380 8.52 4.33 -17.80
N MET C 381 7.74 4.56 -18.85
CA MET C 381 6.33 4.86 -18.61
C MET C 381 5.49 3.60 -18.58
N SER C 382 6.13 2.44 -18.64
CA SER C 382 5.42 1.17 -18.58
C SER C 382 4.93 0.87 -17.17
N GLU C 383 5.56 1.45 -16.16
CA GLU C 383 5.05 1.36 -14.79
C GLU C 383 3.76 2.16 -14.63
N PHE C 384 3.59 3.21 -15.44
CA PHE C 384 2.53 4.21 -15.25
C PHE C 384 1.29 3.80 -16.01
N GLN C 385 0.74 2.64 -15.65
CA GLN C 385 -0.38 2.05 -16.37
C GLN C 385 -1.74 2.41 -15.79
N GLU C 386 -1.79 2.96 -14.59
CA GLU C 386 -3.06 3.33 -13.97
C GLU C 386 -3.08 4.81 -13.69
N ARG C 387 -4.28 5.32 -13.40
CA ARG C 387 -4.46 6.77 -13.25
C ARG C 387 -3.72 7.32 -12.05
N HIS C 388 -3.62 6.55 -10.97
CA HIS C 388 -3.01 7.06 -9.76
C HIS C 388 -1.49 7.09 -9.81
N GLU C 389 -0.90 6.49 -10.85
CA GLU C 389 0.55 6.43 -11.02
C GLU C 389 1.16 7.80 -11.26
N VAL C 390 0.34 8.80 -11.60
CA VAL C 390 0.71 10.21 -11.67
C VAL C 390 1.32 10.70 -10.36
N ALA C 391 0.92 10.10 -9.23
CA ALA C 391 1.52 10.41 -7.93
C ALA C 391 3.02 10.18 -7.92
N LYS C 392 3.49 9.17 -8.68
CA LYS C 392 4.92 8.90 -8.79
C LYS C 392 5.68 10.06 -9.42
N PHE C 393 5.02 10.88 -10.22
CA PHE C 393 5.66 12.10 -10.71
C PHE C 393 5.78 13.14 -9.61
N ILE C 394 4.70 13.36 -8.84
CA ILE C 394 4.57 14.59 -8.08
C ILE C 394 4.47 14.35 -6.58
N GLY C 395 4.45 13.10 -6.14
CA GLY C 395 4.29 12.82 -4.73
C GLY C 395 2.85 12.93 -4.30
N SER C 396 2.66 12.70 -3.02
CA SER C 396 1.32 12.71 -2.45
C SER C 396 0.93 14.12 -2.03
N PRO C 397 -0.37 14.39 -1.88
CA PRO C 397 -0.83 15.68 -1.34
C PRO C 397 -0.48 15.83 0.13
N PRO C 398 -0.60 17.03 0.70
CA PRO C 398 -0.36 17.20 2.14
C PRO C 398 -1.29 16.36 3.00
N GLY C 399 -0.74 15.81 4.07
CA GLY C 399 -1.49 14.92 4.94
C GLY C 399 -1.36 13.46 4.62
N TYR C 400 -0.51 13.08 3.66
CA TYR C 400 -0.47 11.72 3.15
C TYR C 400 0.92 11.14 3.27
N VAL C 401 1.00 9.82 3.13
CA VAL C 401 2.26 9.11 3.28
C VAL C 401 3.15 9.39 2.06
N GLY C 402 4.43 9.64 2.31
CA GLY C 402 5.34 9.97 1.25
C GLY C 402 5.30 11.42 0.82
N HIS C 403 4.66 12.30 1.59
CA HIS C 403 4.57 13.70 1.21
C HIS C 403 5.89 14.42 1.44
N GLU C 404 6.64 14.04 2.48
CA GLU C 404 7.89 14.72 2.79
C GLU C 404 9.01 14.27 1.87
N GLU C 405 8.82 13.14 1.17
CA GLU C 405 9.80 12.72 0.18
C GLU C 405 9.76 13.59 -1.07
N GLY C 406 8.56 14.03 -1.47
CA GLY C 406 8.42 14.84 -2.67
C GLY C 406 8.30 14.01 -3.92
N GLY C 407 8.13 14.71 -5.04
CA GLY C 407 7.97 14.03 -6.32
C GLY C 407 9.31 13.60 -6.88
N GLN C 408 9.31 12.46 -7.59
CA GLN C 408 10.56 11.91 -8.08
C GLN C 408 11.07 12.68 -9.29
N LEU C 409 10.23 12.79 -10.35
CA LEU C 409 10.61 13.54 -11.55
C LEU C 409 10.83 15.00 -11.24
N THR C 410 10.10 15.54 -10.27
CA THR C 410 10.28 16.92 -9.87
C THR C 410 11.63 17.13 -9.19
N LYS C 411 12.07 16.20 -8.33
CA LYS C 411 13.39 16.31 -7.73
C LYS C 411 14.48 16.17 -8.79
N LYS C 412 14.31 15.26 -9.74
CA LYS C 412 15.33 15.05 -10.75
C LYS C 412 15.42 16.22 -11.72
N LEU C 413 14.30 16.92 -11.95
CA LEU C 413 14.35 18.09 -12.83
C LEU C 413 14.72 19.35 -12.05
N LYS C 414 14.56 19.35 -10.73
CA LYS C 414 15.05 20.45 -9.92
C LYS C 414 16.57 20.40 -9.80
N GLN C 415 17.12 19.19 -9.70
CA GLN C 415 18.57 19.05 -9.57
C GLN C 415 19.28 19.33 -10.89
N CYS C 416 18.57 19.25 -12.00
CA CYS C 416 19.13 19.55 -13.33
C CYS C 416 18.00 19.99 -14.26
N PRO C 417 17.83 21.29 -14.49
CA PRO C 417 16.69 21.74 -15.31
C PRO C 417 16.90 21.51 -16.79
N ASN C 418 18.15 21.52 -17.27
CA ASN C 418 18.43 21.29 -18.68
C ASN C 418 18.71 19.83 -18.98
N ALA C 419 18.33 18.93 -18.08
CA ALA C 419 18.59 17.51 -18.27
C ALA C 419 17.72 16.93 -19.38
N VAL C 420 18.28 15.98 -20.13
CA VAL C 420 17.51 15.28 -21.13
C VAL C 420 16.64 14.24 -20.44
N VAL C 421 15.32 14.36 -20.61
CA VAL C 421 14.36 13.48 -19.98
C VAL C 421 13.82 12.52 -21.03
N LEU C 422 14.07 11.24 -20.85
CA LEU C 422 13.60 10.20 -21.77
C LEU C 422 12.41 9.48 -21.14
N PHE C 423 11.26 9.65 -21.76
CA PHE C 423 10.06 8.89 -21.45
C PHE C 423 10.04 7.67 -22.35
N ASP C 424 10.52 6.54 -21.83
CA ASP C 424 10.57 5.31 -22.58
C ASP C 424 9.17 4.71 -22.58
N GLN C 425 8.72 4.28 -23.76
CA GLN C 425 7.46 3.57 -23.98
C GLN C 425 6.26 4.41 -23.54
N VAL C 426 6.01 5.50 -24.28
CA VAL C 426 4.87 6.36 -24.01
C VAL C 426 3.58 5.69 -24.49
N ASP C 427 3.70 4.72 -25.40
CA ASP C 427 2.60 3.81 -25.73
C ASP C 427 2.09 3.06 -24.53
N LYS C 428 2.98 2.69 -23.62
CA LYS C 428 2.62 1.71 -22.61
C LYS C 428 1.98 2.35 -21.39
N ALA C 429 2.01 3.68 -21.30
CA ALA C 429 1.37 4.34 -20.17
C ALA C 429 -0.12 4.48 -20.39
N HIS C 430 -0.85 4.74 -19.30
CA HIS C 430 -2.25 5.09 -19.41
C HIS C 430 -2.39 6.48 -20.04
N PRO C 431 -3.44 6.73 -20.80
CA PRO C 431 -3.63 8.07 -21.39
C PRO C 431 -3.81 9.18 -20.39
N ASP C 432 -4.35 8.89 -19.21
CA ASP C 432 -4.54 9.95 -18.21
C ASP C 432 -3.25 10.27 -17.48
N VAL C 433 -2.25 9.39 -17.56
CA VAL C 433 -0.94 9.72 -17.02
C VAL C 433 -0.24 10.72 -17.92
N LEU C 434 -0.48 10.63 -19.24
CA LEU C 434 0.10 11.57 -20.20
C LEU C 434 -0.54 12.95 -20.12
N THR C 435 -1.60 13.09 -19.34
CA THR C 435 -2.28 14.37 -19.22
C THR C 435 -1.44 15.37 -18.42
N ILE C 436 -0.60 14.87 -17.52
CA ILE C 436 0.28 15.74 -16.74
C ILE C 436 1.41 16.29 -17.62
N MET C 437 1.57 15.75 -18.82
CA MET C 437 2.67 16.14 -19.69
C MET C 437 2.36 17.45 -20.39
N LEU C 438 1.12 17.93 -20.29
CA LEU C 438 0.67 19.11 -21.04
C LEU C 438 1.38 20.36 -20.56
N GLN C 439 1.38 20.59 -19.24
CA GLN C 439 2.11 21.71 -18.66
C GLN C 439 3.61 21.59 -18.91
N LEU C 440 4.14 20.36 -18.80
CA LEU C 440 5.57 20.13 -18.82
C LEU C 440 6.11 20.27 -20.25
N PHE C 441 5.23 20.10 -21.24
CA PHE C 441 5.64 20.28 -22.63
C PHE C 441 5.31 21.68 -23.13
N ASP C 442 4.27 22.29 -22.57
CA ASP C 442 3.86 23.62 -23.02
C ASP C 442 4.78 24.70 -22.47
N GLU C 443 5.11 24.61 -21.18
CA GLU C 443 5.92 25.68 -20.60
C GLU C 443 7.02 25.13 -19.69
N GLY C 444 7.08 23.82 -19.49
CA GLY C 444 8.01 23.24 -18.54
C GLY C 444 7.68 23.65 -17.11
N ARG C 445 6.40 23.59 -16.76
CA ARG C 445 5.90 24.09 -15.49
C ARG C 445 5.23 22.95 -14.73
N LEU C 446 6.00 22.28 -13.88
CA LEU C 446 5.44 21.23 -13.04
C LEU C 446 5.43 21.68 -11.58
N THR C 447 4.34 21.37 -10.90
CA THR C 447 4.10 21.82 -9.53
C THR C 447 4.20 20.61 -8.60
N ASP C 448 4.80 20.80 -7.44
CA ASP C 448 5.12 19.67 -6.58
C ASP C 448 3.90 19.22 -5.79
N GLY C 449 4.12 18.20 -4.95
CA GLY C 449 3.11 17.86 -3.96
C GLY C 449 2.98 18.92 -2.88
N LYS C 450 4.10 19.56 -2.55
CA LYS C 450 4.13 20.60 -1.53
C LYS C 450 3.88 21.99 -2.10
N GLY C 451 3.55 22.10 -3.38
CA GLY C 451 3.19 23.38 -3.97
C GLY C 451 4.31 24.17 -4.60
N LYS C 452 5.55 23.71 -4.51
CA LYS C 452 6.64 24.39 -5.20
C LYS C 452 6.57 24.08 -6.69
N THR C 453 7.01 25.03 -7.51
CA THR C 453 6.95 24.92 -8.97
C THR C 453 8.36 24.82 -9.53
N ILE C 454 8.64 23.75 -10.26
CA ILE C 454 9.95 23.58 -10.88
C ILE C 454 9.97 24.26 -12.24
N ASP C 455 11.17 24.38 -12.80
CA ASP C 455 11.39 25.03 -14.09
C ASP C 455 12.02 24.04 -15.06
N CYS C 456 11.43 23.90 -16.24
CA CYS C 456 11.97 23.04 -17.29
C CYS C 456 11.96 23.74 -18.64
N LYS C 457 12.37 25.01 -18.66
CA LYS C 457 12.28 25.80 -19.88
C LYS C 457 13.30 25.35 -20.92
N ASP C 458 14.46 24.90 -20.47
CA ASP C 458 15.54 24.49 -21.36
C ASP C 458 15.74 22.99 -21.41
N ALA C 459 14.82 22.20 -20.87
CA ALA C 459 14.95 20.75 -20.91
C ALA C 459 14.63 20.22 -22.30
N ILE C 460 15.05 18.97 -22.55
CA ILE C 460 14.77 18.27 -23.79
C ILE C 460 14.06 16.98 -23.45
N PHE C 461 12.82 16.85 -23.91
CA PHE C 461 11.99 15.68 -23.63
C PHE C 461 11.98 14.80 -24.87
N ILE C 462 12.24 13.51 -24.68
CA ILE C 462 12.27 12.54 -25.77
C ILE C 462 11.39 11.36 -25.37
N MET C 463 10.37 11.07 -26.16
CA MET C 463 9.42 10.01 -25.86
C MET C 463 9.53 8.93 -26.93
N THR C 464 9.75 7.69 -26.52
CA THR C 464 9.79 6.59 -27.48
C THR C 464 8.45 5.88 -27.51
N SER C 465 8.04 5.43 -28.71
CA SER C 465 6.75 4.76 -28.84
C SER C 465 6.81 3.67 -29.89
N ASN C 466 5.82 2.78 -29.84
CA ASN C 466 5.62 1.73 -30.82
C ASN C 466 4.30 1.85 -31.56
N VAL C 467 3.65 3.01 -31.53
CA VAL C 467 2.40 3.16 -32.26
C VAL C 467 2.67 3.16 -33.75
N ALA C 468 1.75 2.53 -34.50
CA ALA C 468 1.77 2.41 -35.96
C ALA C 468 3.04 1.76 -36.49
N SER C 469 3.66 0.89 -35.69
CA SER C 469 4.94 0.28 -36.06
C SER C 469 4.76 -0.67 -37.23
N ASP C 470 3.66 -1.44 -37.23
CA ASP C 470 3.32 -2.27 -38.37
C ASP C 470 3.06 -1.42 -39.61
N GLU C 471 2.35 -0.31 -39.44
CA GLU C 471 2.01 0.55 -40.57
C GLU C 471 3.25 1.25 -41.13
N ILE C 472 4.10 1.76 -40.24
CA ILE C 472 5.34 2.44 -40.65
C ILE C 472 6.26 1.45 -41.36
N ALA C 473 6.42 0.25 -40.80
CA ALA C 473 7.29 -0.75 -41.41
C ALA C 473 6.76 -1.23 -42.75
N GLN C 474 5.44 -1.50 -42.83
CA GLN C 474 4.86 -1.99 -44.07
C GLN C 474 4.91 -0.95 -45.17
N HIS C 475 4.63 0.32 -44.84
CA HIS C 475 4.69 1.36 -45.86
C HIS C 475 6.13 1.67 -46.26
N ALA C 476 7.08 1.55 -45.32
CA ALA C 476 8.47 1.79 -45.67
C ALA C 476 9.02 0.71 -46.60
N LEU C 477 8.72 -0.57 -46.30
CA LEU C 477 9.14 -1.64 -47.19
C LEU C 477 8.40 -1.59 -48.53
N GLN C 478 7.14 -1.15 -48.53
CA GLN C 478 6.44 -0.99 -49.81
C GLN C 478 7.02 0.15 -50.64
N LEU C 479 7.43 1.25 -49.98
CA LEU C 479 8.05 2.35 -50.71
C LEU C 479 9.43 1.97 -51.23
N ARG C 480 10.19 1.21 -50.45
CA ARG C 480 11.48 0.70 -50.94
C ARG C 480 11.29 -0.28 -52.08
N GLN C 481 10.22 -1.08 -52.03
CA GLN C 481 9.94 -2.04 -53.10
C GLN C 481 9.57 -1.34 -54.40
N GLU C 482 8.68 -0.34 -54.32
CA GLU C 482 8.30 0.37 -55.54
C GLU C 482 9.44 1.25 -56.06
N ALA C 483 10.29 1.76 -55.16
CA ALA C 483 11.47 2.50 -55.59
C ALA C 483 12.47 1.59 -56.30
N LEU C 484 12.65 0.36 -55.79
CA LEU C 484 13.53 -0.60 -56.44
C LEU C 484 12.98 -0.99 -57.81
N GLU C 485 11.65 -1.18 -57.90
CA GLU C 485 11.02 -1.53 -59.17
C GLU C 485 11.14 -0.41 -60.20
N MET C 486 10.92 0.83 -59.78
CA MET C 486 11.01 1.93 -60.73
C MET C 486 12.45 2.23 -61.12
N SER C 487 13.41 1.97 -60.22
CA SER C 487 14.82 2.11 -60.57
C SER C 487 15.22 1.05 -61.59
N ARG C 488 14.75 -0.19 -61.41
CA ARG C 488 15.02 -1.25 -62.38
C ARG C 488 14.36 -0.96 -63.74
N ASN C 489 13.14 -0.40 -63.70
CA ASN C 489 12.44 -0.05 -64.93
C ASN C 489 13.17 1.07 -65.67
N ARG C 490 13.74 2.03 -64.95
CA ARG C 490 14.52 3.07 -65.61
C ARG C 490 15.88 2.56 -66.06
N ILE C 491 16.42 1.54 -65.38
CA ILE C 491 17.65 0.87 -65.83
C ILE C 491 17.40 0.11 -67.13
N ALA C 492 16.17 -0.35 -67.36
CA ALA C 492 15.82 -1.03 -68.61
C ALA C 492 15.97 -0.12 -69.83
N GLU C 493 15.90 1.20 -69.65
CA GLU C 493 16.32 2.16 -70.66
C GLU C 493 17.59 2.90 -70.28
N ASN C 494 18.35 2.38 -69.31
CA ASN C 494 19.66 2.90 -68.88
C ASN C 494 19.60 4.34 -68.39
N LEU C 495 18.57 4.66 -67.61
CA LEU C 495 18.45 5.96 -66.95
C LEU C 495 17.99 5.77 -65.52
N GLY C 496 18.56 4.79 -64.82
CA GLY C 496 18.11 4.46 -63.48
C GLY C 496 19.21 4.17 -62.48
N ASP C 497 20.39 4.73 -62.69
CA ASP C 497 21.46 4.60 -61.72
C ASP C 497 21.29 5.54 -60.53
N VAL C 498 20.35 6.49 -60.61
CA VAL C 498 20.11 7.42 -59.50
C VAL C 498 19.46 6.69 -58.33
N GLN C 499 18.50 5.80 -58.62
CA GLN C 499 17.65 5.08 -57.66
C GLN C 499 16.90 6.13 -56.83
N ILE C 500 17.17 6.27 -55.54
CA ILE C 500 16.49 7.20 -54.66
C ILE C 500 17.51 7.90 -53.77
N SER C 501 17.00 8.69 -52.83
CA SER C 501 17.83 9.21 -51.76
C SER C 501 18.19 8.10 -50.79
N ASP C 502 19.12 8.41 -49.88
CA ASP C 502 19.53 7.45 -48.86
C ASP C 502 18.38 7.13 -47.92
N LYS C 503 17.56 8.12 -47.60
CA LYS C 503 16.41 7.95 -46.72
C LYS C 503 15.12 8.02 -47.53
N ILE C 504 14.14 7.22 -47.13
CA ILE C 504 12.82 7.24 -47.74
C ILE C 504 12.07 8.45 -47.16
N THR C 505 11.65 9.36 -48.02
CA THR C 505 10.90 10.53 -47.58
C THR C 505 9.48 10.11 -47.26
N ILE C 506 9.15 10.04 -45.97
CA ILE C 506 7.79 9.70 -45.55
C ILE C 506 6.88 10.88 -45.86
N SER C 507 5.83 10.63 -46.64
CA SER C 507 5.00 11.71 -47.17
C SER C 507 4.13 12.32 -46.08
N LYS C 508 3.85 13.62 -46.24
CA LYS C 508 2.96 14.31 -45.31
C LYS C 508 1.53 13.79 -45.41
N ASN C 509 1.12 13.35 -46.61
CA ASN C 509 -0.19 12.73 -46.78
C ASN C 509 -0.29 11.42 -46.01
N PHE C 510 0.78 10.63 -46.03
CA PHE C 510 0.82 9.41 -45.23
C PHE C 510 0.97 9.72 -43.75
N LYS C 511 1.63 10.84 -43.41
CA LYS C 511 1.80 11.22 -42.02
C LYS C 511 0.50 11.72 -41.40
N GLU C 512 -0.37 12.34 -42.21
CA GLU C 512 -1.61 12.90 -41.69
C GLU C 512 -2.79 11.94 -41.83
N ASN C 513 -2.98 11.37 -43.02
CA ASN C 513 -4.17 10.58 -43.27
C ASN C 513 -4.08 9.15 -42.74
N VAL C 514 -2.89 8.68 -42.33
CA VAL C 514 -2.77 7.29 -41.90
C VAL C 514 -2.30 7.21 -40.44
N ILE C 515 -1.11 7.74 -40.15
CA ILE C 515 -0.49 7.54 -38.84
C ILE C 515 -1.21 8.32 -37.76
N ARG C 516 -1.59 9.56 -38.07
CA ARG C 516 -2.25 10.44 -37.10
C ARG C 516 -3.59 9.92 -36.56
N PRO C 517 -4.47 9.24 -37.33
CA PRO C 517 -5.62 8.58 -36.68
C PRO C 517 -5.27 7.55 -35.60
N ILE C 518 -4.22 6.73 -35.80
CA ILE C 518 -3.83 5.79 -34.74
C ILE C 518 -3.18 6.53 -33.56
N LEU C 519 -2.40 7.58 -33.83
CA LEU C 519 -1.85 8.41 -32.75
C LEU C 519 -2.96 9.06 -31.91
N LYS C 520 -3.97 9.60 -32.58
CA LYS C 520 -5.11 10.21 -31.90
C LYS C 520 -5.95 9.18 -31.17
N ALA C 521 -6.10 7.98 -31.76
CA ALA C 521 -6.93 6.94 -31.16
C ALA C 521 -6.28 6.37 -29.90
N HIS C 522 -4.96 6.20 -29.91
CA HIS C 522 -4.32 5.62 -28.74
C HIS C 522 -4.07 6.68 -27.66
N PHE C 523 -3.59 7.86 -28.04
CA PHE C 523 -3.29 8.87 -27.02
C PHE C 523 -4.50 9.68 -26.61
N ARG C 524 -5.67 9.45 -27.24
CA ARG C 524 -6.99 9.93 -26.85
C ARG C 524 -7.13 11.44 -26.81
N ARG C 525 -6.16 12.19 -27.34
CA ARG C 525 -6.08 13.62 -27.11
C ARG C 525 -5.26 14.28 -28.20
N ASP C 526 -5.82 15.30 -28.82
CA ASP C 526 -5.08 16.13 -29.77
C ASP C 526 -4.22 17.17 -29.07
N GLU C 527 -4.50 17.43 -27.79
CA GLU C 527 -3.70 18.35 -27.00
C GLU C 527 -2.28 17.83 -26.85
N PHE C 528 -2.16 16.54 -26.48
CA PHE C 528 -0.87 15.94 -26.21
C PHE C 528 -0.03 15.82 -27.47
N LEU C 529 -0.68 15.56 -28.60
CA LEU C 529 0.06 15.50 -29.86
C LEU C 529 0.42 16.90 -30.34
N GLY C 530 -0.37 17.91 -29.97
CA GLY C 530 -0.06 19.27 -30.34
C GLY C 530 1.19 19.82 -29.67
N ARG C 531 1.41 19.43 -28.42
CA ARG C 531 2.58 19.91 -27.68
C ARG C 531 3.89 19.32 -28.17
N ILE C 532 3.85 18.28 -29.00
CA ILE C 532 5.06 17.58 -29.44
C ILE C 532 5.68 18.36 -30.60
N ASN C 533 6.91 18.84 -30.40
CA ASN C 533 7.60 19.67 -31.38
C ASN C 533 7.98 18.89 -32.62
N GLU C 534 8.60 17.73 -32.46
CA GLU C 534 9.07 16.93 -33.59
C GLU C 534 8.63 15.48 -33.44
N ILE C 535 7.78 15.02 -34.34
CA ILE C 535 7.41 13.62 -34.44
C ILE C 535 8.37 12.98 -35.44
N VAL C 536 9.26 12.14 -34.95
CA VAL C 536 10.42 11.66 -35.69
C VAL C 536 10.20 10.20 -36.02
N TYR C 537 10.28 9.86 -37.30
CA TYR C 537 9.95 8.53 -37.80
C TYR C 537 11.23 7.74 -38.04
N PHE C 538 11.20 6.46 -37.70
CA PHE C 538 12.35 5.58 -37.83
C PHE C 538 12.04 4.56 -38.92
N LEU C 539 12.90 4.51 -39.93
CA LEU C 539 12.68 3.59 -41.03
C LEU C 539 13.38 2.27 -40.75
N PRO C 540 12.75 1.15 -41.10
CA PRO C 540 13.39 -0.16 -40.87
C PRO C 540 14.60 -0.37 -41.77
N PHE C 541 15.46 -1.31 -41.35
CA PHE C 541 16.72 -1.55 -42.03
C PHE C 541 16.51 -2.29 -43.33
N CYS C 542 17.26 -1.89 -44.36
CA CYS C 542 17.41 -2.73 -45.52
C CYS C 542 18.77 -3.42 -45.49
N HIS C 543 19.06 -4.19 -46.55
CA HIS C 543 20.09 -5.22 -46.51
C HIS C 543 21.49 -4.64 -46.36
N SER C 544 21.71 -3.45 -46.94
CA SER C 544 23.04 -2.84 -46.97
C SER C 544 23.52 -2.46 -45.57
N GLU C 545 22.62 -1.95 -44.72
CA GLU C 545 23.03 -1.68 -43.35
C GLU C 545 22.77 -2.87 -42.43
N LEU C 546 22.04 -3.88 -42.87
CA LEU C 546 22.04 -5.15 -42.14
C LEU C 546 23.42 -5.79 -42.16
N ILE C 547 24.11 -5.71 -43.30
CA ILE C 547 25.50 -6.18 -43.39
C ILE C 547 26.39 -5.41 -42.41
N GLN C 548 26.21 -4.09 -42.36
CA GLN C 548 27.00 -3.24 -41.46
C GLN C 548 26.65 -3.52 -40.00
N LEU C 549 25.40 -3.90 -39.73
CA LEU C 549 24.94 -4.14 -38.37
C LEU C 549 25.53 -5.45 -37.84
N VAL C 550 25.53 -6.48 -38.69
CA VAL C 550 26.18 -7.75 -38.36
C VAL C 550 27.69 -7.55 -38.21
N ASN C 551 28.28 -6.68 -39.05
CA ASN C 551 29.70 -6.35 -38.90
C ASN C 551 29.98 -5.66 -37.58
N LYS C 552 29.08 -4.77 -37.14
CA LYS C 552 29.24 -4.10 -35.86
C LYS C 552 29.16 -5.08 -34.69
N GLU C 553 28.21 -6.01 -34.75
CA GLU C 553 28.08 -7.00 -33.67
C GLU C 553 29.27 -7.95 -33.65
N LEU C 554 29.74 -8.39 -34.82
CA LEU C 554 30.91 -9.26 -34.88
C LEU C 554 32.17 -8.53 -34.48
N ASN C 555 32.24 -7.22 -34.75
CA ASN C 555 33.35 -6.40 -34.28
C ASN C 555 33.34 -6.29 -32.77
N PHE C 556 32.14 -6.17 -32.17
CA PHE C 556 32.05 -6.16 -30.71
C PHE C 556 32.47 -7.50 -30.10
N TRP C 557 32.08 -8.60 -30.73
CA TRP C 557 32.46 -9.90 -30.17
C TRP C 557 33.92 -10.24 -30.46
N ALA C 558 34.52 -9.62 -31.47
CA ALA C 558 35.97 -9.70 -31.62
C ALA C 558 36.67 -8.82 -30.59
N LYS C 559 36.03 -7.72 -30.20
CA LYS C 559 36.59 -6.84 -29.18
C LYS C 559 36.39 -7.41 -27.78
N ARG C 560 35.48 -8.38 -27.62
CA ARG C 560 35.33 -9.05 -26.34
C ARG C 560 36.53 -9.94 -26.05
N ALA C 561 37.08 -10.57 -27.08
CA ALA C 561 38.41 -11.14 -27.01
C ALA C 561 39.43 -10.05 -27.32
N LYS C 562 40.71 -10.42 -27.26
CA LYS C 562 41.92 -9.59 -27.44
C LYS C 562 42.13 -8.57 -26.31
N GLN C 563 41.11 -8.31 -25.48
CA GLN C 563 41.24 -7.40 -24.36
C GLN C 563 41.55 -8.13 -23.07
N ARG C 564 41.14 -9.39 -22.95
CA ARG C 564 41.46 -10.21 -21.80
C ARG C 564 41.88 -11.64 -22.13
N HIS C 565 41.86 -12.05 -23.40
CA HIS C 565 42.41 -13.34 -23.82
C HIS C 565 43.49 -13.27 -24.89
N ASN C 566 43.75 -12.10 -25.49
CA ASN C 566 44.71 -11.90 -26.58
C ASN C 566 44.42 -12.79 -27.79
N ILE C 567 43.15 -12.89 -28.17
CA ILE C 567 42.70 -13.71 -29.29
C ILE C 567 42.02 -12.79 -30.30
N THR C 568 42.38 -12.92 -31.57
CA THR C 568 41.73 -12.17 -32.64
C THR C 568 40.66 -13.02 -33.30
N LEU C 569 39.70 -12.34 -33.94
CA LEU C 569 38.63 -12.99 -34.67
C LEU C 569 38.53 -12.34 -36.05
N LEU C 570 38.60 -13.17 -37.09
CA LEU C 570 38.46 -12.72 -38.47
C LEU C 570 37.32 -13.47 -39.13
N TRP C 571 36.63 -12.81 -40.04
CA TRP C 571 35.46 -13.39 -40.69
C TRP C 571 35.37 -12.94 -42.14
N ASP C 572 34.74 -13.79 -42.96
CA ASP C 572 34.55 -13.52 -44.38
C ASP C 572 33.29 -12.70 -44.63
N ARG C 573 32.85 -12.63 -45.88
CA ARG C 573 31.62 -11.94 -46.23
C ARG C 573 30.42 -12.87 -46.28
N GLU C 574 30.65 -14.15 -46.57
CA GLU C 574 29.54 -15.10 -46.65
C GLU C 574 28.98 -15.44 -45.28
N VAL C 575 29.81 -15.36 -44.24
CA VAL C 575 29.30 -15.48 -42.88
C VAL C 575 28.40 -14.28 -42.54
N ALA C 576 28.73 -13.10 -43.07
CA ALA C 576 27.87 -11.95 -42.89
C ALA C 576 26.56 -12.14 -43.66
N ASP C 577 26.62 -12.79 -44.82
CA ASP C 577 25.41 -13.05 -45.60
C ASP C 577 24.49 -14.02 -44.86
N VAL C 578 25.07 -15.09 -44.29
CA VAL C 578 24.22 -16.08 -43.62
C VAL C 578 23.80 -15.59 -42.24
N LEU C 579 24.41 -14.52 -41.72
CA LEU C 579 23.91 -13.94 -40.47
C LEU C 579 22.84 -12.88 -40.74
N VAL C 580 22.95 -12.16 -41.87
CA VAL C 580 21.85 -11.30 -42.32
C VAL C 580 20.63 -12.14 -42.72
N ASP C 581 20.86 -13.38 -43.16
CA ASP C 581 19.76 -14.26 -43.58
C ASP C 581 18.82 -14.58 -42.42
N GLY C 582 19.31 -14.60 -41.19
CA GLY C 582 18.46 -14.80 -40.04
C GLY C 582 17.96 -13.53 -39.39
N TYR C 583 17.34 -12.66 -40.17
CA TYR C 583 16.85 -11.36 -39.70
C TYR C 583 15.33 -11.39 -39.61
N ASN C 584 14.79 -10.98 -38.48
CA ASN C 584 13.35 -10.89 -38.28
C ASN C 584 12.92 -9.43 -38.34
N VAL C 585 11.95 -9.14 -39.21
CA VAL C 585 11.52 -7.77 -39.44
C VAL C 585 10.76 -7.23 -38.23
N HIS C 586 10.01 -8.11 -37.55
CA HIS C 586 9.19 -7.68 -36.42
C HIS C 586 10.04 -7.25 -35.23
N TYR C 587 11.16 -7.93 -35.01
CA TYR C 587 11.94 -7.69 -33.80
C TYR C 587 13.09 -6.73 -34.01
N GLY C 588 13.45 -6.44 -35.26
CA GLY C 588 14.46 -5.44 -35.51
C GLY C 588 15.88 -5.94 -35.31
N ALA C 589 16.78 -5.00 -35.03
CA ALA C 589 18.21 -5.30 -34.90
C ALA C 589 18.49 -6.21 -33.72
N ARG C 590 17.65 -6.16 -32.69
CA ARG C 590 17.77 -7.05 -31.55
C ARG C 590 17.60 -8.50 -31.98
N SER C 591 16.77 -8.74 -33.02
CA SER C 591 16.65 -10.07 -33.59
C SER C 591 17.98 -10.58 -34.14
N ILE C 592 18.78 -9.67 -34.70
CA ILE C 592 20.14 -10.04 -35.08
C ILE C 592 21.00 -10.23 -33.85
N LYS C 593 20.81 -9.36 -32.84
CA LYS C 593 21.79 -9.18 -31.77
C LYS C 593 21.90 -10.41 -30.88
N HIS C 594 20.80 -11.11 -30.67
CA HIS C 594 20.86 -12.37 -29.93
C HIS C 594 20.73 -13.60 -30.84
N GLU C 595 20.85 -13.43 -32.15
CA GLU C 595 20.99 -14.57 -33.05
C GLU C 595 22.44 -14.81 -33.46
N VAL C 596 23.24 -13.73 -33.48
CA VAL C 596 24.63 -13.79 -33.97
C VAL C 596 25.45 -14.78 -33.16
N GLU C 597 25.35 -14.69 -31.83
CA GLU C 597 26.08 -15.63 -30.97
C GLU C 597 25.57 -17.05 -31.15
N ARG C 598 24.28 -17.20 -31.49
CA ARG C 598 23.69 -18.51 -31.75
C ARG C 598 24.36 -19.20 -32.94
N ARG C 599 24.91 -18.42 -33.87
CA ARG C 599 25.69 -19.01 -34.93
C ARG C 599 27.18 -18.72 -34.84
N VAL C 600 27.63 -17.98 -33.82
CA VAL C 600 29.06 -17.64 -33.78
C VAL C 600 29.67 -18.01 -32.44
N VAL C 601 29.11 -17.47 -31.35
CA VAL C 601 29.85 -17.45 -30.11
C VAL C 601 29.62 -18.70 -29.25
N ASN C 602 28.45 -19.33 -29.37
CA ASN C 602 28.08 -20.43 -28.47
C ASN C 602 29.00 -21.64 -28.64
N GLN C 603 29.21 -22.06 -29.88
CA GLN C 603 30.21 -23.08 -30.17
C GLN C 603 31.61 -22.59 -29.82
N LEU C 604 31.87 -21.28 -30.02
CA LEU C 604 33.09 -20.66 -29.54
C LEU C 604 33.17 -20.76 -28.02
N ALA C 605 32.03 -20.60 -27.34
CA ALA C 605 31.96 -20.84 -25.91
C ALA C 605 32.32 -22.28 -25.58
N ALA C 606 31.84 -23.23 -26.40
CA ALA C 606 32.19 -24.63 -26.22
C ALA C 606 33.70 -24.82 -26.42
N ALA C 607 34.30 -24.05 -27.33
CA ALA C 607 35.74 -24.08 -27.51
C ALA C 607 36.46 -23.65 -26.24
N TYR C 608 35.92 -22.63 -25.56
CA TYR C 608 36.54 -22.19 -24.31
C TYR C 608 36.30 -23.20 -23.20
N GLU C 609 35.30 -24.08 -23.35
CA GLU C 609 35.15 -25.17 -22.41
C GLU C 609 35.97 -26.39 -22.81
N GLN C 610 36.41 -26.46 -24.07
CA GLN C 610 37.21 -27.59 -24.52
C GLN C 610 38.68 -27.25 -24.65
N ASP C 611 39.08 -26.05 -24.22
CA ASP C 611 40.46 -25.54 -24.24
C ASP C 611 41.05 -25.55 -25.65
N LEU C 612 40.22 -25.29 -26.65
CA LEU C 612 40.66 -25.24 -28.04
C LEU C 612 41.14 -23.86 -28.44
N LEU C 613 41.09 -22.88 -27.53
CA LEU C 613 41.53 -21.52 -27.81
C LEU C 613 42.56 -21.07 -26.77
N PRO C 614 43.83 -21.36 -26.99
CA PRO C 614 44.87 -20.67 -26.22
C PRO C 614 45.04 -19.23 -26.69
N GLY C 615 45.87 -18.48 -25.96
CA GLY C 615 46.09 -17.10 -26.31
C GLY C 615 46.93 -16.97 -27.57
N GLY C 616 46.66 -15.92 -28.34
CA GLY C 616 47.39 -15.68 -29.57
C GLY C 616 46.87 -16.41 -30.79
N CYS C 617 45.70 -17.03 -30.71
CA CYS C 617 45.17 -17.74 -31.87
C CYS C 617 44.64 -16.77 -32.92
N THR C 618 44.47 -17.28 -34.14
CA THR C 618 43.88 -16.55 -35.24
C THR C 618 42.71 -17.37 -35.75
N LEU C 619 41.50 -16.86 -35.54
CA LEU C 619 40.26 -17.57 -35.80
C LEU C 619 39.65 -17.18 -37.13
N ARG C 620 38.77 -18.04 -37.63
CA ARG C 620 38.09 -17.80 -38.90
C ARG C 620 36.79 -18.57 -38.90
N ILE C 621 35.67 -17.86 -39.01
CA ILE C 621 34.34 -18.47 -39.02
C ILE C 621 33.91 -18.58 -40.47
N THR C 622 33.72 -19.81 -40.96
CA THR C 622 33.29 -20.04 -42.32
C THR C 622 32.05 -20.92 -42.32
N VAL C 623 31.51 -21.18 -43.50
CA VAL C 623 30.29 -21.97 -43.66
C VAL C 623 30.68 -23.44 -43.82
N GLU C 624 29.82 -24.33 -43.31
CA GLU C 624 30.06 -25.76 -43.41
C GLU C 624 29.91 -26.23 -44.85
N ASP C 625 30.82 -27.12 -45.28
CA ASP C 625 30.80 -27.62 -46.65
C ASP C 625 29.56 -28.47 -46.93
N SER C 626 29.14 -29.27 -45.96
CA SER C 626 27.95 -30.11 -46.16
C SER C 626 26.67 -29.30 -46.10
N ASP C 627 26.71 -28.13 -45.47
CA ASP C 627 25.55 -27.26 -45.36
C ASP C 627 25.58 -26.08 -46.34
N LYS C 628 26.46 -26.11 -47.33
CA LYS C 628 26.52 -25.04 -48.33
C LYS C 628 25.30 -25.04 -49.25
N LEU C 630 20.19 -26.10 -49.33
CA LEU C 630 19.66 -25.68 -48.04
C LEU C 630 19.71 -24.17 -47.88
N LEU C 631 20.78 -23.56 -48.39
CA LEU C 631 20.95 -22.12 -48.32
C LEU C 631 20.19 -21.41 -49.43
N PRO C 646 22.71 -25.09 -42.83
CA PRO C 646 23.22 -23.73 -42.89
C PRO C 646 24.17 -23.40 -41.73
N LYS C 647 24.72 -24.43 -41.10
CA LYS C 647 25.56 -24.21 -39.93
C LYS C 647 26.93 -23.66 -40.33
N LEU C 648 27.57 -22.99 -39.39
CA LEU C 648 28.91 -22.47 -39.56
C LEU C 648 29.89 -23.30 -38.75
N ARG C 649 31.17 -23.21 -39.12
CA ARG C 649 32.24 -23.87 -38.38
C ARG C 649 33.41 -22.91 -38.21
N LEU C 650 34.09 -23.04 -37.08
CA LEU C 650 35.27 -22.25 -36.78
C LEU C 650 36.53 -23.02 -37.16
N GLU C 651 37.56 -22.27 -37.55
CA GLU C 651 38.86 -22.81 -37.84
C GLU C 651 39.90 -21.91 -37.20
N ILE C 652 41.07 -22.48 -36.92
CA ILE C 652 42.22 -21.72 -36.46
C ILE C 652 43.30 -21.85 -37.52
N ILE C 653 43.80 -20.71 -38.00
CA ILE C 653 44.92 -20.70 -38.95
C ILE C 653 46.21 -20.54 -38.16
N ASP C 654 47.14 -21.47 -38.39
CA ASP C 654 48.37 -21.52 -37.61
C ASP C 654 49.48 -20.80 -38.40
N LYS C 655 50.60 -20.53 -37.74
CA LYS C 655 51.63 -19.62 -38.27
C LYS C 655 52.31 -20.16 -39.52
N ASP C 656 52.27 -21.47 -39.74
CA ASP C 656 52.75 -22.03 -41.00
C ASP C 656 51.63 -22.22 -42.02
N SER C 657 50.58 -21.38 -41.93
CA SER C 657 49.46 -21.34 -42.88
C SER C 657 48.71 -22.67 -42.96
N LYS C 658 48.47 -23.27 -41.80
CA LYS C 658 47.75 -24.53 -41.70
C LYS C 658 46.42 -24.32 -40.99
N THR C 659 45.34 -24.77 -41.62
CA THR C 659 44.00 -24.62 -41.08
C THR C 659 43.64 -25.84 -40.25
N ARG C 660 43.17 -25.61 -39.03
CA ARG C 660 42.69 -26.68 -38.15
C ARG C 660 41.25 -26.38 -37.79
N ARG C 661 40.34 -27.27 -38.20
CA ARG C 661 38.92 -27.09 -37.91
C ARG C 661 38.65 -27.50 -36.46
N LEU C 662 38.02 -26.60 -35.70
CA LEU C 662 37.74 -26.86 -34.30
C LEU C 662 36.55 -27.80 -34.14
N LYS D 298 -11.03 58.21 -12.41
CA LYS D 298 -10.97 59.31 -13.39
C LYS D 298 -9.84 59.11 -14.38
N ARG D 299 -8.63 58.90 -13.85
CA ARG D 299 -7.48 58.61 -14.72
C ARG D 299 -7.60 57.22 -15.31
N GLU D 300 -8.07 56.25 -14.51
CA GLU D 300 -8.28 54.91 -15.01
C GLU D 300 -9.41 54.87 -16.03
N ALA D 301 -10.46 55.67 -15.81
CA ALA D 301 -11.54 55.78 -16.79
C ALA D 301 -11.07 56.41 -18.08
N GLU D 302 -10.19 57.42 -17.99
CA GLU D 302 -9.59 58.03 -19.17
C GLU D 302 -8.72 57.04 -19.93
N GLU D 303 -7.93 56.25 -19.20
CA GLU D 303 -7.06 55.25 -19.81
C GLU D 303 -7.86 54.15 -20.48
N ARG D 304 -8.97 53.74 -19.87
CA ARG D 304 -9.84 52.73 -20.49
C ARG D 304 -10.59 53.32 -21.69
N ARG D 305 -10.84 54.64 -21.66
CA ARG D 305 -11.54 55.27 -22.77
C ARG D 305 -10.66 55.40 -24.01
N ARG D 306 -9.38 55.78 -23.82
CA ARG D 306 -8.52 56.00 -24.98
C ARG D 306 -8.16 54.68 -25.66
N PHE D 307 -7.99 53.61 -24.88
CA PHE D 307 -7.71 52.29 -25.42
C PHE D 307 -8.34 51.22 -24.54
N PRO D 308 -9.35 50.50 -25.04
CA PRO D 308 -9.99 49.47 -24.21
C PRO D 308 -9.14 48.22 -24.07
N LEU D 309 -9.70 47.21 -23.40
CA LEU D 309 -9.04 45.91 -23.27
C LEU D 309 -8.93 45.19 -24.61
N GLU D 310 -9.90 45.42 -25.50
CA GLU D 310 -9.95 44.70 -26.76
C GLU D 310 -8.77 45.04 -27.66
N GLN D 311 -8.33 46.30 -27.65
CA GLN D 311 -7.20 46.69 -28.51
C GLN D 311 -5.89 46.08 -28.02
N ARG D 312 -5.65 46.10 -26.71
CA ARG D 312 -4.43 45.53 -26.14
C ARG D 312 -4.38 44.02 -26.34
N LEU D 313 -5.48 43.33 -26.06
CA LEU D 313 -5.43 41.88 -26.20
C LEU D 313 -5.52 41.47 -27.66
N LYS D 314 -6.14 42.29 -28.51
CA LYS D 314 -6.14 42.03 -29.95
C LYS D 314 -4.75 42.23 -30.54
N GLU D 315 -3.95 43.10 -29.95
CA GLU D 315 -2.53 43.13 -30.25
C GLU D 315 -1.87 41.82 -29.83
N HIS D 316 -2.16 41.35 -28.60
CA HIS D 316 -1.44 40.18 -28.12
C HIS D 316 -1.99 38.85 -28.63
N ILE D 317 -3.31 38.70 -28.75
CA ILE D 317 -3.90 37.49 -29.33
C ILE D 317 -4.69 37.90 -30.57
N ILE D 318 -4.61 37.11 -31.62
CA ILE D 318 -5.30 37.43 -32.86
C ILE D 318 -6.48 36.48 -33.03
N GLY D 319 -7.47 36.93 -33.79
CA GLY D 319 -8.68 36.16 -33.97
C GLY D 319 -9.53 36.16 -32.70
N GLN D 320 -10.49 35.23 -32.68
CA GLN D 320 -11.36 34.94 -31.54
C GLN D 320 -12.13 36.17 -31.08
N GLU D 321 -12.86 36.78 -32.02
CA GLU D 321 -13.43 38.11 -31.78
C GLU D 321 -14.59 38.07 -30.80
N SER D 322 -15.43 37.04 -30.88
CA SER D 322 -16.52 36.91 -29.92
C SER D 322 -16.00 36.62 -28.53
N ALA D 323 -14.91 35.86 -28.44
CA ALA D 323 -14.32 35.53 -27.15
C ALA D 323 -13.76 36.76 -26.45
N ILE D 324 -12.96 37.55 -27.18
CA ILE D 324 -12.36 38.75 -26.60
C ILE D 324 -13.44 39.80 -26.33
N ALA D 325 -14.48 39.84 -27.18
CA ALA D 325 -15.58 40.78 -26.96
C ALA D 325 -16.34 40.45 -25.69
N THR D 326 -16.66 39.17 -25.47
CA THR D 326 -17.43 38.78 -24.29
C THR D 326 -16.61 38.93 -23.01
N VAL D 327 -15.33 38.54 -23.06
CA VAL D 327 -14.45 38.67 -21.90
C VAL D 327 -14.24 40.14 -21.54
N GLY D 328 -13.98 40.98 -22.55
CA GLY D 328 -13.80 42.39 -22.29
C GLY D 328 -15.06 43.09 -21.83
N ALA D 329 -16.22 42.61 -22.29
CA ALA D 329 -17.49 43.14 -21.78
C ALA D 329 -17.68 42.80 -20.30
N ALA D 330 -17.35 41.58 -19.91
CA ALA D 330 -17.48 41.21 -18.50
C ALA D 330 -16.47 41.95 -17.62
N ILE D 331 -15.24 42.15 -18.13
CA ILE D 331 -14.25 42.94 -17.41
C ILE D 331 -14.66 44.40 -17.32
N ARG D 332 -15.30 44.92 -18.37
CA ARG D 332 -15.78 46.30 -18.34
C ARG D 332 -16.95 46.47 -17.38
N ARG D 333 -17.78 45.43 -17.24
CA ARG D 333 -18.81 45.45 -16.22
C ARG D 333 -18.19 45.41 -14.82
N LYS D 334 -17.10 44.66 -14.67
CA LYS D 334 -16.45 44.57 -13.36
C LYS D 334 -15.76 45.88 -12.98
N GLU D 335 -15.13 46.54 -13.95
CA GLU D 335 -14.29 47.71 -13.65
C GLU D 335 -15.11 48.96 -13.35
N ASN D 336 -16.25 49.13 -14.02
CA ASN D 336 -17.06 50.32 -13.87
C ASN D 336 -18.07 50.20 -12.73
N GLY D 337 -17.94 49.19 -11.88
CA GLY D 337 -18.82 49.01 -10.74
C GLY D 337 -20.25 48.68 -11.08
N TRP D 338 -20.46 47.78 -12.05
CA TRP D 338 -21.79 47.44 -12.51
C TRP D 338 -22.11 45.97 -12.25
N TYR D 339 -21.51 45.37 -11.22
CA TYR D 339 -21.63 43.95 -10.97
C TYR D 339 -21.91 43.70 -9.50
N ASP D 340 -22.58 42.57 -9.22
CA ASP D 340 -22.85 42.15 -7.85
C ASP D 340 -21.54 41.74 -7.19
N GLU D 341 -21.13 42.49 -6.16
CA GLU D 341 -19.82 42.29 -5.55
C GLU D 341 -19.71 41.01 -4.73
N GLU D 342 -20.83 40.36 -4.42
CA GLU D 342 -20.80 39.17 -3.58
C GLU D 342 -20.55 37.90 -4.38
N HIS D 343 -20.38 37.99 -5.70
CA HIS D 343 -20.15 36.83 -6.55
C HIS D 343 -18.89 37.09 -7.38
N PRO D 344 -17.90 36.19 -7.33
CA PRO D 344 -16.74 36.35 -8.20
C PRO D 344 -17.08 36.03 -9.65
N LEU D 345 -16.31 36.62 -10.55
CA LEU D 345 -16.56 36.47 -11.98
C LEU D 345 -15.86 35.21 -12.51
N VAL D 346 -16.64 34.31 -13.11
CA VAL D 346 -16.19 32.96 -13.45
C VAL D 346 -16.37 32.74 -14.95
N PHE D 347 -15.30 32.34 -15.62
CA PHE D 347 -15.32 32.01 -17.05
C PHE D 347 -14.92 30.57 -17.25
N LEU D 348 -15.51 29.94 -18.27
CA LEU D 348 -15.07 28.64 -18.78
C LEU D 348 -14.74 28.82 -20.26
N PHE D 349 -13.48 28.59 -20.62
CA PHE D 349 -12.99 28.82 -21.97
C PHE D 349 -13.08 27.50 -22.72
N LEU D 350 -14.03 27.39 -23.64
CA LEU D 350 -14.25 26.19 -24.42
C LEU D 350 -13.84 26.43 -25.86
N GLY D 351 -13.07 25.52 -26.42
CA GLY D 351 -12.63 25.63 -27.79
C GLY D 351 -11.70 24.50 -28.14
N SER D 352 -11.06 24.63 -29.30
CA SER D 352 -10.12 23.61 -29.74
C SER D 352 -8.77 23.82 -29.09
N SER D 353 -7.87 22.87 -29.33
CA SER D 353 -6.52 22.97 -28.81
C SER D 353 -5.66 23.87 -29.71
N GLY D 354 -4.76 24.61 -29.09
CA GLY D 354 -3.90 25.52 -29.83
C GLY D 354 -4.64 26.70 -30.41
N ILE D 355 -5.58 27.27 -29.67
CA ILE D 355 -6.37 28.40 -30.15
C ILE D 355 -6.06 29.69 -29.39
N GLY D 356 -5.82 29.62 -28.08
CA GLY D 356 -5.39 30.80 -27.37
C GLY D 356 -6.08 31.05 -26.03
N LYS D 357 -6.77 30.04 -25.49
CA LYS D 357 -7.52 30.19 -24.25
C LYS D 357 -6.60 30.50 -23.08
N THR D 358 -5.56 29.69 -22.92
CA THR D 358 -4.56 29.93 -21.88
C THR D 358 -3.82 31.24 -22.13
N GLU D 359 -3.54 31.54 -23.40
CA GLU D 359 -2.86 32.79 -23.74
C GLU D 359 -3.75 34.00 -23.47
N LEU D 360 -5.04 33.91 -23.80
CA LEU D 360 -5.95 35.02 -23.55
C LEU D 360 -6.10 35.29 -22.05
N ALA D 361 -6.23 34.23 -21.25
CA ALA D 361 -6.37 34.45 -19.82
C ALA D 361 -5.06 34.92 -19.19
N LYS D 362 -3.92 34.49 -19.73
CA LYS D 362 -2.63 35.02 -19.31
C LYS D 362 -2.50 36.52 -19.62
N GLN D 363 -2.95 36.93 -20.81
CA GLN D 363 -2.91 38.34 -21.17
C GLN D 363 -3.87 39.16 -20.33
N THR D 364 -5.03 38.59 -19.98
CA THR D 364 -5.97 39.28 -19.10
C THR D 364 -5.38 39.49 -17.71
N ALA D 365 -4.72 38.47 -17.17
CA ALA D 365 -4.10 38.60 -15.85
C ALA D 365 -2.89 39.51 -15.90
N LYS D 366 -2.23 39.62 -17.05
CA LYS D 366 -1.16 40.59 -17.19
C LYS D 366 -1.72 42.01 -17.31
N TYR D 367 -2.92 42.14 -17.85
CA TYR D 367 -3.57 43.45 -17.89
C TYR D 367 -3.99 43.90 -16.49
N MET D 368 -4.45 42.96 -15.65
CA MET D 368 -4.90 43.32 -14.31
C MET D 368 -3.76 43.85 -13.45
N HIS D 369 -2.64 43.15 -13.41
CA HIS D 369 -1.51 43.54 -12.59
C HIS D 369 -0.25 43.53 -13.45
N LYS D 370 0.59 44.56 -13.27
CA LYS D 370 1.89 44.57 -13.93
C LYS D 370 2.79 43.48 -13.38
N ASP D 371 2.72 43.24 -12.07
CA ASP D 371 3.41 42.12 -11.44
C ASP D 371 2.57 40.86 -11.62
N ALA D 372 2.91 40.08 -12.65
CA ALA D 372 2.18 38.84 -12.90
C ALA D 372 2.67 37.68 -12.05
N LYS D 373 3.69 37.88 -11.22
CA LYS D 373 4.15 36.80 -10.36
C LYS D 373 3.26 36.65 -9.13
N LYS D 374 2.68 37.75 -8.66
CA LYS D 374 1.93 37.77 -7.41
C LYS D 374 0.42 37.72 -7.60
N GLY D 375 -0.11 38.47 -8.56
CA GLY D 375 -1.56 38.55 -8.75
C GLY D 375 -2.11 37.64 -9.82
N PHE D 376 -1.39 36.57 -10.15
CA PHE D 376 -1.80 35.64 -11.19
C PHE D 376 -1.52 34.24 -10.66
N ILE D 377 -2.58 33.54 -10.26
CA ILE D 377 -2.46 32.24 -9.61
C ILE D 377 -2.88 31.19 -10.64
N ARG D 378 -1.91 30.63 -11.34
CA ARG D 378 -2.19 29.64 -12.39
C ARG D 378 -1.98 28.26 -11.81
N LEU D 379 -3.08 27.55 -11.55
CA LEU D 379 -3.03 26.19 -11.04
C LEU D 379 -3.48 25.23 -12.12
N ASP D 380 -2.69 24.18 -12.32
CA ASP D 380 -2.88 23.25 -13.41
C ASP D 380 -3.62 22.05 -12.89
N MET D 381 -4.70 21.67 -13.56
CA MET D 381 -5.62 20.66 -13.03
C MET D 381 -5.18 19.24 -13.36
N SER D 382 -4.05 19.06 -14.03
CA SER D 382 -3.56 17.71 -14.31
C SER D 382 -2.91 17.08 -13.09
N GLU D 383 -2.51 17.89 -12.10
CA GLU D 383 -2.06 17.35 -10.82
C GLU D 383 -3.20 16.84 -9.96
N PHE D 384 -4.44 17.10 -10.34
CA PHE D 384 -5.60 16.86 -9.48
C PHE D 384 -6.50 15.79 -10.05
N GLN D 385 -5.92 14.68 -10.49
CA GLN D 385 -6.71 13.64 -11.14
C GLN D 385 -7.39 12.72 -10.14
N GLU D 386 -7.00 12.76 -8.87
CA GLU D 386 -7.60 11.94 -7.84
C GLU D 386 -8.19 12.83 -6.76
N ARG D 387 -9.11 12.25 -5.98
CA ARG D 387 -9.92 13.03 -5.05
C ARG D 387 -9.09 13.62 -3.92
N HIS D 388 -8.11 12.88 -3.42
CA HIS D 388 -7.30 13.31 -2.30
C HIS D 388 -6.42 14.52 -2.62
N GLU D 389 -6.28 14.86 -3.89
CA GLU D 389 -5.58 16.06 -4.32
C GLU D 389 -6.31 17.35 -3.96
N VAL D 390 -7.55 17.27 -3.46
CA VAL D 390 -8.19 18.43 -2.83
C VAL D 390 -7.38 18.90 -1.63
N ALA D 391 -6.62 17.99 -1.00
CA ALA D 391 -5.69 18.38 0.06
C ALA D 391 -4.59 19.33 -0.40
N LYS D 392 -4.33 19.42 -1.71
CA LYS D 392 -3.41 20.44 -2.20
C LYS D 392 -4.02 21.83 -2.08
N PHE D 393 -5.33 21.95 -2.26
CA PHE D 393 -5.99 23.25 -2.24
C PHE D 393 -6.09 23.80 -0.83
N ILE D 394 -6.79 23.09 0.05
CA ILE D 394 -7.17 23.59 1.37
C ILE D 394 -6.16 23.25 2.44
N GLY D 395 -5.15 22.45 2.12
CA GLY D 395 -4.21 21.99 3.13
C GLY D 395 -4.74 20.79 3.87
N SER D 396 -3.87 20.21 4.67
CA SER D 396 -4.21 19.00 5.38
C SER D 396 -4.99 19.33 6.67
N PRO D 397 -5.76 18.38 7.18
CA PRO D 397 -6.45 18.57 8.47
C PRO D 397 -5.45 18.68 9.61
N PRO D 398 -5.87 19.21 10.77
CA PRO D 398 -4.97 19.23 11.93
C PRO D 398 -4.60 17.84 12.39
N GLY D 399 -3.33 17.67 12.75
CA GLY D 399 -2.82 16.37 13.12
C GLY D 399 -2.16 15.60 12.02
N TYR D 400 -1.84 16.23 10.90
CA TYR D 400 -1.22 15.55 9.77
C TYR D 400 0.02 16.33 9.32
N VAL D 401 0.73 15.79 8.34
CA VAL D 401 2.13 16.14 8.13
C VAL D 401 2.29 17.56 7.57
N GLY D 402 1.35 18.01 6.76
CA GLY D 402 1.46 19.33 6.18
C GLY D 402 0.54 20.37 6.76
N HIS D 403 0.19 20.28 8.04
CA HIS D 403 -0.84 21.15 8.58
C HIS D 403 -0.31 22.56 8.82
N GLU D 404 0.93 22.69 9.28
CA GLU D 404 1.48 24.01 9.53
C GLU D 404 1.85 24.72 8.24
N GLU D 405 1.99 23.96 7.14
CA GLU D 405 2.25 24.58 5.84
C GLU D 405 1.02 25.32 5.33
N GLY D 406 -0.16 24.77 5.54
CA GLY D 406 -1.39 25.41 5.12
C GLY D 406 -1.76 25.08 3.69
N GLY D 407 -2.89 25.64 3.28
CA GLY D 407 -3.38 25.41 1.92
C GLY D 407 -2.57 26.21 0.92
N GLN D 408 -2.30 25.62 -0.24
CA GLN D 408 -1.47 26.29 -1.25
C GLN D 408 -2.25 27.39 -1.95
N LEU D 409 -3.51 27.12 -2.29
CA LEU D 409 -4.33 28.14 -2.94
C LEU D 409 -4.71 29.25 -1.97
N THR D 410 -4.93 28.90 -0.70
CA THR D 410 -5.42 29.88 0.26
C THR D 410 -4.34 30.89 0.64
N LYS D 411 -3.07 30.47 0.69
CA LYS D 411 -2.02 31.43 1.03
C LYS D 411 -1.78 32.41 -0.12
N LYS D 412 -1.90 31.93 -1.37
CA LYS D 412 -1.74 32.83 -2.52
C LYS D 412 -2.92 33.77 -2.64
N LEU D 413 -4.12 33.32 -2.25
CA LEU D 413 -5.27 34.23 -2.24
C LEU D 413 -5.22 35.15 -1.03
N LYS D 414 -4.48 34.76 0.02
CA LYS D 414 -4.33 35.59 1.20
C LYS D 414 -3.34 36.73 0.94
N GLN D 415 -2.33 36.47 0.10
CA GLN D 415 -1.39 37.52 -0.29
C GLN D 415 -2.10 38.62 -1.10
N CYS D 416 -3.02 38.23 -1.98
CA CYS D 416 -3.84 39.18 -2.73
C CYS D 416 -5.19 38.58 -3.10
N PRO D 417 -6.29 39.20 -2.67
CA PRO D 417 -7.63 38.67 -2.98
C PRO D 417 -8.25 39.21 -4.25
N ASN D 418 -7.52 39.95 -5.08
CA ASN D 418 -8.03 40.40 -6.38
C ASN D 418 -7.27 39.74 -7.53
N ALA D 419 -6.78 38.52 -7.34
CA ALA D 419 -5.93 37.87 -8.32
C ALA D 419 -6.75 37.02 -9.28
N VAL D 420 -6.25 36.91 -10.51
CA VAL D 420 -6.87 36.06 -11.50
C VAL D 420 -6.35 34.64 -11.30
N VAL D 421 -7.26 33.73 -11.00
CA VAL D 421 -6.92 32.33 -10.77
C VAL D 421 -7.27 31.55 -12.04
N LEU D 422 -6.26 30.97 -12.65
CA LEU D 422 -6.40 30.28 -13.92
C LEU D 422 -6.35 28.78 -13.63
N PHE D 423 -7.50 28.13 -13.71
CA PHE D 423 -7.61 26.68 -13.50
C PHE D 423 -7.42 25.99 -14.84
N ASP D 424 -6.15 25.72 -15.17
CA ASP D 424 -5.79 25.27 -16.51
C ASP D 424 -6.16 23.80 -16.68
N GLN D 425 -6.79 23.50 -17.82
CA GLN D 425 -7.23 22.16 -18.22
C GLN D 425 -8.16 21.53 -17.18
N VAL D 426 -9.28 22.22 -16.92
CA VAL D 426 -10.23 21.80 -15.90
C VAL D 426 -10.99 20.55 -16.31
N ASP D 427 -10.95 20.19 -17.59
CA ASP D 427 -11.49 18.92 -18.08
C ASP D 427 -10.82 17.72 -17.44
N LYS D 428 -9.56 17.87 -17.02
CA LYS D 428 -8.74 16.73 -16.67
C LYS D 428 -8.84 16.35 -15.20
N ALA D 429 -9.20 17.28 -14.33
CA ALA D 429 -9.28 16.99 -12.91
C ALA D 429 -10.47 16.10 -12.61
N HIS D 430 -10.38 15.41 -11.48
CA HIS D 430 -11.48 14.59 -11.01
C HIS D 430 -12.65 15.50 -10.62
N PRO D 431 -13.89 15.09 -10.92
CA PRO D 431 -15.03 15.98 -10.63
C PRO D 431 -15.22 16.28 -9.15
N ASP D 432 -14.84 15.34 -8.28
CA ASP D 432 -14.88 15.60 -6.85
C ASP D 432 -13.87 16.66 -6.43
N VAL D 433 -12.79 16.83 -7.20
CA VAL D 433 -11.92 17.98 -6.99
C VAL D 433 -12.60 19.25 -7.48
N LEU D 434 -13.41 19.15 -8.54
CA LEU D 434 -14.13 20.32 -9.03
C LEU D 434 -15.24 20.75 -8.11
N THR D 435 -15.63 19.90 -7.14
CA THR D 435 -16.68 20.28 -6.19
C THR D 435 -16.22 21.32 -5.18
N ILE D 436 -14.93 21.65 -5.10
CA ILE D 436 -14.48 22.71 -4.20
C ILE D 436 -14.65 24.08 -4.86
N MET D 437 -14.68 24.11 -6.19
CA MET D 437 -14.97 25.37 -6.85
C MET D 437 -16.45 25.72 -6.77
N LEU D 438 -17.30 24.82 -6.27
CA LEU D 438 -18.67 25.20 -5.92
C LEU D 438 -18.68 26.30 -4.86
N GLN D 439 -17.94 26.11 -3.77
CA GLN D 439 -17.90 27.14 -2.76
C GLN D 439 -16.92 28.25 -3.12
N LEU D 440 -16.00 27.99 -4.05
CA LEU D 440 -15.21 29.12 -4.58
C LEU D 440 -16.05 30.06 -5.44
N PHE D 441 -17.00 29.52 -6.19
CA PHE D 441 -17.71 30.36 -7.16
C PHE D 441 -19.01 30.88 -6.56
N ASP D 442 -19.49 30.28 -5.48
CA ASP D 442 -20.78 30.65 -4.93
C ASP D 442 -20.73 32.00 -4.22
N GLU D 443 -20.03 32.07 -3.08
CA GLU D 443 -19.84 33.34 -2.41
C GLU D 443 -18.39 33.80 -2.36
N GLY D 444 -17.48 33.10 -3.03
CA GLY D 444 -16.08 33.46 -2.97
C GLY D 444 -15.43 33.28 -1.62
N ARG D 445 -15.69 32.15 -0.96
CA ARG D 445 -15.04 31.86 0.30
C ARG D 445 -14.44 30.46 0.25
N LEU D 446 -13.37 30.27 1.02
CA LEU D 446 -12.66 28.99 1.01
C LEU D 446 -12.05 28.74 2.38
N THR D 447 -12.22 27.53 2.91
CA THR D 447 -11.75 27.21 4.25
C THR D 447 -10.39 26.53 4.17
N ASP D 448 -9.42 27.08 4.91
CA ASP D 448 -8.09 26.51 4.99
C ASP D 448 -8.09 25.27 5.89
N GLY D 449 -6.95 24.60 5.97
CA GLY D 449 -6.81 23.49 6.89
C GLY D 449 -6.61 23.89 8.34
N LYS D 450 -6.34 25.17 8.59
CA LYS D 450 -6.24 25.70 9.94
C LYS D 450 -7.53 26.39 10.39
N GLY D 451 -8.62 26.18 9.66
CA GLY D 451 -9.91 26.70 10.04
C GLY D 451 -10.18 28.14 9.66
N LYS D 452 -9.21 28.84 9.07
CA LYS D 452 -9.39 30.24 8.70
C LYS D 452 -9.98 30.31 7.29
N THR D 453 -11.23 30.74 7.21
CA THR D 453 -11.85 30.97 5.92
C THR D 453 -11.28 32.22 5.26
N ILE D 454 -11.40 32.29 3.94
CA ILE D 454 -10.85 33.36 3.14
C ILE D 454 -11.92 33.85 2.19
N ASP D 455 -11.84 35.13 1.82
CA ASP D 455 -12.78 35.77 0.91
C ASP D 455 -12.12 35.94 -0.46
N CYS D 456 -12.88 35.66 -1.51
CA CYS D 456 -12.43 35.81 -2.90
C CYS D 456 -13.50 36.51 -3.72
N LYS D 457 -14.09 37.57 -3.16
CA LYS D 457 -15.24 38.19 -3.81
C LYS D 457 -14.82 39.01 -5.02
N ASP D 458 -13.64 39.63 -4.97
CA ASP D 458 -13.16 40.44 -6.07
C ASP D 458 -12.28 39.68 -7.05
N ALA D 459 -12.04 38.39 -6.80
CA ALA D 459 -11.17 37.61 -7.66
C ALA D 459 -11.89 37.21 -8.95
N ILE D 460 -11.09 36.89 -9.98
CA ILE D 460 -11.60 36.46 -11.27
C ILE D 460 -11.08 35.05 -11.53
N PHE D 461 -11.99 34.10 -11.71
CA PHE D 461 -11.63 32.71 -11.91
C PHE D 461 -11.88 32.34 -13.36
N ILE D 462 -10.83 31.93 -14.06
CA ILE D 462 -10.91 31.53 -15.45
C ILE D 462 -10.46 30.10 -15.54
N MET D 463 -11.33 29.22 -16.03
CA MET D 463 -10.92 27.87 -16.37
C MET D 463 -10.83 27.75 -17.88
N THR D 464 -9.94 26.89 -18.35
CA THR D 464 -9.85 26.56 -19.77
C THR D 464 -10.04 25.07 -19.90
N SER D 465 -10.69 24.63 -20.98
CA SER D 465 -10.85 23.20 -21.21
C SER D 465 -11.06 22.94 -22.69
N ASN D 466 -10.89 21.67 -23.07
CA ASN D 466 -11.29 21.19 -24.38
C ASN D 466 -12.37 20.11 -24.28
N VAL D 467 -13.38 20.34 -23.43
CA VAL D 467 -14.62 19.60 -23.54
C VAL D 467 -15.29 19.99 -24.85
N ALA D 468 -15.72 18.98 -25.61
CA ALA D 468 -16.36 19.15 -26.92
C ALA D 468 -15.51 19.95 -27.88
N SER D 469 -14.22 19.63 -27.95
CA SER D 469 -13.34 20.28 -28.92
C SER D 469 -13.71 19.91 -30.35
N ASP D 470 -13.99 18.63 -30.60
CA ASP D 470 -14.31 18.17 -31.94
C ASP D 470 -15.65 18.71 -32.41
N GLU D 471 -16.63 18.78 -31.50
CA GLU D 471 -17.95 19.30 -31.86
C GLU D 471 -17.90 20.78 -32.20
N ILE D 472 -17.16 21.56 -31.41
CA ILE D 472 -17.00 23.00 -31.67
C ILE D 472 -16.27 23.22 -32.98
N ALA D 473 -15.19 22.47 -33.21
CA ALA D 473 -14.41 22.63 -34.44
C ALA D 473 -15.21 22.22 -35.68
N GLN D 474 -15.95 21.11 -35.59
CA GLN D 474 -16.79 20.65 -36.69
C GLN D 474 -17.90 21.65 -37.00
N HIS D 475 -18.58 22.16 -35.97
CA HIS D 475 -19.67 23.10 -36.18
C HIS D 475 -19.15 24.43 -36.72
N ALA D 476 -17.97 24.85 -36.25
CA ALA D 476 -17.39 26.09 -36.75
C ALA D 476 -16.96 25.96 -38.21
N LEU D 477 -16.41 24.79 -38.58
CA LEU D 477 -16.07 24.57 -39.99
C LEU D 477 -17.30 24.50 -40.87
N GLN D 478 -18.38 23.90 -40.36
CA GLN D 478 -19.65 23.87 -41.10
C GLN D 478 -20.21 25.27 -41.29
N LEU D 479 -20.11 26.10 -40.26
CA LEU D 479 -20.60 27.48 -40.37
C LEU D 479 -19.73 28.32 -41.29
N ARG D 480 -18.42 28.05 -41.32
CA ARG D 480 -17.54 28.74 -42.27
C ARG D 480 -17.85 28.34 -43.70
N GLN D 481 -18.13 27.05 -43.93
CA GLN D 481 -18.51 26.60 -45.26
C GLN D 481 -19.84 27.20 -45.70
N GLU D 482 -20.81 27.29 -44.78
CA GLU D 482 -22.10 27.90 -45.09
C GLU D 482 -21.96 29.39 -45.38
N ALA D 483 -21.12 30.10 -44.60
CA ALA D 483 -20.91 31.53 -44.82
C ALA D 483 -20.20 31.79 -46.15
N LEU D 484 -19.21 30.95 -46.50
CA LEU D 484 -18.52 31.10 -47.78
C LEU D 484 -19.45 30.77 -48.94
N GLU D 485 -20.35 29.79 -48.75
CA GLU D 485 -21.35 29.48 -49.76
C GLU D 485 -22.31 30.65 -49.97
N MET D 486 -22.77 31.27 -48.89
CA MET D 486 -23.66 32.42 -49.02
C MET D 486 -22.96 33.63 -49.62
N SER D 487 -21.67 33.80 -49.30
CA SER D 487 -20.90 34.90 -49.89
C SER D 487 -20.70 34.71 -51.39
N ARG D 488 -20.38 33.48 -51.81
CA ARG D 488 -20.22 33.26 -53.25
C ARG D 488 -21.57 33.22 -53.97
N ASN D 489 -22.66 32.97 -53.25
CA ASN D 489 -23.98 33.09 -53.86
C ASN D 489 -24.36 34.56 -54.04
N ARG D 490 -24.02 35.41 -53.07
CA ARG D 490 -24.26 36.84 -53.21
C ARG D 490 -23.37 37.45 -54.29
N ILE D 491 -22.16 36.92 -54.45
CA ILE D 491 -21.32 37.30 -55.58
C ILE D 491 -21.96 36.84 -56.89
N ALA D 492 -22.52 35.61 -56.90
CA ALA D 492 -23.24 35.11 -58.06
C ALA D 492 -24.56 35.85 -58.27
N GLU D 493 -25.13 36.42 -57.22
CA GLU D 493 -26.33 37.25 -57.32
C GLU D 493 -26.00 38.74 -57.43
N ASN D 494 -24.72 39.08 -57.58
CA ASN D 494 -24.21 40.46 -57.69
C ASN D 494 -24.61 41.32 -56.50
N LEU D 495 -24.53 40.74 -55.30
CA LEU D 495 -24.84 41.43 -54.06
C LEU D 495 -23.53 41.60 -53.29
N GLY D 496 -22.98 42.81 -53.32
CA GLY D 496 -21.75 43.10 -52.61
C GLY D 496 -21.73 44.49 -51.98
N ASP D 497 -22.90 45.05 -51.73
CA ASP D 497 -23.02 46.38 -51.15
C ASP D 497 -23.17 46.36 -49.64
N VAL D 498 -23.14 45.19 -49.02
CA VAL D 498 -23.29 45.04 -47.58
C VAL D 498 -21.98 44.51 -47.01
N GLN D 499 -21.44 45.21 -46.01
CA GLN D 499 -20.18 44.82 -45.37
C GLN D 499 -20.48 43.72 -44.36
N ILE D 500 -20.37 42.47 -44.80
CA ILE D 500 -20.65 41.31 -43.97
C ILE D 500 -19.31 40.78 -43.48
N SER D 501 -18.93 41.16 -42.26
CA SER D 501 -17.69 40.67 -41.67
C SER D 501 -17.85 39.22 -41.23
N ASP D 502 -16.73 38.52 -41.12
CA ASP D 502 -16.74 37.11 -40.72
C ASP D 502 -16.61 36.95 -39.22
N LYS D 503 -17.55 37.56 -38.49
CA LYS D 503 -17.65 37.39 -37.04
C LYS D 503 -18.75 36.37 -36.77
N ILE D 504 -18.39 35.10 -36.94
CA ILE D 504 -19.35 34.01 -36.86
C ILE D 504 -19.75 33.77 -35.42
N THR D 505 -21.06 33.74 -35.17
CA THR D 505 -21.62 33.59 -33.83
C THR D 505 -22.21 32.20 -33.65
N ILE D 506 -21.98 31.62 -32.48
CA ILE D 506 -22.49 30.30 -32.15
C ILE D 506 -23.94 30.43 -31.70
N SER D 507 -24.83 29.66 -32.33
CA SER D 507 -26.25 29.72 -32.02
C SER D 507 -26.55 29.10 -30.66
N LYS D 508 -27.67 29.51 -30.08
CA LYS D 508 -28.08 29.00 -28.77
C LYS D 508 -28.50 27.54 -28.86
N ASN D 509 -29.07 27.14 -29.99
CA ASN D 509 -29.56 25.77 -30.14
C ASN D 509 -28.41 24.76 -30.18
N PHE D 510 -27.28 25.16 -30.74
CA PHE D 510 -26.10 24.30 -30.71
C PHE D 510 -25.51 24.23 -29.31
N LYS D 511 -25.61 25.32 -28.55
CA LYS D 511 -25.13 25.32 -27.17
C LYS D 511 -25.96 24.38 -26.30
N GLU D 512 -27.29 24.44 -26.46
CA GLU D 512 -28.16 23.69 -25.56
C GLU D 512 -28.38 22.26 -26.03
N ASN D 513 -28.17 22.00 -27.32
CA ASN D 513 -28.43 20.66 -27.84
C ASN D 513 -27.20 19.75 -27.71
N VAL D 514 -26.01 20.29 -27.98
CA VAL D 514 -24.80 19.48 -28.11
C VAL D 514 -23.85 19.72 -26.95
N ILE D 515 -23.51 20.98 -26.69
CA ILE D 515 -22.45 21.29 -25.73
C ILE D 515 -22.90 21.04 -24.30
N ARG D 516 -24.16 21.37 -23.98
CA ARG D 516 -24.67 21.13 -22.63
C ARG D 516 -24.73 19.65 -22.24
N PRO D 517 -25.23 18.70 -23.07
CA PRO D 517 -25.18 17.29 -22.62
C PRO D 517 -23.78 16.72 -22.47
N ILE D 518 -22.82 17.09 -23.33
CA ILE D 518 -21.47 16.57 -23.15
C ILE D 518 -20.78 17.24 -21.95
N LEU D 519 -21.11 18.51 -21.69
CA LEU D 519 -20.57 19.17 -20.51
C LEU D 519 -21.12 18.55 -19.23
N LYS D 520 -22.41 18.20 -19.22
CA LYS D 520 -22.99 17.58 -18.04
C LYS D 520 -22.58 16.11 -17.93
N ALA D 521 -22.19 15.50 -19.06
CA ALA D 521 -21.68 14.14 -19.00
C ALA D 521 -20.26 14.11 -18.46
N HIS D 522 -19.49 15.16 -18.74
CA HIS D 522 -18.09 15.17 -18.32
C HIS D 522 -17.95 15.68 -16.90
N PHE D 523 -18.59 16.81 -16.58
CA PHE D 523 -18.44 17.40 -15.25
C PHE D 523 -19.34 16.70 -14.24
N ARG D 524 -20.33 15.95 -14.73
CA ARG D 524 -21.18 15.02 -13.98
C ARG D 524 -22.04 15.68 -12.91
N ARG D 525 -22.17 16.99 -12.92
CA ARG D 525 -22.95 17.69 -11.89
C ARG D 525 -23.61 18.90 -12.52
N ASP D 526 -24.92 19.01 -12.39
CA ASP D 526 -25.64 20.19 -12.88
C ASP D 526 -25.78 21.25 -11.79
N GLU D 527 -24.68 21.48 -11.06
CA GLU D 527 -24.55 22.62 -10.17
C GLU D 527 -23.21 23.31 -10.29
N PHE D 528 -22.18 22.63 -10.79
CA PHE D 528 -20.92 23.29 -11.10
C PHE D 528 -21.09 24.21 -12.30
N LEU D 529 -21.86 23.77 -13.29
CA LEU D 529 -22.01 24.56 -14.51
C LEU D 529 -22.95 25.75 -14.31
N GLY D 530 -23.78 25.70 -13.28
CA GLY D 530 -24.65 26.83 -12.99
C GLY D 530 -23.89 28.04 -12.49
N ARG D 531 -22.85 27.82 -11.69
CA ARG D 531 -22.08 28.90 -11.09
C ARG D 531 -21.07 29.51 -12.04
N ILE D 532 -20.86 28.91 -13.21
CA ILE D 532 -19.97 29.48 -14.21
C ILE D 532 -20.71 30.65 -14.87
N ASN D 533 -20.17 31.86 -14.69
CA ASN D 533 -20.88 33.06 -15.14
C ASN D 533 -20.90 33.16 -16.66
N GLU D 534 -19.82 32.73 -17.31
CA GLU D 534 -19.85 32.76 -18.77
C GLU D 534 -19.15 31.55 -19.37
N ILE D 535 -19.69 31.06 -20.48
CA ILE D 535 -19.06 30.04 -21.30
C ILE D 535 -18.47 30.73 -22.52
N VAL D 536 -17.21 31.12 -22.45
CA VAL D 536 -16.56 31.84 -23.53
C VAL D 536 -16.14 30.84 -24.59
N TYR D 537 -16.38 31.17 -25.85
CA TYR D 537 -16.28 30.23 -26.97
C TYR D 537 -15.14 30.64 -27.88
N PHE D 538 -14.32 29.67 -28.27
CA PHE D 538 -13.17 29.91 -29.13
C PHE D 538 -13.31 29.09 -30.40
N LEU D 539 -12.95 29.69 -31.52
CA LEU D 539 -13.20 29.10 -32.82
C LEU D 539 -11.90 28.81 -33.56
N PRO D 540 -11.86 27.77 -34.40
CA PRO D 540 -10.68 27.53 -35.24
C PRO D 540 -10.47 28.65 -36.25
N PHE D 541 -9.21 28.85 -36.61
CA PHE D 541 -8.83 29.99 -37.44
C PHE D 541 -9.25 29.79 -38.88
N CYS D 542 -9.51 30.91 -39.56
CA CYS D 542 -9.72 30.94 -40.99
C CYS D 542 -8.38 31.16 -41.69
N HIS D 543 -8.43 31.43 -43.00
CA HIS D 543 -7.20 31.54 -43.78
C HIS D 543 -6.44 32.82 -43.46
N SER D 544 -7.15 33.94 -43.37
CA SER D 544 -6.50 35.23 -43.14
C SER D 544 -5.93 35.32 -41.73
N GLU D 545 -6.61 34.72 -40.75
CA GLU D 545 -6.08 34.70 -39.38
C GLU D 545 -4.80 33.88 -39.29
N LEU D 546 -4.74 32.76 -40.04
CA LEU D 546 -3.52 31.96 -40.06
C LEU D 546 -2.39 32.68 -40.78
N ILE D 547 -2.72 33.45 -41.83
CA ILE D 547 -1.71 34.24 -42.52
C ILE D 547 -1.15 35.32 -41.58
N GLN D 548 -2.03 35.96 -40.81
CA GLN D 548 -1.59 36.96 -39.83
C GLN D 548 -0.77 36.32 -38.73
N LEU D 549 -1.08 35.08 -38.35
CA LEU D 549 -0.29 34.34 -37.36
C LEU D 549 1.10 34.02 -37.89
N VAL D 550 1.19 33.62 -39.17
CA VAL D 550 2.48 33.33 -39.79
C VAL D 550 3.33 34.59 -39.84
N ASN D 551 2.70 35.73 -40.20
CA ASN D 551 3.41 36.99 -40.24
C ASN D 551 3.84 37.43 -38.84
N LYS D 552 3.02 37.12 -37.82
CA LYS D 552 3.37 37.45 -36.44
C LYS D 552 4.59 36.67 -35.97
N GLU D 553 4.65 35.37 -36.26
CA GLU D 553 5.80 34.60 -35.79
C GLU D 553 7.06 34.91 -36.60
N LEU D 554 6.90 35.18 -37.90
CA LEU D 554 8.05 35.59 -38.69
C LEU D 554 8.56 36.97 -38.26
N ASN D 555 7.65 37.85 -37.83
CA ASN D 555 8.04 39.12 -37.22
C ASN D 555 8.78 38.89 -35.91
N PHE D 556 8.35 37.90 -35.13
CA PHE D 556 9.04 37.56 -33.88
C PHE D 556 10.46 37.06 -34.14
N TRP D 557 10.63 36.20 -35.14
CA TRP D 557 11.96 35.69 -35.46
C TRP D 557 12.84 36.77 -36.07
N ALA D 558 12.25 37.68 -36.85
CA ALA D 558 13.00 38.81 -37.38
C ALA D 558 13.44 39.75 -36.28
N LYS D 559 12.57 39.97 -35.28
CA LYS D 559 12.89 40.83 -34.15
C LYS D 559 14.01 40.21 -33.32
N ARG D 560 13.96 38.88 -33.11
CA ARG D 560 15.03 38.22 -32.37
C ARG D 560 16.35 38.27 -33.13
N ALA D 561 16.32 38.04 -34.44
CA ALA D 561 17.53 38.09 -35.26
C ALA D 561 18.14 39.48 -35.28
N LYS D 562 17.30 40.53 -35.37
CA LYS D 562 17.80 41.89 -35.36
C LYS D 562 18.37 42.26 -33.99
N GLN D 563 17.65 41.93 -32.92
CA GLN D 563 18.07 42.36 -31.59
C GLN D 563 19.18 41.51 -30.99
N ARG D 564 19.51 40.37 -31.58
CA ARG D 564 20.65 39.60 -31.10
C ARG D 564 21.85 39.58 -32.03
N HIS D 565 21.65 39.67 -33.36
CA HIS D 565 22.78 39.54 -34.26
C HIS D 565 22.78 40.54 -35.42
N ASN D 566 21.92 41.56 -35.37
CA ASN D 566 21.80 42.62 -36.39
C ASN D 566 21.51 42.03 -37.77
N ILE D 567 20.42 41.28 -37.86
CA ILE D 567 20.03 40.57 -39.08
C ILE D 567 18.62 40.98 -39.44
N THR D 568 18.44 41.45 -40.68
CA THR D 568 17.16 41.91 -41.19
C THR D 568 16.54 40.80 -42.04
N LEU D 569 15.27 40.52 -41.81
CA LEU D 569 14.56 39.47 -42.53
C LEU D 569 13.47 40.07 -43.42
N LEU D 570 13.20 39.38 -44.53
CA LEU D 570 12.16 39.80 -45.46
C LEU D 570 11.60 38.57 -46.15
N TRP D 571 10.29 38.60 -46.43
CA TRP D 571 9.65 37.44 -47.01
C TRP D 571 8.49 37.89 -47.91
N ASP D 572 8.07 36.97 -48.79
CA ASP D 572 6.99 37.21 -49.73
C ASP D 572 5.70 36.56 -49.22
N ARG D 573 4.65 36.63 -50.05
CA ARG D 573 3.37 36.06 -49.67
C ARG D 573 3.34 34.55 -49.91
N GLU D 574 4.17 34.06 -50.83
CA GLU D 574 4.29 32.62 -51.03
C GLU D 574 4.92 31.94 -49.83
N VAL D 575 5.71 32.68 -49.04
CA VAL D 575 6.20 32.19 -47.75
C VAL D 575 5.03 31.94 -46.82
N ALA D 576 4.06 32.85 -46.80
CA ALA D 576 2.87 32.66 -45.98
C ALA D 576 2.01 31.49 -46.48
N ASP D 577 1.96 31.31 -47.80
CA ASP D 577 1.23 30.17 -48.36
C ASP D 577 1.89 28.83 -47.98
N VAL D 578 3.21 28.75 -48.06
CA VAL D 578 3.86 27.49 -47.74
C VAL D 578 3.95 27.30 -46.23
N LEU D 579 3.78 28.36 -45.45
CA LEU D 579 3.67 28.18 -44.01
C LEU D 579 2.24 28.02 -43.55
N VAL D 580 1.26 28.07 -44.47
CA VAL D 580 -0.11 27.76 -44.06
C VAL D 580 -0.63 26.44 -44.64
N ASP D 581 0.01 25.90 -45.69
CA ASP D 581 -0.62 24.80 -46.44
C ASP D 581 -0.75 23.51 -45.62
N GLY D 582 0.27 23.19 -44.83
CA GLY D 582 0.27 21.92 -44.12
C GLY D 582 -0.39 21.93 -42.75
N TYR D 583 -1.39 22.79 -42.59
CA TYR D 583 -2.00 23.11 -41.31
C TYR D 583 -2.87 21.96 -40.81
N ASN D 584 -2.72 21.64 -39.53
CA ASN D 584 -3.63 20.75 -38.83
C ASN D 584 -4.54 21.58 -37.93
N VAL D 585 -5.85 21.33 -38.01
CA VAL D 585 -6.78 22.03 -37.13
C VAL D 585 -6.59 21.59 -35.68
N HIS D 586 -6.27 20.30 -35.47
CA HIS D 586 -6.30 19.72 -34.13
C HIS D 586 -5.16 20.21 -33.27
N TYR D 587 -4.11 20.76 -33.87
CA TYR D 587 -3.01 21.35 -33.13
C TYR D 587 -3.04 22.86 -33.21
N GLY D 588 -3.98 23.41 -33.98
CA GLY D 588 -4.21 24.84 -34.11
C GLY D 588 -3.00 25.66 -34.45
N ALA D 589 -2.87 26.79 -33.73
CA ALA D 589 -1.73 27.69 -33.87
C ALA D 589 -0.42 26.98 -33.60
N ARG D 590 -0.43 25.98 -32.71
CA ARG D 590 0.77 25.23 -32.37
C ARG D 590 1.36 24.55 -33.60
N SER D 591 0.48 23.99 -34.45
CA SER D 591 0.93 23.37 -35.69
C SER D 591 1.64 24.37 -36.58
N ILE D 592 1.07 25.58 -36.69
CA ILE D 592 1.65 26.65 -37.50
C ILE D 592 3.02 27.01 -36.97
N LYS D 593 3.17 26.99 -35.64
CA LYS D 593 4.43 27.33 -35.02
C LYS D 593 5.51 26.34 -35.40
N HIS D 594 5.16 25.05 -35.42
CA HIS D 594 6.13 24.04 -35.80
C HIS D 594 6.46 24.13 -37.27
N GLU D 595 5.51 24.60 -38.08
CA GLU D 595 5.77 24.77 -39.50
C GLU D 595 6.72 25.92 -39.75
N VAL D 596 6.74 26.90 -38.84
CA VAL D 596 7.69 28.01 -38.99
C VAL D 596 9.02 27.46 -38.49
N GLU D 597 8.97 26.46 -37.63
CA GLU D 597 10.15 26.10 -36.86
C GLU D 597 11.11 25.27 -37.69
N ARG D 598 10.59 24.26 -38.41
CA ARG D 598 11.47 23.38 -39.14
C ARG D 598 11.73 23.84 -40.57
N ARG D 599 10.83 24.65 -41.13
CA ARG D 599 10.97 25.03 -42.53
C ARG D 599 11.88 26.23 -42.72
N VAL D 600 12.04 27.07 -41.70
CA VAL D 600 12.77 28.32 -41.85
C VAL D 600 13.90 28.40 -40.82
N VAL D 601 13.56 28.16 -39.55
CA VAL D 601 14.46 28.50 -38.44
C VAL D 601 15.67 27.56 -38.43
N ASN D 602 15.48 26.31 -38.86
CA ASN D 602 16.58 25.37 -38.95
C ASN D 602 17.61 25.81 -39.99
N GLN D 603 17.13 26.34 -41.13
CA GLN D 603 18.05 26.85 -42.15
C GLN D 603 18.78 28.09 -41.64
N LEU D 604 18.10 28.93 -40.85
CA LEU D 604 18.75 30.09 -40.24
C LEU D 604 19.84 29.66 -39.27
N ALA D 605 19.57 28.63 -38.47
CA ALA D 605 20.56 28.16 -37.50
C ALA D 605 21.75 27.52 -38.19
N ALA D 606 21.50 26.75 -39.26
CA ALA D 606 22.60 26.16 -40.02
C ALA D 606 23.44 27.23 -40.70
N ALA D 607 22.79 28.20 -41.35
CA ALA D 607 23.50 29.26 -42.05
C ALA D 607 24.26 30.16 -41.07
N TYR D 608 23.80 30.24 -39.82
CA TYR D 608 24.62 30.85 -38.79
C TYR D 608 25.80 29.95 -38.44
N GLU D 609 25.61 28.62 -38.49
CA GLU D 609 26.65 27.72 -38.01
C GLU D 609 27.85 27.68 -38.94
N GLN D 610 27.63 27.70 -40.26
CA GLN D 610 28.83 27.80 -41.11
C GLN D 610 29.33 29.23 -41.29
N ASP D 611 28.87 30.19 -40.47
CA ASP D 611 29.32 31.59 -40.45
C ASP D 611 29.09 32.28 -41.81
N LEU D 612 27.82 32.39 -42.18
CA LEU D 612 27.42 33.10 -43.38
C LEU D 612 26.57 34.33 -43.09
N LEU D 613 26.39 34.69 -41.83
CA LEU D 613 25.51 35.79 -41.43
C LEU D 613 26.29 36.83 -40.64
N PRO D 614 26.94 37.77 -41.31
CA PRO D 614 27.60 38.86 -40.59
C PRO D 614 26.59 39.91 -40.15
N GLY D 615 27.06 40.82 -39.30
CA GLY D 615 26.23 41.90 -38.80
C GLY D 615 25.79 42.88 -39.87
N GLY D 616 24.48 43.18 -39.90
CA GLY D 616 23.94 44.13 -40.85
C GLY D 616 23.42 43.54 -42.14
N CYS D 617 23.67 42.26 -42.39
CA CYS D 617 23.19 41.64 -43.63
C CYS D 617 21.68 41.42 -43.56
N THR D 618 21.07 41.28 -44.73
CA THR D 618 19.63 41.06 -44.84
C THR D 618 19.33 39.85 -45.71
N LEU D 619 18.35 39.07 -45.29
CA LEU D 619 17.94 37.84 -45.95
C LEU D 619 16.52 37.96 -46.48
N ARG D 620 16.27 37.32 -47.60
CA ARG D 620 14.95 37.18 -48.19
C ARG D 620 14.63 35.70 -48.28
N ILE D 621 13.43 35.34 -47.84
CA ILE D 621 12.96 33.96 -47.89
C ILE D 621 12.14 33.80 -49.16
N THR D 622 12.51 32.83 -49.99
CA THR D 622 11.92 32.69 -51.31
C THR D 622 11.45 31.25 -51.52
N VAL D 623 10.25 31.09 -52.09
CA VAL D 623 9.72 29.76 -52.36
C VAL D 623 10.53 29.09 -53.46
N GLU D 624 10.65 27.77 -53.38
CA GLU D 624 11.45 27.02 -54.34
C GLU D 624 10.75 26.94 -55.69
N ASP D 625 11.54 27.02 -56.75
CA ASP D 625 10.99 26.89 -58.10
C ASP D 625 10.57 25.46 -58.40
N SER D 626 11.39 24.48 -57.97
CA SER D 626 11.12 23.08 -58.29
C SER D 626 9.90 22.54 -57.55
N ASP D 627 9.52 23.17 -56.44
CA ASP D 627 8.26 22.88 -55.77
C ASP D 627 7.19 23.90 -56.13
N LYS D 628 7.22 24.41 -57.36
CA LYS D 628 6.18 25.32 -57.84
C LYS D 628 5.08 24.53 -58.55
N LEU D 630 5.02 21.51 -56.64
CA LEU D 630 4.20 20.93 -55.57
C LEU D 630 3.23 21.96 -55.00
N LEU D 631 2.99 23.02 -55.78
CA LEU D 631 2.08 24.08 -55.35
C LEU D 631 0.76 24.00 -56.10
N LEU D 645 6.58 17.78 -48.03
CA LEU D 645 6.90 19.05 -47.38
C LEU D 645 7.90 19.84 -48.19
N PRO D 646 7.48 21.02 -48.70
CA PRO D 646 8.39 21.83 -49.53
C PRO D 646 9.54 22.48 -48.77
N LYS D 647 10.32 23.29 -49.48
CA LYS D 647 11.49 23.94 -48.90
C LYS D 647 11.53 25.39 -49.36
N LEU D 648 12.06 26.26 -48.49
CA LEU D 648 12.28 27.66 -48.79
C LEU D 648 13.77 27.96 -48.80
N ARG D 649 14.17 28.92 -49.62
CA ARG D 649 15.57 29.29 -49.77
C ARG D 649 15.84 30.63 -49.11
N LEU D 650 17.04 30.77 -48.56
CA LEU D 650 17.51 32.02 -47.97
C LEU D 650 18.45 32.70 -48.94
N GLU D 651 18.19 33.97 -49.25
CA GLU D 651 18.99 34.73 -50.19
C GLU D 651 19.51 35.99 -49.52
N ILE D 652 20.83 36.15 -49.53
CA ILE D 652 21.46 37.36 -49.01
C ILE D 652 21.26 38.48 -50.03
N ILE D 653 20.80 39.63 -49.56
CA ILE D 653 20.80 40.85 -50.37
C ILE D 653 21.99 41.70 -49.92
N ASP D 654 22.86 42.02 -50.86
CA ASP D 654 24.10 42.74 -50.58
C ASP D 654 23.85 44.25 -50.65
N LYS D 655 24.94 45.01 -50.71
CA LYS D 655 24.85 46.47 -50.77
C LYS D 655 24.22 46.94 -52.08
N ASP D 656 24.58 46.30 -53.20
CA ASP D 656 24.11 46.69 -54.52
C ASP D 656 22.80 46.01 -54.91
N SER D 657 22.04 45.50 -53.93
CA SER D 657 20.74 44.85 -54.12
C SER D 657 20.81 43.66 -55.06
N LYS D 658 21.89 42.88 -54.96
CA LYS D 658 22.04 41.66 -55.72
C LYS D 658 21.57 40.48 -54.86
N THR D 659 21.04 39.45 -55.50
CA THR D 659 20.57 38.28 -54.77
C THR D 659 21.64 37.20 -54.83
N ARG D 660 22.11 36.77 -53.67
CA ARG D 660 23.12 35.72 -53.58
C ARG D 660 22.53 34.57 -52.77
N ARG D 661 22.34 33.41 -53.41
CA ARG D 661 21.86 32.25 -52.69
C ARG D 661 22.98 31.67 -51.83
N LEU D 662 22.64 31.28 -50.61
CA LEU D 662 23.60 30.78 -49.65
C LEU D 662 23.52 29.26 -49.57
N ASP D 663 24.69 28.62 -49.51
CA ASP D 663 24.77 27.18 -49.45
C ASP D 663 24.72 26.69 -48.00
N ILE D 664 23.99 25.61 -47.77
CA ILE D 664 23.85 25.04 -46.44
C ILE D 664 24.50 23.66 -46.37
N GLU E 300 -40.26 40.39 22.76
CA GLU E 300 -40.11 39.80 21.43
C GLU E 300 -41.39 39.09 21.01
N ALA E 301 -42.11 38.54 21.99
CA ALA E 301 -43.33 37.80 21.73
C ALA E 301 -44.47 38.73 21.33
N GLU E 303 -45.11 40.82 18.40
CA GLU E 303 -44.25 41.06 17.24
C GLU E 303 -44.29 39.88 16.28
N ARG E 304 -44.08 38.69 16.85
CA ARG E 304 -44.07 37.46 16.07
C ARG E 304 -45.44 37.20 15.44
N ARG E 305 -46.52 37.53 16.16
CA ARG E 305 -47.85 37.51 15.58
C ARG E 305 -48.06 38.71 14.66
N ARG E 306 -47.44 39.85 14.98
CA ARG E 306 -47.68 41.07 14.22
C ARG E 306 -47.01 41.01 12.85
N PHE E 307 -45.76 40.55 12.81
CA PHE E 307 -45.03 40.35 11.56
C PHE E 307 -44.73 38.86 11.45
N PRO E 308 -45.54 38.13 10.66
CA PRO E 308 -45.32 36.68 10.52
C PRO E 308 -44.00 36.38 9.83
N LEU E 309 -43.46 35.21 10.15
CA LEU E 309 -42.10 34.87 9.74
C LEU E 309 -42.05 34.48 8.27
N GLU E 310 -43.09 33.80 7.79
CA GLU E 310 -43.18 33.45 6.37
C GLU E 310 -43.30 34.69 5.51
N GLN E 311 -43.88 35.77 6.05
CA GLN E 311 -43.87 37.05 5.36
C GLN E 311 -42.46 37.59 5.21
N ARG E 312 -41.62 37.41 6.24
CA ARG E 312 -40.23 37.84 6.15
C ARG E 312 -39.44 37.00 5.16
N LEU E 313 -39.77 35.71 5.07
CA LEU E 313 -39.04 34.85 4.14
C LEU E 313 -39.56 34.99 2.71
N LYS E 314 -40.79 35.47 2.53
CA LYS E 314 -41.37 35.54 1.20
C LYS E 314 -40.76 36.65 0.36
N GLU E 315 -40.25 37.70 1.01
CA GLU E 315 -39.68 38.81 0.25
C GLU E 315 -38.27 38.48 -0.24
N HIS E 316 -37.52 37.68 0.51
CA HIS E 316 -36.12 37.45 0.15
C HIS E 316 -35.96 36.21 -0.70
N ILE E 317 -36.73 35.15 -0.44
CA ILE E 317 -36.88 34.06 -1.39
C ILE E 317 -38.33 34.07 -1.86
N ILE E 318 -38.52 34.20 -3.16
CA ILE E 318 -39.84 34.12 -3.75
C ILE E 318 -40.03 32.75 -4.39
N GLY E 319 -41.24 32.22 -4.26
CA GLY E 319 -41.46 30.81 -4.52
C GLY E 319 -41.09 29.98 -3.30
N GLN E 320 -41.10 28.65 -3.51
CA GLN E 320 -40.77 27.64 -2.49
C GLN E 320 -41.64 27.78 -1.24
N GLU E 321 -42.96 27.82 -1.44
CA GLU E 321 -43.87 28.11 -0.33
C GLU E 321 -43.96 26.95 0.66
N SER E 322 -43.81 25.71 0.18
CA SER E 322 -43.87 24.55 1.07
C SER E 322 -42.66 24.51 1.99
N ALA E 323 -41.48 24.84 1.47
CA ALA E 323 -40.28 24.86 2.29
C ALA E 323 -40.32 25.97 3.34
N ILE E 324 -40.80 27.15 2.95
CA ILE E 324 -40.97 28.26 3.88
C ILE E 324 -42.00 27.90 4.96
N ALA E 325 -43.08 27.21 4.56
CA ALA E 325 -44.10 26.79 5.50
C ALA E 325 -43.55 25.78 6.51
N THR E 326 -42.76 24.80 6.04
CA THR E 326 -42.20 23.78 6.93
C THR E 326 -41.20 24.38 7.91
N VAL E 327 -40.30 25.24 7.40
CA VAL E 327 -39.30 25.87 8.26
C VAL E 327 -39.95 26.81 9.26
N GLY E 328 -40.95 27.59 8.82
CA GLY E 328 -41.64 28.49 9.72
C GLY E 328 -42.45 27.77 10.79
N ALA E 329 -43.07 26.65 10.42
CA ALA E 329 -43.81 25.86 11.41
C ALA E 329 -42.88 25.24 12.44
N ALA E 330 -41.71 24.74 12.01
CA ALA E 330 -40.77 24.15 12.95
C ALA E 330 -40.15 25.21 13.86
N ILE E 331 -39.83 26.38 13.32
CA ILE E 331 -39.28 27.46 14.14
C ILE E 331 -40.34 27.99 15.10
N ARG E 332 -41.61 28.02 14.66
CA ARG E 332 -42.71 28.42 15.53
C ARG E 332 -42.92 27.42 16.67
N ARG E 333 -42.76 26.13 16.38
CA ARG E 333 -42.80 25.11 17.43
C ARG E 333 -41.63 25.26 18.38
N LYS E 334 -40.46 25.60 17.86
CA LYS E 334 -39.26 25.72 18.71
C LYS E 334 -39.31 26.95 19.61
N GLU E 335 -39.81 28.07 19.10
CA GLU E 335 -39.69 29.34 19.82
C GLU E 335 -40.66 29.43 20.98
N ASN E 336 -41.85 28.83 20.85
CA ASN E 336 -42.89 28.94 21.86
C ASN E 336 -42.75 27.94 22.98
N GLY E 337 -41.68 27.13 22.98
CA GLY E 337 -41.53 26.10 23.99
C GLY E 337 -42.26 24.82 23.69
N TRP E 338 -42.76 24.65 22.47
CA TRP E 338 -43.42 23.41 22.07
C TRP E 338 -42.45 22.38 21.52
N TYR E 339 -41.15 22.53 21.75
CA TYR E 339 -40.17 21.61 21.20
C TYR E 339 -39.31 21.03 22.32
N ASP E 340 -38.95 19.76 22.17
CA ASP E 340 -38.22 19.04 23.20
C ASP E 340 -36.79 19.57 23.33
N GLU E 341 -36.37 19.79 24.57
CA GLU E 341 -35.06 20.36 24.86
C GLU E 341 -33.94 19.32 24.86
N GLU E 342 -34.26 18.03 24.70
CA GLU E 342 -33.23 17.02 24.63
C GLU E 342 -32.51 17.03 23.28
N HIS E 343 -33.24 17.28 22.20
CA HIS E 343 -32.71 17.14 20.85
C HIS E 343 -32.60 18.51 20.17
N PRO E 344 -31.68 18.68 19.24
CA PRO E 344 -31.68 19.91 18.44
C PRO E 344 -32.48 19.76 17.16
N LEU E 345 -32.89 20.92 16.61
CA LEU E 345 -33.67 20.94 15.38
C LEU E 345 -32.76 20.63 14.19
N VAL E 346 -33.17 19.67 13.35
CA VAL E 346 -32.34 19.19 12.25
C VAL E 346 -33.16 19.17 10.97
N PHE E 347 -32.62 19.80 9.92
CA PHE E 347 -33.29 19.88 8.62
C PHE E 347 -32.38 19.32 7.54
N LEU E 348 -32.99 18.70 6.53
CA LEU E 348 -32.31 18.33 5.30
C LEU E 348 -33.02 19.00 4.13
N PHE E 349 -32.39 20.04 3.58
CA PHE E 349 -32.94 20.76 2.44
C PHE E 349 -32.55 20.00 1.18
N LEU E 350 -33.52 19.35 0.55
CA LEU E 350 -33.31 18.59 -0.67
C LEU E 350 -33.99 19.30 -1.83
N GLY E 351 -33.28 19.39 -2.96
CA GLY E 351 -33.86 20.01 -4.15
C GLY E 351 -32.85 20.00 -5.27
N SER E 352 -33.23 20.68 -6.35
CA SER E 352 -32.32 20.88 -7.47
C SER E 352 -31.37 22.04 -7.19
N SER E 353 -30.58 22.38 -8.20
CA SER E 353 -29.54 23.39 -8.02
C SER E 353 -30.08 24.78 -8.29
N GLY E 354 -29.60 25.74 -7.52
CA GLY E 354 -29.90 27.16 -7.73
C GLY E 354 -31.34 27.56 -7.49
N ILE E 355 -31.97 27.01 -6.45
CA ILE E 355 -33.37 27.30 -6.19
C ILE E 355 -33.65 27.83 -4.78
N GLY E 356 -32.63 27.98 -3.94
CA GLY E 356 -32.82 28.76 -2.74
C GLY E 356 -32.63 28.09 -1.39
N LYS E 357 -31.99 26.91 -1.35
CA LYS E 357 -31.77 26.23 -0.09
C LYS E 357 -30.75 26.96 0.78
N THR E 358 -29.60 27.31 0.19
CA THR E 358 -28.57 28.06 0.89
C THR E 358 -29.07 29.46 1.23
N GLU E 359 -29.86 30.06 0.34
CA GLU E 359 -30.39 31.40 0.60
C GLU E 359 -31.41 31.39 1.73
N LEU E 360 -32.26 30.35 1.79
CA LEU E 360 -33.21 30.24 2.89
C LEU E 360 -32.51 30.02 4.22
N ALA E 361 -31.47 29.20 4.23
CA ALA E 361 -30.71 29.00 5.48
C ALA E 361 -30.00 30.27 5.90
N LYS E 362 -29.47 31.02 4.94
CA LYS E 362 -28.80 32.29 5.24
C LYS E 362 -29.78 33.32 5.79
N GLN E 363 -30.98 33.41 5.21
CA GLN E 363 -31.99 34.32 5.73
C GLN E 363 -32.49 33.86 7.10
N THR E 364 -32.52 32.55 7.33
CA THR E 364 -32.96 32.01 8.60
C THR E 364 -32.01 32.40 9.72
N ALA E 365 -30.71 32.22 9.50
CA ALA E 365 -29.73 32.69 10.46
C ALA E 365 -29.62 34.21 10.48
N LYS E 366 -30.12 34.88 9.44
CA LYS E 366 -30.11 36.34 9.44
C LYS E 366 -31.13 36.88 10.43
N TYR E 367 -32.35 36.33 10.45
CA TYR E 367 -33.27 36.88 11.46
C TYR E 367 -33.01 36.27 12.84
N MET E 368 -32.48 35.04 12.89
CA MET E 368 -32.31 34.36 14.17
C MET E 368 -31.25 35.05 15.04
N HIS E 369 -30.18 35.51 14.42
CA HIS E 369 -29.13 36.26 15.13
C HIS E 369 -28.77 37.49 14.33
N LYS E 370 -28.59 38.62 15.03
CA LYS E 370 -28.22 39.86 14.34
C LYS E 370 -26.79 39.81 13.85
N ASP E 371 -25.86 39.39 14.70
CA ASP E 371 -24.45 39.27 14.32
C ASP E 371 -24.21 37.99 13.53
N ALA E 372 -23.94 38.17 12.24
CA ALA E 372 -23.88 37.03 11.32
C ALA E 372 -22.61 36.22 11.52
N LYS E 373 -21.52 36.86 11.95
CA LYS E 373 -20.27 36.14 12.12
C LYS E 373 -20.31 35.27 13.37
N LYS E 374 -21.12 35.65 14.35
CA LYS E 374 -21.24 34.85 15.57
C LYS E 374 -22.35 33.82 15.44
N GLY E 375 -23.58 34.26 15.15
CA GLY E 375 -24.73 33.39 15.26
C GLY E 375 -24.88 32.40 14.12
N PHE E 376 -24.20 32.65 13.00
CA PHE E 376 -24.31 31.80 11.82
C PHE E 376 -22.98 31.12 11.58
N ILE E 377 -22.95 29.81 11.79
CA ILE E 377 -21.78 28.97 11.52
C ILE E 377 -22.04 28.25 10.22
N ARG E 378 -21.14 28.40 9.26
CA ARG E 378 -21.30 27.79 7.95
C ARG E 378 -20.13 26.86 7.68
N LEU E 379 -20.41 25.57 7.59
CA LEU E 379 -19.44 24.58 7.17
C LEU E 379 -19.85 24.08 5.79
N ASP E 380 -18.93 24.16 4.84
CA ASP E 380 -19.18 23.62 3.52
C ASP E 380 -18.49 22.26 3.45
N MET E 381 -19.28 21.21 3.25
CA MET E 381 -18.79 19.85 3.41
C MET E 381 -18.14 19.30 2.14
N SER E 382 -17.86 20.15 1.15
CA SER E 382 -17.06 19.69 0.02
C SER E 382 -15.59 19.60 0.40
N GLU E 383 -15.17 20.24 1.48
CA GLU E 383 -13.81 20.09 1.98
C GLU E 383 -13.64 18.74 2.66
N PHE E 384 -14.67 18.28 3.37
CA PHE E 384 -14.60 17.03 4.15
C PHE E 384 -14.92 15.85 3.24
N GLN E 385 -14.02 15.61 2.28
CA GLN E 385 -14.22 14.55 1.31
C GLN E 385 -13.49 13.26 1.67
N GLU E 386 -12.79 13.23 2.80
CA GLU E 386 -12.10 12.03 3.25
C GLU E 386 -12.34 11.83 4.73
N ARG E 387 -12.08 10.61 5.19
CA ARG E 387 -12.27 10.25 6.59
C ARG E 387 -11.31 11.02 7.49
N HIS E 388 -10.09 11.26 7.03
CA HIS E 388 -9.12 11.98 7.85
C HIS E 388 -9.44 13.46 7.96
N GLU E 389 -10.43 13.97 7.21
CA GLU E 389 -10.90 15.33 7.39
C GLU E 389 -11.77 15.49 8.64
N VAL E 390 -12.25 14.38 9.22
CA VAL E 390 -13.11 14.42 10.41
C VAL E 390 -12.44 15.11 11.60
N ALA E 391 -11.10 15.11 11.65
CA ALA E 391 -10.37 15.77 12.73
C ALA E 391 -10.60 17.28 12.72
N LYS E 392 -10.98 17.86 11.57
CA LYS E 392 -11.32 19.28 11.53
C LYS E 392 -12.51 19.62 12.41
N PHE E 393 -13.42 18.65 12.60
CA PHE E 393 -14.52 18.86 13.54
C PHE E 393 -14.02 18.96 14.98
N ILE E 394 -13.01 18.15 15.34
CA ILE E 394 -12.70 17.96 16.75
C ILE E 394 -11.28 18.40 17.12
N GLY E 395 -10.46 18.79 16.16
CA GLY E 395 -9.08 19.07 16.47
C GLY E 395 -8.25 17.81 16.56
N SER E 396 -7.03 17.99 17.02
CA SER E 396 -6.08 16.89 17.07
C SER E 396 -6.10 16.19 18.42
N PRO E 397 -5.74 14.90 18.45
CA PRO E 397 -5.49 14.24 19.73
C PRO E 397 -4.28 14.84 20.42
N PRO E 398 -4.16 14.68 21.75
CA PRO E 398 -3.03 15.29 22.47
C PRO E 398 -1.69 14.70 22.07
N GLY E 399 -0.79 15.57 21.61
CA GLY E 399 0.51 15.16 21.13
C GLY E 399 0.75 15.36 19.65
N TYR E 400 -0.13 16.05 18.95
CA TYR E 400 -0.01 16.16 17.50
C TYR E 400 0.10 17.64 17.10
N VAL E 401 0.13 17.88 15.78
CA VAL E 401 0.59 19.17 15.29
C VAL E 401 -0.48 20.25 15.46
N GLY E 402 -1.72 19.84 15.61
CA GLY E 402 -2.78 20.73 16.01
C GLY E 402 -2.86 20.81 17.51
N HIS E 403 -4.10 20.69 18.02
CA HIS E 403 -4.51 20.42 19.40
C HIS E 403 -4.27 21.62 20.32
N GLU E 404 -3.55 22.65 19.86
CA GLU E 404 -3.38 23.85 20.68
C GLU E 404 -4.64 24.71 20.63
N GLU E 405 -5.29 24.77 19.47
CA GLU E 405 -6.49 25.59 19.31
C GLU E 405 -7.77 24.77 19.29
N GLY E 406 -7.69 23.44 19.33
CA GLY E 406 -8.86 22.61 19.29
C GLY E 406 -9.49 22.56 17.90
N GLY E 407 -10.71 22.01 17.87
CA GLY E 407 -11.45 21.96 16.62
C GLY E 407 -12.11 23.30 16.32
N GLN E 408 -12.36 23.54 15.02
CA GLN E 408 -12.98 24.80 14.65
C GLN E 408 -14.47 24.81 14.98
N LEU E 409 -15.19 23.73 14.67
CA LEU E 409 -16.63 23.69 14.91
C LEU E 409 -16.94 23.66 16.40
N THR E 410 -16.12 22.96 17.17
CA THR E 410 -16.25 22.96 18.62
C THR E 410 -16.02 24.35 19.20
N LYS E 411 -15.07 25.09 18.64
CA LYS E 411 -14.82 26.45 19.11
C LYS E 411 -15.97 27.39 18.76
N LYS E 412 -16.46 27.33 17.53
CA LYS E 412 -17.54 28.23 17.11
C LYS E 412 -18.86 27.88 17.81
N LEU E 413 -19.06 26.61 18.15
CA LEU E 413 -20.28 26.23 18.86
C LEU E 413 -20.14 26.43 20.38
N LYS E 414 -18.91 26.47 20.89
CA LYS E 414 -18.70 26.89 22.26
C LYS E 414 -18.95 28.38 22.41
N GLN E 415 -18.65 29.15 21.36
CA GLN E 415 -18.91 30.59 21.40
C GLN E 415 -20.40 30.91 21.42
N CYS E 416 -21.23 30.02 20.89
CA CYS E 416 -22.68 30.22 20.88
C CYS E 416 -23.42 28.89 20.78
N PRO E 417 -24.24 28.54 21.77
CA PRO E 417 -24.94 27.24 21.69
C PRO E 417 -26.14 27.26 20.76
N ASN E 418 -26.82 28.39 20.62
CA ASN E 418 -28.04 28.47 19.83
C ASN E 418 -27.79 28.88 18.39
N ALA E 419 -26.63 28.55 17.84
CA ALA E 419 -26.26 28.98 16.50
C ALA E 419 -27.00 28.18 15.43
N VAL E 420 -27.21 28.81 14.29
CA VAL E 420 -27.75 28.12 13.12
C VAL E 420 -26.55 27.59 12.35
N VAL E 421 -26.25 26.31 12.56
CA VAL E 421 -25.15 25.69 11.85
C VAL E 421 -25.66 25.15 10.52
N LEU E 422 -24.99 25.54 9.44
CA LEU E 422 -25.38 25.19 8.09
C LEU E 422 -24.27 24.39 7.44
N PHE E 423 -24.55 23.12 7.15
CA PHE E 423 -23.67 22.25 6.40
C PHE E 423 -24.12 22.26 4.95
N ASP E 424 -23.44 23.05 4.13
CA ASP E 424 -23.69 23.06 2.69
C ASP E 424 -23.03 21.87 2.03
N GLN E 425 -23.75 21.30 1.07
CA GLN E 425 -23.27 20.24 0.18
C GLN E 425 -22.80 19.02 0.97
N VAL E 426 -23.73 18.40 1.70
CA VAL E 426 -23.39 17.19 2.44
C VAL E 426 -23.31 16.00 1.52
N ASP E 427 -23.78 16.13 0.27
CA ASP E 427 -23.62 15.05 -0.70
C ASP E 427 -22.17 14.89 -1.11
N LYS E 428 -21.40 15.98 -1.10
CA LYS E 428 -19.99 15.89 -1.48
C LYS E 428 -19.16 15.29 -0.37
N ALA E 429 -19.66 15.33 0.86
CA ALA E 429 -18.91 14.80 1.99
C ALA E 429 -18.88 13.28 1.96
N HIS E 430 -17.80 12.71 2.50
CA HIS E 430 -17.68 11.28 2.61
C HIS E 430 -18.70 10.76 3.62
N PRO E 431 -19.27 9.56 3.39
CA PRO E 431 -20.25 9.02 4.35
C PRO E 431 -19.66 8.72 5.72
N ASP E 432 -18.34 8.55 5.83
CA ASP E 432 -17.73 8.36 7.14
C ASP E 432 -17.66 9.66 7.92
N VAL E 433 -17.75 10.79 7.22
CA VAL E 433 -17.71 12.09 7.89
C VAL E 433 -19.05 12.39 8.53
N LEU E 434 -20.13 11.85 7.96
CA LEU E 434 -21.47 12.09 8.49
C LEU E 434 -21.69 11.36 9.81
N THR E 435 -20.81 10.42 10.15
CA THR E 435 -20.90 9.69 11.41
C THR E 435 -20.64 10.62 12.60
N ILE E 436 -19.86 11.69 12.42
CA ILE E 436 -19.63 12.59 13.53
C ILE E 436 -20.85 13.49 13.77
N MET E 437 -21.77 13.55 12.81
CA MET E 437 -23.00 14.28 13.07
C MET E 437 -24.09 13.43 13.71
N LEU E 438 -23.84 12.14 13.95
CA LEU E 438 -24.82 11.32 14.66
C LEU E 438 -25.03 11.81 16.09
N GLN E 439 -23.93 11.98 16.82
CA GLN E 439 -23.95 12.57 18.16
C GLN E 439 -24.48 14.01 18.15
N LEU E 440 -24.18 14.77 17.10
CA LEU E 440 -24.54 16.18 17.08
C LEU E 440 -26.03 16.35 16.79
N PHE E 441 -26.60 15.42 16.03
CA PHE E 441 -28.03 15.50 15.71
C PHE E 441 -28.86 14.84 16.78
N ASP E 442 -28.30 13.82 17.46
CA ASP E 442 -29.03 13.13 18.50
C ASP E 442 -29.02 13.91 19.80
N GLU E 443 -27.83 14.17 20.35
CA GLU E 443 -27.73 14.76 21.67
C GLU E 443 -27.28 16.21 21.65
N GLY E 444 -26.71 16.69 20.56
CA GLY E 444 -26.15 18.02 20.54
C GLY E 444 -24.83 18.14 21.26
N ARG E 445 -24.09 17.06 21.44
CA ARG E 445 -22.82 17.10 22.14
C ARG E 445 -21.69 16.70 21.21
N LEU E 446 -20.54 17.33 21.39
CA LEU E 446 -19.34 17.12 20.59
C LEU E 446 -18.14 17.32 21.48
N THR E 447 -17.17 16.41 21.39
CA THR E 447 -16.01 16.45 22.26
C THR E 447 -14.79 16.95 21.49
N ASP E 448 -14.11 17.93 22.07
CA ASP E 448 -12.92 18.52 21.47
C ASP E 448 -11.74 17.56 21.55
N GLY E 449 -10.66 17.93 20.86
CA GLY E 449 -9.41 17.20 21.01
C GLY E 449 -8.83 17.33 22.40
N LYS E 450 -9.05 18.48 23.03
CA LYS E 450 -8.60 18.73 24.40
C LYS E 450 -9.60 18.25 25.44
N GLY E 451 -10.63 17.52 25.05
CA GLY E 451 -11.56 16.93 25.99
C GLY E 451 -12.77 17.78 26.33
N LYS E 452 -12.87 18.98 25.81
CA LYS E 452 -14.02 19.83 26.08
C LYS E 452 -15.25 19.35 25.30
N THR E 453 -16.34 19.13 26.02
CA THR E 453 -17.60 18.69 25.42
C THR E 453 -18.58 19.86 25.40
N ILE E 454 -19.06 20.21 24.21
CA ILE E 454 -19.96 21.33 24.06
C ILE E 454 -21.41 20.87 24.20
N ASP E 455 -22.29 21.82 24.48
CA ASP E 455 -23.73 21.55 24.60
C ASP E 455 -24.45 22.39 23.55
N CYS E 456 -25.01 21.71 22.55
CA CYS E 456 -25.72 22.34 21.44
C CYS E 456 -27.11 21.75 21.30
N LYS E 457 -27.85 21.70 22.39
CA LYS E 457 -29.21 21.15 22.35
C LYS E 457 -30.19 22.13 21.71
N ASP E 458 -29.87 23.42 21.73
CA ASP E 458 -30.76 24.44 21.18
C ASP E 458 -30.35 24.91 19.80
N ALA E 459 -29.30 24.35 19.21
CA ALA E 459 -28.84 24.78 17.90
C ALA E 459 -29.78 24.26 16.82
N ILE E 460 -29.71 24.89 15.65
CA ILE E 460 -30.47 24.50 14.47
C ILE E 460 -29.48 24.07 13.40
N PHE E 461 -29.52 22.79 13.02
CA PHE E 461 -28.62 22.24 12.02
C PHE E 461 -29.38 22.10 10.72
N ILE E 462 -28.85 22.69 9.65
CA ILE E 462 -29.46 22.64 8.34
C ILE E 462 -28.46 22.05 7.36
N MET E 463 -28.83 20.95 6.73
CA MET E 463 -27.95 20.30 5.75
C MET E 463 -28.52 20.52 4.37
N THR E 464 -27.80 21.26 3.54
CA THR E 464 -28.18 21.48 2.15
C THR E 464 -27.61 20.36 1.31
N SER E 465 -28.44 19.71 0.50
CA SER E 465 -27.98 18.60 -0.31
C SER E 465 -28.56 18.68 -1.71
N ASN E 466 -27.88 18.03 -2.65
CA ASN E 466 -28.35 17.90 -4.03
C ASN E 466 -28.61 16.45 -4.40
N VAL E 467 -28.82 15.57 -3.41
CA VAL E 467 -29.11 14.17 -3.69
C VAL E 467 -30.50 14.05 -4.28
N ALA E 468 -30.61 13.29 -5.38
CA ALA E 468 -31.85 13.04 -6.12
C ALA E 468 -32.47 14.33 -6.63
N SER E 469 -31.64 15.17 -7.27
CA SER E 469 -32.16 16.36 -7.93
C SER E 469 -32.93 16.00 -9.20
N ASP E 470 -32.45 14.99 -9.94
CA ASP E 470 -33.10 14.60 -11.18
C ASP E 470 -34.46 13.96 -10.94
N GLU E 471 -34.56 13.11 -9.91
CA GLU E 471 -35.84 12.45 -9.63
C GLU E 471 -36.87 13.44 -9.13
N ILE E 472 -36.46 14.37 -8.26
CA ILE E 472 -37.36 15.40 -7.77
C ILE E 472 -37.78 16.32 -8.90
N ALA E 473 -36.86 16.65 -9.80
CA ALA E 473 -37.19 17.49 -10.95
C ALA E 473 -38.15 16.80 -11.92
N GLN E 474 -37.93 15.50 -12.17
CA GLN E 474 -38.80 14.76 -13.06
C GLN E 474 -40.19 14.59 -12.47
N HIS E 475 -40.28 14.28 -11.17
CA HIS E 475 -41.57 14.14 -10.52
C HIS E 475 -42.28 15.48 -10.40
N ALA E 476 -41.51 16.57 -10.24
CA ALA E 476 -42.10 17.91 -10.23
C ALA E 476 -42.69 18.27 -11.58
N LEU E 477 -41.97 17.96 -12.67
CA LEU E 477 -42.48 18.25 -14.01
C LEU E 477 -43.70 17.38 -14.31
N GLN E 478 -43.69 16.12 -13.89
CA GLN E 478 -44.83 15.24 -14.10
C GLN E 478 -46.06 15.71 -13.33
N LEU E 479 -45.87 16.10 -12.06
CA LEU E 479 -46.99 16.56 -11.25
C LEU E 479 -47.54 17.89 -11.75
N ARG E 480 -46.66 18.79 -12.18
CA ARG E 480 -47.12 20.07 -12.70
C ARG E 480 -47.83 19.91 -14.03
N GLN E 481 -47.35 19.00 -14.89
CA GLN E 481 -48.03 18.71 -16.15
C GLN E 481 -49.40 18.10 -15.91
N GLU E 482 -49.51 17.17 -14.95
CA GLU E 482 -50.79 16.57 -14.63
C GLU E 482 -51.76 17.60 -14.05
N ALA E 483 -51.28 18.46 -13.16
CA ALA E 483 -52.12 19.50 -12.58
C ALA E 483 -52.56 20.53 -13.61
N LEU E 484 -51.66 20.87 -14.54
CA LEU E 484 -52.02 21.81 -15.60
C LEU E 484 -53.03 21.20 -16.57
N GLU E 485 -52.88 19.90 -16.88
CA GLU E 485 -53.85 19.22 -17.73
C GLU E 485 -55.22 19.15 -17.07
N MET E 486 -55.25 18.82 -15.78
CA MET E 486 -56.52 18.79 -15.04
C MET E 486 -57.14 20.19 -14.94
N SER E 487 -56.31 21.21 -14.72
CA SER E 487 -56.81 22.57 -14.59
C SER E 487 -57.34 23.11 -15.92
N ARG E 488 -56.67 22.80 -17.03
CA ARG E 488 -57.17 23.27 -18.32
C ARG E 488 -58.39 22.45 -18.76
N ASN E 489 -58.50 21.20 -18.31
CA ASN E 489 -59.73 20.46 -18.55
C ASN E 489 -60.89 21.03 -17.74
N ARG E 490 -60.61 21.52 -16.52
CA ARG E 490 -61.64 22.18 -15.73
C ARG E 490 -62.00 23.54 -16.31
N ILE E 491 -61.03 24.22 -16.92
CA ILE E 491 -61.28 25.48 -17.61
C ILE E 491 -62.15 25.25 -18.83
N ALA E 492 -61.89 24.17 -19.57
CA ALA E 492 -62.76 23.77 -20.67
C ALA E 492 -64.13 23.32 -20.16
N GLU E 493 -64.19 22.81 -18.94
CA GLU E 493 -65.46 22.47 -18.29
C GLU E 493 -66.04 23.65 -17.53
N ASN E 494 -65.40 24.82 -17.58
CA ASN E 494 -65.85 26.07 -16.95
C ASN E 494 -66.02 25.93 -15.44
N LEU E 495 -65.11 25.19 -14.81
CA LEU E 495 -65.14 25.01 -13.36
C LEU E 495 -64.28 26.07 -12.68
N GLY E 496 -64.73 27.32 -12.80
CA GLY E 496 -64.03 28.44 -12.22
C GLY E 496 -64.61 28.92 -10.91
N ASP E 497 -65.70 28.29 -10.46
CA ASP E 497 -66.32 28.66 -9.20
C ASP E 497 -65.46 28.25 -8.01
N VAL E 498 -64.85 27.07 -8.08
CA VAL E 498 -63.98 26.59 -7.01
C VAL E 498 -62.57 27.14 -7.24
N GLN E 499 -62.05 27.85 -6.25
CA GLN E 499 -60.71 28.43 -6.30
C GLN E 499 -59.70 27.37 -5.85
N ILE E 500 -58.84 26.94 -6.78
CA ILE E 500 -57.82 25.94 -6.50
C ILE E 500 -56.47 26.62 -6.56
N SER E 501 -55.79 26.67 -5.41
CA SER E 501 -54.44 27.21 -5.36
C SER E 501 -53.45 26.21 -5.95
N ASP E 502 -52.44 26.74 -6.65
CA ASP E 502 -51.44 25.90 -7.31
C ASP E 502 -50.36 25.50 -6.28
N LYS E 503 -50.77 24.61 -5.37
CA LYS E 503 -49.89 24.08 -4.35
C LYS E 503 -49.67 22.60 -4.61
N ILE E 504 -48.40 22.20 -4.68
CA ILE E 504 -48.03 20.83 -5.03
C ILE E 504 -47.69 20.08 -3.75
N THR E 505 -48.42 19.00 -3.49
CA THR E 505 -48.16 18.14 -2.35
C THR E 505 -47.48 16.87 -2.85
N ILE E 506 -46.21 16.72 -2.49
CA ILE E 506 -45.46 15.51 -2.83
C ILE E 506 -45.98 14.36 -1.99
N SER E 507 -46.25 13.22 -2.62
CA SER E 507 -46.79 12.07 -1.91
C SER E 507 -45.76 11.47 -0.98
N LYS E 508 -46.19 11.11 0.23
CA LYS E 508 -45.28 10.52 1.20
C LYS E 508 -44.86 9.11 0.78
N ASN E 509 -45.75 8.40 0.08
CA ASN E 509 -45.42 7.07 -0.41
C ASN E 509 -44.34 7.13 -1.49
N PHE E 510 -44.41 8.15 -2.35
CA PHE E 510 -43.35 8.37 -3.33
C PHE E 510 -42.03 8.71 -2.65
N LYS E 511 -42.08 9.47 -1.55
CA LYS E 511 -40.86 9.74 -0.79
C LYS E 511 -40.28 8.47 -0.18
N GLU E 512 -41.13 7.60 0.35
CA GLU E 512 -40.61 6.44 1.07
C GLU E 512 -40.29 5.29 0.13
N ASN E 513 -40.67 5.39 -1.15
CA ASN E 513 -40.35 4.32 -2.08
C ASN E 513 -39.36 4.70 -3.17
N VAL E 514 -39.10 6.00 -3.39
CA VAL E 514 -38.24 6.40 -4.50
C VAL E 514 -37.04 7.19 -3.97
N ILE E 515 -37.31 8.30 -3.29
CA ILE E 515 -36.23 9.18 -2.83
C ILE E 515 -35.47 8.54 -1.67
N ARG E 516 -36.18 7.83 -0.80
CA ARG E 516 -35.55 7.18 0.36
C ARG E 516 -34.53 6.12 -0.04
N PRO E 517 -34.75 5.23 -1.04
CA PRO E 517 -33.63 4.37 -1.47
C PRO E 517 -32.42 5.12 -2.02
N ILE E 518 -32.62 6.25 -2.69
CA ILE E 518 -31.47 7.02 -3.19
C ILE E 518 -30.71 7.66 -2.04
N LEU E 519 -31.44 8.20 -1.05
CA LEU E 519 -30.81 8.78 0.13
C LEU E 519 -30.08 7.72 0.95
N LYS E 520 -30.69 6.53 1.09
CA LYS E 520 -30.06 5.46 1.85
C LYS E 520 -28.88 4.88 1.08
N ALA E 521 -28.94 4.89 -0.25
CA ALA E 521 -27.80 4.42 -1.03
C ALA E 521 -26.65 5.40 -0.94
N HIS E 522 -26.95 6.69 -0.85
CA HIS E 522 -25.89 7.69 -0.84
C HIS E 522 -25.25 7.82 0.53
N PHE E 523 -26.07 8.07 1.57
CA PHE E 523 -25.52 8.33 2.89
C PHE E 523 -25.11 7.04 3.59
N ARG E 524 -25.60 5.90 3.11
CA ARG E 524 -25.23 4.52 3.46
C ARG E 524 -25.63 4.10 4.87
N ARG E 525 -26.14 4.99 5.71
CA ARG E 525 -26.41 4.71 7.12
C ARG E 525 -27.86 5.04 7.43
N ASP E 526 -28.59 4.07 7.98
CA ASP E 526 -29.99 4.28 8.31
C ASP E 526 -30.15 5.14 9.55
N GLU E 527 -29.18 5.09 10.47
CA GLU E 527 -29.30 5.86 11.70
C GLU E 527 -29.09 7.35 11.46
N PHE E 528 -28.34 7.69 10.40
CA PHE E 528 -28.14 9.10 10.08
C PHE E 528 -29.41 9.72 9.52
N LEU E 529 -30.12 9.00 8.66
CA LEU E 529 -31.41 9.48 8.17
C LEU E 529 -32.48 9.39 9.24
N GLY E 530 -32.30 8.49 10.21
CA GLY E 530 -33.24 8.44 11.32
C GLY E 530 -33.06 9.61 12.28
N ARG E 531 -31.85 10.15 12.37
CA ARG E 531 -31.58 11.21 13.32
C ARG E 531 -32.02 12.57 12.80
N ILE E 532 -32.40 12.65 11.52
CA ILE E 532 -32.89 13.91 10.98
C ILE E 532 -34.31 14.17 11.47
N ASN E 533 -34.54 15.36 12.02
CA ASN E 533 -35.87 15.70 12.50
C ASN E 533 -36.82 15.98 11.34
N GLU E 534 -36.36 16.67 10.30
CA GLU E 534 -37.24 17.06 9.22
C GLU E 534 -36.48 17.07 7.90
N ILE E 535 -37.14 16.56 6.86
CA ILE E 535 -36.63 16.64 5.49
C ILE E 535 -37.51 17.63 4.74
N VAL E 536 -36.91 18.73 4.28
CA VAL E 536 -37.62 19.82 3.65
C VAL E 536 -37.31 19.76 2.16
N TYR E 537 -38.35 19.59 1.35
CA TYR E 537 -38.20 19.48 -0.09
C TYR E 537 -38.22 20.86 -0.73
N PHE E 538 -37.52 20.99 -1.85
CA PHE E 538 -37.48 22.23 -2.61
C PHE E 538 -37.90 21.92 -4.04
N LEU E 539 -38.64 22.84 -4.65
CA LEU E 539 -39.22 22.58 -5.95
C LEU E 539 -38.65 23.55 -6.99
N PRO E 540 -38.63 23.17 -8.27
CA PRO E 540 -38.24 24.13 -9.32
C PRO E 540 -39.31 25.20 -9.49
N PHE E 541 -38.89 26.31 -10.08
CA PHE E 541 -39.77 27.46 -10.26
C PHE E 541 -40.71 27.25 -11.44
N CYS E 542 -41.88 27.88 -11.35
CA CYS E 542 -42.86 27.92 -12.43
C CYS E 542 -42.79 29.27 -13.13
N HIS E 543 -43.65 29.44 -14.15
CA HIS E 543 -43.48 30.51 -15.13
C HIS E 543 -43.70 31.90 -14.54
N SER E 544 -44.81 32.08 -13.81
CA SER E 544 -45.07 33.37 -13.16
C SER E 544 -44.05 33.63 -12.07
N GLU E 545 -43.64 32.59 -11.37
CA GLU E 545 -42.58 32.68 -10.37
C GLU E 545 -41.25 33.09 -11.01
N LEU E 546 -40.96 32.57 -12.21
CA LEU E 546 -39.76 32.96 -12.92
C LEU E 546 -39.80 34.40 -13.40
N ILE E 547 -40.98 34.87 -13.84
CA ILE E 547 -41.13 36.27 -14.23
C ILE E 547 -40.95 37.18 -13.01
N GLN E 548 -41.43 36.73 -11.85
CA GLN E 548 -41.19 37.46 -10.61
C GLN E 548 -39.70 37.50 -10.26
N LEU E 549 -38.99 36.41 -10.53
CA LEU E 549 -37.53 36.35 -10.34
C LEU E 549 -36.81 37.38 -11.21
N VAL E 550 -37.19 37.44 -12.49
CA VAL E 550 -36.59 38.39 -13.42
C VAL E 550 -36.87 39.82 -12.99
N ASN E 551 -38.11 40.08 -12.54
CA ASN E 551 -38.47 41.42 -12.06
C ASN E 551 -37.73 41.79 -10.78
N LYS E 552 -37.48 40.81 -9.91
CA LYS E 552 -36.72 41.07 -8.68
C LYS E 552 -35.27 41.40 -8.99
N GLU E 553 -34.66 40.68 -9.94
CA GLU E 553 -33.28 41.00 -10.33
C GLU E 553 -33.18 42.36 -10.99
N LEU E 554 -34.16 42.70 -11.84
CA LEU E 554 -34.19 44.01 -12.47
C LEU E 554 -34.41 45.12 -11.44
N ASN E 555 -35.22 44.84 -10.41
CA ASN E 555 -35.42 45.81 -9.34
C ASN E 555 -34.15 46.00 -8.52
N PHE E 556 -33.38 44.93 -8.33
CA PHE E 556 -32.09 45.06 -7.64
C PHE E 556 -31.12 45.92 -8.44
N TRP E 557 -31.08 45.73 -9.77
CA TRP E 557 -30.21 46.55 -10.60
C TRP E 557 -30.67 48.00 -10.62
N ALA E 558 -31.98 48.23 -10.63
CA ALA E 558 -32.51 49.59 -10.58
C ALA E 558 -32.19 50.26 -9.26
N LYS E 559 -32.29 49.51 -8.15
CA LYS E 559 -31.95 50.06 -6.84
C LYS E 559 -30.47 50.40 -6.73
N ARG E 560 -29.61 49.53 -7.27
CA ARG E 560 -28.17 49.81 -7.26
C ARG E 560 -27.83 51.01 -8.12
N ALA E 561 -28.46 51.13 -9.30
CA ALA E 561 -28.22 52.26 -10.18
C ALA E 561 -28.70 53.57 -9.57
N LYS E 562 -29.87 53.55 -8.92
CA LYS E 562 -30.41 54.75 -8.29
C LYS E 562 -29.57 55.16 -7.07
N GLN E 563 -29.07 54.18 -6.31
CA GLN E 563 -28.24 54.49 -5.16
C GLN E 563 -26.88 55.02 -5.57
N ARG E 564 -26.31 54.50 -6.66
CA ARG E 564 -24.93 54.85 -6.97
C ARG E 564 -24.84 56.08 -7.87
N HIS E 565 -25.61 56.13 -8.95
CA HIS E 565 -25.44 57.19 -9.94
C HIS E 565 -26.77 57.78 -10.38
N ASN E 566 -27.76 57.78 -9.46
CA ASN E 566 -29.10 58.39 -9.51
C ASN E 566 -29.81 58.40 -10.86
N ILE E 567 -29.82 57.25 -11.54
CA ILE E 567 -30.59 57.08 -12.77
C ILE E 567 -31.63 56.01 -12.55
N THR E 568 -32.89 56.39 -12.77
CA THR E 568 -34.00 55.46 -12.65
C THR E 568 -34.08 54.58 -13.88
N LEU E 569 -34.44 53.31 -13.68
CA LEU E 569 -34.59 52.34 -14.75
C LEU E 569 -35.98 51.75 -14.69
N LEU E 570 -36.64 51.65 -15.85
CA LEU E 570 -37.99 51.13 -15.95
C LEU E 570 -38.04 50.08 -17.03
N TRP E 571 -39.00 49.17 -16.94
CA TRP E 571 -39.07 48.06 -17.87
C TRP E 571 -40.51 47.63 -18.08
N ASP E 572 -40.72 46.92 -19.18
CA ASP E 572 -42.03 46.41 -19.57
C ASP E 572 -42.13 44.97 -19.07
N ARG E 573 -43.29 44.34 -19.22
CA ARG E 573 -43.41 42.91 -18.93
C ARG E 573 -42.91 42.04 -20.07
N GLU E 574 -42.89 42.58 -21.30
CA GLU E 574 -42.42 41.78 -22.42
C GLU E 574 -40.91 41.64 -22.43
N VAL E 575 -40.19 42.62 -21.90
CA VAL E 575 -38.75 42.44 -21.76
C VAL E 575 -38.45 41.39 -20.67
N ALA E 576 -39.32 41.29 -19.67
CA ALA E 576 -39.20 40.21 -18.70
C ALA E 576 -39.47 38.85 -19.34
N ASP E 577 -40.44 38.80 -20.27
CA ASP E 577 -40.71 37.57 -21.00
C ASP E 577 -39.53 37.15 -21.87
N VAL E 578 -38.93 38.11 -22.59
CA VAL E 578 -37.82 37.75 -23.47
C VAL E 578 -36.56 37.49 -22.65
N LEU E 579 -36.50 37.97 -21.41
CA LEU E 579 -35.42 37.58 -20.51
C LEU E 579 -35.62 36.17 -19.98
N VAL E 580 -36.86 35.77 -19.71
CA VAL E 580 -37.05 34.47 -19.08
C VAL E 580 -37.10 33.35 -20.13
N ASP E 581 -37.23 33.70 -21.42
CA ASP E 581 -37.20 32.67 -22.47
C ASP E 581 -35.86 31.93 -22.55
N GLY E 582 -34.77 32.57 -22.14
CA GLY E 582 -33.49 31.87 -22.08
C GLY E 582 -33.13 31.31 -20.71
N TYR E 583 -33.95 30.42 -20.16
CA TYR E 583 -33.76 29.92 -18.82
C TYR E 583 -33.52 28.41 -18.87
N ASN E 584 -32.67 27.91 -17.97
CA ASN E 584 -32.36 26.49 -17.89
C ASN E 584 -32.77 25.96 -16.52
N VAL E 585 -33.52 24.85 -16.53
CA VAL E 585 -34.04 24.29 -15.28
C VAL E 585 -32.94 23.66 -14.44
N HIS E 586 -31.83 23.29 -15.07
CA HIS E 586 -30.73 22.67 -14.34
C HIS E 586 -29.95 23.70 -13.53
N TYR E 587 -29.72 24.88 -14.11
CA TYR E 587 -28.90 25.86 -13.42
C TYR E 587 -29.72 26.69 -12.44
N GLY E 588 -31.04 26.69 -12.57
CA GLY E 588 -31.87 27.36 -11.60
C GLY E 588 -31.87 28.86 -11.77
N ALA E 589 -32.17 29.56 -10.67
CA ALA E 589 -32.37 31.01 -10.67
C ALA E 589 -31.13 31.77 -11.11
N ARG E 590 -29.95 31.17 -10.88
CA ARG E 590 -28.67 31.74 -11.28
C ARG E 590 -28.64 31.99 -12.78
N SER E 591 -29.17 31.03 -13.56
CA SER E 591 -29.27 31.20 -15.00
C SER E 591 -30.09 32.41 -15.36
N ILE E 592 -31.23 32.60 -14.66
CA ILE E 592 -32.05 33.79 -14.80
C ILE E 592 -31.23 35.03 -14.54
N LYS E 593 -30.47 35.03 -13.44
CA LYS E 593 -29.63 36.17 -13.09
C LYS E 593 -28.58 36.40 -14.16
N HIS E 594 -28.02 35.31 -14.71
CA HIS E 594 -26.96 35.44 -15.69
C HIS E 594 -27.49 36.04 -16.98
N GLU E 595 -28.76 35.77 -17.31
CA GLU E 595 -29.34 36.39 -18.49
C GLU E 595 -29.47 37.88 -18.29
N VAL E 596 -29.83 38.28 -17.06
CA VAL E 596 -29.87 39.70 -16.72
C VAL E 596 -28.46 40.29 -16.71
N GLU E 597 -27.45 39.44 -16.47
CA GLU E 597 -26.08 39.91 -16.63
C GLU E 597 -25.73 40.12 -18.10
N ARG E 598 -26.21 39.25 -18.99
CA ARG E 598 -25.64 39.27 -20.33
C ARG E 598 -26.51 40.01 -21.34
N ARG E 599 -27.79 40.23 -21.03
CA ARG E 599 -28.63 40.94 -21.99
C ARG E 599 -28.69 42.43 -21.69
N VAL E 600 -28.66 42.83 -20.42
CA VAL E 600 -28.97 44.20 -20.06
C VAL E 600 -27.76 44.94 -19.50
N VAL E 601 -27.27 44.49 -18.34
CA VAL E 601 -26.39 45.33 -17.52
C VAL E 601 -25.04 45.53 -18.18
N ASN E 602 -24.58 44.53 -18.94
CA ASN E 602 -23.36 44.64 -19.73
C ASN E 602 -23.46 45.79 -20.72
N GLN E 603 -24.61 45.87 -21.41
CA GLN E 603 -24.90 46.98 -22.31
C GLN E 603 -24.89 48.30 -21.54
N LEU E 604 -25.47 48.28 -20.33
CA LEU E 604 -25.46 49.45 -19.46
C LEU E 604 -24.04 49.87 -19.14
N ALA E 605 -23.18 48.89 -18.85
CA ALA E 605 -21.78 49.19 -18.59
C ALA E 605 -21.11 49.79 -19.81
N ALA E 606 -21.41 49.23 -20.99
CA ALA E 606 -20.89 49.81 -22.23
C ALA E 606 -21.48 51.19 -22.45
N ALA E 607 -22.76 51.36 -22.12
CA ALA E 607 -23.38 52.66 -22.28
C ALA E 607 -22.93 53.61 -21.19
N TYR E 608 -22.35 53.09 -20.10
CA TYR E 608 -21.73 53.98 -19.13
C TYR E 608 -20.27 54.22 -19.48
N GLU E 609 -19.69 53.35 -20.31
CA GLU E 609 -18.31 53.55 -20.73
C GLU E 609 -18.23 54.62 -21.82
N GLN E 610 -19.22 54.66 -22.71
CA GLN E 610 -19.29 55.64 -23.78
C GLN E 610 -19.95 56.94 -23.35
N ASP E 611 -20.26 57.08 -22.05
CA ASP E 611 -20.84 58.26 -21.40
C ASP E 611 -22.14 58.68 -22.04
N LEU E 612 -22.99 57.71 -22.39
CA LEU E 612 -24.31 58.01 -22.93
C LEU E 612 -25.35 58.23 -21.84
N LEU E 613 -24.95 58.15 -20.56
CA LEU E 613 -25.82 58.36 -19.43
C LEU E 613 -25.37 59.58 -18.65
N PRO E 614 -26.15 60.66 -18.62
CA PRO E 614 -25.77 61.83 -17.82
C PRO E 614 -26.12 61.66 -16.36
N GLY E 615 -25.93 62.70 -15.56
CA GLY E 615 -26.21 62.63 -14.13
C GLY E 615 -27.68 62.65 -13.79
N GLY E 616 -28.39 61.57 -14.11
CA GLY E 616 -29.80 61.47 -13.80
C GLY E 616 -30.71 61.51 -15.02
N CYS E 617 -31.28 60.38 -15.38
CA CYS E 617 -32.19 60.31 -16.52
C CYS E 617 -33.14 59.13 -16.33
N THR E 618 -34.04 58.99 -17.29
CA THR E 618 -35.01 57.90 -17.29
C THR E 618 -34.67 56.94 -18.43
N LEU E 619 -34.45 55.68 -18.09
CA LEU E 619 -34.08 54.66 -19.06
C LEU E 619 -35.15 53.58 -19.10
N ARG E 620 -35.52 53.18 -20.31
CA ARG E 620 -36.46 52.08 -20.50
C ARG E 620 -35.86 51.07 -21.47
N ILE E 621 -35.89 49.81 -21.10
CA ILE E 621 -35.44 48.73 -21.96
C ILE E 621 -36.63 48.20 -22.74
N THR E 622 -36.51 48.18 -24.06
CA THR E 622 -37.55 47.68 -24.96
C THR E 622 -36.97 46.57 -25.82
N VAL E 623 -37.83 45.92 -26.59
CA VAL E 623 -37.43 44.83 -27.47
C VAL E 623 -37.32 45.39 -28.87
N GLU E 624 -36.21 45.08 -29.56
CA GLU E 624 -36.00 45.54 -30.92
C GLU E 624 -37.05 44.98 -31.86
N ASP E 625 -37.68 45.87 -32.65
CA ASP E 625 -38.83 45.47 -33.46
C ASP E 625 -38.40 44.69 -34.69
N SER E 626 -37.13 44.78 -35.09
CA SER E 626 -36.67 44.04 -36.26
C SER E 626 -36.53 42.55 -35.96
N ASP E 627 -36.25 42.18 -34.72
CA ASP E 627 -36.11 40.79 -34.32
C ASP E 627 -37.29 40.29 -33.49
N LYS E 628 -38.41 41.02 -33.47
CA LYS E 628 -39.61 40.52 -32.81
C LYS E 628 -40.27 39.41 -33.60
N GLN E 629 -39.96 39.31 -34.90
CA GLN E 629 -40.52 38.23 -35.72
C GLN E 629 -39.89 36.89 -35.38
N LEU E 630 -38.72 36.89 -34.73
CA LEU E 630 -38.04 35.66 -34.36
C LEU E 630 -38.61 35.01 -33.11
N LEU E 631 -39.60 35.65 -32.46
CA LEU E 631 -40.36 35.00 -31.40
C LEU E 631 -41.51 34.17 -31.96
N PRO E 646 -34.72 38.10 -31.21
CA PRO E 646 -35.45 38.62 -30.05
C PRO E 646 -34.59 39.53 -29.19
N LYS E 647 -33.68 40.26 -29.82
CA LYS E 647 -32.76 41.11 -29.08
C LYS E 647 -33.48 42.34 -28.53
N LEU E 648 -32.93 42.88 -27.45
CA LEU E 648 -33.54 44.00 -26.74
C LEU E 648 -32.54 45.13 -26.62
N ARG E 649 -33.05 46.37 -26.73
CA ARG E 649 -32.21 47.56 -26.68
C ARG E 649 -32.72 48.47 -25.56
N LEU E 650 -32.01 49.58 -25.37
CA LEU E 650 -32.21 50.46 -24.23
C LEU E 650 -32.31 51.90 -24.73
N GLU E 651 -33.39 52.59 -24.32
CA GLU E 651 -33.66 53.94 -24.77
C GLU E 651 -33.75 54.87 -23.57
N ILE E 652 -33.59 56.16 -23.83
CA ILE E 652 -33.70 57.21 -22.81
C ILE E 652 -34.91 58.08 -23.14
N ILE E 653 -35.72 58.35 -22.13
CA ILE E 653 -36.97 59.08 -22.29
C ILE E 653 -36.83 60.46 -21.65
N ASP E 654 -37.11 61.50 -22.45
CA ASP E 654 -37.08 62.87 -21.97
C ASP E 654 -38.43 63.22 -21.33
N LYS E 655 -38.58 64.49 -20.96
CA LYS E 655 -39.83 64.96 -20.38
C LYS E 655 -40.93 65.09 -21.42
N ASP E 656 -40.59 65.15 -22.70
CA ASP E 656 -41.54 65.26 -23.79
C ASP E 656 -41.88 63.90 -24.41
N SER E 657 -41.64 62.82 -23.67
CA SER E 657 -41.88 61.43 -24.06
C SER E 657 -41.17 61.02 -25.35
N LYS E 658 -40.02 61.62 -25.65
CA LYS E 658 -39.23 61.22 -26.80
C LYS E 658 -38.27 60.10 -26.41
N THR E 659 -38.34 58.99 -27.14
CA THR E 659 -37.53 57.81 -26.85
C THR E 659 -36.28 57.85 -27.73
N ARG E 660 -35.20 58.40 -27.19
CA ARG E 660 -33.93 58.48 -27.90
C ARG E 660 -33.20 57.16 -27.77
N ARG E 661 -32.75 56.62 -28.90
CA ARG E 661 -32.09 55.33 -28.91
C ARG E 661 -30.60 55.50 -28.60
N LEU E 662 -30.12 54.78 -27.60
CA LEU E 662 -28.71 54.84 -27.23
C LEU E 662 -27.94 53.71 -27.89
N GLU F 303 -36.09 -2.47 48.55
CA GLU F 303 -35.82 -1.47 47.53
C GLU F 303 -35.64 -2.11 46.14
N ARG F 304 -34.83 -3.17 46.06
CA ARG F 304 -34.73 -3.93 44.82
C ARG F 304 -35.84 -4.97 44.72
N ARG F 305 -36.35 -5.40 45.88
CA ARG F 305 -37.37 -6.45 45.91
C ARG F 305 -38.76 -5.90 45.57
N ARG F 306 -38.95 -4.59 45.71
CA ARG F 306 -40.22 -3.93 45.40
C ARG F 306 -40.18 -3.21 44.06
N PHE F 307 -39.15 -2.40 43.82
CA PHE F 307 -38.98 -1.67 42.57
C PHE F 307 -37.63 -2.06 41.99
N PRO F 308 -37.56 -3.18 41.27
CA PRO F 308 -36.28 -3.62 40.70
C PRO F 308 -35.89 -2.79 39.49
N LEU F 309 -34.75 -3.17 38.90
CA LEU F 309 -34.31 -2.54 37.66
C LEU F 309 -35.26 -2.87 36.52
N GLU F 310 -35.86 -4.06 36.52
CA GLU F 310 -36.73 -4.50 35.44
C GLU F 310 -37.96 -3.62 35.31
N GLN F 311 -38.62 -3.33 36.43
CA GLN F 311 -39.87 -2.59 36.37
C GLN F 311 -39.65 -1.11 36.07
N ARG F 312 -38.57 -0.53 36.63
CA ARG F 312 -38.24 0.85 36.31
C ARG F 312 -37.81 1.01 34.86
N LEU F 313 -37.07 0.04 34.34
CA LEU F 313 -36.69 0.06 32.94
C LEU F 313 -37.90 -0.12 32.03
N LYS F 314 -38.85 -0.99 32.42
CA LYS F 314 -40.02 -1.21 31.61
C LYS F 314 -40.94 -0.01 31.61
N GLU F 315 -41.03 0.71 32.73
CA GLU F 315 -41.81 1.94 32.75
C GLU F 315 -41.11 3.06 31.99
N HIS F 316 -39.78 3.07 32.00
CA HIS F 316 -39.06 4.14 31.32
C HIS F 316 -38.80 3.83 29.85
N ILE F 317 -38.67 2.55 29.51
CA ILE F 317 -38.40 2.11 28.14
C ILE F 317 -39.38 0.99 27.81
N ILE F 318 -40.12 1.16 26.73
CA ILE F 318 -41.08 0.15 26.31
C ILE F 318 -40.35 -0.85 25.40
N GLY F 319 -40.80 -2.09 25.43
CA GLY F 319 -40.20 -3.14 24.61
C GLY F 319 -38.92 -3.69 25.20
N GLN F 320 -38.30 -4.58 24.41
CA GLN F 320 -37.02 -5.23 24.70
C GLN F 320 -37.07 -5.99 26.04
N GLU F 321 -37.93 -7.01 26.08
CA GLU F 321 -38.13 -7.76 27.32
C GLU F 321 -36.90 -8.58 27.69
N SER F 322 -36.35 -9.33 26.73
CA SER F 322 -35.20 -10.18 27.01
C SER F 322 -33.93 -9.36 27.20
N ALA F 323 -33.84 -8.20 26.54
CA ALA F 323 -32.68 -7.33 26.70
C ALA F 323 -32.62 -6.74 28.10
N ILE F 324 -33.75 -6.21 28.59
CA ILE F 324 -33.83 -5.72 29.96
C ILE F 324 -33.65 -6.86 30.95
N ALA F 325 -34.14 -8.06 30.61
CA ALA F 325 -33.96 -9.22 31.49
C ALA F 325 -32.48 -9.58 31.65
N THR F 326 -31.74 -9.60 30.56
CA THR F 326 -30.31 -9.92 30.61
C THR F 326 -29.52 -8.84 31.34
N VAL F 327 -29.80 -7.57 31.01
CA VAL F 327 -29.08 -6.45 31.63
C VAL F 327 -29.35 -6.40 33.13
N GLY F 328 -30.62 -6.52 33.52
CA GLY F 328 -30.96 -6.49 34.92
C GLY F 328 -30.53 -7.73 35.69
N ALA F 329 -30.40 -8.87 34.99
CA ALA F 329 -29.85 -10.05 35.65
C ALA F 329 -28.38 -9.86 35.99
N ALA F 330 -27.61 -9.29 35.04
CA ALA F 330 -26.20 -9.03 35.33
C ALA F 330 -26.02 -7.93 36.37
N ILE F 331 -26.89 -6.91 36.33
CA ILE F 331 -26.86 -5.87 37.36
C ILE F 331 -27.27 -6.44 38.73
N ARG F 332 -28.21 -7.38 38.73
CA ARG F 332 -28.61 -8.05 39.96
C ARG F 332 -27.46 -8.85 40.58
N ARG F 333 -26.73 -9.59 39.74
CA ARG F 333 -25.60 -10.34 40.26
C ARG F 333 -24.44 -9.42 40.65
N LYS F 334 -24.36 -8.22 40.07
CA LYS F 334 -23.37 -7.26 40.52
C LYS F 334 -23.74 -6.64 41.86
N GLU F 335 -25.03 -6.31 42.03
CA GLU F 335 -25.46 -5.55 43.20
C GLU F 335 -25.64 -6.43 44.42
N ASN F 336 -25.89 -7.73 44.22
CA ASN F 336 -26.00 -8.63 45.37
C ASN F 336 -24.65 -8.88 46.04
N GLY F 337 -23.57 -8.61 45.33
CA GLY F 337 -22.23 -8.88 45.82
C GLY F 337 -21.64 -10.17 45.32
N TRP F 338 -22.32 -10.86 44.41
CA TRP F 338 -21.86 -12.15 43.89
C TRP F 338 -21.26 -12.00 42.50
N TYR F 339 -20.53 -10.90 42.29
CA TYR F 339 -19.80 -10.64 41.06
C TYR F 339 -18.30 -10.81 41.33
N ASP F 340 -17.57 -11.25 40.31
CA ASP F 340 -16.13 -11.38 40.42
C ASP F 340 -15.48 -10.00 40.44
N GLU F 341 -14.54 -9.80 41.36
CA GLU F 341 -13.96 -8.47 41.54
C GLU F 341 -12.98 -8.10 40.44
N GLU F 342 -12.33 -9.10 39.83
CA GLU F 342 -11.32 -8.81 38.82
C GLU F 342 -11.92 -8.26 37.54
N HIS F 343 -12.95 -8.93 37.02
CA HIS F 343 -13.46 -8.61 35.69
C HIS F 343 -14.59 -7.60 35.78
N PRO F 344 -14.45 -6.42 35.20
CA PRO F 344 -15.59 -5.50 35.09
C PRO F 344 -16.59 -6.00 34.04
N LEU F 345 -17.85 -5.61 34.23
CA LEU F 345 -18.90 -6.08 33.35
C LEU F 345 -18.78 -5.44 31.97
N VAL F 346 -18.80 -6.27 30.94
CA VAL F 346 -18.77 -5.81 29.55
C VAL F 346 -20.05 -6.27 28.87
N PHE F 347 -20.82 -5.31 28.35
CA PHE F 347 -22.02 -5.59 27.58
C PHE F 347 -21.86 -5.02 26.19
N LEU F 348 -22.22 -5.81 25.19
CA LEU F 348 -22.24 -5.35 23.80
C LEU F 348 -23.68 -5.33 23.33
N PHE F 349 -24.21 -4.13 23.07
CA PHE F 349 -25.60 -3.96 22.67
C PHE F 349 -25.67 -3.93 21.14
N LEU F 350 -26.45 -4.83 20.56
CA LEU F 350 -26.58 -4.92 19.11
C LEU F 350 -28.03 -4.77 18.71
N GLY F 351 -28.26 -4.14 17.58
CA GLY F 351 -29.60 -3.98 17.07
C GLY F 351 -29.67 -2.98 15.94
N SER F 352 -30.89 -2.68 15.53
CA SER F 352 -31.13 -1.71 14.48
C SER F 352 -31.12 -0.30 15.06
N SER F 353 -31.43 0.69 14.24
CA SER F 353 -31.47 2.06 14.70
C SER F 353 -32.81 2.37 15.35
N GLY F 354 -32.77 3.28 16.33
CA GLY F 354 -33.98 3.72 17.00
C GLY F 354 -34.65 2.65 17.85
N ILE F 355 -33.86 1.91 18.63
CA ILE F 355 -34.41 0.88 19.50
C ILE F 355 -34.29 1.25 20.98
N GLY F 356 -33.22 1.94 21.39
CA GLY F 356 -33.16 2.44 22.74
C GLY F 356 -31.97 1.97 23.56
N LYS F 357 -30.86 1.64 22.89
CA LYS F 357 -29.69 1.14 23.59
C LYS F 357 -29.01 2.24 24.40
N THR F 358 -28.89 3.44 23.82
CA THR F 358 -28.29 4.55 24.53
C THR F 358 -29.16 4.98 25.72
N GLU F 359 -30.49 4.95 25.54
CA GLU F 359 -31.38 5.26 26.65
C GLU F 359 -31.34 4.18 27.72
N LEU F 360 -31.13 2.92 27.33
CA LEU F 360 -30.96 1.84 28.29
C LEU F 360 -29.70 2.05 29.12
N ALA F 361 -28.61 2.46 28.47
CA ALA F 361 -27.37 2.73 29.20
C ALA F 361 -27.51 3.97 30.10
N LYS F 362 -28.23 4.98 29.63
CA LYS F 362 -28.49 6.17 30.44
C LYS F 362 -29.30 5.84 31.69
N GLN F 363 -30.30 4.98 31.55
CA GLN F 363 -31.11 4.62 32.70
C GLN F 363 -30.36 3.69 33.64
N THR F 364 -29.48 2.85 33.10
CA THR F 364 -28.60 2.05 33.96
C THR F 364 -27.66 2.93 34.77
N ALA F 365 -27.12 3.98 34.14
CA ALA F 365 -26.27 4.92 34.84
C ALA F 365 -27.03 5.72 35.88
N LYS F 366 -28.29 6.05 35.60
CA LYS F 366 -29.11 6.72 36.60
C LYS F 366 -29.52 5.77 37.73
N TYR F 367 -29.56 4.47 37.44
CA TYR F 367 -29.81 3.49 38.49
C TYR F 367 -28.61 3.36 39.42
N MET F 368 -27.40 3.41 38.85
CA MET F 368 -26.20 3.35 39.69
C MET F 368 -26.04 4.60 40.53
N HIS F 369 -26.18 5.77 39.91
CA HIS F 369 -26.03 7.05 40.61
C HIS F 369 -27.31 7.83 40.37
N LYS F 370 -28.00 8.21 41.45
CA LYS F 370 -29.29 8.90 41.33
C LYS F 370 -29.12 10.27 40.68
N ASP F 371 -28.02 10.95 40.99
CA ASP F 371 -27.65 12.16 40.27
C ASP F 371 -27.11 11.81 38.89
N ALA F 372 -27.20 12.77 37.98
CA ALA F 372 -26.58 12.65 36.67
C ALA F 372 -25.22 13.35 36.69
N LYS F 373 -24.57 13.36 35.51
CA LYS F 373 -23.44 14.21 35.16
C LYS F 373 -22.13 13.80 35.86
N LYS F 374 -22.20 12.87 36.81
CA LYS F 374 -21.03 12.51 37.61
C LYS F 374 -20.59 11.07 37.38
N GLY F 375 -21.48 10.10 37.50
CA GLY F 375 -21.08 8.70 37.41
C GLY F 375 -21.33 8.06 36.06
N PHE F 376 -21.56 8.87 35.04
CA PHE F 376 -21.89 8.38 33.70
C PHE F 376 -20.87 8.98 32.73
N ILE F 377 -19.96 8.14 32.25
CA ILE F 377 -18.90 8.56 31.34
C ILE F 377 -19.19 7.93 30.00
N ARG F 378 -19.63 8.73 29.03
CA ARG F 378 -19.95 8.23 27.71
C ARG F 378 -18.91 8.74 26.71
N LEU F 379 -18.33 7.82 25.95
CA LEU F 379 -17.39 8.12 24.90
C LEU F 379 -18.05 7.77 23.57
N ASP F 380 -18.04 8.71 22.64
CA ASP F 380 -18.66 8.45 21.35
C ASP F 380 -17.57 8.12 20.34
N MET F 381 -17.63 6.92 19.79
CA MET F 381 -16.63 6.42 18.85
C MET F 381 -16.84 6.89 17.42
N SER F 382 -17.64 7.92 17.19
CA SER F 382 -17.66 8.57 15.89
C SER F 382 -16.38 9.36 15.67
N GLU F 383 -15.85 9.95 16.75
CA GLU F 383 -14.64 10.77 16.68
C GLU F 383 -13.36 9.96 16.86
N PHE F 384 -13.47 8.65 16.95
CA PHE F 384 -12.33 7.76 17.17
C PHE F 384 -12.02 6.89 15.96
N GLN F 385 -12.29 7.38 14.75
CA GLN F 385 -12.16 6.55 13.56
C GLN F 385 -10.73 6.46 13.06
N GLU F 386 -9.77 7.09 13.73
CA GLU F 386 -8.38 7.05 13.31
C GLU F 386 -7.60 6.16 14.28
N ARG F 387 -6.48 5.63 13.81
CA ARG F 387 -5.62 4.82 14.67
C ARG F 387 -4.91 5.68 15.71
N HIS F 388 -4.62 6.94 15.40
CA HIS F 388 -3.88 7.80 16.31
C HIS F 388 -4.76 8.48 17.33
N GLU F 389 -6.04 8.12 17.42
CA GLU F 389 -6.93 8.68 18.42
C GLU F 389 -6.84 7.97 19.76
N VAL F 390 -5.99 6.93 19.84
CA VAL F 390 -5.73 6.18 21.07
C VAL F 390 -5.23 7.10 22.18
N ALA F 391 -4.45 8.13 21.80
CA ALA F 391 -3.93 9.10 22.76
C ALA F 391 -5.04 9.86 23.47
N LYS F 392 -6.20 10.01 22.80
CA LYS F 392 -7.35 10.66 23.43
C LYS F 392 -7.84 9.89 24.64
N PHE F 393 -7.64 8.57 24.65
CA PHE F 393 -7.89 7.82 25.87
C PHE F 393 -6.86 8.14 26.95
N ILE F 394 -5.58 8.14 26.59
CA ILE F 394 -4.51 7.97 27.56
C ILE F 394 -3.74 9.25 27.82
N GLY F 395 -3.95 10.31 27.05
CA GLY F 395 -3.14 11.48 27.18
C GLY F 395 -1.87 11.38 26.36
N SER F 396 -1.18 12.50 26.26
CA SER F 396 -0.01 12.58 25.40
C SER F 396 1.20 11.95 26.08
N PRO F 397 2.13 11.39 25.30
CA PRO F 397 3.40 10.91 25.87
C PRO F 397 4.25 12.08 26.34
N PRO F 398 5.21 11.85 27.24
CA PRO F 398 6.08 12.93 27.71
C PRO F 398 6.93 13.53 26.58
N GLY F 399 7.10 14.84 26.64
CA GLY F 399 7.80 15.56 25.59
C GLY F 399 6.93 16.04 24.46
N TYR F 400 5.62 15.91 24.56
CA TYR F 400 4.72 16.19 23.47
C TYR F 400 3.58 17.10 23.96
N VAL F 401 2.86 17.68 23.00
CA VAL F 401 1.90 18.74 23.29
C VAL F 401 0.71 18.18 24.05
N GLY F 402 0.31 18.85 25.12
CA GLY F 402 -0.79 18.37 25.92
C GLY F 402 -0.44 17.19 26.80
N HIS F 403 0.83 17.08 27.20
CA HIS F 403 1.22 16.01 28.10
C HIS F 403 0.71 16.25 29.51
N GLU F 404 0.69 17.51 29.96
CA GLU F 404 0.34 17.80 31.34
C GLU F 404 -1.16 17.70 31.58
N GLU F 405 -1.97 17.74 30.52
CA GLU F 405 -3.41 17.69 30.72
C GLU F 405 -3.90 16.28 31.02
N GLY F 406 -3.10 15.26 30.70
CA GLY F 406 -3.50 13.89 30.94
C GLY F 406 -4.56 13.40 29.99
N GLY F 407 -5.03 12.17 30.17
CA GLY F 407 -6.12 11.68 29.35
C GLY F 407 -7.45 12.15 29.90
N GLN F 408 -8.44 12.30 29.02
CA GLN F 408 -9.77 12.65 29.50
C GLN F 408 -10.46 11.44 30.13
N LEU F 409 -10.26 10.26 29.54
CA LEU F 409 -10.79 9.04 30.14
C LEU F 409 -10.10 8.73 31.47
N THR F 410 -8.80 9.00 31.53
CA THR F 410 -8.05 8.80 32.77
C THR F 410 -8.53 9.72 33.88
N LYS F 411 -8.76 11.00 33.55
CA LYS F 411 -9.26 11.94 34.54
C LYS F 411 -10.67 11.59 34.99
N LYS F 412 -11.52 11.18 34.04
CA LYS F 412 -12.91 10.89 34.39
C LYS F 412 -13.03 9.60 35.18
N LEU F 413 -12.14 8.62 34.97
CA LEU F 413 -12.13 7.46 35.85
C LEU F 413 -11.34 7.73 37.12
N LYS F 414 -10.54 8.79 37.14
CA LYS F 414 -9.89 9.20 38.39
C LYS F 414 -10.90 9.85 39.33
N GLN F 415 -11.90 10.54 38.78
CA GLN F 415 -12.97 11.11 39.59
C GLN F 415 -13.77 10.03 40.29
N CYS F 416 -14.12 8.96 39.58
CA CYS F 416 -14.89 7.86 40.15
C CYS F 416 -14.62 6.55 39.39
N PRO F 417 -14.17 5.50 40.08
CA PRO F 417 -13.80 4.27 39.39
C PRO F 417 -14.94 3.29 39.18
N ASN F 418 -16.08 3.49 39.83
CA ASN F 418 -17.22 2.58 39.70
C ASN F 418 -18.22 3.07 38.67
N ALA F 419 -17.81 3.95 37.76
CA ALA F 419 -18.74 4.62 36.88
C ALA F 419 -19.23 3.70 35.77
N VAL F 420 -20.41 4.01 35.26
CA VAL F 420 -20.92 3.40 34.04
C VAL F 420 -20.26 4.08 32.86
N VAL F 421 -19.52 3.30 32.07
CA VAL F 421 -18.80 3.81 30.91
C VAL F 421 -19.46 3.27 29.66
N LEU F 422 -19.93 4.17 28.81
CA LEU F 422 -20.71 3.83 27.63
C LEU F 422 -19.89 4.15 26.39
N PHE F 423 -19.44 3.10 25.70
CA PHE F 423 -18.81 3.27 24.39
C PHE F 423 -19.95 3.25 23.36
N ASP F 424 -20.40 4.44 23.01
CA ASP F 424 -21.52 4.57 22.11
C ASP F 424 -21.06 4.60 20.66
N GLN F 425 -21.80 3.89 19.81
CA GLN F 425 -21.50 3.71 18.39
C GLN F 425 -20.08 3.18 18.18
N VAL F 426 -19.76 2.10 18.91
CA VAL F 426 -18.39 1.64 19.02
C VAL F 426 -17.95 0.90 17.77
N ASP F 427 -18.89 0.51 16.91
CA ASP F 427 -18.54 -0.12 15.64
C ASP F 427 -17.86 0.84 14.69
N LYS F 428 -18.07 2.15 14.87
CA LYS F 428 -17.52 3.15 13.97
C LYS F 428 -16.04 3.39 14.18
N ALA F 429 -15.51 3.00 15.34
CA ALA F 429 -14.12 3.24 15.66
C ALA F 429 -13.20 2.34 14.84
N HIS F 430 -11.98 2.84 14.60
CA HIS F 430 -10.98 2.08 13.88
C HIS F 430 -10.52 0.90 14.74
N PRO F 431 -10.35 -0.29 14.15
CA PRO F 431 -10.04 -1.47 14.97
C PRO F 431 -8.58 -1.57 15.41
N ASP F 432 -8.02 -0.47 15.90
CA ASP F 432 -6.74 -0.46 16.57
C ASP F 432 -6.91 0.34 17.84
N VAL F 433 -8.02 1.08 17.90
CA VAL F 433 -8.45 1.75 19.12
C VAL F 433 -8.85 0.72 20.17
N LEU F 434 -9.39 -0.42 19.75
CA LEU F 434 -9.94 -1.39 20.69
C LEU F 434 -8.86 -2.23 21.38
N THR F 435 -7.57 -1.95 21.12
CA THR F 435 -6.52 -2.57 21.91
C THR F 435 -6.52 -2.02 23.34
N ILE F 436 -6.89 -0.75 23.50
CA ILE F 436 -7.11 -0.19 24.83
C ILE F 436 -8.31 -0.87 25.49
N MET F 437 -9.30 -1.26 24.69
CA MET F 437 -10.41 -2.04 25.20
C MET F 437 -9.99 -3.44 25.63
N LEU F 438 -9.02 -4.03 24.92
CA LEU F 438 -8.42 -5.30 25.36
C LEU F 438 -7.82 -5.15 26.75
N GLN F 439 -7.02 -4.10 26.93
CA GLN F 439 -6.35 -3.84 28.20
C GLN F 439 -7.35 -3.55 29.32
N LEU F 440 -8.41 -2.79 29.02
CA LEU F 440 -9.36 -2.38 30.04
C LEU F 440 -10.34 -3.49 30.40
N PHE F 441 -10.73 -4.31 29.42
CA PHE F 441 -11.69 -5.37 29.69
C PHE F 441 -11.00 -6.58 30.29
N ASP F 442 -9.69 -6.69 30.08
CA ASP F 442 -8.94 -7.81 30.65
C ASP F 442 -8.93 -7.77 32.18
N GLU F 443 -8.52 -6.63 32.75
CA GLU F 443 -8.41 -6.55 34.20
C GLU F 443 -9.07 -5.30 34.78
N GLY F 444 -9.16 -4.20 34.06
CA GLY F 444 -9.73 -3.00 34.63
C GLY F 444 -8.69 -2.03 35.15
N ARG F 445 -7.69 -1.71 34.34
CA ARG F 445 -6.65 -0.77 34.69
C ARG F 445 -6.27 0.02 33.46
N LEU F 446 -5.90 1.28 33.66
CA LEU F 446 -5.58 2.16 32.54
C LEU F 446 -4.43 3.07 32.90
N THR F 447 -3.48 3.21 31.98
CA THR F 447 -2.27 3.99 32.21
C THR F 447 -2.39 5.36 31.54
N ASP F 448 -1.88 6.38 32.21
CA ASP F 448 -2.02 7.76 31.73
C ASP F 448 -0.83 8.15 30.87
N GLY F 449 -0.72 9.46 30.62
CA GLY F 449 0.46 9.99 29.98
C GLY F 449 1.68 9.93 30.88
N LYS F 450 1.47 9.98 32.19
CA LYS F 450 2.54 9.96 33.17
C LYS F 450 2.75 8.60 33.80
N GLY F 451 2.07 7.57 33.30
CA GLY F 451 2.23 6.22 33.81
C GLY F 451 1.40 5.89 35.04
N LYS F 452 0.46 6.75 35.43
CA LYS F 452 -0.35 6.50 36.61
C LYS F 452 -1.44 5.50 36.28
N THR F 453 -1.26 4.25 36.71
CA THR F 453 -2.23 3.20 36.45
C THR F 453 -3.41 3.35 37.41
N ILE F 454 -4.60 3.56 36.84
CA ILE F 454 -5.83 3.71 37.60
C ILE F 454 -6.61 2.41 37.50
N ASP F 455 -7.05 1.91 38.66
CA ASP F 455 -7.86 0.70 38.75
C ASP F 455 -9.30 1.02 38.41
N CYS F 456 -9.95 0.11 37.69
CA CYS F 456 -11.30 0.33 37.18
C CYS F 456 -12.15 -0.91 37.37
N LYS F 457 -11.89 -1.67 38.43
CA LYS F 457 -12.49 -2.99 38.59
C LYS F 457 -13.95 -2.92 39.02
N ASP F 458 -14.44 -1.76 39.43
CA ASP F 458 -15.84 -1.61 39.83
C ASP F 458 -16.69 -0.94 38.75
N ALA F 459 -16.15 -0.74 37.56
CA ALA F 459 -16.86 -0.07 36.48
C ALA F 459 -17.69 -1.05 35.67
N ILE F 460 -18.71 -0.53 35.00
CA ILE F 460 -19.58 -1.31 34.12
C ILE F 460 -19.45 -0.73 32.72
N PHE F 461 -19.00 -1.54 31.78
CA PHE F 461 -18.76 -1.10 30.42
C PHE F 461 -19.91 -1.57 29.53
N ILE F 462 -20.61 -0.61 28.93
CA ILE F 462 -21.72 -0.87 28.02
C ILE F 462 -21.35 -0.34 26.65
N MET F 463 -21.39 -1.22 25.66
CA MET F 463 -20.94 -0.93 24.31
C MET F 463 -22.15 -1.04 23.38
N THR F 464 -22.47 0.04 22.68
CA THR F 464 -23.61 0.01 21.77
C THR F 464 -23.12 0.06 20.34
N SER F 465 -23.81 -0.66 19.46
CA SER F 465 -23.32 -0.85 18.11
C SER F 465 -24.49 -1.11 17.16
N ASN F 466 -24.19 -0.99 15.87
CA ASN F 466 -25.15 -1.26 14.81
C ASN F 466 -24.71 -2.38 13.90
N VAL F 467 -23.70 -3.17 14.28
CA VAL F 467 -23.31 -4.30 13.46
C VAL F 467 -24.36 -5.40 13.58
N ALA F 468 -24.54 -6.15 12.49
CA ALA F 468 -25.58 -7.17 12.31
C ALA F 468 -26.97 -6.61 12.57
N SER F 469 -27.20 -5.35 12.19
CA SER F 469 -28.53 -4.75 12.37
C SER F 469 -29.51 -5.36 11.38
N ASP F 470 -29.09 -5.49 10.13
CA ASP F 470 -29.94 -6.12 9.11
C ASP F 470 -30.15 -7.59 9.41
N GLU F 471 -29.12 -8.26 9.94
CA GLU F 471 -29.24 -9.68 10.28
C GLU F 471 -30.21 -9.89 11.43
N ILE F 472 -30.07 -9.11 12.51
CA ILE F 472 -30.95 -9.24 13.66
C ILE F 472 -32.38 -8.85 13.30
N ALA F 473 -32.54 -7.76 12.55
CA ALA F 473 -33.87 -7.30 12.16
C ALA F 473 -34.56 -8.28 11.21
N GLN F 474 -33.79 -8.85 10.26
CA GLN F 474 -34.37 -9.77 9.29
C GLN F 474 -34.72 -11.11 9.95
N HIS F 475 -33.88 -11.59 10.87
CA HIS F 475 -34.20 -12.82 11.57
C HIS F 475 -35.36 -12.64 12.54
N ALA F 476 -35.44 -11.46 13.18
CA ALA F 476 -36.59 -11.17 14.04
C ALA F 476 -37.87 -11.06 13.23
N LEU F 477 -37.78 -10.52 12.01
CA LEU F 477 -38.93 -10.47 11.12
C LEU F 477 -39.37 -11.86 10.69
N GLN F 478 -38.40 -12.75 10.38
CA GLN F 478 -38.77 -14.13 10.05
C GLN F 478 -39.37 -14.87 11.24
N LEU F 479 -38.82 -14.66 12.43
CA LEU F 479 -39.37 -15.32 13.61
C LEU F 479 -40.76 -14.78 13.95
N ARG F 480 -40.99 -13.49 13.71
CA ARG F 480 -42.33 -12.92 13.86
C ARG F 480 -43.30 -13.49 12.83
N GLN F 481 -42.83 -13.69 11.60
CA GLN F 481 -43.68 -14.28 10.56
C GLN F 481 -44.07 -15.72 10.91
N GLU F 482 -43.10 -16.50 11.39
CA GLU F 482 -43.40 -17.88 11.76
C GLU F 482 -44.28 -17.94 13.01
N ALA F 483 -44.07 -17.04 13.96
CA ALA F 483 -44.92 -16.98 15.15
C ALA F 483 -46.33 -16.56 14.80
N LEU F 484 -46.48 -15.63 13.84
CA LEU F 484 -47.81 -15.25 13.38
C LEU F 484 -48.48 -16.39 12.61
N GLU F 485 -47.71 -17.18 11.87
CA GLU F 485 -48.29 -18.31 11.15
C GLU F 485 -48.78 -19.39 12.11
N MET F 486 -47.97 -19.75 13.10
CA MET F 486 -48.41 -20.74 14.09
C MET F 486 -49.48 -20.18 15.02
N SER F 487 -49.51 -18.86 15.24
CA SER F 487 -50.56 -18.27 16.06
C SER F 487 -51.88 -18.24 15.31
N ARG F 488 -51.84 -17.97 14.00
CA ARG F 488 -53.05 -18.03 13.19
C ARG F 488 -53.55 -19.47 13.04
N ASN F 489 -52.63 -20.42 13.00
CA ASN F 489 -53.02 -21.84 13.06
C ASN F 489 -53.65 -22.18 14.41
N ARG F 490 -53.13 -21.62 15.50
CA ARG F 490 -53.69 -21.88 16.82
C ARG F 490 -55.06 -21.24 16.97
N ILE F 491 -55.26 -20.07 16.34
CA ILE F 491 -56.59 -19.48 16.23
C ILE F 491 -57.51 -20.40 15.43
N ALA F 492 -56.97 -21.00 14.37
CA ALA F 492 -57.73 -22.00 13.62
C ALA F 492 -57.92 -23.29 14.43
N GLU F 493 -56.94 -23.62 15.27
CA GLU F 493 -57.03 -24.86 16.04
C GLU F 493 -57.68 -24.69 17.40
N ASN F 494 -58.01 -23.45 17.80
CA ASN F 494 -58.76 -23.13 19.02
C ASN F 494 -58.04 -23.62 20.28
N LEU F 495 -56.71 -23.56 20.27
CA LEU F 495 -55.94 -24.01 21.43
C LEU F 495 -55.67 -22.85 22.37
N GLY F 496 -56.72 -22.30 22.98
CA GLY F 496 -56.62 -21.20 23.90
C GLY F 496 -56.47 -21.58 25.36
N ASP F 497 -56.30 -22.86 25.66
CA ASP F 497 -56.15 -23.32 27.04
C ASP F 497 -54.71 -23.22 27.54
N VAL F 498 -53.76 -22.86 26.69
CA VAL F 498 -52.36 -22.72 27.06
C VAL F 498 -51.97 -21.26 26.86
N GLN F 499 -51.43 -20.64 27.90
CA GLN F 499 -50.97 -19.25 27.82
C GLN F 499 -49.71 -19.19 26.98
N ILE F 500 -49.79 -18.48 25.86
CA ILE F 500 -48.70 -18.45 24.89
C ILE F 500 -47.65 -17.45 25.38
N SER F 501 -46.49 -17.95 25.77
CA SER F 501 -45.39 -17.08 26.16
C SER F 501 -44.79 -16.47 24.90
N ASP F 502 -45.20 -15.23 24.59
CA ASP F 502 -44.78 -14.56 23.37
C ASP F 502 -43.42 -13.91 23.52
N LYS F 503 -42.40 -14.70 23.86
CA LYS F 503 -41.04 -14.20 23.99
C LYS F 503 -40.22 -14.77 22.84
N ILE F 504 -40.23 -14.06 21.72
CA ILE F 504 -39.43 -14.44 20.57
C ILE F 504 -37.98 -14.07 20.86
N THR F 505 -37.11 -15.07 20.88
CA THR F 505 -35.69 -14.88 21.13
C THR F 505 -34.91 -15.40 19.94
N ILE F 506 -33.69 -14.87 19.79
CA ILE F 506 -32.80 -15.33 18.73
C ILE F 506 -32.29 -16.72 19.06
N SER F 507 -32.36 -17.62 18.09
CA SER F 507 -31.89 -18.99 18.30
C SER F 507 -30.38 -19.04 18.43
N LYS F 508 -29.89 -20.01 19.21
CA LYS F 508 -28.48 -20.11 19.54
C LYS F 508 -27.62 -20.41 18.30
N ASN F 509 -28.18 -21.12 17.33
CA ASN F 509 -27.51 -21.30 16.05
C ASN F 509 -27.33 -19.97 15.33
N PHE F 510 -28.35 -19.11 15.37
CA PHE F 510 -28.19 -17.77 14.83
C PHE F 510 -27.29 -16.91 15.72
N LYS F 511 -27.26 -17.20 17.02
CA LYS F 511 -26.36 -16.48 17.92
C LYS F 511 -24.90 -16.84 17.70
N GLU F 512 -24.61 -18.00 17.11
CA GLU F 512 -23.25 -18.52 17.06
C GLU F 512 -22.68 -18.70 15.66
N ASN F 513 -23.50 -18.78 14.62
CA ASN F 513 -22.97 -19.10 13.29
C ASN F 513 -22.96 -17.94 12.32
N VAL F 514 -23.74 -16.88 12.56
CA VAL F 514 -23.75 -15.71 11.71
C VAL F 514 -23.33 -14.44 12.45
N ILE F 515 -23.73 -14.30 13.71
CA ILE F 515 -23.42 -13.09 14.47
C ILE F 515 -21.95 -13.04 14.85
N ARG F 516 -21.42 -14.14 15.37
CA ARG F 516 -19.99 -14.19 15.70
C ARG F 516 -19.06 -14.01 14.49
N PRO F 517 -19.31 -14.59 13.30
CA PRO F 517 -18.46 -14.22 12.14
C PRO F 517 -18.55 -12.76 11.71
N ILE F 518 -19.71 -12.10 11.84
CA ILE F 518 -19.78 -10.72 11.36
C ILE F 518 -19.16 -9.77 12.38
N LEU F 519 -19.26 -10.11 13.67
CA LEU F 519 -18.47 -9.39 14.68
C LEU F 519 -16.97 -9.63 14.51
N LYS F 520 -16.58 -10.83 14.10
CA LYS F 520 -15.16 -11.06 13.84
C LYS F 520 -14.70 -10.34 12.58
N ALA F 521 -15.61 -10.13 11.63
CA ALA F 521 -15.25 -9.39 10.41
C ALA F 521 -15.16 -7.89 10.66
N HIS F 522 -15.99 -7.36 11.56
CA HIS F 522 -15.97 -5.93 11.80
C HIS F 522 -14.93 -5.53 12.84
N PHE F 523 -14.81 -6.31 13.92
CA PHE F 523 -13.91 -5.96 15.01
C PHE F 523 -12.50 -6.51 14.81
N ARG F 524 -12.35 -7.55 13.98
CA ARG F 524 -11.07 -8.07 13.49
C ARG F 524 -10.14 -8.59 14.59
N ARG F 525 -10.69 -9.02 15.72
CA ARG F 525 -9.89 -9.58 16.80
C ARG F 525 -10.73 -10.58 17.59
N ASP F 526 -10.09 -11.65 18.05
CA ASP F 526 -10.77 -12.73 18.74
C ASP F 526 -10.75 -12.59 20.25
N GLU F 527 -9.65 -12.09 20.82
CA GLU F 527 -9.59 -11.90 22.26
C GLU F 527 -10.46 -10.72 22.70
N PHE F 528 -10.76 -9.81 21.77
CA PHE F 528 -11.71 -8.74 22.05
C PHE F 528 -13.11 -9.28 22.26
N LEU F 529 -13.54 -10.19 21.39
CA LEU F 529 -14.85 -10.79 21.55
C LEU F 529 -14.85 -11.79 22.70
N GLY F 530 -13.68 -12.32 23.05
CA GLY F 530 -13.57 -13.13 24.24
C GLY F 530 -13.76 -12.34 25.51
N ARG F 531 -13.22 -11.12 25.56
CA ARG F 531 -13.29 -10.31 26.77
C ARG F 531 -14.68 -9.74 27.01
N ILE F 532 -15.54 -9.71 25.98
CA ILE F 532 -16.90 -9.21 26.13
C ILE F 532 -17.70 -10.25 26.91
N ASN F 533 -18.27 -9.84 28.05
CA ASN F 533 -18.95 -10.79 28.92
C ASN F 533 -20.31 -11.17 28.35
N GLU F 534 -21.19 -10.19 28.17
CA GLU F 534 -22.54 -10.46 27.70
C GLU F 534 -22.80 -9.71 26.39
N ILE F 535 -23.42 -10.40 25.45
CA ILE F 535 -23.86 -9.81 24.20
C ILE F 535 -25.39 -9.75 24.24
N VAL F 536 -25.93 -8.55 24.16
CA VAL F 536 -27.36 -8.31 24.30
C VAL F 536 -27.88 -7.83 22.96
N TYR F 537 -28.82 -8.58 22.38
CA TYR F 537 -29.44 -8.16 21.14
C TYR F 537 -30.68 -7.34 21.42
N PHE F 538 -31.07 -6.54 20.42
CA PHE F 538 -32.26 -5.71 20.49
C PHE F 538 -33.15 -6.03 19.30
N LEU F 539 -34.36 -6.42 19.58
CA LEU F 539 -35.24 -6.69 18.46
C LEU F 539 -35.99 -5.43 18.06
N PRO F 540 -36.37 -5.30 16.79
CA PRO F 540 -37.27 -4.21 16.40
C PRO F 540 -38.65 -4.41 17.02
N PHE F 541 -39.40 -3.30 17.08
CA PHE F 541 -40.70 -3.34 17.73
C PHE F 541 -41.72 -4.08 16.88
N CYS F 542 -42.72 -4.65 17.54
CA CYS F 542 -43.92 -5.12 16.88
C CYS F 542 -45.01 -4.06 17.03
N HIS F 543 -46.18 -4.33 16.43
CA HIS F 543 -47.22 -3.31 16.27
C HIS F 543 -47.81 -2.89 17.62
N SER F 544 -47.90 -3.83 18.56
CA SER F 544 -48.34 -3.51 19.91
C SER F 544 -47.35 -2.57 20.60
N GLU F 545 -46.05 -2.76 20.34
CA GLU F 545 -45.05 -1.88 20.92
C GLU F 545 -45.11 -0.48 20.31
N LEU F 546 -45.43 -0.39 19.01
CA LEU F 546 -45.65 0.92 18.40
C LEU F 546 -46.88 1.62 18.99
N ILE F 547 -47.95 0.86 19.26
CA ILE F 547 -49.14 1.44 19.90
C ILE F 547 -48.79 1.97 21.29
N GLN F 548 -48.04 1.17 22.07
CA GLN F 548 -47.62 1.59 23.41
C GLN F 548 -46.67 2.79 23.35
N LEU F 549 -45.84 2.86 22.31
CA LEU F 549 -44.88 3.95 22.19
C LEU F 549 -45.57 5.26 21.80
N VAL F 550 -46.53 5.20 20.89
CA VAL F 550 -47.30 6.39 20.53
C VAL F 550 -48.15 6.86 21.70
N ASN F 551 -48.69 5.91 22.48
CA ASN F 551 -49.43 6.26 23.69
C ASN F 551 -48.52 6.92 24.74
N LYS F 552 -47.29 6.41 24.89
CA LYS F 552 -46.34 6.99 25.82
C LYS F 552 -45.92 8.39 25.39
N GLU F 553 -45.74 8.59 24.08
CA GLU F 553 -45.34 9.91 23.59
C GLU F 553 -46.46 10.92 23.70
N LEU F 554 -47.70 10.49 23.48
CA LEU F 554 -48.83 11.38 23.67
C LEU F 554 -49.04 11.69 25.16
N ASN F 555 -48.71 10.73 26.03
CA ASN F 555 -48.67 11.02 27.46
C ASN F 555 -47.60 12.07 27.78
N PHE F 556 -46.45 11.98 27.12
CA PHE F 556 -45.39 12.96 27.31
C PHE F 556 -45.82 14.35 26.87
N TRP F 557 -46.51 14.44 25.74
CA TRP F 557 -46.90 15.75 25.23
C TRP F 557 -48.08 16.33 26.02
N ALA F 558 -48.99 15.47 26.49
CA ALA F 558 -50.06 15.93 27.36
C ALA F 558 -49.52 16.39 28.71
N LYS F 559 -48.50 15.69 29.23
CA LYS F 559 -47.84 16.12 30.46
C LYS F 559 -47.14 17.45 30.26
N ARG F 560 -46.48 17.63 29.12
CA ARG F 560 -45.83 18.90 28.82
C ARG F 560 -46.84 20.04 28.73
N ALA F 561 -47.99 19.79 28.10
CA ALA F 561 -49.03 20.81 28.01
C ALA F 561 -49.64 21.13 29.38
N LYS F 562 -49.78 20.11 30.22
CA LYS F 562 -50.32 20.33 31.56
C LYS F 562 -49.34 21.11 32.44
N GLN F 563 -48.04 20.86 32.30
CA GLN F 563 -47.06 21.66 33.01
C GLN F 563 -46.95 23.08 32.45
N ARG F 564 -47.20 23.25 31.14
CA ARG F 564 -47.04 24.57 30.53
C ARG F 564 -48.23 25.47 30.82
N HIS F 565 -49.43 25.09 30.34
CA HIS F 565 -50.59 25.95 30.58
C HIS F 565 -51.85 25.17 30.97
N ASN F 566 -51.69 23.95 31.51
CA ASN F 566 -52.78 23.11 32.03
C ASN F 566 -53.83 22.82 30.96
N ILE F 567 -53.36 22.30 29.84
CA ILE F 567 -54.20 21.98 28.69
C ILE F 567 -54.31 20.46 28.64
N THR F 568 -55.39 19.91 29.20
CA THR F 568 -55.59 18.47 29.19
C THR F 568 -55.94 18.01 27.79
N LEU F 569 -55.25 16.97 27.31
CA LEU F 569 -55.40 16.49 25.96
C LEU F 569 -55.84 15.03 25.99
N LEU F 570 -56.71 14.66 25.04
CA LEU F 570 -57.24 13.32 24.93
C LEU F 570 -57.08 12.83 23.50
N TRP F 571 -57.19 11.52 23.30
CA TRP F 571 -57.08 10.93 21.98
C TRP F 571 -57.92 9.66 21.93
N ASP F 572 -57.76 8.90 20.84
CA ASP F 572 -58.51 7.67 20.63
C ASP F 572 -57.58 6.60 20.07
N ARG F 573 -58.12 5.39 19.87
CA ARG F 573 -57.34 4.30 19.32
C ARG F 573 -57.04 4.52 17.84
N GLU F 574 -57.98 5.13 17.10
CA GLU F 574 -57.82 5.25 15.66
C GLU F 574 -56.75 6.27 15.29
N VAL F 575 -56.65 7.36 16.06
CA VAL F 575 -55.60 8.33 15.79
C VAL F 575 -54.23 7.78 16.18
N ALA F 576 -54.19 6.91 17.20
CA ALA F 576 -52.96 6.18 17.50
C ALA F 576 -52.60 5.24 16.36
N ASP F 577 -53.61 4.61 15.75
CA ASP F 577 -53.34 3.71 14.62
C ASP F 577 -52.84 4.46 13.39
N VAL F 578 -53.39 5.65 13.13
CA VAL F 578 -52.89 6.40 11.98
C VAL F 578 -51.57 7.11 12.29
N LEU F 579 -51.19 7.22 13.57
CA LEU F 579 -49.82 7.62 13.88
C LEU F 579 -48.85 6.45 13.69
N VAL F 580 -49.27 5.24 14.07
CA VAL F 580 -48.48 4.02 13.83
C VAL F 580 -48.32 3.73 12.34
N ASP F 581 -49.30 4.14 11.52
CA ASP F 581 -49.18 3.98 10.08
C ASP F 581 -48.03 4.82 9.52
N GLY F 582 -47.81 6.01 10.07
CA GLY F 582 -46.66 6.81 9.69
C GLY F 582 -45.40 6.43 10.45
N TYR F 583 -44.80 5.30 10.09
CA TYR F 583 -43.64 4.78 10.81
C TYR F 583 -42.79 3.98 9.83
N ASN F 584 -41.47 4.03 10.03
CA ASN F 584 -40.53 3.27 9.22
C ASN F 584 -39.70 2.37 10.13
N VAL F 585 -39.45 1.14 9.69
CA VAL F 585 -38.78 0.17 10.54
C VAL F 585 -37.28 0.47 10.64
N HIS F 586 -36.72 1.15 9.63
CA HIS F 586 -35.30 1.43 9.66
C HIS F 586 -34.97 2.55 10.65
N TYR F 587 -35.80 3.58 10.70
CA TYR F 587 -35.52 4.73 11.54
C TYR F 587 -35.89 4.50 13.00
N GLY F 588 -36.64 3.43 13.29
CA GLY F 588 -36.93 3.05 14.65
C GLY F 588 -37.91 4.00 15.34
N ALA F 589 -37.72 4.14 16.66
CA ALA F 589 -38.62 4.92 17.49
C ALA F 589 -38.59 6.41 17.15
N ARG F 590 -37.45 6.89 16.63
CA ARG F 590 -37.37 8.26 16.14
C ARG F 590 -38.37 8.52 15.02
N SER F 591 -38.64 7.49 14.20
CA SER F 591 -39.65 7.59 13.16
C SER F 591 -41.03 7.83 13.74
N ILE F 592 -41.27 7.36 14.97
CA ILE F 592 -42.50 7.72 15.66
C ILE F 592 -42.44 9.19 16.10
N LYS F 593 -41.31 9.58 16.70
CA LYS F 593 -41.25 10.78 17.53
C LYS F 593 -41.49 12.05 16.73
N HIS F 594 -40.67 12.27 15.70
CA HIS F 594 -40.83 13.43 14.83
C HIS F 594 -42.15 13.39 14.07
N GLU F 595 -42.71 12.18 13.87
CA GLU F 595 -44.00 12.07 13.19
C GLU F 595 -45.10 12.74 14.00
N VAL F 596 -45.03 12.63 15.33
CA VAL F 596 -45.96 13.37 16.18
C VAL F 596 -45.77 14.87 15.98
N GLU F 597 -44.51 15.30 15.92
CA GLU F 597 -44.21 16.70 15.62
C GLU F 597 -44.58 17.08 14.19
N ARG F 598 -44.69 16.10 13.29
CA ARG F 598 -45.18 16.40 11.96
C ARG F 598 -46.69 16.30 11.84
N ARG F 599 -47.39 15.87 12.89
CA ARG F 599 -48.85 15.74 12.78
C ARG F 599 -49.59 16.45 13.90
N VAL F 600 -49.04 16.42 15.12
CA VAL F 600 -49.81 16.89 16.26
C VAL F 600 -49.26 18.20 16.82
N VAL F 601 -48.01 18.19 17.29
CA VAL F 601 -47.48 19.28 18.10
C VAL F 601 -47.30 20.57 17.29
N ASN F 602 -47.09 20.43 15.97
CA ASN F 602 -47.07 21.59 15.09
C ASN F 602 -48.42 22.29 15.05
N GLN F 603 -49.51 21.51 15.07
CA GLN F 603 -50.85 22.09 15.07
C GLN F 603 -51.15 22.79 16.38
N LEU F 604 -50.72 22.22 17.51
CA LEU F 604 -50.91 22.89 18.80
C LEU F 604 -50.07 24.16 18.90
N ALA F 605 -48.85 24.16 18.35
CA ALA F 605 -48.04 25.37 18.35
C ALA F 605 -48.65 26.44 17.46
N ALA F 606 -49.20 26.03 16.32
CA ALA F 606 -49.88 26.97 15.43
C ALA F 606 -51.12 27.56 16.09
N ALA F 607 -51.86 26.73 16.84
CA ALA F 607 -53.02 27.24 17.58
C ALA F 607 -52.61 28.17 18.70
N TYR F 608 -51.51 27.86 19.40
CA TYR F 608 -51.12 28.65 20.55
C TYR F 608 -50.46 29.96 20.15
N GLU F 609 -49.95 30.05 18.91
CA GLU F 609 -49.38 31.31 18.44
C GLU F 609 -50.42 32.42 18.34
N GLN F 610 -51.64 32.09 17.94
CA GLN F 610 -52.73 33.06 17.82
C GLN F 610 -53.67 33.02 19.02
N ASP F 611 -53.11 32.74 20.20
CA ASP F 611 -53.73 32.68 21.54
C ASP F 611 -55.12 32.04 21.60
N LEU F 612 -55.31 30.96 20.84
CA LEU F 612 -56.60 30.27 20.82
C LEU F 612 -56.84 29.42 22.05
N LEU F 613 -55.81 29.14 22.84
CA LEU F 613 -55.91 28.29 24.02
C LEU F 613 -55.51 29.12 25.24
N PRO F 614 -56.48 29.72 25.94
CA PRO F 614 -56.14 30.56 27.09
C PRO F 614 -55.69 29.78 28.30
N GLY F 615 -56.20 28.58 28.51
CA GLY F 615 -55.84 27.79 29.68
C GLY F 615 -56.99 27.04 30.29
N GLY F 616 -56.77 25.77 30.61
CA GLY F 616 -57.79 24.93 31.22
C GLY F 616 -58.68 24.21 30.23
N CYS F 617 -58.59 24.52 28.94
CA CYS F 617 -59.43 23.89 27.95
C CYS F 617 -59.01 22.45 27.70
N THR F 618 -59.94 21.65 27.20
CA THR F 618 -59.69 20.24 26.92
C THR F 618 -59.77 20.01 25.42
N LEU F 619 -58.76 19.32 24.89
CA LEU F 619 -58.61 19.07 23.47
C LEU F 619 -58.87 17.60 23.16
N ARG F 620 -59.21 17.36 21.89
CA ARG F 620 -59.36 16.00 21.38
C ARG F 620 -58.96 15.97 19.91
N ILE F 621 -58.36 14.85 19.52
CA ILE F 621 -57.83 14.65 18.17
C ILE F 621 -58.57 13.48 17.53
N THR F 622 -58.96 13.65 16.26
CA THR F 622 -59.99 12.82 15.64
C THR F 622 -59.48 12.09 14.40
N VAL F 623 -60.42 11.49 13.66
CA VAL F 623 -60.14 10.59 12.56
C VAL F 623 -60.33 11.32 11.24
N GLU F 624 -59.34 11.20 10.35
CA GLU F 624 -59.41 11.89 9.07
C GLU F 624 -60.49 11.29 8.16
N ASP F 625 -61.07 12.15 7.32
CA ASP F 625 -62.06 11.74 6.33
C ASP F 625 -61.58 11.88 4.90
N SER F 626 -60.30 12.23 4.69
CA SER F 626 -59.78 12.36 3.33
C SER F 626 -59.63 11.01 2.66
N ASP F 627 -59.26 9.98 3.42
CA ASP F 627 -59.25 8.62 2.91
C ASP F 627 -60.62 7.97 2.90
N LYS F 628 -61.64 8.64 3.46
CA LYS F 628 -63.00 8.14 3.43
C LYS F 628 -63.74 8.64 2.19
N LEU F 648 -54.36 16.80 10.97
CA LEU F 648 -55.07 16.34 12.13
C LEU F 648 -55.94 17.46 12.69
N ARG F 649 -57.09 17.10 13.27
CA ARG F 649 -58.04 18.08 13.77
C ARG F 649 -57.91 18.21 15.27
N LEU F 650 -57.73 19.45 15.74
CA LEU F 650 -57.72 19.75 17.16
C LEU F 650 -59.07 20.36 17.53
N GLU F 651 -59.79 19.68 18.42
CA GLU F 651 -61.15 20.07 18.80
C GLU F 651 -61.18 20.43 20.27
N ILE F 652 -61.66 21.63 20.57
CA ILE F 652 -61.91 22.03 21.95
C ILE F 652 -63.27 21.47 22.35
N ILE F 653 -63.31 20.68 23.41
CA ILE F 653 -64.57 20.13 23.90
C ILE F 653 -65.03 20.96 25.09
N ASP F 654 -66.31 21.32 25.09
CA ASP F 654 -66.88 22.20 26.10
C ASP F 654 -67.24 21.39 27.35
N LYS F 655 -67.65 22.12 28.39
CA LYS F 655 -68.11 21.48 29.62
C LYS F 655 -69.46 20.81 29.42
N ASP F 656 -70.25 21.28 28.45
CA ASP F 656 -71.52 20.70 28.09
C ASP F 656 -71.40 19.66 26.98
N SER F 657 -70.17 19.20 26.71
CA SER F 657 -69.83 18.28 25.61
C SER F 657 -70.27 18.84 24.25
N LYS F 658 -69.81 20.05 23.95
CA LYS F 658 -70.02 20.68 22.65
C LYS F 658 -68.66 20.90 22.01
N THR F 659 -68.30 20.03 21.06
CA THR F 659 -67.01 20.11 20.39
C THR F 659 -66.97 21.29 19.43
N ARG F 660 -65.77 21.84 19.24
CA ARG F 660 -65.53 22.92 18.30
C ARG F 660 -64.20 22.67 17.61
N ARG F 661 -64.23 22.54 16.29
CA ARG F 661 -63.02 22.36 15.50
C ARG F 661 -62.25 23.68 15.40
N LEU F 662 -60.94 23.61 15.59
CA LEU F 662 -60.05 24.73 15.33
C LEU F 662 -59.33 24.50 14.00
N ASP F 663 -59.10 25.59 13.27
CA ASP F 663 -58.39 25.50 12.00
C ASP F 663 -56.88 25.38 12.24
N GLU G 300 18.03 -22.19 51.90
CA GLU G 300 16.62 -22.07 51.57
C GLU G 300 16.20 -23.19 50.62
N ALA G 301 17.09 -24.18 50.45
CA ALA G 301 16.81 -25.27 49.53
C ALA G 301 15.70 -26.18 50.05
N GLU G 302 15.50 -26.21 51.38
CA GLU G 302 14.44 -27.02 51.96
C GLU G 302 13.07 -26.49 51.58
N GLU G 303 12.90 -25.16 51.55
CA GLU G 303 11.63 -24.55 51.18
C GLU G 303 11.30 -24.81 49.72
N ARG G 304 12.30 -24.72 48.84
CA ARG G 304 12.06 -24.92 47.42
C ARG G 304 11.92 -26.40 47.10
N ARG G 305 12.46 -27.27 47.94
CA ARG G 305 12.20 -28.70 47.80
C ARG G 305 10.81 -29.06 48.31
N ARG G 306 10.32 -28.34 49.32
CA ARG G 306 8.95 -28.55 49.78
C ARG G 306 7.94 -28.08 48.75
N PHE G 307 8.15 -26.87 48.21
CA PHE G 307 7.20 -26.24 47.29
C PHE G 307 7.92 -25.85 46.01
N PRO G 308 8.06 -26.79 45.07
CA PRO G 308 8.53 -26.42 43.73
C PRO G 308 7.46 -25.60 43.03
N LEU G 309 7.90 -24.75 42.09
CA LEU G 309 6.97 -23.83 41.48
C LEU G 309 6.01 -24.53 40.52
N GLU G 310 6.39 -25.72 40.04
CA GLU G 310 5.48 -26.48 39.19
C GLU G 310 4.24 -26.93 39.96
N GLN G 311 4.42 -27.29 41.23
CA GLN G 311 3.28 -27.65 42.08
C GLN G 311 2.36 -26.45 42.32
N ARG G 312 2.94 -25.28 42.58
CA ARG G 312 2.15 -24.06 42.78
C ARG G 312 1.42 -23.65 41.50
N LEU G 313 2.11 -23.76 40.36
CA LEU G 313 1.52 -23.36 39.09
C LEU G 313 0.39 -24.30 38.69
N LYS G 314 0.58 -25.61 38.86
CA LYS G 314 -0.50 -26.56 38.60
C LYS G 314 -1.63 -26.40 39.61
N GLU G 315 -1.32 -25.95 40.83
CA GLU G 315 -2.36 -25.64 41.80
C GLU G 315 -3.20 -24.45 41.36
N HIS G 316 -2.59 -23.47 40.71
CA HIS G 316 -3.31 -22.25 40.37
C HIS G 316 -3.75 -22.15 38.91
N ILE G 317 -3.00 -22.70 37.95
CA ILE G 317 -3.45 -22.74 36.55
C ILE G 317 -3.37 -24.17 36.05
N ILE G 318 -4.32 -24.53 35.18
CA ILE G 318 -4.40 -25.88 34.67
C ILE G 318 -3.92 -25.91 33.23
N GLY G 319 -3.69 -27.11 32.71
CA GLY G 319 -3.17 -27.26 31.38
C GLY G 319 -1.73 -26.84 31.31
N GLN G 320 -1.22 -26.83 30.06
CA GLN G 320 0.09 -26.30 29.70
C GLN G 320 1.23 -26.97 30.48
N GLU G 321 1.25 -28.31 30.41
CA GLU G 321 2.26 -29.09 31.13
C GLU G 321 3.67 -28.85 30.59
N SER G 322 3.81 -28.43 29.34
CA SER G 322 5.12 -28.15 28.76
C SER G 322 5.57 -26.72 29.00
N ALA G 323 4.65 -25.75 28.90
CA ALA G 323 4.99 -24.35 29.14
C ALA G 323 5.36 -24.11 30.61
N ILE G 324 4.61 -24.72 31.53
CA ILE G 324 4.89 -24.62 32.96
C ILE G 324 6.23 -25.26 33.28
N ALA G 325 6.53 -26.41 32.66
CA ALA G 325 7.81 -27.08 32.87
C ALA G 325 8.96 -26.26 32.30
N THR G 326 8.73 -25.57 31.17
CA THR G 326 9.78 -24.76 30.56
C THR G 326 10.13 -23.55 31.42
N VAL G 327 9.10 -22.82 31.87
CA VAL G 327 9.36 -21.66 32.73
C VAL G 327 9.87 -22.11 34.10
N GLY G 328 9.45 -23.28 34.56
CA GLY G 328 9.96 -23.81 35.81
C GLY G 328 11.42 -24.22 35.74
N ALA G 329 11.83 -24.78 34.59
CA ALA G 329 13.23 -25.12 34.39
C ALA G 329 14.10 -23.86 34.34
N ALA G 330 13.63 -22.81 33.66
CA ALA G 330 14.38 -21.56 33.60
C ALA G 330 14.47 -20.89 34.98
N ILE G 331 13.36 -20.89 35.72
CA ILE G 331 13.35 -20.29 37.05
C ILE G 331 14.17 -21.13 38.03
N ARG G 332 14.22 -22.45 37.83
CA ARG G 332 15.09 -23.29 38.65
C ARG G 332 16.56 -23.04 38.35
N ARG G 333 16.89 -22.80 37.08
CA ARG G 333 18.24 -22.40 36.72
C ARG G 333 18.61 -21.05 37.35
N LYS G 334 17.63 -20.16 37.47
CA LYS G 334 17.87 -18.92 38.21
C LYS G 334 18.00 -19.16 39.70
N GLU G 335 17.24 -20.13 40.24
CA GLU G 335 17.23 -20.37 41.67
C GLU G 335 18.51 -21.05 42.14
N ASN G 336 19.14 -21.85 41.28
CA ASN G 336 20.36 -22.56 41.65
C ASN G 336 21.57 -21.66 41.73
N GLY G 337 21.48 -20.41 41.27
CA GLY G 337 22.60 -19.50 41.29
C GLY G 337 23.59 -19.69 40.17
N TRP G 338 23.24 -20.48 39.15
CA TRP G 338 24.10 -20.71 38.00
C TRP G 338 23.45 -20.21 36.71
N TYR G 339 22.98 -18.97 36.73
CA TYR G 339 22.71 -18.21 35.51
C TYR G 339 23.81 -17.18 35.34
N ASP G 340 24.02 -16.74 34.10
CA ASP G 340 24.97 -15.66 33.85
C ASP G 340 24.41 -14.35 34.41
N GLU G 341 25.14 -13.76 35.35
CA GLU G 341 24.65 -12.59 36.08
C GLU G 341 24.65 -11.31 35.25
N GLU G 342 25.25 -11.32 34.05
CA GLU G 342 25.21 -10.13 33.20
C GLU G 342 23.93 -10.05 32.39
N HIS G 343 23.23 -11.17 32.21
CA HIS G 343 22.13 -11.22 31.27
C HIS G 343 20.83 -11.57 31.99
N PRO G 344 19.77 -10.79 31.81
CA PRO G 344 18.48 -11.14 32.40
C PRO G 344 17.79 -12.25 31.62
N LEU G 345 16.73 -12.80 32.21
CA LEU G 345 15.93 -13.81 31.53
C LEU G 345 14.86 -13.14 30.67
N VAL G 346 14.77 -13.54 29.40
CA VAL G 346 13.79 -13.02 28.48
C VAL G 346 12.94 -14.18 27.95
N PHE G 347 11.63 -14.06 28.06
CA PHE G 347 10.68 -15.07 27.56
C PHE G 347 9.73 -14.44 26.56
N LEU G 348 9.44 -15.16 25.49
CA LEU G 348 8.41 -14.79 24.54
C LEU G 348 7.32 -15.85 24.51
N PHE G 349 6.11 -15.46 24.92
CA PHE G 349 4.99 -16.39 25.04
C PHE G 349 4.19 -16.33 23.76
N LEU G 350 3.96 -17.49 23.14
CA LEU G 350 3.12 -17.58 21.95
C LEU G 350 1.90 -18.42 22.27
N GLY G 351 0.74 -17.78 22.34
CA GLY G 351 -0.47 -18.52 22.61
C GLY G 351 -1.70 -17.75 22.19
N SER G 352 -2.81 -18.49 22.09
CA SER G 352 -4.06 -17.96 21.59
C SER G 352 -4.78 -17.18 22.69
N SER G 353 -6.01 -16.78 22.40
CA SER G 353 -6.78 -16.01 23.36
C SER G 353 -7.27 -16.92 24.49
N GLY G 354 -7.22 -16.37 25.71
CA GLY G 354 -7.77 -17.04 26.87
C GLY G 354 -7.09 -18.35 27.26
N ILE G 355 -5.78 -18.43 27.06
CA ILE G 355 -5.03 -19.65 27.32
C ILE G 355 -4.35 -19.60 28.68
N GLY G 356 -3.83 -18.44 29.07
CA GLY G 356 -3.27 -18.29 30.40
C GLY G 356 -1.87 -17.72 30.48
N LYS G 357 -1.45 -17.00 29.45
CA LYS G 357 -0.09 -16.44 29.43
C LYS G 357 0.06 -15.32 30.44
N THR G 358 -0.88 -14.37 30.45
CA THR G 358 -0.84 -13.27 31.40
C THR G 358 -1.03 -13.76 32.83
N GLU G 359 -1.88 -14.77 33.00
CA GLU G 359 -2.05 -15.38 34.32
C GLU G 359 -0.80 -16.13 34.76
N LEU G 360 -0.11 -16.79 33.83
CA LEU G 360 1.14 -17.45 34.16
C LEU G 360 2.20 -16.46 34.61
N ALA G 361 2.31 -15.32 33.90
CA ALA G 361 3.25 -14.28 34.30
C ALA G 361 2.89 -13.69 35.65
N LYS G 362 1.59 -13.49 35.91
CA LYS G 362 1.15 -12.96 37.20
C LYS G 362 1.45 -13.93 38.34
N GLN G 363 1.23 -15.23 38.12
CA GLN G 363 1.49 -16.20 39.18
C GLN G 363 2.99 -16.38 39.42
N THR G 364 3.79 -16.30 38.35
CA THR G 364 5.24 -16.34 38.49
C THR G 364 5.76 -15.17 39.30
N ALA G 365 5.33 -13.95 38.95
CA ALA G 365 5.76 -12.77 39.68
C ALA G 365 5.15 -12.70 41.07
N LYS G 366 4.04 -13.41 41.31
CA LYS G 366 3.55 -13.58 42.67
C LYS G 366 4.46 -14.50 43.46
N TYR G 367 5.07 -15.49 42.80
CA TYR G 367 6.01 -16.35 43.51
C TYR G 367 7.30 -15.62 43.85
N MET G 368 7.92 -14.94 42.87
CA MET G 368 9.25 -14.37 43.11
C MET G 368 9.20 -13.21 44.08
N HIS G 369 8.17 -12.38 44.00
CA HIS G 369 8.02 -11.24 44.89
C HIS G 369 6.68 -11.33 45.59
N LYS G 370 6.69 -11.06 46.90
CA LYS G 370 5.47 -11.19 47.69
C LYS G 370 4.49 -10.06 47.39
N ASP G 371 5.01 -8.87 47.10
CA ASP G 371 4.18 -7.72 46.75
C ASP G 371 4.27 -7.46 45.26
N ALA G 372 3.10 -7.41 44.59
CA ALA G 372 3.06 -7.11 43.17
C ALA G 372 3.09 -5.62 42.90
N LYS G 373 2.90 -4.79 43.92
CA LYS G 373 2.97 -3.34 43.75
C LYS G 373 4.40 -2.84 43.60
N LYS G 374 5.38 -3.64 44.00
CA LYS G 374 6.79 -3.29 43.91
C LYS G 374 7.57 -4.25 43.03
N GLY G 375 7.38 -5.55 43.23
CA GLY G 375 8.08 -6.58 42.48
C GLY G 375 7.49 -6.99 41.16
N PHE G 376 6.36 -6.41 40.75
CA PHE G 376 5.73 -6.73 39.47
C PHE G 376 5.50 -5.43 38.72
N ILE G 377 6.20 -5.26 37.60
CA ILE G 377 6.05 -4.10 36.73
C ILE G 377 5.43 -4.60 35.44
N ARG G 378 4.18 -4.23 35.19
CA ARG G 378 3.50 -4.65 33.98
C ARG G 378 3.25 -3.44 33.09
N LEU G 379 3.73 -3.52 31.86
CA LEU G 379 3.49 -2.50 30.85
C LEU G 379 2.67 -3.09 29.73
N ASP G 380 1.59 -2.41 29.37
CA ASP G 380 0.69 -2.89 28.34
C ASP G 380 1.11 -2.27 27.02
N MET G 381 1.33 -3.10 26.00
CA MET G 381 1.84 -2.60 24.74
C MET G 381 0.74 -2.05 23.84
N SER G 382 -0.51 -2.10 24.30
CA SER G 382 -1.64 -1.52 23.57
C SER G 382 -1.59 0.00 23.52
N GLU G 383 -0.87 0.64 24.43
CA GLU G 383 -0.64 2.08 24.31
C GLU G 383 0.36 2.40 23.23
N PHE G 384 1.32 1.51 23.01
CA PHE G 384 2.53 1.83 22.24
C PHE G 384 2.34 1.45 20.77
N GLN G 385 1.23 1.91 20.21
CA GLN G 385 0.91 1.65 18.82
C GLN G 385 1.61 2.61 17.87
N GLU G 386 2.17 3.70 18.38
CA GLU G 386 2.78 4.73 17.57
C GLU G 386 4.26 4.84 17.90
N ARG G 387 4.96 5.64 17.09
CA ARG G 387 6.41 5.72 17.22
C ARG G 387 6.83 6.61 18.38
N HIS G 388 6.00 7.59 18.75
CA HIS G 388 6.37 8.54 19.79
C HIS G 388 6.07 8.02 21.18
N GLU G 389 5.29 6.95 21.28
CA GLU G 389 4.90 6.34 22.54
C GLU G 389 6.08 5.74 23.29
N VAL G 390 7.20 5.53 22.58
CA VAL G 390 8.54 5.29 23.11
C VAL G 390 8.85 6.17 24.32
N ALA G 391 8.47 7.45 24.27
CA ALA G 391 8.76 8.36 25.37
C ALA G 391 8.01 8.08 26.67
N LYS G 392 7.20 7.01 26.71
CA LYS G 392 6.66 6.59 27.99
C LYS G 392 7.57 5.65 28.75
N PHE G 393 8.58 5.05 28.09
CA PHE G 393 9.59 4.31 28.84
C PHE G 393 10.55 5.25 29.54
N ILE G 394 11.26 6.07 28.77
CA ILE G 394 12.31 6.94 29.28
C ILE G 394 11.70 8.30 29.52
N GLY G 395 12.44 9.16 30.20
CA GLY G 395 11.96 10.50 30.43
C GLY G 395 12.02 11.34 29.18
N SER G 396 11.36 12.50 29.26
CA SER G 396 11.44 13.48 28.20
C SER G 396 12.84 14.07 28.13
N PRO G 397 13.27 14.51 26.95
CA PRO G 397 14.55 15.23 26.83
C PRO G 397 14.53 16.53 27.61
N PRO G 398 15.69 17.00 28.07
CA PRO G 398 15.73 18.21 28.92
C PRO G 398 15.24 19.45 28.19
N GLY G 399 14.56 20.32 28.94
CA GLY G 399 13.96 21.51 28.40
C GLY G 399 12.56 21.34 27.87
N TYR G 400 11.99 20.14 27.93
CA TYR G 400 10.68 19.86 27.36
C TYR G 400 9.66 19.58 28.47
N VAL G 401 8.43 19.31 28.06
CA VAL G 401 7.35 19.05 29.01
C VAL G 401 7.54 17.69 29.65
N GLY G 402 7.31 17.61 30.95
CA GLY G 402 7.40 16.37 31.68
C GLY G 402 8.78 15.80 31.80
N HIS G 403 9.81 16.62 31.63
CA HIS G 403 11.19 16.13 31.77
C HIS G 403 11.51 15.79 33.21
N GLU G 404 11.04 16.61 34.14
CA GLU G 404 11.26 16.35 35.56
C GLU G 404 10.40 15.20 36.07
N GLU G 405 9.33 14.86 35.34
CA GLU G 405 8.51 13.70 35.69
C GLU G 405 9.30 12.40 35.57
N GLY G 406 10.23 12.34 34.62
CA GLY G 406 11.14 11.22 34.53
C GLY G 406 10.55 10.04 33.78
N GLY G 407 11.39 9.04 33.58
CA GLY G 407 10.97 7.82 32.89
C GLY G 407 10.16 6.93 33.81
N GLN G 408 9.09 6.37 33.27
CA GLN G 408 8.24 5.49 34.07
C GLN G 408 8.91 4.15 34.30
N LEU G 409 9.47 3.55 33.26
CA LEU G 409 10.11 2.24 33.41
C LEU G 409 11.42 2.36 34.18
N THR G 410 12.16 3.45 34.01
CA THR G 410 13.38 3.65 34.79
C THR G 410 13.07 3.84 36.26
N LYS G 411 11.99 4.57 36.58
CA LYS G 411 11.58 4.74 37.97
C LYS G 411 11.10 3.42 38.58
N LYS G 412 10.36 2.63 37.81
CA LYS G 412 9.86 1.35 38.34
C LYS G 412 10.99 0.35 38.52
N LEU G 413 11.98 0.38 37.63
CA LEU G 413 13.15 -0.49 37.79
C LEU G 413 14.06 0.00 38.90
N LYS G 414 14.05 1.31 39.16
CA LYS G 414 14.84 1.84 40.27
C LYS G 414 14.19 1.54 41.61
N GLN G 415 12.85 1.45 41.65
CA GLN G 415 12.18 1.05 42.88
C GLN G 415 12.47 -0.40 43.24
N CYS G 416 12.52 -1.28 42.24
CA CYS G 416 12.85 -2.69 42.45
C CYS G 416 13.61 -3.21 41.25
N PRO G 417 14.93 -3.37 41.36
CA PRO G 417 15.71 -3.87 40.22
C PRO G 417 15.55 -5.35 39.97
N ASN G 418 15.00 -6.10 40.92
CA ASN G 418 14.84 -7.54 40.78
C ASN G 418 13.44 -7.86 40.25
N ALA G 419 12.62 -6.82 40.04
CA ALA G 419 11.19 -6.99 39.76
C ALA G 419 10.95 -7.63 38.40
N VAL G 420 9.92 -8.48 38.35
CA VAL G 420 9.53 -9.12 37.10
C VAL G 420 8.77 -8.12 36.25
N VAL G 421 9.18 -7.97 34.99
CA VAL G 421 8.59 -7.02 34.06
C VAL G 421 7.83 -7.80 33.01
N LEU G 422 6.53 -7.48 32.88
CA LEU G 422 5.65 -8.13 31.92
C LEU G 422 5.30 -7.14 30.81
N PHE G 423 5.81 -7.40 29.60
CA PHE G 423 5.44 -6.63 28.42
C PHE G 423 4.22 -7.28 27.77
N ASP G 424 3.04 -6.92 28.28
CA ASP G 424 1.82 -7.61 27.92
C ASP G 424 1.35 -7.21 26.53
N GLN G 425 1.01 -8.22 25.72
CA GLN G 425 0.48 -8.08 24.35
C GLN G 425 1.43 -7.31 23.45
N VAL G 426 2.63 -7.87 23.26
CA VAL G 426 3.69 -7.22 22.51
C VAL G 426 3.43 -7.26 20.99
N ASP G 427 2.35 -7.92 20.58
CA ASP G 427 1.83 -7.79 19.22
C ASP G 427 1.48 -6.34 18.91
N LYS G 428 0.84 -5.66 19.86
CA LYS G 428 0.26 -4.35 19.61
C LYS G 428 1.28 -3.22 19.66
N ALA G 429 2.52 -3.50 20.03
CA ALA G 429 3.54 -2.47 20.10
C ALA G 429 4.00 -2.07 18.70
N HIS G 430 4.48 -0.83 18.59
CA HIS G 430 5.18 -0.40 17.39
C HIS G 430 6.52 -1.14 17.32
N PRO G 431 7.03 -1.37 16.11
CA PRO G 431 8.36 -1.99 15.98
C PRO G 431 9.50 -1.15 16.53
N ASP G 432 9.31 0.15 16.73
CA ASP G 432 10.38 0.99 17.27
C ASP G 432 10.56 0.80 18.77
N VAL G 433 9.45 0.52 19.48
CA VAL G 433 9.50 0.25 20.91
C VAL G 433 10.28 -1.04 21.18
N LEU G 434 10.23 -1.96 20.23
CA LEU G 434 11.01 -3.20 20.29
C LEU G 434 12.50 -2.87 20.29
N THR G 435 12.90 -1.92 19.45
CA THR G 435 14.29 -1.49 19.39
C THR G 435 14.67 -0.67 20.62
N ILE G 436 13.69 -0.08 21.30
CA ILE G 436 13.99 0.57 22.57
C ILE G 436 14.37 -0.45 23.63
N MET G 437 13.57 -1.51 23.77
CA MET G 437 13.89 -2.53 24.77
C MET G 437 14.87 -3.58 24.26
N LEU G 438 15.43 -3.37 23.07
CA LEU G 438 16.58 -4.12 22.58
C LEU G 438 17.74 -4.13 23.57
N GLN G 439 18.14 -2.95 24.05
CA GLN G 439 19.25 -2.89 25.00
C GLN G 439 18.85 -3.43 26.37
N LEU G 440 17.55 -3.38 26.69
CA LEU G 440 17.07 -3.92 27.95
C LEU G 440 17.15 -5.43 27.95
N PHE G 441 16.98 -6.04 26.78
CA PHE G 441 17.19 -7.49 26.69
C PHE G 441 18.66 -7.84 26.48
N ASP G 442 19.44 -6.94 25.89
CA ASP G 442 20.84 -7.24 25.62
C ASP G 442 21.69 -7.19 26.89
N GLU G 443 21.47 -6.19 27.74
CA GLU G 443 22.28 -6.09 28.95
C GLU G 443 21.46 -5.80 30.21
N GLY G 444 20.19 -5.43 30.09
CA GLY G 444 19.45 -5.03 31.26
C GLY G 444 19.87 -3.68 31.78
N ARG G 445 20.07 -2.72 30.89
CA ARG G 445 20.57 -1.39 31.24
C ARG G 445 19.84 -0.37 30.38
N LEU G 446 19.17 0.57 31.05
CA LEU G 446 18.32 1.55 30.36
C LEU G 446 18.70 2.95 30.81
N THR G 447 18.85 3.87 29.86
CA THR G 447 19.25 5.23 30.13
C THR G 447 18.02 6.14 30.15
N ASP G 448 17.87 6.89 31.25
CA ASP G 448 16.77 7.83 31.41
C ASP G 448 17.04 9.10 30.60
N GLY G 449 16.04 9.99 30.60
CA GLY G 449 16.18 11.25 29.89
C GLY G 449 17.03 12.27 30.59
N LYS G 450 17.30 12.09 31.88
CA LYS G 450 18.12 13.01 32.65
C LYS G 450 19.59 12.64 32.66
N GLY G 451 19.99 11.61 31.91
CA GLY G 451 21.34 11.11 31.98
C GLY G 451 21.54 10.00 33.00
N LYS G 452 20.52 9.70 33.80
CA LYS G 452 20.61 8.58 34.72
C LYS G 452 20.50 7.25 33.98
N THR G 453 21.02 6.20 34.60
CA THR G 453 21.09 4.89 33.97
C THR G 453 20.81 3.82 35.00
N ILE G 454 19.83 2.95 34.70
CA ILE G 454 19.38 1.92 35.62
C ILE G 454 19.83 0.56 35.10
N ASP G 455 20.25 -0.30 36.03
CA ASP G 455 20.72 -1.66 35.73
C ASP G 455 19.70 -2.66 36.26
N CYS G 456 19.30 -3.61 35.43
CA CYS G 456 18.36 -4.65 35.81
C CYS G 456 18.83 -6.00 35.28
N LYS G 457 20.09 -6.33 35.57
CA LYS G 457 20.64 -7.62 35.14
C LYS G 457 19.98 -8.79 35.85
N ASP G 458 19.51 -8.58 37.08
CA ASP G 458 18.88 -9.65 37.85
C ASP G 458 17.40 -9.81 37.56
N ALA G 459 16.78 -8.88 36.82
CA ALA G 459 15.35 -8.91 36.63
C ALA G 459 14.95 -9.99 35.62
N ILE G 460 13.65 -10.27 35.57
CA ILE G 460 13.09 -11.28 34.70
C ILE G 460 12.10 -10.60 33.76
N PHE G 461 12.28 -10.82 32.45
CA PHE G 461 11.47 -10.16 31.44
C PHE G 461 10.56 -11.17 30.78
N ILE G 462 9.25 -10.96 30.89
CA ILE G 462 8.23 -11.83 30.32
C ILE G 462 7.45 -11.03 29.29
N MET G 463 7.27 -11.59 28.10
CA MET G 463 6.43 -10.98 27.08
C MET G 463 5.42 -12.00 26.57
N THR G 464 4.15 -11.60 26.53
CA THR G 464 3.07 -12.41 25.99
C THR G 464 2.70 -11.86 24.62
N SER G 465 2.49 -12.74 23.65
CA SER G 465 2.26 -12.34 22.28
C SER G 465 1.13 -13.16 21.68
N ASN G 466 0.58 -12.66 20.59
CA ASN G 466 -0.50 -13.32 19.87
C ASN G 466 -0.17 -13.60 18.41
N VAL G 467 1.10 -13.47 18.00
CA VAL G 467 1.39 -13.38 16.56
C VAL G 467 1.32 -14.76 15.90
N ALA G 468 2.09 -15.72 16.40
CA ALA G 468 2.05 -17.09 15.87
C ALA G 468 1.22 -17.98 16.78
N SER G 469 -0.05 -17.59 16.95
CA SER G 469 -0.98 -18.33 17.77
C SER G 469 -1.88 -19.25 16.95
N ASP G 470 -2.19 -18.86 15.71
CA ASP G 470 -3.03 -19.69 14.86
C ASP G 470 -2.30 -20.95 14.44
N GLU G 471 -1.08 -20.81 13.91
CA GLU G 471 -0.38 -21.92 13.25
C GLU G 471 -0.06 -23.05 14.21
N ILE G 472 0.43 -22.72 15.41
CA ILE G 472 0.70 -23.74 16.42
C ILE G 472 -0.60 -24.42 16.84
N ALA G 473 -1.70 -23.65 16.90
CA ALA G 473 -3.01 -24.22 17.15
C ALA G 473 -3.40 -25.18 16.04
N GLN G 474 -3.13 -24.77 14.79
CA GLN G 474 -3.33 -25.66 13.65
C GLN G 474 -2.44 -26.87 13.76
N HIS G 475 -1.20 -26.66 14.22
CA HIS G 475 -0.30 -27.77 14.49
C HIS G 475 -0.89 -28.68 15.56
N ALA G 476 -1.42 -28.05 16.63
CA ALA G 476 -2.08 -28.82 17.69
C ALA G 476 -3.35 -29.46 17.20
N LEU G 477 -3.94 -28.92 16.10
CA LEU G 477 -5.10 -29.54 15.48
C LEU G 477 -4.77 -30.94 15.00
N GLN G 478 -3.61 -31.13 14.34
CA GLN G 478 -3.24 -32.50 13.99
C GLN G 478 -2.87 -33.28 15.23
N LEU G 479 -2.32 -32.59 16.24
CA LEU G 479 -2.05 -33.25 17.51
C LEU G 479 -3.35 -33.60 18.23
N ARG G 480 -4.40 -32.80 17.99
CA ARG G 480 -5.71 -33.17 18.54
C ARG G 480 -6.26 -34.39 17.81
N GLN G 481 -5.79 -34.61 16.57
CA GLN G 481 -6.07 -35.85 15.86
C GLN G 481 -4.92 -36.85 15.96
N GLU G 482 -3.86 -36.54 16.70
CA GLU G 482 -2.80 -37.54 16.92
C GLU G 482 -2.59 -37.88 18.39
N ALA G 483 -2.40 -36.88 19.26
CA ALA G 483 -2.05 -37.15 20.64
C ALA G 483 -3.24 -37.70 21.42
N LEU G 484 -4.46 -37.24 21.10
CA LEU G 484 -5.65 -37.84 21.67
C LEU G 484 -5.91 -39.21 21.07
N GLU G 485 -5.50 -39.43 19.81
CA GLU G 485 -5.66 -40.73 19.19
C GLU G 485 -4.44 -41.62 19.39
N MET G 486 -3.39 -41.10 20.05
CA MET G 486 -2.26 -41.93 20.44
C MET G 486 -2.63 -42.92 21.54
N SER G 487 -3.69 -42.64 22.30
CA SER G 487 -4.21 -43.55 23.30
C SER G 487 -4.83 -44.80 22.67
N SER G 501 2.45 -41.67 30.10
CA SER G 501 1.17 -41.07 29.72
C SER G 501 1.21 -40.52 28.30
N ASP G 502 0.20 -39.73 27.95
CA ASP G 502 0.11 -39.10 26.64
C ASP G 502 0.26 -37.59 26.78
N LYS G 503 0.99 -36.99 25.84
CA LYS G 503 1.28 -35.57 25.88
C LYS G 503 1.21 -34.98 24.48
N ILE G 504 1.04 -33.67 24.43
CA ILE G 504 0.95 -32.91 23.18
C ILE G 504 2.27 -32.18 23.00
N THR G 505 3.04 -32.56 21.99
CA THR G 505 4.39 -32.04 21.78
C THR G 505 4.48 -31.27 20.48
N ILE G 506 5.10 -30.10 20.54
CA ILE G 506 5.37 -29.27 19.36
C ILE G 506 6.78 -29.62 18.88
N SER G 507 6.90 -29.87 17.57
CA SER G 507 8.16 -30.33 17.00
C SER G 507 9.23 -29.24 17.07
N LYS G 508 10.49 -29.68 17.15
CA LYS G 508 11.58 -28.76 17.43
C LYS G 508 11.98 -27.95 16.20
N ASN G 509 11.79 -28.52 14.99
CA ASN G 509 12.12 -27.79 13.78
C ASN G 509 11.08 -26.72 13.44
N PHE G 510 9.89 -26.82 14.05
CA PHE G 510 8.80 -25.88 13.77
C PHE G 510 9.19 -24.47 14.23
N LYS G 511 9.86 -24.36 15.37
CA LYS G 511 10.22 -23.06 15.93
C LYS G 511 11.25 -22.32 15.08
N GLU G 512 11.95 -23.01 14.17
CA GLU G 512 12.94 -22.38 13.33
C GLU G 512 12.58 -22.32 11.86
N ASN G 513 11.68 -23.17 11.37
CA ASN G 513 11.42 -23.15 9.92
C ASN G 513 10.14 -22.41 9.53
N VAL G 514 9.12 -22.36 10.40
CA VAL G 514 7.86 -21.72 10.08
C VAL G 514 7.56 -20.53 11.00
N ILE G 515 7.81 -20.69 12.31
CA ILE G 515 7.48 -19.64 13.28
C ILE G 515 8.35 -18.40 13.08
N ARG G 516 9.63 -18.62 12.75
CA ARG G 516 10.55 -17.49 12.54
C ARG G 516 10.19 -16.62 11.33
N PRO G 517 9.61 -17.12 10.22
CA PRO G 517 8.98 -16.18 9.28
C PRO G 517 7.87 -15.29 9.83
N ILE G 518 6.99 -15.76 10.71
CA ILE G 518 6.00 -14.85 11.31
C ILE G 518 6.70 -13.85 12.25
N LEU G 519 7.68 -14.32 13.02
CA LEU G 519 8.38 -13.43 13.95
C LEU G 519 9.21 -12.39 13.19
N LYS G 520 9.73 -12.74 12.02
CA LYS G 520 10.44 -11.79 11.17
C LYS G 520 9.49 -10.92 10.35
N ALA G 521 8.27 -11.39 10.08
CA ALA G 521 7.31 -10.56 9.38
C ALA G 521 6.65 -9.55 10.31
N HIS G 522 6.69 -9.82 11.61
CA HIS G 522 6.07 -8.89 12.56
C HIS G 522 7.10 -8.03 13.27
N PHE G 523 8.14 -8.63 13.85
CA PHE G 523 9.08 -7.87 14.66
C PHE G 523 10.20 -7.27 13.80
N ARG G 524 10.50 -7.91 12.67
CA ARG G 524 11.38 -7.44 11.59
C ARG G 524 12.85 -7.31 11.96
N ARG G 525 13.24 -7.58 13.20
CA ARG G 525 14.64 -7.43 13.63
C ARG G 525 15.15 -8.80 14.05
N ASP G 526 16.31 -9.20 13.51
CA ASP G 526 16.95 -10.43 13.95
C ASP G 526 17.45 -10.31 15.38
N GLU G 527 17.91 -9.10 15.74
CA GLU G 527 18.54 -8.87 17.04
C GLU G 527 17.54 -8.97 18.18
N PHE G 528 16.29 -8.58 17.94
CA PHE G 528 15.25 -8.70 18.95
C PHE G 528 14.96 -10.15 19.29
N LEU G 529 14.88 -11.01 18.27
CA LEU G 529 14.60 -12.40 18.54
C LEU G 529 15.83 -13.13 19.05
N GLY G 530 17.02 -12.67 18.67
CA GLY G 530 18.24 -13.25 19.20
C GLY G 530 18.45 -12.92 20.66
N ARG G 531 17.99 -11.74 21.10
CA ARG G 531 18.19 -11.35 22.50
C ARG G 531 17.28 -12.12 23.44
N ILE G 532 16.18 -12.67 22.94
CA ILE G 532 15.25 -13.40 23.81
C ILE G 532 15.82 -14.77 24.11
N ASN G 533 15.90 -15.11 25.41
CA ASN G 533 16.41 -16.41 25.83
C ASN G 533 15.50 -17.54 25.38
N GLU G 534 14.26 -17.54 25.87
CA GLU G 534 13.39 -18.69 25.70
C GLU G 534 12.10 -18.29 25.02
N ILE G 535 11.66 -19.14 24.09
CA ILE G 535 10.37 -19.01 23.43
C ILE G 535 9.47 -20.10 24.01
N VAL G 536 8.40 -19.68 24.68
CA VAL G 536 7.50 -20.59 25.37
C VAL G 536 6.18 -20.61 24.62
N TYR G 537 5.74 -21.80 24.21
CA TYR G 537 4.49 -21.93 23.47
C TYR G 537 3.36 -22.34 24.40
N PHE G 538 2.14 -22.01 24.00
CA PHE G 538 0.94 -22.34 24.73
C PHE G 538 0.00 -23.12 23.83
N LEU G 539 -0.45 -24.25 24.30
CA LEU G 539 -1.25 -25.12 23.46
C LEU G 539 -2.73 -24.96 23.77
N PRO G 540 -3.59 -25.11 22.76
CA PRO G 540 -5.04 -24.99 22.99
C PRO G 540 -5.58 -26.10 23.85
N PHE G 541 -6.67 -25.81 24.54
CA PHE G 541 -7.20 -26.72 25.56
C PHE G 541 -7.81 -27.96 24.93
N CYS G 542 -7.51 -29.11 25.54
CA CYS G 542 -8.09 -30.38 25.13
C CYS G 542 -9.40 -30.62 25.85
N HIS G 543 -9.96 -31.82 25.69
CA HIS G 543 -11.26 -32.13 26.27
C HIS G 543 -11.16 -32.30 27.78
N SER G 544 -10.15 -33.02 28.26
CA SER G 544 -9.98 -33.21 29.70
C SER G 544 -9.57 -31.91 30.38
N GLU G 545 -8.82 -31.07 29.67
CA GLU G 545 -8.47 -29.76 30.22
C GLU G 545 -9.68 -28.85 30.30
N LEU G 546 -10.60 -28.97 29.35
CA LEU G 546 -11.86 -28.23 29.43
C LEU G 546 -12.75 -28.74 30.56
N ILE G 547 -12.74 -30.07 30.79
CA ILE G 547 -13.43 -30.65 31.94
C ILE G 547 -12.87 -30.09 33.25
N GLN G 548 -11.54 -30.06 33.36
CA GLN G 548 -10.89 -29.56 34.55
C GLN G 548 -11.13 -28.07 34.74
N LEU G 549 -11.26 -27.33 33.63
CA LEU G 549 -11.60 -25.91 33.70
C LEU G 549 -13.01 -25.68 34.20
N VAL G 550 -13.96 -26.49 33.72
CA VAL G 550 -15.34 -26.40 34.18
C VAL G 550 -15.44 -26.70 35.67
N ASN G 551 -14.77 -27.78 36.10
CA ASN G 551 -14.78 -28.12 37.52
C ASN G 551 -14.03 -27.08 38.36
N LYS G 552 -13.02 -26.44 37.79
CA LYS G 552 -12.28 -25.40 38.52
C LYS G 552 -13.12 -24.14 38.70
N GLU G 553 -13.85 -23.73 37.67
CA GLU G 553 -14.74 -22.57 37.79
C GLU G 553 -15.87 -22.85 38.77
N LEU G 554 -16.45 -24.06 38.71
CA LEU G 554 -17.51 -24.42 39.64
C LEU G 554 -16.98 -24.53 41.06
N ASN G 555 -15.74 -25.01 41.23
CA ASN G 555 -15.15 -25.11 42.56
C ASN G 555 -14.80 -23.73 43.11
N PHE G 556 -14.43 -22.80 42.23
CA PHE G 556 -14.22 -21.41 42.64
C PHE G 556 -15.50 -20.79 43.16
N TRP G 557 -16.61 -21.02 42.44
CA TRP G 557 -17.88 -20.47 42.89
C TRP G 557 -18.38 -21.15 44.16
N ALA G 558 -18.15 -22.46 44.29
CA ALA G 558 -18.54 -23.17 45.50
C ALA G 558 -17.72 -22.71 46.70
N LYS G 559 -16.42 -22.49 46.51
CA LYS G 559 -15.57 -21.98 47.58
C LYS G 559 -15.97 -20.57 47.98
N ARG G 560 -16.35 -19.74 47.00
CA ARG G 560 -16.83 -18.39 47.30
C ARG G 560 -18.14 -18.44 48.08
N ALA G 561 -19.04 -19.36 47.72
CA ALA G 561 -20.29 -19.51 48.43
C ALA G 561 -20.08 -20.01 49.85
N LYS G 562 -19.15 -20.95 50.04
CA LYS G 562 -18.88 -21.48 51.38
C LYS G 562 -18.19 -20.44 52.26
N GLN G 563 -17.31 -19.63 51.67
CA GLN G 563 -16.69 -18.54 52.42
C GLN G 563 -17.69 -17.45 52.76
N ARG G 564 -18.65 -17.19 51.87
CA ARG G 564 -19.57 -16.07 52.07
C ARG G 564 -20.71 -16.43 53.00
N HIS G 565 -21.53 -17.43 52.63
CA HIS G 565 -22.76 -17.68 53.38
C HIS G 565 -22.99 -19.14 53.72
N ASN G 566 -21.95 -19.98 53.62
CA ASN G 566 -21.98 -21.42 53.94
C ASN G 566 -23.05 -22.13 53.11
N ILE G 567 -22.83 -22.14 51.80
CA ILE G 567 -23.75 -22.76 50.85
C ILE G 567 -22.98 -23.83 50.09
N THR G 568 -23.37 -25.09 50.27
CA THR G 568 -22.72 -26.20 49.63
C THR G 568 -23.31 -26.42 48.24
N LEU G 569 -22.43 -26.62 47.25
CA LEU G 569 -22.84 -26.79 45.86
C LEU G 569 -22.35 -28.14 45.35
N LEU G 570 -23.20 -28.82 44.58
CA LEU G 570 -22.89 -30.13 44.04
C LEU G 570 -23.17 -30.17 42.55
N TRP G 571 -22.27 -30.82 41.81
CA TRP G 571 -22.45 -31.11 40.40
C TRP G 571 -22.00 -32.55 40.17
N ASP G 572 -22.73 -33.29 39.35
CA ASP G 572 -22.38 -34.65 39.02
C ASP G 572 -21.32 -34.66 37.90
N ARG G 573 -20.94 -35.87 37.50
CA ARG G 573 -20.05 -36.02 36.35
C ARG G 573 -20.75 -35.65 35.05
N GLU G 574 -22.07 -35.84 35.00
CA GLU G 574 -22.83 -35.62 33.78
C GLU G 574 -23.10 -34.14 33.52
N VAL G 575 -22.97 -33.29 34.54
CA VAL G 575 -23.33 -31.88 34.38
C VAL G 575 -22.29 -31.14 33.56
N ALA G 576 -21.02 -31.55 33.62
CA ALA G 576 -19.95 -30.77 33.00
C ALA G 576 -19.98 -30.85 31.47
N ASP G 577 -20.65 -31.86 30.91
CA ASP G 577 -20.70 -32.01 29.46
C ASP G 577 -21.47 -30.90 28.79
N VAL G 578 -22.59 -30.47 29.39
CA VAL G 578 -23.38 -29.40 28.79
C VAL G 578 -22.71 -28.04 28.98
N LEU G 579 -21.75 -27.95 29.91
CA LEU G 579 -20.99 -26.71 30.05
C LEU G 579 -19.81 -26.69 29.09
N VAL G 580 -19.23 -27.85 28.80
CA VAL G 580 -18.21 -27.93 27.75
C VAL G 580 -18.85 -27.72 26.37
N ASP G 581 -20.14 -28.05 26.24
CA ASP G 581 -20.87 -27.75 25.00
C ASP G 581 -21.00 -26.24 24.76
N GLY G 582 -20.92 -25.44 25.82
CA GLY G 582 -20.86 -24.00 25.65
C GLY G 582 -19.45 -23.45 25.59
N TYR G 583 -18.73 -23.75 24.50
CA TYR G 583 -17.34 -23.35 24.35
C TYR G 583 -17.05 -22.92 22.92
N ASN G 584 -16.26 -21.86 22.78
CA ASN G 584 -15.80 -21.39 21.48
C ASN G 584 -14.32 -21.73 21.33
N VAL G 585 -13.96 -22.27 20.15
CA VAL G 585 -12.57 -22.63 19.89
C VAL G 585 -11.71 -21.38 19.72
N HIS G 586 -12.32 -20.29 19.21
CA HIS G 586 -11.57 -19.05 19.02
C HIS G 586 -11.36 -18.34 20.34
N TYR G 587 -12.25 -18.57 21.30
CA TYR G 587 -12.10 -17.95 22.62
C TYR G 587 -11.19 -18.82 23.47
N GLY G 588 -11.18 -18.57 24.77
CA GLY G 588 -10.36 -19.39 25.64
C GLY G 588 -11.02 -19.78 26.95
N ALA G 589 -10.29 -19.63 28.05
CA ALA G 589 -10.84 -19.98 29.35
C ALA G 589 -11.87 -18.96 29.82
N ARG G 590 -11.82 -17.74 29.27
CA ARG G 590 -12.76 -16.71 29.68
C ARG G 590 -14.17 -17.01 29.17
N SER G 591 -14.29 -17.73 28.05
CA SER G 591 -15.61 -18.12 27.55
C SER G 591 -16.28 -19.10 28.50
N ILE G 592 -15.54 -20.12 28.94
CA ILE G 592 -16.04 -21.08 29.92
C ILE G 592 -16.32 -20.38 31.24
N LYS G 593 -15.47 -19.42 31.60
CA LYS G 593 -15.61 -18.67 32.84
C LYS G 593 -16.92 -17.87 32.87
N HIS G 594 -17.18 -17.09 31.82
CA HIS G 594 -18.41 -16.29 31.87
C HIS G 594 -19.63 -17.11 31.52
N GLU G 595 -19.47 -18.28 30.86
CA GLU G 595 -20.59 -19.17 30.66
C GLU G 595 -21.05 -19.79 31.98
N VAL G 596 -20.09 -20.19 32.82
CA VAL G 596 -20.39 -20.61 34.19
C VAL G 596 -20.99 -19.45 34.98
N GLU G 597 -20.44 -18.25 34.79
CA GLU G 597 -20.90 -17.07 35.53
C GLU G 597 -22.33 -16.68 35.16
N ARG G 598 -22.73 -16.96 33.92
CA ARG G 598 -24.05 -16.56 33.45
C ARG G 598 -25.09 -17.64 33.74
N ARG G 599 -24.81 -18.88 33.35
CA ARG G 599 -25.85 -19.90 33.31
C ARG G 599 -26.21 -20.38 34.72
N VAL G 600 -25.23 -20.44 35.62
CA VAL G 600 -25.42 -20.99 36.95
C VAL G 600 -25.59 -19.90 38.00
N VAL G 601 -24.73 -18.89 37.99
CA VAL G 601 -24.60 -17.98 39.12
C VAL G 601 -25.73 -16.97 39.15
N ASN G 602 -26.34 -16.69 38.00
CA ASN G 602 -27.48 -15.76 37.95
C ASN G 602 -28.68 -16.31 38.71
N GLN G 603 -28.91 -17.62 38.61
CA GLN G 603 -29.97 -18.26 39.40
C GLN G 603 -29.66 -18.19 40.88
N LEU G 604 -28.38 -18.34 41.25
CA LEU G 604 -27.98 -18.22 42.64
C LEU G 604 -28.21 -16.82 43.19
N ALA G 605 -27.90 -15.79 42.40
CA ALA G 605 -28.11 -14.42 42.85
C ALA G 605 -29.60 -14.08 42.92
N ALA G 606 -30.38 -14.59 41.96
CA ALA G 606 -31.82 -14.38 41.99
C ALA G 606 -32.47 -15.07 43.19
N ALA G 607 -31.98 -16.26 43.54
CA ALA G 607 -32.49 -16.93 44.73
C ALA G 607 -32.01 -16.25 46.00
N TYR G 608 -30.83 -15.62 45.94
CA TYR G 608 -30.30 -14.95 47.13
C TYR G 608 -31.01 -13.65 47.42
N GLU G 609 -31.50 -12.96 46.37
CA GLU G 609 -32.34 -11.79 46.61
C GLU G 609 -33.68 -12.19 47.19
N GLN G 610 -34.30 -13.23 46.65
CA GLN G 610 -35.64 -13.70 47.01
C GLN G 610 -35.68 -14.45 48.34
N ASP G 611 -34.57 -14.53 49.07
CA ASP G 611 -34.45 -15.24 50.35
C ASP G 611 -34.83 -16.70 50.23
N LEU G 612 -34.53 -17.32 49.08
CA LEU G 612 -34.80 -18.73 48.85
C LEU G 612 -33.62 -19.62 49.21
N LEU G 613 -32.51 -19.03 49.66
CA LEU G 613 -31.31 -19.78 50.01
C LEU G 613 -30.90 -19.44 51.44
N PRO G 614 -31.46 -20.14 52.43
CA PRO G 614 -30.95 -20.01 53.80
C PRO G 614 -29.58 -20.64 53.91
N GLY G 615 -28.81 -20.17 54.89
CA GLY G 615 -27.46 -20.68 55.09
C GLY G 615 -27.47 -22.10 55.63
N GLY G 616 -26.49 -22.88 55.19
CA GLY G 616 -26.38 -24.27 55.60
C GLY G 616 -27.09 -25.27 54.70
N CYS G 617 -27.79 -24.82 53.67
CA CYS G 617 -28.48 -25.72 52.78
C CYS G 617 -27.52 -26.27 51.72
N THR G 618 -27.94 -27.37 51.09
CA THR G 618 -27.16 -28.04 50.06
C THR G 618 -27.89 -27.95 48.73
N LEU G 619 -27.17 -27.52 47.69
CA LEU G 619 -27.75 -27.28 46.37
C LEU G 619 -27.10 -28.23 45.38
N ARG G 620 -27.88 -28.67 44.39
CA ARG G 620 -27.40 -29.56 43.35
C ARG G 620 -27.82 -29.01 42.00
N ILE G 621 -26.86 -28.95 41.06
CA ILE G 621 -27.14 -28.55 39.70
C ILE G 621 -27.52 -29.79 38.90
N THR G 622 -28.69 -29.75 38.26
CA THR G 622 -29.22 -30.90 37.54
C THR G 622 -29.60 -30.50 36.13
N VAL G 623 -29.28 -31.36 35.16
CA VAL G 623 -29.62 -31.14 33.77
C VAL G 623 -31.06 -31.61 33.56
N GLU G 624 -31.83 -30.83 32.80
CA GLU G 624 -33.25 -31.12 32.57
C GLU G 624 -33.44 -32.43 31.80
N ASP G 625 -34.48 -33.17 32.16
CA ASP G 625 -34.75 -34.48 31.59
C ASP G 625 -35.20 -34.39 30.13
N LYS G 647 -31.97 -27.16 30.54
CA LYS G 647 -31.74 -26.14 31.56
C LYS G 647 -30.98 -26.70 32.74
N LEU G 648 -30.16 -25.87 33.37
CA LEU G 648 -29.49 -26.23 34.62
C LEU G 648 -30.38 -25.79 35.76
N ARG G 649 -31.06 -26.74 36.38
CA ARG G 649 -31.98 -26.47 37.47
C ARG G 649 -31.28 -26.65 38.80
N LEU G 650 -31.53 -25.71 39.72
CA LEU G 650 -30.97 -25.76 41.06
C LEU G 650 -31.97 -26.45 41.98
N GLU G 651 -31.58 -27.59 42.53
CA GLU G 651 -32.46 -28.39 43.38
C GLU G 651 -31.88 -28.44 44.79
N ILE G 652 -32.71 -28.08 45.77
CA ILE G 652 -32.33 -28.20 47.17
C ILE G 652 -32.38 -29.66 47.57
N ILE G 653 -31.32 -30.14 48.21
CA ILE G 653 -31.22 -31.51 48.70
C ILE G 653 -31.27 -31.46 50.22
N ASP G 654 -32.36 -31.98 50.79
CA ASP G 654 -32.53 -32.02 52.23
C ASP G 654 -31.87 -33.28 52.80
N LYS G 655 -31.96 -33.42 54.13
CA LYS G 655 -31.41 -34.60 54.79
C LYS G 655 -32.20 -35.87 54.48
N ASP G 656 -33.45 -35.73 54.06
CA ASP G 656 -34.31 -36.87 53.77
C ASP G 656 -34.29 -37.26 52.30
N SER G 657 -33.27 -36.80 51.56
CA SER G 657 -33.01 -37.18 50.15
C SER G 657 -34.18 -36.86 49.22
N LYS G 658 -34.84 -35.72 49.44
CA LYS G 658 -35.96 -35.29 48.61
C LYS G 658 -35.54 -34.04 47.85
N THR G 659 -35.54 -34.12 46.52
CA THR G 659 -35.21 -32.97 45.69
C THR G 659 -36.33 -31.94 45.75
N ARG G 660 -35.97 -30.67 45.90
CA ARG G 660 -36.94 -29.59 45.86
C ARG G 660 -36.50 -28.59 44.80
N ARG G 661 -37.32 -28.42 43.76
CA ARG G 661 -37.03 -27.42 42.74
C ARG G 661 -37.24 -26.02 43.31
N LEU G 662 -36.47 -25.06 42.78
CA LEU G 662 -36.61 -23.67 43.17
C LEU G 662 -37.31 -22.91 42.05
N ASP G 663 -38.40 -22.22 42.40
CA ASP G 663 -39.16 -21.42 41.43
C ASP G 663 -38.63 -19.99 41.48
N ILE G 664 -37.88 -19.61 40.45
CA ILE G 664 -37.29 -18.28 40.37
C ILE G 664 -38.15 -17.42 39.45
N ARG G 665 -38.59 -16.27 39.96
CA ARG G 665 -39.43 -15.34 39.21
C ARG G 665 -38.69 -14.71 38.04
N LYS H 298 58.43 3.63 29.46
CA LYS H 298 59.25 2.55 28.94
C LYS H 298 58.59 1.20 29.23
N ARG H 299 57.89 1.12 30.36
CA ARG H 299 57.19 -0.12 30.71
C ARG H 299 56.00 -0.35 29.79
N GLU H 300 55.37 0.72 29.32
CA GLU H 300 54.23 0.58 28.43
C GLU H 300 54.65 0.06 27.06
N ALA H 301 55.78 0.54 26.53
CA ALA H 301 56.31 0.01 25.28
C ALA H 301 56.76 -1.44 25.45
N GLU H 302 57.29 -1.77 26.63
CA GLU H 302 57.71 -3.15 26.91
C GLU H 302 56.52 -4.09 26.97
N GLU H 303 55.40 -3.66 27.58
CA GLU H 303 54.25 -4.55 27.64
C GLU H 303 53.50 -4.59 26.30
N ARG H 304 53.61 -3.52 25.49
CA ARG H 304 53.08 -3.57 24.14
C ARG H 304 53.88 -4.53 23.27
N ARG H 305 55.19 -4.60 23.49
CA ARG H 305 56.00 -5.59 22.80
C ARG H 305 55.72 -7.00 23.30
N ARG H 306 55.55 -7.16 24.62
CA ARG H 306 55.33 -8.48 25.20
C ARG H 306 53.90 -8.95 24.93
N PHE H 307 52.91 -8.22 25.43
CA PHE H 307 51.50 -8.60 25.33
C PHE H 307 50.73 -7.51 24.60
N PRO H 308 50.68 -7.57 23.26
CA PRO H 308 49.78 -6.67 22.53
C PRO H 308 48.33 -7.06 22.77
N LEU H 309 47.43 -6.11 22.49
CA LEU H 309 46.03 -6.26 22.85
C LEU H 309 45.29 -7.28 22.00
N GLU H 310 45.87 -7.71 20.88
CA GLU H 310 45.21 -8.72 20.05
C GLU H 310 45.18 -10.08 20.74
N GLN H 311 46.24 -10.39 21.50
CA GLN H 311 46.26 -11.66 22.24
C GLN H 311 45.28 -11.64 23.40
N ARG H 312 45.11 -10.48 24.06
CA ARG H 312 44.07 -10.34 25.07
C ARG H 312 42.68 -10.45 24.46
N LEU H 313 42.49 -9.87 23.26
CA LEU H 313 41.23 -10.00 22.54
C LEU H 313 40.94 -11.45 22.20
N LYS H 314 41.95 -12.18 21.72
CA LYS H 314 41.79 -13.58 21.37
C LYS H 314 41.53 -14.44 22.60
N GLU H 315 42.06 -14.03 23.76
CA GLU H 315 41.71 -14.69 25.00
C GLU H 315 40.26 -14.43 25.35
N HIS H 316 39.77 -13.22 25.08
CA HIS H 316 38.41 -12.89 25.47
C HIS H 316 37.36 -13.22 24.42
N ILE H 317 37.59 -12.90 23.14
CA ILE H 317 36.65 -13.19 22.07
C ILE H 317 37.37 -13.96 20.96
N ILE H 318 36.63 -14.80 20.24
CA ILE H 318 37.25 -15.61 19.20
C ILE H 318 36.65 -15.24 17.85
N GLY H 319 37.35 -15.64 16.79
CA GLY H 319 36.96 -15.30 15.44
C GLY H 319 37.23 -13.83 15.16
N GLN H 320 36.75 -13.40 13.98
CA GLN H 320 36.78 -12.00 13.52
C GLN H 320 38.20 -11.44 13.50
N GLU H 321 39.14 -12.25 13.01
CA GLU H 321 40.55 -11.88 13.12
C GLU H 321 40.92 -10.72 12.20
N SER H 322 40.17 -10.52 11.12
CA SER H 322 40.37 -9.33 10.29
C SER H 322 39.97 -8.07 11.04
N ALA H 323 38.83 -8.12 11.75
CA ALA H 323 38.38 -7.00 12.56
C ALA H 323 39.33 -6.74 13.73
N ILE H 324 39.79 -7.82 14.36
CA ILE H 324 40.74 -7.70 15.47
C ILE H 324 42.04 -7.06 14.99
N ALA H 325 42.52 -7.50 13.82
CA ALA H 325 43.75 -6.95 13.26
C ALA H 325 43.60 -5.48 12.87
N THR H 326 42.44 -5.12 12.31
CA THR H 326 42.21 -3.73 11.88
C THR H 326 42.12 -2.79 13.06
N VAL H 327 41.29 -3.13 14.05
CA VAL H 327 41.12 -2.28 15.22
C VAL H 327 42.41 -2.23 16.03
N GLY H 328 43.10 -3.37 16.13
CA GLY H 328 44.37 -3.40 16.84
C GLY H 328 45.46 -2.60 16.16
N ALA H 329 45.49 -2.60 14.83
CA ALA H 329 46.48 -1.82 14.11
C ALA H 329 46.22 -0.33 14.23
N ALA H 330 44.95 0.07 14.23
CA ALA H 330 44.63 1.48 14.47
C ALA H 330 44.97 1.89 15.91
N ILE H 331 44.79 0.99 16.86
CA ILE H 331 45.17 1.26 18.24
C ILE H 331 46.70 1.30 18.39
N ARG H 332 47.43 0.49 17.63
CA ARG H 332 48.89 0.60 17.59
C ARG H 332 49.33 1.93 17.00
N ARG H 333 48.63 2.42 15.98
CA ARG H 333 48.88 3.76 15.47
C ARG H 333 48.59 4.83 16.53
N LYS H 334 47.61 4.57 17.39
CA LYS H 334 47.30 5.50 18.47
C LYS H 334 48.37 5.50 19.55
N GLU H 335 48.84 4.32 19.96
CA GLU H 335 49.63 4.23 21.19
C GLU H 335 51.11 4.56 21.00
N ASN H 336 51.60 4.59 19.77
CA ASN H 336 52.96 5.05 19.55
C ASN H 336 53.07 6.56 19.42
N GLY H 337 51.94 7.28 19.50
CA GLY H 337 51.96 8.73 19.42
C GLY H 337 52.00 9.30 18.03
N TRP H 338 52.02 8.46 16.99
CA TRP H 338 52.05 8.92 15.61
C TRP H 338 50.63 8.94 15.03
N TYR H 339 49.79 9.78 15.63
CA TYR H 339 48.42 9.95 15.18
C TYR H 339 48.05 11.42 15.21
N ASP H 340 47.28 11.85 14.21
CA ASP H 340 46.82 13.23 14.16
C ASP H 340 45.77 13.47 15.22
N GLU H 341 46.01 14.46 16.08
CA GLU H 341 45.07 14.74 17.16
C GLU H 341 43.82 15.45 16.67
N GLU H 342 43.91 16.20 15.57
CA GLU H 342 42.78 16.97 15.05
C GLU H 342 41.65 16.09 14.50
N HIS H 343 41.92 14.83 14.20
CA HIS H 343 40.88 13.86 13.83
C HIS H 343 41.00 12.67 14.77
N PRO H 344 40.17 12.60 15.81
CA PRO H 344 40.17 11.44 16.70
C PRO H 344 39.66 10.21 15.96
N LEU H 345 40.14 9.04 16.40
CA LEU H 345 39.94 7.81 15.65
C LEU H 345 38.50 7.33 15.75
N VAL H 346 37.92 7.00 14.59
CA VAL H 346 36.51 6.66 14.46
C VAL H 346 36.42 5.28 13.83
N PHE H 347 35.67 4.40 14.47
CA PHE H 347 35.38 3.07 13.96
C PHE H 347 33.89 2.94 13.74
N LEU H 348 33.49 2.42 12.59
CA LEU H 348 32.10 2.10 12.31
C LEU H 348 32.02 0.60 12.14
N PHE H 349 31.53 -0.09 13.18
CA PHE H 349 31.44 -1.54 13.20
C PHE H 349 30.14 -1.97 12.52
N LEU H 350 30.24 -2.91 11.57
CA LEU H 350 29.06 -3.43 10.90
C LEU H 350 29.08 -4.94 10.95
N GLY H 351 27.95 -5.52 11.32
CA GLY H 351 27.84 -6.96 11.34
C GLY H 351 26.41 -7.36 11.63
N SER H 352 26.21 -8.66 11.72
CA SER H 352 24.89 -9.22 12.00
C SER H 352 24.59 -9.11 13.49
N SER H 353 23.53 -9.78 13.93
CA SER H 353 23.19 -9.83 15.34
C SER H 353 24.00 -10.93 16.01
N GLY H 354 24.64 -10.58 17.13
CA GLY H 354 25.43 -11.54 17.87
C GLY H 354 26.68 -12.01 17.14
N ILE H 355 27.31 -11.11 16.37
CA ILE H 355 28.43 -11.48 15.52
C ILE H 355 29.77 -11.09 16.17
N GLY H 356 29.76 -10.21 17.16
CA GLY H 356 30.98 -9.80 17.80
C GLY H 356 31.30 -8.32 17.80
N LYS H 357 30.29 -7.45 17.82
CA LYS H 357 30.59 -6.02 17.73
C LYS H 357 30.71 -5.37 19.10
N THR H 358 29.63 -5.41 19.88
CA THR H 358 29.59 -4.60 21.09
C THR H 358 30.44 -5.23 22.21
N GLU H 359 30.57 -6.56 22.25
CA GLU H 359 31.52 -7.14 23.20
C GLU H 359 32.96 -6.80 22.84
N LEU H 360 33.26 -6.66 21.55
CA LEU H 360 34.58 -6.18 21.15
C LEU H 360 34.82 -4.75 21.61
N ALA H 361 33.78 -3.90 21.50
CA ALA H 361 33.91 -2.54 21.99
C ALA H 361 34.10 -2.48 23.51
N LYS H 362 33.40 -3.36 24.24
CA LYS H 362 33.62 -3.45 25.69
C LYS H 362 35.02 -3.95 26.02
N GLN H 363 35.56 -4.87 25.21
CA GLN H 363 36.90 -5.36 25.51
C GLN H 363 37.97 -4.33 25.17
N THR H 364 37.73 -3.50 24.14
CA THR H 364 38.60 -2.36 23.87
C THR H 364 38.57 -1.37 25.03
N ALA H 365 37.38 -1.12 25.57
CA ALA H 365 37.24 -0.26 26.74
C ALA H 365 37.94 -0.83 27.96
N LYS H 366 37.88 -2.16 28.12
CA LYS H 366 38.54 -2.80 29.25
C LYS H 366 40.06 -2.75 29.09
N TYR H 367 40.56 -2.86 27.86
CA TYR H 367 42.00 -2.80 27.65
C TYR H 367 42.54 -1.39 27.89
N MET H 368 41.87 -0.37 27.33
CA MET H 368 42.36 0.99 27.52
C MET H 368 42.12 1.49 28.93
N HIS H 369 40.94 1.25 29.48
CA HIS H 369 40.54 1.86 30.75
C HIS H 369 40.32 0.77 31.79
N LYS H 370 41.01 0.89 32.92
CA LYS H 370 40.85 -0.07 34.01
C LYS H 370 39.52 0.14 34.71
N ASP H 371 39.11 1.39 34.90
CA ASP H 371 37.79 1.74 35.44
C ASP H 371 36.87 2.01 34.25
N ALA H 372 36.12 0.99 33.84
CA ALA H 372 35.27 1.12 32.67
C ALA H 372 34.03 1.96 32.96
N LYS H 373 33.55 1.92 34.20
CA LYS H 373 32.35 2.68 34.56
C LYS H 373 32.62 4.18 34.63
N LYS H 374 33.88 4.57 34.77
CA LYS H 374 34.31 5.96 34.80
C LYS H 374 34.90 6.43 33.48
N GLY H 375 35.81 5.65 32.90
CA GLY H 375 36.54 6.02 31.71
C GLY H 375 36.04 5.46 30.40
N PHE H 376 34.83 4.91 30.35
CA PHE H 376 34.23 4.43 29.11
C PHE H 376 32.78 4.86 29.09
N ILE H 377 32.38 5.56 28.04
CA ILE H 377 31.05 6.14 27.91
C ILE H 377 30.29 5.36 26.86
N ARG H 378 29.13 4.82 27.23
CA ARG H 378 28.29 4.08 26.31
C ARG H 378 26.99 4.86 26.10
N LEU H 379 26.71 5.19 24.84
CA LEU H 379 25.45 5.82 24.47
C LEU H 379 24.69 4.93 23.50
N ASP H 380 23.48 4.57 23.91
CA ASP H 380 22.57 3.78 23.11
C ASP H 380 21.83 4.74 22.18
N MET H 381 22.06 4.61 20.87
CA MET H 381 21.34 5.43 19.91
C MET H 381 19.90 4.96 19.68
N SER H 382 19.45 3.91 20.38
CA SER H 382 18.06 3.53 20.34
C SER H 382 17.14 4.59 20.91
N GLU H 383 17.50 5.23 22.03
CA GLU H 383 16.64 6.24 22.64
C GLU H 383 16.51 7.48 21.76
N PHE H 384 17.50 7.74 20.90
CA PHE H 384 17.52 8.95 20.08
C PHE H 384 16.84 8.68 18.74
N GLN H 385 15.62 8.15 18.82
CA GLN H 385 14.80 7.93 17.63
C GLN H 385 14.13 9.20 17.14
N GLU H 386 14.02 10.22 17.99
CA GLU H 386 13.38 11.47 17.62
C GLU H 386 14.43 12.57 17.51
N ARG H 387 14.03 13.67 16.86
CA ARG H 387 14.92 14.82 16.72
C ARG H 387 15.18 15.50 18.06
N HIS H 388 14.12 15.64 18.87
CA HIS H 388 14.23 16.42 20.11
C HIS H 388 15.08 15.72 21.17
N GLU H 389 15.34 14.42 21.02
CA GLU H 389 16.29 13.71 21.87
C GLU H 389 17.73 14.20 21.69
N VAL H 390 18.00 14.99 20.64
CA VAL H 390 19.27 15.71 20.51
C VAL H 390 19.49 16.68 21.68
N ALA H 391 18.40 17.16 22.29
CA ALA H 391 18.52 17.95 23.52
C ALA H 391 19.10 17.15 24.69
N LYS H 392 19.05 15.81 24.64
CA LYS H 392 19.77 15.00 25.63
C LYS H 392 21.27 15.14 25.47
N PHE H 393 21.74 15.36 24.24
CA PHE H 393 23.18 15.45 23.98
C PHE H 393 23.79 16.70 24.58
N ILE H 394 23.11 17.84 24.42
CA ILE H 394 23.71 19.14 24.66
C ILE H 394 23.25 19.75 25.97
N GLY H 395 22.16 19.24 26.55
CA GLY H 395 21.54 19.88 27.68
C GLY H 395 20.57 20.96 27.25
N SER H 396 19.90 21.55 28.24
CA SER H 396 18.88 22.53 27.97
C SER H 396 19.49 23.87 27.57
N PRO H 397 18.73 24.71 26.88
CA PRO H 397 19.08 26.13 26.77
C PRO H 397 19.01 26.81 28.13
N PRO H 398 19.70 27.96 28.31
CA PRO H 398 19.85 28.53 29.66
C PRO H 398 18.57 29.07 30.27
N GLY H 399 17.79 28.19 30.90
CA GLY H 399 16.61 28.57 31.63
C GLY H 399 15.45 27.60 31.54
N TYR H 400 15.51 26.68 30.58
CA TYR H 400 14.36 25.85 30.23
C TYR H 400 14.35 24.56 31.07
N VAL H 401 13.40 24.50 32.01
CA VAL H 401 13.12 23.39 32.92
C VAL H 401 14.39 23.06 33.69
N GLY H 402 15.16 22.07 33.25
CA GLY H 402 16.41 21.74 33.91
C GLY H 402 17.60 22.16 33.07
N HIS H 403 18.21 23.29 33.41
CA HIS H 403 19.23 23.90 32.58
C HIS H 403 20.65 23.70 33.08
N GLU H 404 20.86 23.65 34.40
CA GLU H 404 22.21 23.52 34.94
C GLU H 404 22.73 22.10 34.90
N GLU H 405 21.88 21.12 34.56
CA GLU H 405 22.33 19.74 34.51
C GLU H 405 23.25 19.49 33.32
N GLY H 406 22.90 20.03 32.16
CA GLY H 406 23.71 19.85 30.96
C GLY H 406 23.54 18.49 30.33
N GLY H 407 24.18 18.27 29.19
CA GLY H 407 24.09 16.99 28.52
C GLY H 407 24.90 15.93 29.25
N GLN H 408 24.45 14.67 29.16
CA GLN H 408 25.17 13.58 29.80
C GLN H 408 26.50 13.32 29.11
N LEU H 409 26.54 13.48 27.78
CA LEU H 409 27.81 13.37 27.05
C LEU H 409 28.79 14.45 27.49
N THR H 410 28.29 15.67 27.73
CA THR H 410 29.16 16.78 28.11
C THR H 410 29.82 16.53 29.46
N LYS H 411 29.04 16.09 30.45
CA LYS H 411 29.59 15.78 31.77
C LYS H 411 30.50 14.56 31.73
N LYS H 412 30.11 13.54 30.97
CA LYS H 412 30.88 12.30 30.92
C LYS H 412 32.21 12.49 30.19
N LEU H 413 32.26 13.40 29.21
CA LEU H 413 33.53 13.69 28.56
C LEU H 413 34.31 14.78 29.29
N LYS H 414 33.65 15.57 30.13
CA LYS H 414 34.39 16.48 31.01
C LYS H 414 35.13 15.68 32.07
N GLN H 415 34.51 14.60 32.58
CA GLN H 415 35.17 13.80 33.60
C GLN H 415 36.37 13.04 33.03
N CYS H 416 36.26 12.55 31.79
CA CYS H 416 37.37 11.92 31.10
C CYS H 416 37.34 12.31 29.62
N PRO H 417 38.21 13.24 29.20
CA PRO H 417 38.28 13.56 27.76
C PRO H 417 38.89 12.45 26.91
N ASN H 418 39.66 11.55 27.50
CA ASN H 418 40.28 10.45 26.77
C ASN H 418 39.41 9.20 26.76
N ALA H 419 38.16 9.30 27.23
CA ALA H 419 37.29 8.14 27.36
C ALA H 419 36.84 7.64 26.00
N VAL H 420 36.87 6.32 25.84
CA VAL H 420 36.33 5.68 24.64
C VAL H 420 34.81 5.70 24.70
N VAL H 421 34.19 6.13 23.60
CA VAL H 421 32.75 6.38 23.55
C VAL H 421 32.15 5.45 22.51
N LEU H 422 31.16 4.67 22.93
CA LEU H 422 30.52 3.65 22.11
C LEU H 422 29.10 4.10 21.83
N PHE H 423 28.85 4.56 20.60
CA PHE H 423 27.50 4.77 20.10
C PHE H 423 27.05 3.43 19.53
N ASP H 424 26.27 2.68 20.28
CA ASP H 424 25.90 1.35 19.83
C ASP H 424 24.47 1.31 19.32
N GLN H 425 24.26 0.48 18.28
CA GLN H 425 23.08 0.50 17.42
C GLN H 425 22.80 1.91 16.92
N VAL H 426 23.77 2.44 16.16
CA VAL H 426 23.67 3.80 15.65
C VAL H 426 22.62 3.87 14.55
N ASP H 427 22.30 2.74 13.92
CA ASP H 427 21.21 2.60 12.97
C ASP H 427 19.82 2.83 13.57
N LYS H 428 19.68 2.73 14.89
CA LYS H 428 18.39 2.97 15.53
C LYS H 428 18.09 4.44 15.72
N ALA H 429 19.06 5.32 15.49
CA ALA H 429 18.88 6.74 15.72
C ALA H 429 18.17 7.39 14.54
N HIS H 430 17.61 8.57 14.81
CA HIS H 430 17.02 9.39 13.76
C HIS H 430 18.11 9.88 12.83
N PRO H 431 17.80 10.04 11.53
CA PRO H 431 18.80 10.61 10.60
C PRO H 431 19.18 12.05 10.92
N ASP H 432 18.36 12.77 11.69
CA ASP H 432 18.73 14.12 12.09
C ASP H 432 19.87 14.12 13.10
N VAL H 433 19.88 13.14 14.02
CA VAL H 433 20.79 13.16 15.17
C VAL H 433 22.24 13.05 14.72
N LEU H 434 22.49 12.21 13.72
CA LEU H 434 23.85 11.99 13.23
C LEU H 434 24.40 13.22 12.51
N THR H 435 23.52 14.10 12.04
CA THR H 435 23.91 15.35 11.43
C THR H 435 24.34 16.38 12.48
N ILE H 436 24.19 16.08 13.76
CA ILE H 436 24.87 16.82 14.82
C ILE H 436 26.23 16.17 15.04
N MET H 437 26.26 14.84 14.86
CA MET H 437 27.34 14.01 15.37
C MET H 437 28.68 14.32 14.69
N LEU H 438 28.65 14.69 13.41
CA LEU H 438 29.89 14.97 12.69
C LEU H 438 30.56 16.25 13.18
N GLN H 439 29.81 17.13 13.85
CA GLN H 439 30.46 18.28 14.47
C GLN H 439 31.35 17.82 15.62
N LEU H 440 30.92 16.75 16.31
CA LEU H 440 31.77 16.04 17.25
C LEU H 440 32.96 15.38 16.57
N PHE H 441 32.92 15.19 15.25
CA PHE H 441 34.11 14.84 14.49
C PHE H 441 34.61 15.95 13.59
N ASP H 442 34.02 17.15 13.65
CA ASP H 442 34.54 18.27 12.86
C ASP H 442 35.91 18.69 13.39
N GLU H 443 36.01 18.89 14.70
CA GLU H 443 37.29 19.19 15.31
C GLU H 443 37.38 18.47 16.67
N GLY H 444 36.52 17.48 16.90
CA GLY H 444 36.49 16.82 18.18
C GLY H 444 35.98 17.69 19.31
N ARG H 445 34.93 18.47 19.06
CA ARG H 445 34.38 19.38 20.06
C ARG H 445 32.86 19.38 19.98
N LEU H 446 32.23 19.41 21.15
CA LEU H 446 30.78 19.59 21.27
C LEU H 446 30.54 20.70 22.28
N THR H 447 29.62 21.61 21.97
CA THR H 447 29.38 22.79 22.78
C THR H 447 28.10 22.62 23.59
N ASP H 448 28.20 22.79 24.90
CA ASP H 448 27.08 22.70 25.81
C ASP H 448 26.17 23.92 25.65
N GLY H 449 24.95 23.80 26.20
CA GLY H 449 24.03 24.92 26.19
C GLY H 449 24.50 26.07 27.08
N LYS H 450 25.29 25.77 28.10
CA LYS H 450 25.90 26.79 28.93
C LYS H 450 27.22 27.30 28.36
N GLY H 451 27.58 26.90 27.14
CA GLY H 451 28.84 27.29 26.55
C GLY H 451 30.02 26.45 26.99
N LYS H 452 29.79 25.42 27.79
CA LYS H 452 30.87 24.58 28.33
C LYS H 452 31.34 23.65 27.21
N THR H 453 32.21 24.17 26.36
CA THR H 453 32.80 23.37 25.29
C THR H 453 33.77 22.36 25.87
N ILE H 454 33.69 21.13 25.36
CA ILE H 454 34.53 20.03 25.82
C ILE H 454 35.42 19.59 24.68
N ASP H 455 36.71 19.43 24.96
CA ASP H 455 37.69 18.97 23.99
C ASP H 455 37.96 17.49 24.23
N CYS H 456 37.80 16.68 23.19
CA CYS H 456 37.91 15.22 23.26
C CYS H 456 38.78 14.70 22.12
N LYS H 457 39.96 15.31 21.96
CA LYS H 457 40.90 14.90 20.92
C LYS H 457 41.40 13.48 21.14
N ASP H 458 41.66 13.12 22.39
CA ASP H 458 42.23 11.83 22.74
C ASP H 458 41.18 10.74 22.95
N ALA H 459 40.00 10.89 22.35
CA ALA H 459 38.92 9.92 22.48
C ALA H 459 38.91 8.97 21.30
N ILE H 460 38.21 7.84 21.49
CA ILE H 460 38.05 6.82 20.47
C ILE H 460 36.56 6.60 20.29
N PHE H 461 36.05 6.83 19.09
CA PHE H 461 34.61 6.87 18.85
C PHE H 461 34.20 5.65 18.04
N ILE H 462 33.50 4.72 18.66
CA ILE H 462 33.13 3.44 18.04
C ILE H 462 31.62 3.40 17.92
N MET H 463 31.12 3.23 16.71
CA MET H 463 29.69 3.15 16.43
C MET H 463 29.36 1.77 15.88
N THR H 464 28.59 0.99 16.62
CA THR H 464 28.15 -0.29 16.07
C THR H 464 26.81 -0.13 15.38
N SER H 465 26.59 -0.93 14.34
CA SER H 465 25.35 -0.83 13.59
C SER H 465 24.95 -2.21 13.08
N ASN H 466 23.77 -2.27 12.45
CA ASN H 466 23.33 -3.48 11.76
C ASN H 466 22.67 -3.00 10.45
N VAL H 467 23.36 -2.14 9.69
CA VAL H 467 22.91 -1.82 8.35
C VAL H 467 23.61 -2.72 7.35
N ALA H 468 22.83 -3.26 6.40
CA ALA H 468 23.33 -4.02 5.25
C ALA H 468 24.12 -5.25 5.66
N SER H 469 23.73 -5.85 6.80
CA SER H 469 24.51 -6.96 7.34
C SER H 469 24.22 -8.27 6.59
N ASP H 470 23.09 -8.32 5.87
CA ASP H 470 22.66 -9.55 5.23
C ASP H 470 23.63 -9.99 4.16
N GLU H 471 23.77 -9.21 3.08
CA GLU H 471 24.59 -9.64 1.95
C GLU H 471 26.08 -9.64 2.32
N ILE H 472 26.46 -8.96 3.40
CA ILE H 472 27.78 -9.18 3.99
C ILE H 472 27.89 -10.60 4.57
N ALA H 473 26.83 -11.06 5.25
CA ALA H 473 26.87 -12.43 5.81
C ALA H 473 26.88 -13.48 4.71
N GLN H 474 26.01 -13.35 3.69
CA GLN H 474 26.08 -14.32 2.60
C GLN H 474 27.29 -14.09 1.69
N HIS H 475 27.93 -12.93 1.74
CA HIS H 475 29.18 -12.76 1.00
C HIS H 475 30.33 -13.48 1.69
N ALA H 476 30.32 -13.47 3.02
CA ALA H 476 31.29 -14.29 3.75
C ALA H 476 30.97 -15.77 3.57
N LEU H 477 29.70 -16.12 3.42
CA LEU H 477 29.33 -17.51 3.17
C LEU H 477 29.74 -17.97 1.78
N GLN H 478 29.63 -17.10 0.77
CA GLN H 478 29.97 -17.47 -0.60
C GLN H 478 31.47 -17.65 -0.83
N LEU H 479 32.30 -17.14 0.07
CA LEU H 479 33.74 -17.33 -0.02
C LEU H 479 34.22 -18.61 0.64
N ARG H 480 33.31 -19.37 1.25
CA ARG H 480 33.65 -20.70 1.76
C ARG H 480 32.75 -21.77 1.13
N LYS H 503 43.51 -16.42 4.11
CA LYS H 503 42.43 -15.95 4.96
C LYS H 503 41.23 -15.51 4.14
N ILE H 504 40.03 -15.64 4.71
CA ILE H 504 38.80 -15.25 4.05
C ILE H 504 38.43 -13.86 4.56
N THR H 505 38.65 -12.85 3.72
CA THR H 505 38.31 -11.47 4.03
C THR H 505 37.37 -10.95 2.96
N ILE H 506 36.70 -9.84 3.27
CA ILE H 506 35.84 -9.19 2.29
C ILE H 506 36.69 -8.55 1.21
N SER H 507 36.24 -8.68 -0.05
CA SER H 507 36.94 -8.08 -1.17
C SER H 507 36.73 -6.57 -1.18
N LYS H 508 37.62 -5.87 -1.89
CA LYS H 508 37.48 -4.43 -2.03
C LYS H 508 36.33 -4.05 -2.96
N ASN H 509 36.07 -4.88 -3.98
CA ASN H 509 34.98 -4.63 -4.91
C ASN H 509 33.62 -4.70 -4.22
N PHE H 510 33.47 -5.65 -3.28
CA PHE H 510 32.23 -5.76 -2.52
C PHE H 510 32.09 -4.60 -1.54
N LYS H 511 33.23 -4.07 -1.05
CA LYS H 511 33.17 -2.91 -0.18
C LYS H 511 32.84 -1.65 -0.98
N GLU H 512 33.19 -1.63 -2.26
CA GLU H 512 32.94 -0.44 -3.07
C GLU H 512 31.51 -0.41 -3.61
N ASN H 513 31.11 -1.46 -4.31
CA ASN H 513 29.90 -1.40 -5.12
C ASN H 513 28.67 -1.98 -4.44
N VAL H 514 28.75 -2.37 -3.17
CA VAL H 514 27.59 -2.91 -2.47
C VAL H 514 27.27 -2.07 -1.23
N ILE H 515 28.21 -2.00 -0.28
CA ILE H 515 27.88 -1.47 1.04
C ILE H 515 27.95 0.05 1.04
N ARG H 516 28.77 0.64 0.15
CA ARG H 516 28.91 2.09 0.10
C ARG H 516 27.63 2.83 -0.31
N PRO H 517 26.89 2.48 -1.39
CA PRO H 517 25.68 3.27 -1.69
C PRO H 517 24.57 3.07 -0.67
N ILE H 518 24.51 1.89 -0.05
CA ILE H 518 23.54 1.65 1.02
C ILE H 518 23.86 2.53 2.23
N LEU H 519 25.15 2.63 2.59
CA LEU H 519 25.55 3.49 3.70
C LEU H 519 25.29 4.97 3.40
N LYS H 520 25.58 5.40 2.17
CA LYS H 520 25.36 6.78 1.79
C LYS H 520 23.88 7.13 1.73
N ALA H 521 23.04 6.17 1.31
CA ALA H 521 21.61 6.43 1.25
C ALA H 521 20.97 6.37 2.63
N HIS H 522 21.45 5.49 3.50
CA HIS H 522 20.88 5.38 4.84
C HIS H 522 21.25 6.57 5.70
N PHE H 523 22.52 6.95 5.69
CA PHE H 523 22.96 8.05 6.54
C PHE H 523 22.53 9.40 5.98
N ARG H 524 22.34 9.48 4.66
CA ARG H 524 21.82 10.61 3.87
C ARG H 524 22.76 11.81 3.81
N ARG H 525 23.85 11.79 4.57
CA ARG H 525 24.87 12.83 4.56
C ARG H 525 26.20 12.11 4.40
N ASP H 526 26.82 12.24 3.23
CA ASP H 526 27.99 11.43 2.93
C ASP H 526 29.25 12.07 3.53
N GLU H 527 29.16 13.33 3.96
CA GLU H 527 30.20 13.93 4.78
C GLU H 527 30.36 13.21 6.11
N PHE H 528 29.29 12.62 6.63
CA PHE H 528 29.39 11.80 7.83
C PHE H 528 30.25 10.56 7.57
N LEU H 529 30.11 9.96 6.39
CA LEU H 529 30.99 8.86 6.01
C LEU H 529 32.40 9.36 5.77
N GLY H 530 32.54 10.63 5.40
CA GLY H 530 33.86 11.25 5.38
C GLY H 530 34.49 11.36 6.75
N ARG H 531 33.68 11.56 7.79
CA ARG H 531 34.23 11.69 9.13
C ARG H 531 34.76 10.38 9.70
N ILE H 532 34.32 9.24 9.20
CA ILE H 532 34.72 7.96 9.77
C ILE H 532 36.11 7.58 9.28
N ASN H 533 36.99 7.25 10.24
CA ASN H 533 38.34 6.82 9.89
C ASN H 533 38.34 5.41 9.31
N GLU H 534 37.63 4.47 9.95
CA GLU H 534 37.68 3.10 9.49
C GLU H 534 36.33 2.41 9.61
N ILE H 535 35.88 1.81 8.50
CA ILE H 535 34.72 0.94 8.46
C ILE H 535 35.20 -0.49 8.68
N VAL H 536 34.60 -1.18 9.65
CA VAL H 536 35.02 -2.52 10.03
C VAL H 536 33.88 -3.49 9.74
N TYR H 537 34.20 -4.57 9.03
CA TYR H 537 33.20 -5.55 8.61
C TYR H 537 33.39 -6.85 9.37
N PHE H 538 32.29 -7.39 9.90
CA PHE H 538 32.31 -8.64 10.63
C PHE H 538 31.69 -9.75 9.79
N LEU H 539 32.13 -10.97 10.03
CA LEU H 539 31.72 -12.14 9.28
C LEU H 539 31.15 -13.18 10.22
N PRO H 540 30.08 -13.89 9.82
CA PRO H 540 29.51 -14.91 10.71
C PRO H 540 30.38 -16.17 10.75
N PHE H 541 29.93 -17.10 11.58
CA PHE H 541 30.85 -18.09 12.15
C PHE H 541 30.97 -19.35 11.30
N CYS H 542 32.21 -19.82 11.16
CA CYS H 542 32.52 -21.09 10.53
C CYS H 542 32.30 -22.23 11.54
N HIS H 543 32.52 -23.46 11.09
CA HIS H 543 32.19 -24.62 11.93
C HIS H 543 33.20 -24.79 13.06
N SER H 544 34.50 -24.65 12.75
CA SER H 544 35.53 -24.91 13.75
C SER H 544 35.51 -23.87 14.86
N GLU H 545 35.29 -22.60 14.51
CA GLU H 545 35.13 -21.58 15.53
C GLU H 545 33.81 -21.68 16.28
N LEU H 546 32.79 -22.31 15.69
CA LEU H 546 31.57 -22.59 16.45
C LEU H 546 31.81 -23.68 17.50
N ILE H 547 32.56 -24.72 17.13
CA ILE H 547 32.99 -25.72 18.12
C ILE H 547 33.85 -25.07 19.19
N GLN H 548 34.71 -24.13 18.79
CA GLN H 548 35.54 -23.41 19.75
C GLN H 548 34.70 -22.55 20.70
N LEU H 549 33.59 -21.99 20.21
CA LEU H 549 32.63 -21.33 21.09
C LEU H 549 32.02 -22.30 22.09
N VAL H 550 31.68 -23.52 21.63
CA VAL H 550 31.13 -24.52 22.54
C VAL H 550 32.16 -24.89 23.61
N ASN H 551 33.42 -25.09 23.20
CA ASN H 551 34.48 -25.40 24.15
C ASN H 551 34.72 -24.26 25.14
N LYS H 552 34.67 -23.01 24.66
CA LYS H 552 34.89 -21.87 25.54
C LYS H 552 33.73 -21.69 26.53
N GLU H 553 32.49 -21.93 26.08
CA GLU H 553 31.36 -21.78 26.98
C GLU H 553 31.32 -22.88 28.02
N LEU H 554 31.63 -24.12 27.64
CA LEU H 554 31.70 -25.19 28.62
C LEU H 554 32.90 -25.04 29.54
N ASN H 555 34.00 -24.45 29.05
CA ASN H 555 35.11 -24.06 29.92
C ASN H 555 34.68 -23.01 30.94
N PHE H 556 33.89 -22.02 30.49
CA PHE H 556 33.39 -21.00 31.40
C PHE H 556 32.47 -21.57 32.46
N TRP H 557 31.57 -22.48 32.08
CA TRP H 557 30.62 -23.01 33.04
C TRP H 557 31.29 -23.99 33.98
N ALA H 558 32.26 -24.76 33.48
CA ALA H 558 33.06 -25.63 34.34
C ALA H 558 33.92 -24.82 35.29
N LYS H 559 34.45 -23.68 34.84
CA LYS H 559 35.24 -22.81 35.71
C LYS H 559 34.38 -22.18 36.80
N ARG H 560 33.14 -21.82 36.47
CA ARG H 560 32.18 -21.34 37.47
C ARG H 560 31.88 -22.43 38.49
N ALA H 561 31.73 -23.68 38.02
CA ALA H 561 31.49 -24.79 38.93
C ALA H 561 32.71 -25.10 39.80
N LYS H 562 33.91 -24.86 39.29
CA LYS H 562 35.11 -25.02 40.11
C LYS H 562 35.23 -23.94 41.17
N GLN H 563 35.01 -22.68 40.79
CA GLN H 563 35.22 -21.64 41.80
C GLN H 563 33.99 -21.43 42.67
N ARG H 564 32.90 -22.16 42.44
CA ARG H 564 31.75 -22.06 43.32
C ARG H 564 31.39 -23.37 44.04
N HIS H 565 31.55 -24.53 43.40
CA HIS H 565 31.21 -25.78 44.07
C HIS H 565 32.15 -26.96 43.82
N ASN H 566 33.28 -26.75 43.14
CA ASN H 566 34.30 -27.77 42.82
C ASN H 566 33.70 -28.94 42.03
N ILE H 567 33.19 -28.62 40.84
CA ILE H 567 32.64 -29.63 39.94
C ILE H 567 33.40 -29.58 38.62
N THR H 568 33.89 -30.74 38.18
CA THR H 568 34.67 -30.85 36.95
C THR H 568 33.81 -31.54 35.90
N LEU H 569 33.71 -30.92 34.73
CA LEU H 569 32.90 -31.42 33.62
C LEU H 569 33.79 -31.87 32.47
N LEU H 570 33.37 -32.94 31.80
CA LEU H 570 34.02 -33.43 30.59
C LEU H 570 32.96 -33.54 29.51
N TRP H 571 33.29 -33.12 28.29
CA TRP H 571 32.36 -33.10 27.18
C TRP H 571 33.04 -33.64 25.93
N ASP H 572 32.30 -34.44 25.16
CA ASP H 572 32.86 -35.17 24.04
C ASP H 572 32.88 -34.31 22.78
N ARG H 573 33.49 -34.86 21.73
CA ARG H 573 33.40 -34.22 20.42
C ARG H 573 32.03 -34.45 19.81
N GLU H 574 31.39 -35.57 20.16
CA GLU H 574 30.00 -35.78 19.78
C GLU H 574 29.08 -34.79 20.49
N VAL H 575 29.45 -34.41 21.71
CA VAL H 575 28.69 -33.39 22.45
C VAL H 575 28.80 -32.04 21.75
N ALA H 576 30.00 -31.69 21.29
CA ALA H 576 30.20 -30.44 20.55
C ALA H 576 29.49 -30.49 19.20
N ASP H 577 29.46 -31.66 18.55
CA ASP H 577 28.72 -31.81 17.30
C ASP H 577 27.21 -31.64 17.52
N VAL H 578 26.70 -32.18 18.63
CA VAL H 578 25.29 -32.00 18.98
C VAL H 578 24.98 -30.54 19.25
N LEU H 579 25.87 -29.84 19.96
CA LEU H 579 25.61 -28.45 20.30
C LEU H 579 25.81 -27.52 19.11
N VAL H 580 26.60 -27.91 18.11
CA VAL H 580 26.71 -27.07 16.93
C VAL H 580 25.56 -27.40 15.96
N ASP H 581 24.93 -28.57 16.11
CA ASP H 581 23.72 -28.85 15.34
C ASP H 581 22.58 -27.93 15.72
N GLY H 582 22.52 -27.51 16.99
CA GLY H 582 21.55 -26.53 17.43
C GLY H 582 22.06 -25.11 17.30
N TYR H 583 22.11 -24.59 16.07
CA TYR H 583 22.62 -23.24 15.83
C TYR H 583 21.79 -22.57 14.75
N ASN H 584 21.60 -21.25 14.90
CA ASN H 584 20.95 -20.41 13.90
C ASN H 584 21.92 -19.32 13.49
N VAL H 585 22.06 -19.11 12.18
CA VAL H 585 23.04 -18.18 11.65
C VAL H 585 22.65 -16.74 11.94
N HIS H 586 21.36 -16.41 11.78
CA HIS H 586 20.91 -15.03 11.92
C HIS H 586 20.95 -14.56 13.37
N TYR H 587 20.75 -15.48 14.32
CA TYR H 587 20.66 -15.10 15.72
C TYR H 587 22.03 -14.93 16.37
N GLY H 588 23.10 -15.40 15.74
CA GLY H 588 24.45 -15.23 16.25
C GLY H 588 24.78 -16.16 17.41
N ALA H 589 25.81 -15.75 18.16
CA ALA H 589 26.29 -16.54 19.29
C ALA H 589 25.33 -16.55 20.47
N ARG H 590 24.34 -15.66 20.50
CA ARG H 590 23.35 -15.71 21.56
C ARG H 590 22.49 -16.96 21.47
N SER H 591 22.19 -17.43 20.26
CA SER H 591 21.41 -18.66 20.11
C SER H 591 22.16 -19.88 20.62
N ILE H 592 23.46 -19.97 20.31
CA ILE H 592 24.24 -21.11 20.78
C ILE H 592 24.46 -21.01 22.29
N LYS H 593 24.54 -19.79 22.82
CA LYS H 593 24.60 -19.60 24.27
C LYS H 593 23.32 -20.04 24.97
N HIS H 594 22.15 -19.69 24.40
CA HIS H 594 20.87 -20.12 24.97
C HIS H 594 20.68 -21.63 24.89
N GLU H 595 21.12 -22.27 23.81
CA GLU H 595 20.92 -23.72 23.77
C GLU H 595 21.93 -24.45 24.65
N VAL H 596 23.10 -23.84 24.91
CA VAL H 596 23.99 -24.37 25.94
C VAL H 596 23.33 -24.25 27.32
N GLU H 597 22.70 -23.11 27.60
CA GLU H 597 22.11 -22.89 28.91
C GLU H 597 20.86 -23.74 29.13
N ARG H 598 20.08 -23.95 28.07
CA ARG H 598 18.82 -24.68 28.21
C ARG H 598 19.01 -26.19 28.32
N ARG H 599 20.19 -26.71 27.98
CA ARG H 599 20.40 -28.15 27.93
C ARG H 599 21.50 -28.62 28.88
N VAL H 600 22.66 -27.98 28.87
CA VAL H 600 23.72 -28.42 29.77
C VAL H 600 23.46 -27.91 31.19
N VAL H 601 23.24 -26.60 31.32
CA VAL H 601 23.10 -25.96 32.62
C VAL H 601 21.81 -26.40 33.30
N ASN H 602 20.78 -26.76 32.52
CA ASN H 602 19.47 -27.08 33.06
C ASN H 602 19.51 -28.35 33.89
N GLN H 603 19.91 -29.48 33.29
CA GLN H 603 20.05 -30.69 34.10
C GLN H 603 21.29 -30.63 35.00
N LEU H 604 22.29 -29.81 34.63
CA LEU H 604 23.47 -29.62 35.46
C LEU H 604 23.11 -29.00 36.81
N ALA H 605 22.06 -28.17 36.85
CA ALA H 605 21.56 -27.61 38.09
C ALA H 605 20.37 -28.39 38.65
N ALA H 606 19.65 -29.14 37.82
CA ALA H 606 18.58 -30.00 38.30
C ALA H 606 19.14 -31.15 39.13
N ALA H 607 20.35 -31.61 38.79
CA ALA H 607 21.02 -32.59 39.63
C ALA H 607 21.39 -32.01 40.99
N TYR H 608 21.80 -30.73 41.02
CA TYR H 608 22.17 -30.11 42.28
C TYR H 608 20.94 -29.79 43.13
N GLU H 609 19.78 -29.62 42.48
CA GLU H 609 18.54 -29.42 43.23
C GLU H 609 18.19 -30.62 44.10
N GLN H 610 18.53 -31.83 43.65
CA GLN H 610 18.39 -33.04 44.45
C GLN H 610 19.68 -33.40 45.19
N ASP H 611 20.68 -32.51 45.13
CA ASP H 611 22.02 -32.71 45.72
C ASP H 611 22.67 -33.99 45.21
N LEU H 612 22.50 -34.28 43.92
CA LEU H 612 23.08 -35.46 43.29
C LEU H 612 24.53 -35.27 42.88
N LEU H 613 25.07 -34.06 43.07
CA LEU H 613 26.47 -33.79 42.74
C LEU H 613 27.21 -33.37 44.00
N PRO H 614 27.93 -34.28 44.66
CA PRO H 614 28.73 -33.88 45.82
C PRO H 614 29.96 -33.08 45.40
N GLY H 615 30.51 -32.34 46.37
CA GLY H 615 31.70 -31.55 46.14
C GLY H 615 32.92 -32.37 45.78
N GLY H 616 33.58 -32.01 44.68
CA GLY H 616 34.73 -32.75 44.20
C GLY H 616 34.41 -33.84 43.21
N CYS H 617 33.14 -34.08 42.90
CA CYS H 617 32.76 -35.13 41.97
C CYS H 617 33.12 -34.72 40.54
N THR H 618 33.18 -35.72 39.66
CA THR H 618 33.58 -35.54 38.27
C THR H 618 32.52 -36.11 37.33
N LEU H 619 32.16 -35.33 36.32
CA LEU H 619 31.05 -35.64 35.44
C LEU H 619 31.50 -35.67 33.98
N ARG H 620 30.74 -36.42 33.19
CA ARG H 620 30.92 -36.50 31.74
C ARG H 620 29.55 -36.29 31.10
N ILE H 621 29.57 -35.77 29.88
CA ILE H 621 28.35 -35.46 29.14
C ILE H 621 28.21 -36.49 28.04
N THR H 622 27.08 -37.19 28.00
CA THR H 622 26.81 -38.14 26.93
C THR H 622 25.54 -37.74 26.20
N VAL H 623 25.24 -38.47 25.13
CA VAL H 623 24.09 -38.22 24.28
C VAL H 623 23.16 -39.43 24.37
N GLU H 624 21.84 -39.16 24.30
CA GLU H 624 20.87 -40.24 24.23
C GLU H 624 21.04 -41.02 22.93
N ASP H 625 20.83 -42.34 23.01
CA ASP H 625 21.20 -43.24 21.93
C ASP H 625 20.21 -43.22 20.77
N SER H 626 19.03 -42.64 20.96
CA SER H 626 17.98 -42.73 19.95
C SER H 626 18.26 -41.81 18.75
N ASP H 627 18.69 -40.58 19.02
CA ASP H 627 18.82 -39.59 17.97
C ASP H 627 20.17 -39.67 17.25
N LYS H 628 21.09 -40.49 17.73
CA LYS H 628 22.37 -40.67 17.04
C LYS H 628 22.19 -41.33 15.68
N GLN H 629 21.31 -42.33 15.60
CA GLN H 629 21.06 -43.00 14.33
C GLN H 629 20.23 -42.15 13.38
N LEU H 630 19.48 -41.19 13.92
CA LEU H 630 18.81 -40.21 13.06
C LEU H 630 19.80 -39.18 12.54
N LEU H 631 20.77 -38.78 13.37
CA LEU H 631 21.73 -37.77 12.96
C LEU H 631 22.73 -38.31 11.94
N LYS H 632 23.09 -39.59 12.08
CA LYS H 632 24.05 -40.20 11.16
C LYS H 632 23.45 -40.47 9.79
N SER H 633 22.12 -40.47 9.68
CA SER H 633 21.45 -40.67 8.39
C SER H 633 20.74 -39.37 8.00
N PRO H 634 21.33 -38.55 7.12
CA PRO H 634 20.69 -37.27 6.73
C PRO H 634 19.60 -37.44 5.67
N GLU H 635 18.40 -37.80 6.15
CA GLU H 635 17.25 -38.03 5.30
C GLU H 635 16.31 -36.83 5.35
N LEU H 636 15.69 -36.52 4.22
CA LEU H 636 14.81 -35.36 4.15
C LEU H 636 13.48 -35.66 4.85
N PRO H 637 13.07 -34.85 5.81
CA PRO H 637 11.82 -35.13 6.54
C PRO H 637 10.61 -34.50 5.89
N SER H 638 9.44 -35.04 6.27
CA SER H 638 8.18 -34.47 5.84
C SER H 638 7.89 -33.18 6.62
N PRO H 639 7.07 -32.28 6.07
CA PRO H 639 6.69 -31.07 6.84
C PRO H 639 5.87 -31.35 8.08
N GLN H 640 5.22 -32.51 8.18
CA GLN H 640 4.50 -32.91 9.38
C GLN H 640 5.31 -33.87 10.25
N ALA H 641 6.58 -34.08 9.93
CA ALA H 641 7.45 -34.90 10.78
C ALA H 641 7.90 -34.12 12.00
N GLU H 642 8.14 -34.85 13.09
CA GLU H 642 8.56 -34.26 14.35
C GLU H 642 9.99 -34.69 14.64
N LYS H 643 10.91 -33.71 14.70
CA LYS H 643 12.31 -33.97 14.96
C LYS H 643 12.61 -33.77 16.44
N ARG H 644 13.11 -34.82 17.08
CA ARG H 644 13.44 -34.79 18.49
C ARG H 644 14.92 -34.45 18.67
N LEU H 645 15.21 -33.52 19.57
CA LEU H 645 16.58 -33.15 19.86
C LEU H 645 17.30 -34.31 20.53
N PRO H 646 18.57 -34.56 20.20
CA PRO H 646 19.40 -35.44 21.03
C PRO H 646 19.55 -34.84 22.42
N LYS H 647 19.45 -35.68 23.43
CA LYS H 647 19.39 -35.23 24.81
C LYS H 647 20.71 -35.50 25.51
N LEU H 648 21.26 -34.48 26.14
CA LEU H 648 22.51 -34.61 26.87
C LEU H 648 22.24 -35.12 28.27
N ARG H 649 22.91 -36.22 28.62
CA ARG H 649 22.76 -36.85 29.92
C ARG H 649 24.04 -36.72 30.72
N LEU H 650 23.89 -36.49 32.01
CA LEU H 650 25.02 -36.38 32.93
C LEU H 650 25.39 -37.75 33.44
N GLU H 651 26.68 -38.05 33.50
CA GLU H 651 27.14 -39.28 34.14
C GLU H 651 28.28 -38.95 35.10
N ILE H 652 28.14 -39.38 36.36
CA ILE H 652 29.25 -39.32 37.29
C ILE H 652 30.25 -40.40 36.89
N ILE H 653 31.48 -40.00 36.58
CA ILE H 653 32.50 -40.96 36.16
C ILE H 653 33.25 -41.41 37.40
N ASP H 654 33.15 -42.70 37.71
CA ASP H 654 33.75 -43.22 38.94
C ASP H 654 35.22 -43.59 38.70
N LYS H 655 35.93 -43.78 39.82
CA LYS H 655 37.34 -44.13 39.78
C LYS H 655 37.57 -45.57 39.34
N ASP H 656 36.52 -46.39 39.27
CA ASP H 656 36.60 -47.76 38.79
C ASP H 656 36.35 -47.88 37.29
N SER H 657 36.54 -46.76 36.56
CA SER H 657 36.25 -46.64 35.12
C SER H 657 34.80 -47.01 34.82
N LYS H 658 33.88 -46.53 35.66
CA LYS H 658 32.46 -46.84 35.55
C LYS H 658 31.66 -45.55 35.50
N THR H 659 30.50 -45.62 34.84
CA THR H 659 29.63 -44.48 34.65
C THR H 659 28.35 -44.67 35.46
N ARG H 660 27.89 -43.60 36.10
CA ARG H 660 26.63 -43.61 36.85
C ARG H 660 25.73 -42.52 36.29
N ARG H 661 24.64 -42.90 35.64
CA ARG H 661 23.75 -41.94 35.03
C ARG H 661 22.86 -41.28 36.08
N LEU H 662 22.27 -40.14 35.70
CA LEU H 662 21.37 -39.40 36.56
C LEU H 662 20.02 -39.28 35.88
N ASP H 663 18.98 -39.81 36.54
CA ASP H 663 17.61 -39.80 36.01
C ASP H 663 16.70 -39.23 37.10
N ILE H 664 16.14 -38.06 36.86
CA ILE H 664 15.25 -37.42 37.82
C ILE H 664 13.81 -37.41 37.30
N LYS I 298 51.65 51.68 10.29
CA LYS I 298 52.35 51.92 9.02
C LYS I 298 53.03 50.64 8.55
N ARG I 299 53.46 49.82 9.51
CA ARG I 299 54.15 48.57 9.19
C ARG I 299 53.21 47.52 8.61
N GLU I 300 51.90 47.69 8.80
CA GLU I 300 50.93 46.72 8.28
C GLU I 300 50.90 46.73 6.75
N ALA I 301 51.17 47.88 6.13
CA ALA I 301 51.24 47.95 4.67
C ALA I 301 52.43 47.16 4.13
N GLU I 302 53.60 47.28 4.77
CA GLU I 302 54.76 46.51 4.34
C GLU I 302 54.58 45.03 4.63
N GLU I 303 53.92 44.69 5.75
CA GLU I 303 53.62 43.29 6.03
C GLU I 303 52.59 42.73 5.05
N ARG I 304 51.69 43.56 4.54
CA ARG I 304 50.72 43.12 3.55
C ARG I 304 51.36 42.92 2.18
N ARG I 305 52.24 43.85 1.78
CA ARG I 305 52.85 43.76 0.46
C ARG I 305 53.93 42.68 0.39
N ARG I 306 54.72 42.55 1.47
CA ARG I 306 55.77 41.55 1.49
C ARG I 306 55.19 40.15 1.69
N PHE I 307 54.06 40.06 2.38
CA PHE I 307 53.46 38.77 2.67
C PHE I 307 52.00 38.80 2.23
N PRO I 308 51.71 38.57 0.95
CA PRO I 308 50.31 38.50 0.52
C PRO I 308 49.65 37.21 1.00
N LEU I 309 48.35 37.29 1.26
CA LEU I 309 47.65 36.15 1.86
C LEU I 309 47.37 35.05 0.84
N GLU I 310 47.41 35.36 -0.45
CA GLU I 310 47.06 34.37 -1.47
C GLU I 310 48.07 33.24 -1.52
N GLN I 311 49.36 33.56 -1.38
CA GLN I 311 50.39 32.51 -1.35
C GLN I 311 50.27 31.63 -0.12
N ARG I 312 49.96 32.23 1.04
CA ARG I 312 49.87 31.45 2.27
C ARG I 312 48.62 30.58 2.27
N LEU I 313 47.50 31.09 1.78
CA LEU I 313 46.30 30.28 1.61
C LEU I 313 46.49 29.20 0.55
N LYS I 314 47.36 29.45 -0.44
CA LYS I 314 47.72 28.37 -1.36
C LYS I 314 48.56 27.31 -0.66
N GLU I 315 49.46 27.73 0.23
CA GLU I 315 50.40 26.78 0.82
C GLU I 315 49.78 25.96 1.95
N HIS I 316 48.75 26.49 2.63
CA HIS I 316 48.01 25.63 3.56
C HIS I 316 47.10 24.67 2.82
N ILE I 317 46.14 25.19 2.04
CA ILE I 317 45.19 24.37 1.31
C ILE I 317 45.49 24.50 -0.19
N ILE I 318 45.71 23.38 -0.84
CA ILE I 318 45.95 23.36 -2.28
C ILE I 318 44.67 22.91 -2.96
N GLY I 319 44.53 23.28 -4.23
CA GLY I 319 43.25 23.22 -4.89
C GLY I 319 42.42 24.44 -4.55
N GLN I 320 41.26 24.52 -5.22
CA GLN I 320 40.28 25.60 -5.06
C GLN I 320 40.89 26.98 -5.33
N GLU I 321 41.63 27.08 -6.43
CA GLU I 321 42.41 28.29 -6.70
C GLU I 321 41.51 29.44 -7.12
N SER I 322 40.37 29.14 -7.75
CA SER I 322 39.37 30.17 -8.01
C SER I 322 38.75 30.68 -6.72
N ALA I 323 38.45 29.76 -5.79
CA ALA I 323 37.93 30.15 -4.49
C ALA I 323 38.97 30.92 -3.68
N ILE I 324 40.23 30.49 -3.77
CA ILE I 324 41.33 31.21 -3.12
C ILE I 324 41.47 32.62 -3.69
N ALA I 325 41.34 32.74 -5.01
CA ALA I 325 41.43 34.05 -5.66
C ALA I 325 40.29 34.98 -5.26
N THR I 326 39.06 34.45 -5.18
CA THR I 326 37.95 35.34 -4.84
C THR I 326 37.94 35.69 -3.35
N VAL I 327 38.39 34.80 -2.47
CA VAL I 327 38.47 35.20 -1.06
C VAL I 327 39.66 36.14 -0.85
N GLY I 328 40.72 36.01 -1.66
CA GLY I 328 41.81 36.97 -1.59
C GLY I 328 41.41 38.35 -2.06
N ALA I 329 40.63 38.41 -3.15
CA ALA I 329 40.10 39.69 -3.63
C ALA I 329 39.12 40.30 -2.63
N ALA I 330 38.29 39.47 -2.01
CA ALA I 330 37.30 39.98 -1.06
C ALA I 330 37.95 40.48 0.23
N ILE I 331 38.98 39.78 0.72
CA ILE I 331 39.68 40.24 1.91
C ILE I 331 40.54 41.47 1.58
N ARG I 332 41.12 41.52 0.37
CA ARG I 332 41.87 42.69 -0.07
C ARG I 332 40.97 43.91 -0.20
N ARG I 333 39.69 43.69 -0.56
CA ARG I 333 38.74 44.80 -0.59
C ARG I 333 38.06 44.97 0.77
N LYS I 334 38.84 45.00 1.85
CA LYS I 334 38.39 45.32 3.19
C LYS I 334 39.27 46.34 3.89
N GLU I 335 40.60 46.25 3.72
CA GLU I 335 41.53 46.98 4.56
C GLU I 335 42.14 48.21 3.91
N ASN I 336 42.03 48.35 2.59
CA ASN I 336 42.63 49.48 1.88
C ASN I 336 41.71 50.69 1.78
N GLY I 337 40.68 50.76 2.62
CA GLY I 337 39.82 51.93 2.68
C GLY I 337 38.62 51.91 1.77
N TRP I 338 38.47 50.90 0.92
CA TRP I 338 37.31 50.77 0.05
C TRP I 338 36.50 49.58 0.56
N TYR I 339 35.58 49.87 1.47
CA TYR I 339 34.75 48.86 2.12
C TYR I 339 33.55 49.57 2.75
N ASP I 340 32.68 48.78 3.37
CA ASP I 340 31.50 49.28 4.06
C ASP I 340 31.65 48.99 5.55
N GLU I 341 31.77 50.04 6.36
CA GLU I 341 31.83 49.86 7.80
C GLU I 341 30.45 49.58 8.37
N GLU I 342 29.40 50.02 7.66
CA GLU I 342 28.04 49.88 8.18
C GLU I 342 27.48 48.49 7.92
N HIS I 343 28.21 47.65 7.17
CA HIS I 343 27.78 46.28 6.94
C HIS I 343 28.89 45.33 7.32
N PRO I 344 28.63 44.33 8.17
CA PRO I 344 29.65 43.32 8.48
C PRO I 344 29.93 42.44 7.27
N LEU I 345 31.17 41.97 7.18
CA LEU I 345 31.56 41.16 6.03
C LEU I 345 31.06 39.73 6.21
N VAL I 346 30.18 39.30 5.31
CA VAL I 346 29.54 38.01 5.37
C VAL I 346 30.05 37.16 4.21
N PHE I 347 30.60 36.00 4.54
CA PHE I 347 31.04 35.02 3.56
C PHE I 347 30.08 33.85 3.63
N LEU I 348 29.66 33.36 2.47
CA LEU I 348 28.76 32.20 2.40
C LEU I 348 29.48 31.13 1.59
N PHE I 349 29.99 30.13 2.29
CA PHE I 349 30.88 29.13 1.71
C PHE I 349 30.07 27.89 1.32
N LEU I 350 29.87 27.68 0.03
CA LEU I 350 29.22 26.48 -0.46
C LEU I 350 30.27 25.55 -1.04
N GLY I 351 29.91 24.28 -1.16
CA GLY I 351 30.79 23.31 -1.77
C GLY I 351 30.49 21.91 -1.29
N SER I 352 31.31 20.98 -1.78
CA SER I 352 31.18 19.57 -1.42
C SER I 352 31.89 19.32 -0.09
N SER I 353 32.14 18.04 0.21
CA SER I 353 32.67 17.63 1.49
C SER I 353 34.12 17.20 1.35
N GLY I 354 34.89 17.42 2.43
CA GLY I 354 36.28 17.01 2.49
C GLY I 354 37.27 17.92 1.83
N ILE I 355 36.85 18.73 0.85
CA ILE I 355 37.79 19.49 0.03
C ILE I 355 38.32 20.70 0.79
N GLY I 356 37.60 21.15 1.81
CA GLY I 356 38.13 22.18 2.70
C GLY I 356 37.45 23.52 2.66
N LYS I 357 36.56 23.77 3.63
CA LYS I 357 35.97 25.08 3.85
C LYS I 357 36.27 25.61 5.25
N THR I 358 36.09 24.76 6.26
CA THR I 358 36.35 25.17 7.64
C THR I 358 37.83 25.42 7.87
N GLU I 359 38.70 24.62 7.24
CA GLU I 359 40.14 24.84 7.38
C GLU I 359 40.57 26.11 6.64
N LEU I 360 39.93 26.40 5.50
CA LEU I 360 40.24 27.64 4.77
C LEU I 360 39.83 28.87 5.58
N ALA I 361 38.65 28.82 6.20
CA ALA I 361 38.22 29.92 7.05
C ALA I 361 39.05 29.98 8.34
N LYS I 362 39.54 28.84 8.81
CA LYS I 362 40.44 28.80 9.96
C LYS I 362 41.77 29.49 9.64
N GLN I 363 42.29 29.26 8.44
CA GLN I 363 43.52 29.94 8.02
C GLN I 363 43.26 31.42 7.76
N THR I 364 42.05 31.78 7.33
CA THR I 364 41.68 33.19 7.19
C THR I 364 41.69 33.89 8.55
N ALA I 365 41.09 33.25 9.56
CA ALA I 365 41.08 33.82 10.90
C ALA I 365 42.47 33.81 11.53
N LYS I 366 43.31 32.84 11.15
CA LYS I 366 44.70 32.83 11.59
C LYS I 366 45.49 33.95 10.91
N TYR I 367 45.10 34.32 9.69
CA TYR I 367 45.75 35.43 9.01
C TYR I 367 45.37 36.76 9.66
N MET I 368 44.08 36.98 9.92
CA MET I 368 43.69 38.31 10.37
C MET I 368 43.88 38.47 11.87
N HIS I 369 43.69 37.40 12.65
CA HIS I 369 43.94 37.40 14.09
C HIS I 369 45.04 36.43 14.44
N LYS I 370 45.88 36.82 15.40
CA LYS I 370 47.00 35.98 15.81
C LYS I 370 46.52 34.74 16.57
N ASP I 371 45.61 34.93 17.52
CA ASP I 371 45.18 33.85 18.40
C ASP I 371 44.00 33.09 17.79
N ALA I 372 44.07 31.76 17.83
CA ALA I 372 43.04 30.90 17.31
C ALA I 372 41.98 30.53 18.35
N LYS I 373 42.06 31.09 19.56
CA LYS I 373 41.08 30.81 20.59
C LYS I 373 40.01 31.90 20.63
N LYS I 374 40.43 33.15 20.88
CA LYS I 374 39.47 34.22 21.17
C LYS I 374 38.91 34.88 19.91
N GLY I 375 39.69 35.01 18.85
CA GLY I 375 39.21 35.61 17.62
C GLY I 375 38.60 34.62 16.67
N PHE I 376 38.50 33.35 17.07
CA PHE I 376 38.09 32.25 16.19
C PHE I 376 36.97 31.50 16.92
N ILE I 377 35.73 31.78 16.51
CA ILE I 377 34.55 31.19 17.14
C ILE I 377 33.86 30.32 16.11
N ARG I 378 33.57 29.08 16.49
CA ARG I 378 32.84 28.15 15.64
C ARG I 378 31.48 27.88 16.28
N LEU I 379 30.45 28.57 15.79
CA LEU I 379 29.11 28.19 16.16
C LEU I 379 28.60 27.06 15.28
N ASP I 380 28.17 25.99 15.94
CA ASP I 380 27.56 24.85 15.28
C ASP I 380 26.04 25.01 15.13
N MET I 381 25.63 25.38 13.91
CA MET I 381 24.22 25.48 13.58
C MET I 381 23.55 24.12 13.47
N SER I 382 24.33 23.04 13.44
CA SER I 382 23.76 21.72 13.54
C SER I 382 23.14 21.49 14.92
N GLU I 383 23.69 22.11 15.95
CA GLU I 383 23.10 22.01 17.28
C GLU I 383 21.75 22.72 17.38
N PHE I 384 21.59 23.87 16.73
CA PHE I 384 20.37 24.68 16.83
C PHE I 384 19.36 24.19 15.81
N GLN I 385 18.48 23.27 16.23
CA GLN I 385 17.40 22.83 15.36
C GLN I 385 16.02 22.93 16.01
N GLU I 386 15.83 23.79 17.01
CA GLU I 386 14.57 23.83 17.72
C GLU I 386 14.21 25.30 17.96
N ARG I 387 12.91 25.54 18.19
CA ARG I 387 12.36 26.90 18.23
C ARG I 387 12.90 27.70 19.42
N HIS I 388 13.04 27.06 20.58
CA HIS I 388 13.47 27.80 21.76
C HIS I 388 14.97 28.02 21.81
N GLU I 389 15.73 27.46 20.86
CA GLU I 389 17.18 27.65 20.80
C GLU I 389 17.57 29.09 20.45
N VAL I 390 16.61 29.92 20.02
CA VAL I 390 16.81 31.36 19.87
C VAL I 390 17.21 32.00 21.20
N ALA I 391 16.81 31.39 22.34
CA ALA I 391 17.27 31.87 23.64
C ALA I 391 18.78 31.73 23.77
N LYS I 392 19.35 30.65 23.21
CA LYS I 392 20.80 30.51 23.20
C LYS I 392 21.46 31.56 22.30
N PHE I 393 20.71 32.10 21.33
CA PHE I 393 21.19 33.26 20.61
C PHE I 393 21.07 34.54 21.43
N ILE I 394 20.03 34.63 22.26
CA ILE I 394 19.69 35.92 22.89
C ILE I 394 19.77 35.84 24.41
N GLY I 395 18.93 35.02 25.00
CA GLY I 395 18.78 35.00 26.44
C GLY I 395 17.36 34.62 26.81
N SER I 396 17.14 34.51 28.11
CA SER I 396 15.82 34.16 28.61
C SER I 396 14.86 35.35 28.51
N PRO I 397 13.56 35.08 28.37
CA PRO I 397 12.59 36.17 28.45
C PRO I 397 12.52 36.73 29.85
N PRO I 398 12.13 38.01 30.01
CA PRO I 398 12.07 38.62 31.35
C PRO I 398 10.99 38.00 32.23
N GLY I 399 11.22 38.06 33.54
CA GLY I 399 10.35 37.41 34.48
C GLY I 399 10.55 35.92 34.59
N TYR I 400 11.63 35.39 34.02
CA TYR I 400 11.87 33.96 33.94
C TYR I 400 13.33 33.68 34.32
N VAL I 401 13.57 32.47 34.83
CA VAL I 401 14.93 32.10 35.24
C VAL I 401 15.80 31.87 34.00
N GLY I 402 17.11 31.81 34.25
CA GLY I 402 18.09 31.63 33.20
C GLY I 402 18.56 32.91 32.54
N HIS I 403 17.89 34.03 32.83
CA HIS I 403 18.32 35.33 32.31
C HIS I 403 19.61 35.80 32.96
N GLU I 404 19.88 35.32 34.18
CA GLU I 404 21.08 35.74 34.91
C GLU I 404 22.36 35.16 34.32
N GLU I 405 22.25 34.09 33.53
CA GLU I 405 23.42 33.53 32.88
C GLU I 405 23.92 34.41 31.75
N GLY I 406 23.00 35.07 31.04
CA GLY I 406 23.35 35.96 29.95
C GLY I 406 23.27 35.27 28.59
N GLY I 407 23.58 36.05 27.56
CA GLY I 407 23.57 35.57 26.20
C GLY I 407 24.97 35.21 25.75
N GLN I 408 25.11 34.04 25.14
CA GLN I 408 26.44 33.54 24.79
C GLN I 408 27.00 34.24 23.55
N LEU I 409 26.21 34.33 22.48
CA LEU I 409 26.71 34.89 21.23
C LEU I 409 27.01 36.39 21.36
N THR I 410 26.16 37.11 22.11
CA THR I 410 26.42 38.53 22.31
C THR I 410 27.63 38.77 23.20
N LYS I 411 27.87 37.88 24.17
CA LYS I 411 29.10 37.97 24.96
C LYS I 411 30.33 37.67 24.12
N LYS I 412 30.22 36.70 23.20
CA LYS I 412 31.32 36.41 22.29
C LYS I 412 31.60 37.57 21.35
N LEU I 413 30.56 38.27 20.90
CA LEU I 413 30.76 39.35 19.94
C LEU I 413 31.17 40.65 20.63
N LYS I 414 30.80 40.83 21.91
CA LYS I 414 31.18 42.04 22.63
C LYS I 414 32.58 41.90 23.23
N GLN I 415 32.93 40.72 23.74
CA GLN I 415 34.26 40.49 24.28
C GLN I 415 35.32 40.53 23.19
N CYS I 416 35.02 39.97 22.02
CA CYS I 416 35.93 39.95 20.88
C CYS I 416 35.23 40.56 19.69
N PRO I 417 35.30 41.89 19.54
CA PRO I 417 34.55 42.55 18.45
C PRO I 417 35.11 42.27 17.07
N ASN I 418 36.40 42.01 16.94
CA ASN I 418 37.01 41.74 15.64
C ASN I 418 37.16 40.26 15.35
N ALA I 419 36.42 39.40 16.06
CA ALA I 419 36.56 37.97 15.92
C ALA I 419 35.95 37.48 14.60
N VAL I 420 36.26 36.23 14.28
CA VAL I 420 35.79 35.56 13.08
C VAL I 420 34.92 34.39 13.51
N VAL I 421 33.65 34.41 13.09
CA VAL I 421 32.65 33.45 13.55
C VAL I 421 32.17 32.63 12.36
N LEU I 422 32.24 31.30 12.51
CA LEU I 422 31.87 30.37 11.44
C LEU I 422 30.66 29.57 11.87
N PHE I 423 29.68 29.46 10.97
CA PHE I 423 28.45 28.71 11.22
C PHE I 423 28.53 27.41 10.45
N ASP I 424 28.65 26.30 11.19
CA ASP I 424 28.79 24.99 10.56
C ASP I 424 27.44 24.28 10.48
N GLN I 425 27.15 23.71 9.31
CA GLN I 425 25.95 22.92 9.00
C GLN I 425 24.68 23.74 9.23
N VAL I 426 24.54 24.79 8.42
CA VAL I 426 23.41 25.71 8.58
C VAL I 426 22.16 25.19 7.87
N ASP I 427 22.28 24.11 7.10
CA ASP I 427 21.14 23.55 6.37
C ASP I 427 20.08 23.00 7.33
N LYS I 428 20.50 22.40 8.44
CA LYS I 428 19.56 21.82 9.38
C LYS I 428 19.05 22.80 10.42
N ALA I 429 19.45 24.07 10.34
CA ALA I 429 18.94 25.07 11.27
C ALA I 429 17.48 25.36 10.98
N HIS I 430 16.70 25.55 12.05
CA HIS I 430 15.27 25.79 11.93
C HIS I 430 15.09 27.22 11.37
N PRO I 431 13.99 27.51 10.66
CA PRO I 431 13.88 28.84 10.02
C PRO I 431 13.85 30.04 10.98
N ASP I 432 13.44 29.86 12.23
CA ASP I 432 13.35 31.02 13.12
C ASP I 432 14.71 31.43 13.66
N VAL I 433 15.65 30.49 13.83
CA VAL I 433 17.00 30.91 14.21
C VAL I 433 17.67 31.61 13.04
N LEU I 434 17.27 31.27 11.81
CA LEU I 434 17.69 32.05 10.65
C LEU I 434 17.08 33.44 10.67
N THR I 435 15.86 33.60 11.21
CA THR I 435 15.26 34.92 11.30
C THR I 435 15.98 35.81 12.33
N ILE I 436 16.31 35.23 13.50
CA ILE I 436 17.09 35.96 14.49
C ILE I 436 18.49 36.26 13.95
N MET I 437 18.99 35.39 13.05
CA MET I 437 20.21 35.73 12.32
C MET I 437 19.97 36.78 11.23
N LEU I 438 18.75 36.89 10.69
CA LEU I 438 18.46 37.93 9.72
C LEU I 438 18.47 39.31 10.37
N GLN I 439 18.17 39.37 11.66
CA GLN I 439 18.32 40.63 12.39
C GLN I 439 19.77 41.13 12.37
N LEU I 440 20.72 40.25 12.69
CA LEU I 440 22.15 40.56 12.51
C LEU I 440 22.54 40.75 11.05
N PHE I 441 21.88 40.04 10.15
CA PHE I 441 22.32 40.01 8.77
C PHE I 441 21.89 41.29 8.05
N ASP I 442 20.81 41.91 8.51
CA ASP I 442 20.41 43.19 7.96
C ASP I 442 21.04 44.35 8.73
N GLU I 443 20.93 44.33 10.08
CA GLU I 443 21.33 45.50 10.85
C GLU I 443 22.69 45.37 11.53
N GLY I 444 23.09 44.18 11.97
CA GLY I 444 24.35 44.03 12.66
C GLY I 444 24.36 44.48 14.10
N ARG I 445 23.19 44.59 14.74
CA ARG I 445 23.06 45.02 16.11
C ARG I 445 22.15 44.06 16.85
N LEU I 446 22.50 43.73 18.10
CA LEU I 446 21.72 42.81 18.92
C LEU I 446 21.30 43.47 20.23
N THR I 447 20.08 43.16 20.66
CA THR I 447 19.57 43.50 21.97
C THR I 447 19.23 42.21 22.70
N ASP I 448 19.73 42.06 23.92
CA ASP I 448 19.41 40.88 24.71
C ASP I 448 18.16 41.12 25.55
N GLY I 449 17.87 40.16 26.42
CA GLY I 449 16.69 40.27 27.27
C GLY I 449 16.84 41.33 28.35
N LYS I 450 18.09 41.65 28.70
CA LYS I 450 18.32 42.71 29.67
C LYS I 450 18.18 44.09 29.03
N GLY I 451 18.31 44.18 27.70
CA GLY I 451 18.22 45.43 26.99
C GLY I 451 19.54 46.02 26.54
N LYS I 452 20.66 45.33 26.79
CA LYS I 452 21.97 45.84 26.40
C LYS I 452 22.15 45.75 24.89
N THR I 453 23.02 46.62 24.37
CA THR I 453 23.22 46.79 22.93
C THR I 453 24.60 46.27 22.55
N ILE I 454 24.66 45.44 21.51
CA ILE I 454 25.92 44.86 21.03
C ILE I 454 26.04 45.12 19.53
N ASP I 455 27.12 45.80 19.13
CA ASP I 455 27.41 46.10 17.74
C ASP I 455 28.42 45.10 17.19
N CYS I 456 28.20 44.65 15.95
CA CYS I 456 28.96 43.55 15.37
C CYS I 456 29.48 43.84 13.97
N LYS I 457 29.84 45.09 13.65
CA LYS I 457 30.21 45.43 12.28
C LYS I 457 31.59 44.88 11.90
N ASP I 458 32.58 45.06 12.78
CA ASP I 458 33.95 44.69 12.41
C ASP I 458 34.18 43.19 12.52
N ALA I 459 33.27 42.47 13.16
CA ALA I 459 33.33 41.02 13.20
C ALA I 459 33.05 40.42 11.82
N ILE I 460 33.75 39.32 11.52
CA ILE I 460 33.72 38.70 10.20
C ILE I 460 32.93 37.41 10.30
N PHE I 461 31.88 37.27 9.48
CA PHE I 461 30.91 36.20 9.62
C PHE I 461 30.98 35.29 8.40
N ILE I 462 31.04 33.98 8.64
CA ILE I 462 31.11 32.97 7.59
C ILE I 462 30.06 31.92 7.90
N MET I 463 29.28 31.53 6.90
CA MET I 463 28.38 30.39 7.02
C MET I 463 28.79 29.33 6.01
N THR I 464 29.08 28.13 6.48
CA THR I 464 29.47 27.03 5.60
C THR I 464 28.28 26.10 5.42
N SER I 465 27.84 25.94 4.17
CA SER I 465 26.65 25.14 3.85
C SER I 465 27.00 24.07 2.84
N ASN I 466 26.06 23.14 2.64
CA ASN I 466 26.20 22.07 1.67
C ASN I 466 25.00 21.93 0.75
N VAL I 467 24.20 22.99 0.57
CA VAL I 467 23.07 22.94 -0.34
C VAL I 467 23.60 22.97 -1.77
N ALA I 468 23.12 22.02 -2.59
CA ALA I 468 23.48 21.85 -4.00
C ALA I 468 24.99 21.66 -4.18
N SER I 469 25.61 20.86 -3.31
CA SER I 469 27.02 20.53 -3.45
C SER I 469 27.27 19.67 -4.68
N ASP I 470 26.42 18.64 -4.87
CA ASP I 470 26.55 17.77 -6.03
C ASP I 470 26.21 18.52 -7.32
N GLU I 471 25.35 19.53 -7.24
CA GLU I 471 24.99 20.29 -8.43
C GLU I 471 26.14 21.14 -8.93
N ILE I 472 26.81 21.88 -8.02
CA ILE I 472 27.99 22.66 -8.39
C ILE I 472 29.12 21.72 -8.80
N ALA I 473 29.19 20.53 -8.19
CA ALA I 473 30.12 19.50 -8.64
C ALA I 473 29.85 19.08 -10.07
N GLN I 474 28.56 18.96 -10.44
CA GLN I 474 28.19 18.60 -11.81
C GLN I 474 28.56 19.69 -12.80
N HIS I 475 28.34 20.96 -12.43
CA HIS I 475 28.73 22.04 -13.35
C HIS I 475 30.24 22.13 -13.51
N ALA I 476 30.98 21.94 -12.41
CA ALA I 476 32.44 21.91 -12.47
C ALA I 476 32.94 20.77 -13.34
N LEU I 477 32.35 19.58 -13.17
CA LEU I 477 32.77 18.41 -13.95
C LEU I 477 32.37 18.56 -15.41
N GLN I 478 31.25 19.24 -15.70
CA GLN I 478 30.84 19.47 -17.08
C GLN I 478 31.77 20.44 -17.79
N LEU I 479 32.12 21.54 -17.12
CA LEU I 479 33.04 22.50 -17.74
C LEU I 479 34.44 21.91 -17.87
N ARG I 480 34.83 21.05 -16.91
CA ARG I 480 36.10 20.37 -17.03
C ARG I 480 36.10 19.34 -18.15
N GLN I 481 34.96 18.67 -18.39
CA GLN I 481 34.85 17.74 -19.51
C GLN I 481 34.93 18.45 -20.85
N GLU I 482 34.26 19.60 -20.96
CA GLU I 482 34.36 20.40 -22.19
C GLU I 482 35.77 20.94 -22.38
N ALA I 483 36.43 21.33 -21.28
CA ALA I 483 37.81 21.79 -21.35
C ALA I 483 38.75 20.68 -21.77
N LEU I 484 38.53 19.46 -21.28
CA LEU I 484 39.36 18.33 -21.68
C LEU I 484 39.15 17.97 -23.15
N GLU I 485 37.88 18.01 -23.60
CA GLU I 485 37.59 17.66 -24.99
C GLU I 485 38.07 18.72 -25.97
N MET I 486 38.19 19.98 -25.53
CA MET I 486 38.80 20.98 -26.40
C MET I 486 40.32 20.98 -26.25
N SER I 487 40.84 20.54 -25.10
CA SER I 487 42.28 20.51 -24.89
C SER I 487 42.92 19.39 -25.68
N ARG I 488 42.20 18.28 -25.86
CA ARG I 488 42.72 17.21 -26.72
C ARG I 488 42.75 17.66 -28.19
N ASN I 489 41.81 18.54 -28.58
CA ASN I 489 41.86 19.13 -29.91
C ASN I 489 43.03 20.11 -30.04
N ARG I 490 43.31 20.85 -28.96
CA ARG I 490 44.46 21.75 -28.94
C ARG I 490 45.79 20.98 -29.03
N ILE I 491 45.85 19.80 -28.38
CA ILE I 491 47.02 18.95 -28.47
C ILE I 491 47.15 18.37 -29.89
N ALA I 492 46.02 17.97 -30.48
CA ALA I 492 46.04 17.40 -31.83
C ALA I 492 46.43 18.44 -32.87
N GLU I 493 46.01 19.69 -32.70
CA GLU I 493 46.40 20.78 -33.58
C GLU I 493 47.70 21.44 -33.18
N ASN I 494 48.32 21.00 -32.07
CA ASN I 494 49.61 21.49 -31.56
C ASN I 494 49.60 23.01 -31.32
N LEU I 495 48.52 23.50 -30.72
CA LEU I 495 48.39 24.93 -30.42
C LEU I 495 49.02 25.23 -29.06
N GLY I 496 50.34 25.17 -29.03
CA GLY I 496 51.11 25.43 -27.83
C GLY I 496 51.53 26.87 -27.62
N ASP I 497 51.11 27.79 -28.51
CA ASP I 497 51.50 29.19 -28.35
C ASP I 497 50.71 29.85 -27.23
N VAL I 498 49.44 29.47 -27.06
CA VAL I 498 48.58 30.03 -26.03
C VAL I 498 48.67 29.15 -24.79
N GLN I 499 48.96 29.77 -23.65
CA GLN I 499 49.07 29.03 -22.40
C GLN I 499 47.71 28.52 -21.95
N ILE I 500 47.71 27.32 -21.37
CA ILE I 500 46.50 26.65 -20.91
C ILE I 500 46.48 26.68 -19.40
N SER I 501 45.40 27.21 -18.83
CA SER I 501 45.20 27.25 -17.39
C SER I 501 44.13 26.23 -17.00
N ASP I 502 44.44 25.42 -15.99
CA ASP I 502 43.45 24.53 -15.41
C ASP I 502 42.77 25.14 -14.18
N LYS I 503 42.80 26.47 -14.05
CA LYS I 503 42.07 27.17 -13.01
C LYS I 503 40.64 27.47 -13.50
N ILE I 504 39.90 26.38 -13.69
CA ILE I 504 38.55 26.47 -14.25
C ILE I 504 37.58 26.90 -13.17
N THR I 505 36.80 27.94 -13.45
CA THR I 505 35.90 28.54 -12.49
C THR I 505 34.46 28.15 -12.79
N ILE I 506 33.54 28.65 -11.96
CA ILE I 506 32.13 28.40 -12.18
C ILE I 506 31.64 29.27 -13.33
N SER I 507 30.78 28.69 -14.18
CA SER I 507 30.21 29.45 -15.29
C SER I 507 29.19 30.46 -14.78
N LYS I 508 29.01 31.53 -15.55
CA LYS I 508 28.17 32.64 -15.10
C LYS I 508 26.68 32.31 -15.21
N ASN I 509 26.30 31.52 -16.22
CA ASN I 509 24.88 31.29 -16.47
C ASN I 509 24.41 29.98 -15.87
N PHE I 510 25.34 29.14 -15.39
CA PHE I 510 24.93 27.93 -14.68
C PHE I 510 24.41 28.22 -13.28
N LYS I 511 24.91 29.29 -12.67
CA LYS I 511 24.56 29.57 -11.27
C LYS I 511 23.17 30.18 -11.16
N GLU I 512 22.71 30.90 -12.19
CA GLU I 512 21.37 31.48 -12.14
C GLU I 512 20.33 30.51 -12.70
N ASN I 513 20.74 29.61 -13.59
CA ASN I 513 19.81 28.63 -14.13
C ASN I 513 19.46 27.56 -13.10
N VAL I 514 20.42 27.19 -12.26
CA VAL I 514 20.33 26.00 -11.42
C VAL I 514 20.32 26.36 -9.93
N ILE I 515 21.34 27.08 -9.48
CA ILE I 515 21.64 27.14 -8.05
C ILE I 515 20.72 28.15 -7.35
N ARG I 516 20.48 29.30 -7.98
CA ARG I 516 19.67 30.35 -7.38
C ARG I 516 18.21 29.98 -7.14
N PRO I 517 17.46 29.32 -8.06
CA PRO I 517 16.11 28.88 -7.66
C PRO I 517 16.09 27.81 -6.58
N ILE I 518 17.12 26.94 -6.54
CA ILE I 518 17.24 25.96 -5.46
C ILE I 518 17.45 26.65 -4.12
N LEU I 519 18.31 27.67 -4.09
CA LEU I 519 18.54 28.40 -2.86
C LEU I 519 17.35 29.26 -2.47
N LYS I 520 16.58 29.74 -3.46
CA LYS I 520 15.35 30.45 -3.15
C LYS I 520 14.29 29.52 -2.58
N ALA I 521 14.28 28.26 -3.03
CA ALA I 521 13.32 27.30 -2.50
C ALA I 521 13.72 26.84 -1.11
N HIS I 522 15.03 26.74 -0.84
CA HIS I 522 15.47 26.23 0.45
C HIS I 522 15.47 27.33 1.52
N PHE I 523 16.10 28.46 1.23
CA PHE I 523 16.23 29.50 2.25
C PHE I 523 14.93 30.28 2.43
N ARG I 524 14.05 30.22 1.43
CA ARG I 524 12.65 30.69 1.39
C ARG I 524 12.57 32.23 1.35
N ARG I 525 13.67 32.96 1.54
CA ARG I 525 13.69 34.40 1.49
C ARG I 525 14.59 34.84 0.35
N ASP I 526 14.10 35.76 -0.49
CA ASP I 526 14.98 36.36 -1.49
C ASP I 526 15.88 37.41 -0.85
N GLU I 527 15.44 37.98 0.28
CA GLU I 527 16.22 39.03 0.93
C GLU I 527 17.49 38.45 1.58
N PHE I 528 17.42 37.19 2.00
CA PHE I 528 18.62 36.49 2.47
C PHE I 528 19.65 36.38 1.35
N LEU I 529 19.21 36.01 0.15
CA LEU I 529 20.15 35.85 -0.96
C LEU I 529 20.57 37.20 -1.53
N GLY I 530 19.79 38.25 -1.25
CA GLY I 530 20.17 39.57 -1.72
C GLY I 530 21.08 40.31 -0.75
N ARG I 531 21.09 39.91 0.52
CA ARG I 531 21.83 40.67 1.53
C ARG I 531 23.27 40.19 1.68
N ILE I 532 23.67 39.17 0.91
CA ILE I 532 24.98 38.54 1.13
C ILE I 532 26.09 39.39 0.54
N ASN I 533 27.13 39.64 1.34
CA ASN I 533 28.30 40.36 0.85
C ASN I 533 29.15 39.51 -0.10
N GLU I 534 29.39 38.23 0.24
CA GLU I 534 30.18 37.38 -0.64
C GLU I 534 29.68 35.95 -0.61
N ILE I 535 29.55 35.34 -1.79
CA ILE I 535 29.25 33.91 -1.93
C ILE I 535 30.45 33.25 -2.59
N VAL I 536 30.97 32.19 -1.99
CA VAL I 536 32.14 31.48 -2.49
C VAL I 536 31.75 30.04 -2.79
N TYR I 537 31.80 29.67 -4.07
CA TYR I 537 31.49 28.34 -4.53
C TYR I 537 32.77 27.50 -4.61
N PHE I 538 32.61 26.19 -4.52
CA PHE I 538 33.74 25.28 -4.47
C PHE I 538 33.57 24.14 -5.48
N LEU I 539 34.70 23.52 -5.83
CA LEU I 539 34.81 22.57 -6.92
C LEU I 539 35.50 21.30 -6.42
N PRO I 540 35.18 20.15 -7.02
CA PRO I 540 35.93 18.92 -6.69
C PRO I 540 37.35 19.00 -7.23
N PHE I 541 38.24 18.23 -6.59
CA PHE I 541 39.66 18.29 -6.92
C PHE I 541 39.96 17.63 -8.27
N CYS I 542 40.97 18.14 -8.95
CA CYS I 542 41.42 17.60 -10.21
C CYS I 542 42.35 16.41 -9.98
N HIS I 543 43.00 15.95 -11.05
CA HIS I 543 43.80 14.73 -10.98
C HIS I 543 45.23 15.03 -10.52
N SER I 544 45.88 16.00 -11.16
CA SER I 544 47.25 16.36 -10.78
C SER I 544 47.29 17.05 -9.42
N GLU I 545 46.25 17.82 -9.10
CA GLU I 545 46.15 18.44 -7.79
C GLU I 545 45.97 17.41 -6.69
N LEU I 546 45.33 16.28 -7.00
CA LEU I 546 45.21 15.19 -6.03
C LEU I 546 46.55 14.50 -5.81
N ILE I 547 47.38 14.40 -6.86
CA ILE I 547 48.74 13.89 -6.70
C ILE I 547 49.55 14.84 -5.84
N GLN I 548 49.34 16.14 -6.02
CA GLN I 548 49.97 17.13 -5.14
C GLN I 548 49.46 17.00 -3.71
N LEU I 549 48.20 16.60 -3.54
CA LEU I 549 47.63 16.39 -2.21
C LEU I 549 48.23 15.18 -1.52
N VAL I 550 48.47 14.10 -2.28
CA VAL I 550 49.16 12.92 -1.76
C VAL I 550 50.59 13.28 -1.35
N ASN I 551 51.27 14.06 -2.21
CA ASN I 551 52.60 14.56 -1.89
C ASN I 551 52.60 15.44 -0.65
N LYS I 552 51.54 16.25 -0.48
CA LYS I 552 51.40 17.12 0.68
C LYS I 552 51.18 16.33 1.97
N GLU I 553 50.36 15.27 1.90
CA GLU I 553 50.09 14.46 3.10
C GLU I 553 51.32 13.65 3.51
N LEU I 554 52.01 13.04 2.53
CA LEU I 554 53.29 12.40 2.84
C LEU I 554 54.34 13.42 3.27
N ASN I 555 54.20 14.67 2.83
CA ASN I 555 55.15 15.71 3.18
C ASN I 555 55.04 16.06 4.66
N PHE I 556 53.82 16.30 5.16
CA PHE I 556 53.73 16.50 6.61
C PHE I 556 53.97 15.23 7.41
N TRP I 557 53.71 14.05 6.86
CA TRP I 557 54.04 12.82 7.61
C TRP I 557 55.55 12.66 7.76
N ALA I 558 56.30 12.95 6.70
CA ALA I 558 57.76 12.97 6.78
C ALA I 558 58.26 14.07 7.69
N LYS I 559 57.59 15.24 7.67
CA LYS I 559 57.96 16.33 8.56
C LYS I 559 57.73 15.96 10.03
N ARG I 560 56.64 15.26 10.32
CA ARG I 560 56.37 14.84 11.70
C ARG I 560 57.36 13.77 12.14
N ALA I 561 57.73 12.85 11.23
CA ALA I 561 58.75 11.86 11.55
C ALA I 561 60.11 12.52 11.80
N LYS I 562 60.45 13.53 10.99
CA LYS I 562 61.71 14.24 11.17
C LYS I 562 61.71 15.07 12.46
N GLN I 563 60.57 15.67 12.80
CA GLN I 563 60.50 16.50 13.99
C GLN I 563 60.47 15.67 15.27
N ARG I 564 59.87 14.48 15.22
CA ARG I 564 59.79 13.65 16.41
C ARG I 564 61.03 12.80 16.62
N HIS I 565 61.48 12.06 15.59
CA HIS I 565 62.59 11.13 15.80
C HIS I 565 63.62 11.16 14.68
N ASN I 566 63.65 12.23 13.87
CA ASN I 566 64.63 12.46 12.80
C ASN I 566 64.62 11.34 11.76
N ILE I 567 63.48 11.20 11.09
CA ILE I 567 63.28 10.19 10.05
C ILE I 567 62.89 10.90 8.76
N THR I 568 63.59 10.59 7.68
CA THR I 568 63.34 11.20 6.38
C THR I 568 62.71 10.17 5.45
N LEU I 569 61.53 10.49 4.92
CA LEU I 569 60.79 9.60 4.04
C LEU I 569 60.98 10.00 2.59
N LEU I 570 60.93 9.01 1.70
CA LEU I 570 60.96 9.21 0.26
C LEU I 570 59.90 8.33 -0.39
N TRP I 571 59.27 8.86 -1.43
CA TRP I 571 58.10 8.23 -2.03
C TRP I 571 58.27 8.11 -3.54
N ASP I 572 57.40 7.29 -4.14
CA ASP I 572 57.39 7.03 -5.56
C ASP I 572 56.04 7.43 -6.16
N ARG I 573 56.03 7.58 -7.48
CA ARG I 573 54.82 8.04 -8.18
C ARG I 573 53.74 6.96 -8.21
N GLU I 574 54.15 5.69 -8.27
CA GLU I 574 53.19 4.59 -8.26
C GLU I 574 52.46 4.49 -6.92
N VAL I 575 53.14 4.87 -5.83
CA VAL I 575 52.50 4.96 -4.52
C VAL I 575 51.40 6.02 -4.53
N ALA I 576 51.68 7.16 -5.17
CA ALA I 576 50.67 8.21 -5.31
C ALA I 576 49.51 7.75 -6.19
N ASP I 577 49.80 6.97 -7.24
CA ASP I 577 48.75 6.44 -8.11
C ASP I 577 47.84 5.49 -7.34
N VAL I 578 48.42 4.58 -6.56
CA VAL I 578 47.63 3.63 -5.77
C VAL I 578 46.86 4.34 -4.66
N LEU I 579 47.42 5.42 -4.10
CA LEU I 579 46.68 6.17 -3.09
C LEU I 579 45.51 6.95 -3.69
N VAL I 580 45.68 7.51 -4.89
CA VAL I 580 44.57 8.15 -5.59
C VAL I 580 43.52 7.10 -6.00
N ASP I 581 43.95 5.87 -6.28
CA ASP I 581 42.99 4.77 -6.44
C ASP I 581 42.28 4.45 -5.13
N GLY I 582 42.96 4.67 -4.00
CA GLY I 582 42.36 4.47 -2.68
C GLY I 582 41.75 5.74 -2.13
N TYR I 583 41.02 6.46 -2.97
CA TYR I 583 40.43 7.75 -2.64
C TYR I 583 38.95 7.71 -3.01
N ASN I 584 38.14 8.44 -2.25
CA ASN I 584 36.71 8.55 -2.53
C ASN I 584 36.39 9.97 -2.96
N VAL I 585 35.77 10.11 -4.14
CA VAL I 585 35.42 11.41 -4.70
C VAL I 585 34.35 12.12 -3.87
N HIS I 586 33.40 11.37 -3.30
CA HIS I 586 32.19 11.96 -2.75
C HIS I 586 32.45 12.78 -1.49
N TYR I 587 33.37 12.33 -0.63
CA TYR I 587 33.67 13.10 0.58
C TYR I 587 35.11 13.60 0.60
N GLY I 588 35.73 13.76 -0.57
CA GLY I 588 36.89 14.63 -0.73
C GLY I 588 38.17 14.16 -0.06
N ALA I 589 38.91 15.13 0.47
CA ALA I 589 40.27 14.89 0.94
C ALA I 589 40.35 14.17 2.27
N ARG I 590 39.21 13.97 2.96
CA ARG I 590 39.21 13.14 4.17
C ARG I 590 39.62 11.71 3.86
N SER I 591 39.18 11.21 2.70
CA SER I 591 39.56 9.87 2.25
C SER I 591 41.06 9.75 2.04
N ILE I 592 41.66 10.72 1.35
CA ILE I 592 43.10 10.66 1.09
C ILE I 592 43.89 10.90 2.37
N LYS I 593 43.35 11.72 3.30
CA LYS I 593 44.06 12.01 4.54
C LYS I 593 44.11 10.80 5.45
N HIS I 594 42.95 10.19 5.73
CA HIS I 594 43.02 9.01 6.57
C HIS I 594 43.46 7.76 5.82
N GLU I 595 43.51 7.78 4.48
CA GLU I 595 44.10 6.67 3.76
C GLU I 595 45.62 6.70 3.84
N VAL I 596 46.24 7.88 3.73
CA VAL I 596 47.66 8.00 4.01
C VAL I 596 47.94 7.74 5.49
N GLU I 597 47.02 8.13 6.39
CA GLU I 597 47.18 7.81 7.80
C GLU I 597 47.11 6.31 8.06
N ARG I 598 46.32 5.57 7.29
CA ARG I 598 46.23 4.12 7.50
C ARG I 598 47.34 3.36 6.79
N ARG I 599 47.75 3.81 5.60
CA ARG I 599 48.65 3.02 4.76
C ARG I 599 50.08 3.04 5.28
N VAL I 600 50.70 4.23 5.33
CA VAL I 600 52.12 4.28 5.62
C VAL I 600 52.40 4.34 7.12
N VAL I 601 51.47 4.89 7.91
CA VAL I 601 51.78 5.11 9.32
C VAL I 601 51.64 3.82 10.11
N ASN I 602 50.82 2.88 9.63
CA ASN I 602 50.71 1.57 10.26
C ASN I 602 52.01 0.78 10.16
N GLN I 603 52.69 0.86 9.01
CA GLN I 603 53.91 0.12 8.82
C GLN I 603 55.06 0.68 9.67
N LEU I 604 55.20 2.00 9.71
CA LEU I 604 56.21 2.60 10.58
C LEU I 604 55.86 2.44 12.06
N ALA I 605 54.57 2.37 12.39
CA ALA I 605 54.18 2.12 13.78
C ALA I 605 54.49 0.69 14.21
N ALA I 606 54.27 -0.28 13.31
CA ALA I 606 54.65 -1.65 13.61
C ALA I 606 56.16 -1.84 13.59
N ALA I 607 56.87 -1.00 12.83
CA ALA I 607 58.33 -1.01 12.87
C ALA I 607 58.85 -0.41 14.18
N TYR I 608 58.20 0.64 14.68
CA TYR I 608 58.62 1.25 15.92
C TYR I 608 58.25 0.39 17.12
N GLU I 609 57.18 -0.41 16.99
CA GLU I 609 56.75 -1.29 18.07
C GLU I 609 57.78 -2.39 18.33
N GLN I 610 58.43 -2.90 17.27
CA GLN I 610 59.49 -3.87 17.42
C GLN I 610 60.88 -3.30 17.13
N ASP I 611 61.00 -1.95 17.11
CA ASP I 611 62.26 -1.22 17.00
C ASP I 611 63.02 -1.55 15.71
N LEU I 612 62.30 -1.63 14.60
CA LEU I 612 62.92 -1.78 13.29
C LEU I 612 63.22 -0.44 12.63
N LEU I 613 62.96 0.68 13.30
CA LEU I 613 63.18 2.01 12.75
C LEU I 613 64.11 2.78 13.67
N PRO I 614 65.43 2.72 13.44
CA PRO I 614 66.35 3.58 14.18
C PRO I 614 66.23 5.03 13.73
N GLY I 615 66.55 5.93 14.65
CA GLY I 615 66.52 7.35 14.34
C GLY I 615 67.75 7.79 13.56
N GLY I 616 67.54 8.77 12.68
CA GLY I 616 68.61 9.29 11.85
C GLY I 616 68.78 8.59 10.52
N CYS I 617 68.08 7.50 10.27
CA CYS I 617 68.17 6.77 9.01
C CYS I 617 67.16 7.35 8.01
N THR I 618 67.07 6.73 6.84
CA THR I 618 66.22 7.21 5.77
C THR I 618 65.39 6.05 5.23
N LEU I 619 64.11 6.32 4.95
CA LEU I 619 63.18 5.32 4.47
C LEU I 619 62.67 5.66 3.08
N ARG I 620 62.38 4.61 2.30
CA ARG I 620 61.67 4.73 1.04
C ARG I 620 60.44 3.83 1.09
N ILE I 621 59.34 4.32 0.53
CA ILE I 621 58.16 3.49 0.33
C ILE I 621 58.09 3.08 -1.14
N THR I 622 57.90 1.79 -1.38
CA THR I 622 57.88 1.28 -2.74
C THR I 622 56.76 0.25 -2.87
N VAL I 623 56.04 0.29 -4.00
CA VAL I 623 55.05 -0.72 -4.28
C VAL I 623 55.73 -2.06 -4.45
N GLU I 624 55.11 -3.12 -3.92
CA GLU I 624 55.67 -4.44 -4.00
C GLU I 624 55.65 -4.94 -5.44
N ASP I 625 56.67 -5.73 -5.80
CA ASP I 625 56.82 -6.18 -7.19
C ASP I 625 55.74 -7.18 -7.59
N SER I 626 55.12 -7.86 -6.62
CA SER I 626 53.97 -8.69 -6.92
C SER I 626 52.75 -7.83 -7.27
N ASP I 627 52.56 -6.72 -6.57
CA ASP I 627 51.46 -5.80 -6.83
C ASP I 627 51.79 -4.74 -7.86
N LYS I 628 53.05 -4.65 -8.31
CA LYS I 628 53.40 -3.70 -9.36
C LYS I 628 52.87 -4.13 -10.72
N GLN I 629 52.53 -5.40 -10.89
CA GLN I 629 51.86 -5.84 -12.12
C GLN I 629 50.46 -5.24 -12.22
N LEU I 630 49.74 -5.18 -11.10
CA LEU I 630 48.36 -4.69 -11.10
C LEU I 630 48.33 -3.18 -10.87
N PRO I 646 46.58 -4.17 -3.32
CA PRO I 646 47.91 -3.57 -3.45
C PRO I 646 48.66 -3.47 -2.12
N LYS I 647 49.81 -4.13 -2.04
CA LYS I 647 50.67 -4.08 -0.86
C LYS I 647 51.89 -3.22 -1.15
N LEU I 648 52.24 -2.37 -0.20
CA LEU I 648 53.41 -1.50 -0.30
C LEU I 648 54.38 -1.84 0.82
N ARG I 649 55.67 -1.64 0.56
CA ARG I 649 56.71 -2.05 1.50
C ARG I 649 57.64 -0.88 1.79
N LEU I 650 58.29 -0.98 2.95
CA LEU I 650 59.25 0.01 3.41
C LEU I 650 60.66 -0.53 3.21
N GLU I 651 61.60 0.36 2.89
CA GLU I 651 62.99 -0.02 2.70
C GLU I 651 63.89 1.00 3.38
N ILE I 652 64.87 0.50 4.12
CA ILE I 652 65.82 1.35 4.83
C ILE I 652 67.03 1.56 3.94
N ILE I 653 67.45 2.82 3.80
CA ILE I 653 68.68 3.17 3.10
C ILE I 653 69.84 2.96 4.07
N ASP I 654 70.75 2.05 3.73
CA ASP I 654 71.98 1.89 4.49
C ASP I 654 72.99 2.99 4.14
N LYS I 655 74.12 2.96 4.87
CA LYS I 655 75.29 3.72 4.45
C LYS I 655 75.93 3.12 3.21
N ASP I 656 75.68 1.85 2.94
CA ASP I 656 76.13 1.17 1.73
C ASP I 656 75.08 1.17 0.64
N SER I 657 74.00 1.93 0.82
CA SER I 657 72.86 2.05 -0.09
C SER I 657 72.19 0.72 -0.38
N LYS I 658 72.10 -0.15 0.62
CA LYS I 658 71.40 -1.43 0.48
C LYS I 658 70.00 -1.29 1.06
N THR I 659 69.00 -1.69 0.28
CA THR I 659 67.59 -1.54 0.64
C THR I 659 67.22 -2.63 1.64
N ARG I 660 67.23 -2.32 2.93
CA ARG I 660 66.80 -3.30 3.93
C ARG I 660 65.28 -3.42 3.91
N ARG I 661 64.81 -4.66 3.82
CA ARG I 661 63.41 -5.01 3.95
C ARG I 661 63.03 -5.07 5.43
N LEU I 662 61.81 -5.51 5.71
CA LEU I 662 61.33 -5.64 7.08
C LEU I 662 60.71 -7.01 7.28
N ASP I 663 60.87 -7.56 8.48
CA ASP I 663 60.19 -8.77 8.92
C ASP I 663 59.55 -8.45 10.27
N ILE I 664 58.31 -7.98 10.24
CA ILE I 664 57.58 -7.63 11.46
C ILE I 664 56.74 -8.80 11.93
N UNK J 1 11.05 26.50 33.78
CA UNK J 1 9.64 26.40 34.11
C UNK J 1 8.77 26.68 32.89
N UNK J 2 9.41 27.02 31.78
CA UNK J 2 8.75 27.16 30.49
C UNK J 2 9.30 26.10 29.56
N UNK J 3 8.41 25.30 28.98
CA UNK J 3 8.80 24.12 28.22
C UNK J 3 8.13 24.12 26.86
N UNK J 4 8.89 23.71 25.84
CA UNK J 4 8.37 23.50 24.51
C UNK J 4 8.24 22.02 24.21
N UNK J 5 7.42 21.69 23.22
CA UNK J 5 7.19 20.32 22.83
C UNK J 5 7.32 20.17 21.32
N UNK J 6 7.70 18.98 20.88
CA UNK J 6 7.89 18.66 19.47
C UNK J 6 6.68 17.87 19.00
N UNK J 7 5.73 18.56 18.38
CA UNK J 7 4.45 17.94 18.02
C UNK J 7 4.61 16.95 16.87
N UNK J 8 3.96 15.81 17.00
CA UNK J 8 4.07 14.72 16.03
C UNK J 8 3.09 14.93 14.88
N UNK J 9 3.06 14.01 13.93
CA UNK J 9 2.17 14.11 12.79
C UNK J 9 1.85 12.72 12.27
N UNK J 10 0.59 12.51 11.88
CA UNK J 10 0.15 11.27 11.28
C UNK J 10 0.04 11.44 9.77
N UNK J 11 -0.11 10.32 9.06
CA UNK J 11 -0.18 10.34 7.61
C UNK J 11 -1.26 9.39 7.13
N UNK J 12 -2.19 9.88 6.33
CA UNK J 12 -3.24 9.07 5.76
C UNK J 12 -2.76 8.40 4.48
N UNK J 13 -3.59 7.48 3.97
CA UNK J 13 -3.26 6.73 2.77
C UNK J 13 -4.55 6.42 2.04
N UNK J 14 -4.71 7.00 0.85
CA UNK J 14 -5.87 6.71 0.03
C UNK J 14 -5.80 5.28 -0.50
N UNK J 15 -6.96 4.68 -0.72
CA UNK J 15 -7.06 3.37 -1.33
C UNK J 15 -7.82 3.52 -2.64
N UNK J 16 -7.18 3.16 -3.74
CA UNK J 16 -7.77 3.36 -5.06
C UNK J 16 -8.95 2.42 -5.30
N UNK J 17 -9.90 2.88 -6.08
CA UNK J 17 -11.08 2.08 -6.39
C UNK J 17 -10.75 1.05 -7.46
#